data_9DLS
#
_entry.id   9DLS
#
_cell.length_a   1.00
_cell.length_b   1.00
_cell.length_c   1.00
_cell.angle_alpha   90.00
_cell.angle_beta   90.00
_cell.angle_gamma   90.00
#
_symmetry.space_group_name_H-M   'P 1'
#
loop_
_entity.id
_entity.type
_entity.pdbx_description
1 polymer 'Replicative DNA helicase'
2 polymer ssDNA
3 non-polymer 'PHOSPHOTHIOPHOSPHORIC ACID-ADENYLATE ESTER'
4 non-polymer 'MAGNESIUM ION'
#
loop_
_entity_poly.entity_id
_entity_poly.type
_entity_poly.pdbx_seq_one_letter_code
_entity_poly.pdbx_strand_id
1 'polypeptide(L)'
;MADPRTDNRNRKIPDAQVDAIKVPPHSLEAEQSVIGGLLLDNERWDTVSEHVMTQDFYSRPHRLIFDGVKSILEAGKPLD
LITLSEYLEQREQLEDVGGFAYLADLAKNTPSAANINAYAEIVAERALVRNLIGVANEIADAGYDPQGRNAEDLLDLAES
KVFAIAEARTSENEGPKNVDSILERTLERIELLYKTPQDGVTGVNTGFTDLNKKTAGLQGSDLIIVAARPSMGKTTFAMN
LCENAAMEQDKPVLIFSLEMPAEQIMMRMLASLSRVDQTKIRTGQLDDEDWARISSTMGILMEKKNMYIDDSSGLTPTEV
RSRARRIAREHGGLSLIMVDYLQLMRVPALTDNRTLEIAEISRSLKALAKELNVPVVALSQLNRSLEQRADKRPVNSDLR
ESGSIEQDADLIMFIYRDEVYHPDSPLKGTAEIIIGKQRNGPIGSVRLTFQGHYSRFDNYAGPAFDDE
;
A,B,C,D,E,F
2 'polydeoxyribonucleotide'
;(DT)(DC)(DC)(DA)(DG)(DA)(DT)(DA)(DC)(DA)(DC)(DA)(DA)(DA)(DA)(DA)(DA)(DA)(DA)(DA)
(DA)(DA)
;
G
#
# COMPACT_ATOMS: atom_id res chain seq x y z
N LYS A 22 -49.78 -7.64 19.86
CA LYS A 22 -49.01 -6.46 20.24
C LYS A 22 -48.74 -5.56 19.05
N VAL A 23 -49.18 -4.30 19.15
CA VAL A 23 -49.00 -3.34 18.08
C VAL A 23 -47.87 -2.39 18.45
N PRO A 24 -46.74 -2.42 17.73
CA PRO A 24 -45.67 -1.48 18.03
C PRO A 24 -46.12 -0.06 17.75
N PRO A 25 -45.50 0.93 18.40
CA PRO A 25 -45.94 2.32 18.22
C PRO A 25 -45.66 2.81 16.80
N HIS A 26 -46.73 3.25 16.12
CA HIS A 26 -46.61 3.79 14.77
C HIS A 26 -47.84 4.64 14.48
N SER A 27 -47.71 5.49 13.46
CA SER A 27 -48.80 6.39 13.08
C SER A 27 -48.74 6.62 11.58
N LEU A 28 -49.66 5.99 10.84
CA LEU A 28 -49.68 6.17 9.39
C LEU A 28 -50.18 7.55 9.00
N GLU A 29 -51.04 8.16 9.83
CA GLU A 29 -51.59 9.47 9.50
C GLU A 29 -50.49 10.52 9.41
N ALA A 30 -49.54 10.49 10.35
CA ALA A 30 -48.45 11.46 10.32
C ALA A 30 -47.60 11.30 9.07
N GLU A 31 -47.30 10.06 8.69
CA GLU A 31 -46.50 9.82 7.48
C GLU A 31 -47.24 10.30 6.23
N GLN A 32 -48.53 9.99 6.13
CA GLN A 32 -49.31 10.46 4.98
C GLN A 32 -49.33 11.97 4.92
N SER A 33 -49.54 12.62 6.07
CA SER A 33 -49.61 14.08 6.11
C SER A 33 -48.28 14.70 5.72
N VAL A 34 -47.16 14.15 6.22
CA VAL A 34 -45.86 14.76 5.92
C VAL A 34 -45.51 14.54 4.45
N ILE A 35 -45.85 13.37 3.89
CA ILE A 35 -45.58 13.14 2.48
C ILE A 35 -46.39 14.10 1.62
N GLY A 36 -47.67 14.27 1.95
CA GLY A 36 -48.50 15.21 1.21
C GLY A 36 -47.99 16.64 1.32
N GLY A 37 -47.56 17.04 2.52
CA GLY A 37 -47.03 18.38 2.69
C GLY A 37 -45.76 18.62 1.90
N LEU A 38 -44.85 17.63 1.94
CA LEU A 38 -43.61 17.77 1.18
C LEU A 38 -43.88 17.84 -0.32
N LEU A 39 -44.84 17.04 -0.81
CA LEU A 39 -45.23 17.15 -2.22
C LEU A 39 -45.82 18.51 -2.53
N LEU A 40 -46.65 19.04 -1.63
CA LEU A 40 -47.31 20.32 -1.88
C LEU A 40 -46.32 21.47 -1.88
N ASP A 41 -45.46 21.56 -0.86
CA ASP A 41 -44.55 22.68 -0.72
C ASP A 41 -43.13 22.15 -0.56
N ASN A 42 -42.18 22.85 -1.20
CA ASN A 42 -40.77 22.46 -1.18
C ASN A 42 -39.90 23.46 -0.45
N GLU A 43 -40.39 24.67 -0.18
CA GLU A 43 -39.59 25.67 0.51
C GLU A 43 -39.38 25.32 1.98
N ARG A 44 -40.10 24.34 2.50
CA ARG A 44 -39.99 23.93 3.89
C ARG A 44 -39.13 22.69 4.08
N TRP A 45 -38.43 22.25 3.02
CA TRP A 45 -37.65 21.03 3.11
C TRP A 45 -36.51 21.14 4.11
N ASP A 46 -35.85 22.30 4.15
CA ASP A 46 -34.71 22.47 5.05
C ASP A 46 -35.14 22.37 6.51
N THR A 47 -36.31 22.92 6.86
CA THR A 47 -36.78 22.86 8.24
C THR A 47 -37.09 21.44 8.67
N VAL A 48 -37.60 20.60 7.76
CA VAL A 48 -38.01 19.24 8.10
C VAL A 48 -36.87 18.23 8.02
N SER A 49 -35.90 18.46 7.14
CA SER A 49 -34.82 17.49 6.92
C SER A 49 -33.94 17.27 8.14
N GLU A 50 -33.98 18.17 9.13
CA GLU A 50 -33.16 18.05 10.32
C GLU A 50 -33.87 17.33 11.46
N HIS A 51 -35.13 16.90 11.26
CA HIS A 51 -35.92 16.29 12.32
C HIS A 51 -36.23 14.82 12.09
N VAL A 52 -36.37 14.38 10.83
CA VAL A 52 -36.76 13.01 10.53
C VAL A 52 -35.71 12.38 9.63
N MET A 53 -35.69 11.05 9.61
CA MET A 53 -34.78 10.28 8.78
C MET A 53 -35.55 9.20 8.04
N THR A 54 -34.93 8.67 7.00
CA THR A 54 -35.60 7.67 6.16
C THR A 54 -35.91 6.40 6.94
N GLN A 55 -35.02 5.99 7.84
CA GLN A 55 -35.24 4.76 8.59
C GLN A 55 -36.24 4.93 9.72
N ASP A 56 -36.71 6.16 9.98
CA ASP A 56 -37.69 6.36 11.04
C ASP A 56 -39.08 5.89 10.63
N PHE A 57 -39.40 5.90 9.34
CA PHE A 57 -40.72 5.49 8.89
C PHE A 57 -40.93 4.00 9.12
N TYR A 58 -42.14 3.66 9.56
CA TYR A 58 -42.44 2.28 9.92
C TYR A 58 -42.64 1.40 8.67
N SER A 59 -43.59 1.76 7.83
CA SER A 59 -43.92 0.93 6.68
C SER A 59 -42.87 1.10 5.58
N ARG A 60 -42.65 0.03 4.82
CA ARG A 60 -41.66 0.05 3.73
C ARG A 60 -42.02 1.02 2.61
N PRO A 61 -43.26 1.07 2.09
CA PRO A 61 -43.55 2.04 1.01
C PRO A 61 -43.26 3.47 1.40
N HIS A 62 -43.55 3.85 2.64
CA HIS A 62 -43.26 5.21 3.08
C HIS A 62 -41.76 5.48 3.10
N ARG A 63 -40.97 4.48 3.50
CA ARG A 63 -39.52 4.63 3.44
C ARG A 63 -39.04 4.82 2.01
N LEU A 64 -39.60 4.05 1.07
CA LEU A 64 -39.23 4.23 -0.34
C LEU A 64 -39.62 5.61 -0.84
N ILE A 65 -40.81 6.08 -0.46
CA ILE A 65 -41.26 7.40 -0.88
C ILE A 65 -40.33 8.47 -0.35
N PHE A 66 -39.95 8.37 0.93
CA PHE A 66 -39.07 9.38 1.51
C PHE A 66 -37.69 9.34 0.88
N ASP A 67 -37.18 8.14 0.57
CA ASP A 67 -35.90 8.03 -0.11
C ASP A 67 -35.96 8.70 -1.48
N GLY A 68 -37.03 8.46 -2.23
CA GLY A 68 -37.18 9.11 -3.53
C GLY A 68 -37.27 10.62 -3.41
N VAL A 69 -38.02 11.10 -2.41
CA VAL A 69 -38.16 12.54 -2.21
C VAL A 69 -36.81 13.16 -1.87
N LYS A 70 -36.04 12.52 -0.99
CA LYS A 70 -34.72 13.04 -0.65
C LYS A 70 -33.82 13.06 -1.87
N SER A 71 -33.85 11.99 -2.68
CA SER A 71 -33.00 11.94 -3.87
C SER A 71 -33.37 13.04 -4.85
N ILE A 72 -34.67 13.28 -5.04
CA ILE A 72 -35.10 14.33 -5.97
C ILE A 72 -34.72 15.70 -5.46
N LEU A 73 -34.99 15.97 -4.17
CA LEU A 73 -34.77 17.31 -3.64
C LEU A 73 -33.29 17.65 -3.53
N GLU A 74 -32.46 16.69 -3.15
CA GLU A 74 -31.04 16.97 -3.01
C GLU A 74 -30.37 17.18 -4.37
N ALA A 75 -31.00 16.74 -5.45
CA ALA A 75 -30.47 16.97 -6.78
C ALA A 75 -30.76 18.37 -7.31
N GLY A 76 -31.66 19.12 -6.65
CA GLY A 76 -32.00 20.45 -7.07
C GLY A 76 -33.14 20.55 -8.05
N LYS A 77 -33.59 19.43 -8.60
CA LYS A 77 -34.72 19.45 -9.53
C LYS A 77 -36.02 19.74 -8.76
N PRO A 78 -36.97 20.42 -9.41
CA PRO A 78 -38.27 20.64 -8.75
C PRO A 78 -38.97 19.33 -8.48
N LEU A 79 -39.69 19.28 -7.35
CA LEU A 79 -40.37 18.08 -6.90
C LEU A 79 -41.87 18.29 -6.95
N ASP A 80 -42.55 17.44 -7.73
CA ASP A 80 -44.00 17.41 -7.81
C ASP A 80 -44.43 15.95 -7.87
N LEU A 81 -45.74 15.74 -8.05
CA LEU A 81 -46.26 14.39 -8.19
C LEU A 81 -45.72 13.70 -9.43
N ILE A 82 -45.65 14.44 -10.55
CA ILE A 82 -45.27 13.84 -11.82
C ILE A 82 -43.84 13.33 -11.78
N THR A 83 -42.92 14.18 -11.32
CA THR A 83 -41.51 13.76 -11.28
C THR A 83 -41.26 12.69 -10.23
N LEU A 84 -42.05 12.68 -9.14
CA LEU A 84 -41.93 11.61 -8.16
C LEU A 84 -42.35 10.27 -8.77
N SER A 85 -43.48 10.25 -9.45
CA SER A 85 -43.93 9.02 -10.11
C SER A 85 -42.94 8.60 -11.19
N GLU A 86 -42.34 9.57 -11.89
CA GLU A 86 -41.30 9.25 -12.86
C GLU A 86 -40.09 8.62 -12.20
N TYR A 87 -39.67 9.16 -11.06
CA TYR A 87 -38.50 8.62 -10.36
C TYR A 87 -38.75 7.21 -9.87
N LEU A 88 -39.95 6.95 -9.33
CA LEU A 88 -40.24 5.62 -8.81
C LEU A 88 -40.24 4.57 -9.92
N GLU A 89 -40.55 4.99 -11.16
CA GLU A 89 -40.56 4.05 -12.27
C GLU A 89 -39.15 3.68 -12.72
N GLN A 90 -38.17 4.52 -12.42
CA GLN A 90 -36.80 4.27 -12.88
C GLN A 90 -36.17 3.07 -12.19
N ARG A 91 -36.78 2.53 -11.13
CA ARG A 91 -36.24 1.39 -10.42
C ARG A 91 -37.29 0.33 -10.17
N GLU A 92 -38.40 0.36 -10.89
CA GLU A 92 -39.49 -0.62 -10.78
C GLU A 92 -39.99 -0.71 -9.33
N GLN A 93 -40.51 0.41 -8.85
CA GLN A 93 -41.01 0.49 -7.48
C GLN A 93 -42.42 1.06 -7.37
N LEU A 94 -43.05 1.45 -8.47
CA LEU A 94 -44.39 2.02 -8.40
C LEU A 94 -45.41 1.00 -7.93
N GLU A 95 -45.26 -0.26 -8.35
CA GLU A 95 -46.22 -1.28 -7.97
C GLU A 95 -46.20 -1.54 -6.47
N ASP A 96 -45.01 -1.55 -5.87
CA ASP A 96 -44.89 -1.83 -4.44
C ASP A 96 -45.57 -0.75 -3.61
N VAL A 97 -45.41 0.53 -3.99
CA VAL A 97 -46.04 1.61 -3.25
C VAL A 97 -47.56 1.55 -3.39
N GLY A 98 -48.06 1.16 -4.56
CA GLY A 98 -49.48 1.10 -4.79
C GLY A 98 -49.89 1.83 -6.06
N GLY A 99 -48.90 2.20 -6.87
CA GLY A 99 -49.18 2.86 -8.13
C GLY A 99 -49.35 4.36 -7.98
N PHE A 100 -49.60 5.00 -9.12
CA PHE A 100 -49.82 6.44 -9.15
C PHE A 100 -51.07 6.86 -8.37
N ALA A 101 -52.04 5.96 -8.22
CA ALA A 101 -53.28 6.31 -7.54
C ALA A 101 -53.04 6.67 -6.08
N TYR A 102 -52.19 5.90 -5.39
CA TYR A 102 -51.92 6.19 -3.97
C TYR A 102 -51.20 7.52 -3.80
N LEU A 103 -50.25 7.82 -4.68
CA LEU A 103 -49.56 9.11 -4.61
C LEU A 103 -50.51 10.26 -4.90
N ALA A 104 -51.41 10.07 -5.87
CA ALA A 104 -52.41 11.09 -6.15
C ALA A 104 -53.32 11.31 -4.95
N ASP A 105 -53.72 10.22 -4.28
CA ASP A 105 -54.54 10.33 -3.08
C ASP A 105 -53.81 11.08 -1.98
N LEU A 106 -52.51 10.80 -1.82
CA LEU A 106 -51.72 11.52 -0.82
C LEU A 106 -51.63 13.00 -1.15
N ALA A 107 -51.46 13.34 -2.43
CA ALA A 107 -51.39 14.74 -2.83
C ALA A 107 -52.72 15.45 -2.62
N LYS A 108 -53.84 14.76 -2.91
CA LYS A 108 -55.15 15.41 -2.88
C LYS A 108 -55.73 15.50 -1.47
N ASN A 109 -55.71 14.39 -0.72
CA ASN A 109 -56.38 14.30 0.56
C ASN A 109 -55.73 15.15 1.65
N THR A 110 -54.53 15.65 1.43
CA THR A 110 -53.86 16.47 2.44
C THR A 110 -54.54 17.83 2.51
N PRO A 111 -55.08 18.23 3.66
CA PRO A 111 -55.76 19.53 3.75
C PRO A 111 -54.79 20.70 3.63
N SER A 112 -53.70 20.65 4.37
CA SER A 112 -52.70 21.72 4.36
C SER A 112 -51.40 21.17 4.94
N ALA A 113 -50.41 22.05 5.05
CA ALA A 113 -49.09 21.68 5.55
C ALA A 113 -48.53 22.72 6.51
N ALA A 114 -49.40 23.46 7.21
CA ALA A 114 -48.93 24.50 8.12
C ALA A 114 -48.36 23.90 9.41
N ASN A 115 -48.81 22.72 9.79
CA ASN A 115 -48.40 22.07 11.04
C ASN A 115 -47.61 20.79 10.75
N ILE A 116 -46.73 20.84 9.76
CA ILE A 116 -45.93 19.67 9.40
C ILE A 116 -44.92 19.35 10.50
N ASN A 117 -44.38 20.37 11.17
CA ASN A 117 -43.33 20.15 12.17
C ASN A 117 -43.84 19.32 13.35
N ALA A 118 -45.09 19.52 13.76
CA ALA A 118 -45.65 18.69 14.82
C ALA A 118 -45.71 17.23 14.40
N TYR A 119 -46.09 16.97 13.14
CA TYR A 119 -46.10 15.60 12.63
C TYR A 119 -44.69 15.02 12.61
N ALA A 120 -43.70 15.81 12.21
CA ALA A 120 -42.32 15.34 12.22
C ALA A 120 -41.89 14.98 13.64
N GLU A 121 -42.22 15.84 14.61
CA GLU A 121 -41.86 15.56 15.99
C GLU A 121 -42.53 14.30 16.50
N ILE A 122 -43.82 14.12 16.20
CA ILE A 122 -44.53 12.95 16.73
C ILE A 122 -44.03 11.67 16.08
N VAL A 123 -43.71 11.71 14.78
CA VAL A 123 -43.20 10.50 14.13
C VAL A 123 -41.80 10.17 14.65
N ALA A 124 -40.98 11.20 14.92
CA ALA A 124 -39.67 10.94 15.52
C ALA A 124 -39.81 10.34 16.90
N GLU A 125 -40.76 10.84 17.70
CA GLU A 125 -40.99 10.29 19.03
C GLU A 125 -41.43 8.84 18.96
N ARG A 126 -42.34 8.54 18.03
CA ARG A 126 -42.81 7.16 17.88
C ARG A 126 -41.68 6.24 17.45
N ALA A 127 -40.84 6.70 16.52
CA ALA A 127 -39.69 5.90 16.10
C ALA A 127 -38.73 5.66 17.25
N LEU A 128 -38.49 6.68 18.07
CA LEU A 128 -37.62 6.52 19.23
C LEU A 128 -38.18 5.49 20.21
N VAL A 129 -39.49 5.56 20.46
CA VAL A 129 -40.12 4.60 21.37
C VAL A 129 -39.99 3.18 20.82
N ARG A 130 -40.22 3.01 19.52
CA ARG A 130 -40.09 1.68 18.91
C ARG A 130 -38.66 1.16 19.01
N ASN A 131 -37.68 2.04 18.78
CA ASN A 131 -36.29 1.63 18.90
C ASN A 131 -35.95 1.23 20.33
N LEU A 132 -36.48 1.97 21.31
CA LEU A 132 -36.25 1.61 22.71
C LEU A 132 -36.88 0.26 23.02
N ILE A 133 -38.07 -0.01 22.49
CA ILE A 133 -38.70 -1.32 22.68
C ILE A 133 -37.83 -2.41 22.08
N GLY A 134 -37.28 -2.17 20.89
CA GLY A 134 -36.40 -3.15 20.27
C GLY A 134 -35.16 -3.42 21.11
N VAL A 135 -34.56 -2.36 21.66
CA VAL A 135 -33.36 -2.53 22.48
C VAL A 135 -33.70 -3.29 23.76
N ALA A 136 -34.88 -3.01 24.34
CA ALA A 136 -35.31 -3.74 25.53
C ALA A 136 -35.50 -5.22 25.23
N ASN A 137 -36.11 -5.54 24.08
CA ASN A 137 -36.24 -6.94 23.70
C ASN A 137 -34.88 -7.58 23.47
N GLU A 138 -33.94 -6.83 22.88
CA GLU A 138 -32.61 -7.37 22.64
C GLU A 138 -31.91 -7.72 23.95
N ILE A 139 -31.94 -6.81 24.93
CA ILE A 139 -31.28 -7.10 26.20
C ILE A 139 -32.01 -8.22 26.93
N ALA A 140 -33.34 -8.28 26.82
CA ALA A 140 -34.08 -9.36 27.47
C ALA A 140 -33.69 -10.71 26.88
N ASP A 141 -33.57 -10.80 25.55
CA ASP A 141 -33.20 -12.07 24.93
C ASP A 141 -31.74 -12.40 25.10
N ALA A 142 -30.88 -11.40 25.32
CA ALA A 142 -29.45 -11.64 25.46
C ALA A 142 -29.09 -12.33 26.77
N GLY A 143 -30.02 -12.40 27.73
CA GLY A 143 -29.75 -13.00 29.02
C GLY A 143 -30.17 -14.45 29.16
N TYR A 144 -30.90 -15.00 28.20
CA TYR A 144 -31.28 -16.41 28.22
C TYR A 144 -30.20 -17.33 27.66
N ASP A 145 -29.36 -16.82 26.76
CA ASP A 145 -28.25 -17.58 26.19
C ASP A 145 -26.98 -16.75 26.32
N PRO A 146 -26.40 -16.70 27.52
CA PRO A 146 -25.21 -15.84 27.71
C PRO A 146 -24.04 -16.21 26.82
N GLN A 147 -23.86 -17.48 26.50
CA GLN A 147 -22.76 -17.95 25.65
C GLN A 147 -21.41 -17.58 26.26
N GLY A 148 -21.21 -17.96 27.53
CA GLY A 148 -19.94 -17.78 28.19
C GLY A 148 -19.71 -16.41 28.81
N ARG A 149 -20.71 -15.52 28.78
CA ARG A 149 -20.55 -14.18 29.34
C ARG A 149 -21.13 -14.14 30.75
N ASN A 150 -20.48 -13.36 31.62
CA ASN A 150 -20.88 -13.27 33.01
C ASN A 150 -21.86 -12.11 33.21
N ALA A 151 -22.26 -11.90 34.46
CA ALA A 151 -23.26 -10.88 34.77
C ALA A 151 -22.74 -9.47 34.52
N GLU A 152 -21.46 -9.22 34.83
CA GLU A 152 -20.92 -7.89 34.65
C GLU A 152 -20.92 -7.48 33.17
N ASP A 153 -20.54 -8.40 32.30
CA ASP A 153 -20.55 -8.10 30.87
C ASP A 153 -21.96 -7.80 30.37
N LEU A 154 -22.94 -8.59 30.82
CA LEU A 154 -24.32 -8.34 30.41
C LEU A 154 -24.81 -6.99 30.90
N LEU A 155 -24.49 -6.64 32.15
CA LEU A 155 -24.92 -5.34 32.67
C LEU A 155 -24.26 -4.20 31.92
N ASP A 156 -22.97 -4.34 31.61
CA ASP A 156 -22.28 -3.30 30.85
C ASP A 156 -22.89 -3.14 29.46
N LEU A 157 -23.20 -4.27 28.80
CA LEU A 157 -23.82 -4.21 27.48
C LEU A 157 -25.18 -3.54 27.56
N ALA A 158 -25.97 -3.87 28.59
CA ALA A 158 -27.28 -3.26 28.75
C ALA A 158 -27.16 -1.75 28.94
N GLU A 159 -26.23 -1.32 29.80
CA GLU A 159 -26.04 0.11 30.03
C GLU A 159 -25.60 0.81 28.76
N SER A 160 -24.68 0.21 28.00
CA SER A 160 -24.22 0.83 26.76
C SER A 160 -25.36 0.95 25.75
N LYS A 161 -26.16 -0.11 25.60
CA LYS A 161 -27.27 -0.07 24.66
C LYS A 161 -28.29 0.97 25.05
N VAL A 162 -28.62 1.08 26.34
CA VAL A 162 -29.60 2.06 26.77
C VAL A 162 -29.07 3.47 26.61
N PHE A 163 -27.77 3.67 26.88
CA PHE A 163 -27.21 5.02 26.83
C PHE A 163 -27.00 5.48 25.39
N ALA A 164 -26.73 4.56 24.47
CA ALA A 164 -26.46 4.96 23.09
C ALA A 164 -27.72 5.48 22.40
N ILE A 165 -28.89 5.15 22.92
CA ILE A 165 -30.13 5.62 22.30
C ILE A 165 -30.29 7.12 22.48
N ALA A 166 -30.06 7.62 23.70
CA ALA A 166 -30.27 9.04 23.97
C ALA A 166 -29.05 9.89 23.63
N GLU A 167 -27.90 9.25 23.37
CA GLU A 167 -26.68 9.99 23.09
C GLU A 167 -26.64 10.53 21.66
N ALA A 168 -27.48 10.01 20.77
CA ALA A 168 -27.41 10.38 19.35
C ALA A 168 -27.93 11.78 19.06
N ARG A 169 -28.56 12.44 20.04
CA ARG A 169 -29.18 13.75 19.82
C ARG A 169 -28.16 14.88 20.02
N THR A 170 -27.12 14.85 19.17
CA THR A 170 -26.08 15.88 19.17
C THR A 170 -25.72 16.18 17.72
N SER A 171 -26.10 17.36 17.25
CA SER A 171 -25.81 17.79 15.88
C SER A 171 -26.05 19.30 15.81
N GLU A 172 -25.94 19.85 14.59
CA GLU A 172 -26.18 21.26 14.30
C GLU A 172 -25.22 22.15 15.10
N ASN A 173 -23.98 22.15 14.65
CA ASN A 173 -22.95 23.01 15.23
C ASN A 173 -21.88 23.27 14.18
N GLU A 174 -20.76 23.86 14.62
CA GLU A 174 -19.56 24.05 13.80
C GLU A 174 -19.87 24.83 12.53
N GLY A 175 -20.34 26.06 12.72
CA GLY A 175 -20.67 26.92 11.61
C GLY A 175 -20.13 28.33 11.81
N PRO A 176 -19.89 29.02 10.69
CA PRO A 176 -19.34 30.39 10.78
C PRO A 176 -20.30 31.33 11.49
N LYS A 177 -19.72 32.31 12.18
CA LYS A 177 -20.49 33.26 12.97
C LYS A 177 -20.71 34.54 12.19
N ASN A 178 -21.80 35.23 12.52
CA ASN A 178 -22.15 36.49 11.89
C ASN A 178 -21.32 37.61 12.52
N VAL A 179 -21.62 38.86 12.18
CA VAL A 179 -20.88 39.98 12.73
C VAL A 179 -21.36 40.34 14.14
N ASP A 180 -22.66 40.20 14.41
CA ASP A 180 -23.22 40.63 15.69
C ASP A 180 -22.62 39.83 16.84
N SER A 181 -22.54 38.51 16.69
CA SER A 181 -22.00 37.68 17.76
C SER A 181 -20.54 38.01 18.05
N ILE A 182 -19.74 38.17 16.99
CA ILE A 182 -18.33 38.49 17.16
C ILE A 182 -18.17 39.85 17.82
N LEU A 183 -18.96 40.83 17.41
CA LEU A 183 -18.88 42.17 17.99
C LEU A 183 -19.27 42.14 19.46
N GLU A 184 -20.33 41.39 19.80
CA GLU A 184 -20.73 41.28 21.20
C GLU A 184 -19.65 40.62 22.04
N ARG A 185 -19.04 39.55 21.53
CA ARG A 185 -17.97 38.89 22.27
C ARG A 185 -16.78 39.82 22.45
N THR A 186 -16.43 40.58 21.41
CA THR A 186 -15.31 41.52 21.51
C THR A 186 -15.61 42.61 22.53
N LEU A 187 -16.84 43.13 22.54
CA LEU A 187 -17.21 44.16 23.51
C LEU A 187 -17.17 43.60 24.93
N GLU A 188 -17.65 42.36 25.12
CA GLU A 188 -17.58 41.74 26.43
C GLU A 188 -16.13 41.57 26.88
N ARG A 189 -15.25 41.13 25.97
CA ARG A 189 -13.84 40.99 26.32
C ARG A 189 -13.22 42.34 26.69
N ILE A 190 -13.55 43.40 25.95
CA ILE A 190 -13.01 44.71 26.25
C ILE A 190 -13.51 45.19 27.61
N GLU A 191 -14.79 44.99 27.90
CA GLU A 191 -15.34 45.39 29.20
C GLU A 191 -14.68 44.62 30.33
N LEU A 192 -14.47 43.31 30.14
CA LEU A 192 -13.80 42.51 31.16
C LEU A 192 -12.36 42.96 31.38
N LEU A 193 -11.68 43.35 30.30
CA LEU A 193 -10.34 43.93 30.44
C LEU A 193 -10.40 45.23 31.21
N TYR A 194 -11.44 46.04 30.98
CA TYR A 194 -11.60 47.29 31.73
C TYR A 194 -11.78 47.01 33.22
N LYS A 195 -12.56 45.99 33.56
CA LYS A 195 -12.77 45.63 34.96
C LYS A 195 -11.51 44.97 35.52
N THR A 196 -11.09 45.43 36.69
CA THR A 196 -9.89 44.91 37.33
C THR A 196 -10.13 43.58 38.06
N PRO A 197 -11.20 43.43 38.88
CA PRO A 197 -11.37 42.17 39.62
C PRO A 197 -11.76 41.01 38.71
N GLN A 198 -10.81 40.50 37.94
CA GLN A 198 -11.08 39.34 37.09
C GLN A 198 -9.97 38.30 37.23
N ASP A 199 -8.75 38.76 37.48
CA ASP A 199 -7.55 37.95 37.69
C ASP A 199 -7.11 37.20 36.44
N GLY A 200 -7.78 37.40 35.30
CA GLY A 200 -7.36 36.79 34.06
C GLY A 200 -7.73 35.35 33.87
N VAL A 201 -8.39 34.73 34.84
CA VAL A 201 -8.79 33.33 34.77
C VAL A 201 -10.25 33.22 35.19
N THR A 202 -10.93 32.18 34.69
CA THR A 202 -12.33 31.93 35.03
C THR A 202 -12.58 30.55 35.58
N GLY A 203 -11.85 29.53 35.12
CA GLY A 203 -12.05 28.18 35.58
C GLY A 203 -11.03 27.74 36.61
N VAL A 204 -10.47 26.55 36.42
CA VAL A 204 -9.47 25.99 37.33
C VAL A 204 -8.11 26.57 36.98
N ASN A 205 -7.48 27.23 37.95
CA ASN A 205 -6.15 27.79 37.74
C ASN A 205 -5.14 26.68 37.63
N THR A 206 -4.29 26.73 36.60
CA THR A 206 -3.29 25.69 36.39
C THR A 206 -2.05 25.88 37.23
N GLY A 207 -1.88 27.04 37.86
CA GLY A 207 -0.70 27.33 38.65
C GLY A 207 0.48 27.87 37.86
N PHE A 208 0.36 27.96 36.55
CA PHE A 208 1.41 28.46 35.67
C PHE A 208 0.97 29.77 35.04
N THR A 209 1.94 30.66 34.84
CA THR A 209 1.66 32.02 34.40
C THR A 209 1.20 32.08 32.94
N ASP A 210 2.06 31.64 32.01
CA ASP A 210 1.74 31.76 30.60
C ASP A 210 0.57 30.88 30.19
N LEU A 211 0.46 29.69 30.80
CA LEU A 211 -0.65 28.80 30.47
C LEU A 211 -1.98 29.41 30.87
N ASN A 212 -2.03 30.12 32.00
CA ASN A 212 -3.25 30.84 32.36
C ASN A 212 -3.53 31.98 31.39
N LYS A 213 -2.47 32.63 30.89
CA LYS A 213 -2.66 33.70 29.91
C LYS A 213 -3.26 33.16 28.61
N LYS A 214 -2.82 32.00 28.16
CA LYS A 214 -3.32 31.47 26.89
C LYS A 214 -4.66 30.77 27.06
N THR A 215 -4.71 29.71 27.87
CA THR A 215 -5.91 28.90 27.98
C THR A 215 -6.97 29.49 28.89
N ALA A 216 -6.64 30.52 29.67
CA ALA A 216 -7.56 31.11 30.64
C ALA A 216 -8.07 30.07 31.62
N GLY A 217 -7.20 29.16 32.02
CA GLY A 217 -7.57 28.09 32.93
C GLY A 217 -8.25 26.95 32.21
N LEU A 218 -8.40 25.83 32.93
CA LEU A 218 -9.10 24.66 32.40
C LEU A 218 -10.58 24.93 32.49
N GLN A 219 -11.17 25.38 31.38
CA GLN A 219 -12.57 25.72 31.35
C GLN A 219 -13.44 24.48 31.53
N GLY A 220 -14.57 24.67 32.19
CA GLY A 220 -15.49 23.58 32.43
C GLY A 220 -16.19 23.11 31.17
N SER A 221 -16.69 21.87 31.24
CA SER A 221 -17.42 21.24 30.13
C SER A 221 -16.57 21.21 28.86
N ASP A 222 -15.29 20.86 29.02
CA ASP A 222 -14.37 20.75 27.89
C ASP A 222 -13.55 19.48 28.04
N LEU A 223 -13.08 18.97 26.91
CA LEU A 223 -12.22 17.78 26.87
C LEU A 223 -10.82 18.22 26.50
N ILE A 224 -9.84 17.90 27.35
CA ILE A 224 -8.45 18.28 27.17
C ILE A 224 -7.65 17.02 26.87
N ILE A 225 -6.86 17.06 25.80
CA ILE A 225 -6.04 15.94 25.38
C ILE A 225 -4.58 16.34 25.54
N VAL A 226 -3.85 15.61 26.37
CA VAL A 226 -2.41 15.81 26.56
C VAL A 226 -1.70 14.63 25.91
N ALA A 227 -0.97 14.89 24.83
CA ALA A 227 -0.33 13.84 24.05
C ALA A 227 1.16 14.12 23.93
N ALA A 228 1.95 13.08 24.17
CA ALA A 228 3.40 13.17 24.05
C ALA A 228 3.98 11.77 23.88
N ARG A 229 5.24 11.73 23.43
CA ARG A 229 5.94 10.48 23.25
C ARG A 229 6.26 9.86 24.62
N PRO A 230 6.61 8.58 24.66
CA PRO A 230 7.01 7.97 25.93
C PRO A 230 8.19 8.69 26.56
N SER A 231 8.15 8.81 27.89
CA SER A 231 9.17 9.51 28.67
C SER A 231 9.28 10.97 28.23
N MET A 232 8.19 11.71 28.43
CA MET A 232 8.14 13.13 28.14
C MET A 232 7.58 13.99 29.27
N GLY A 233 6.72 13.45 30.12
CA GLY A 233 6.19 14.22 31.23
C GLY A 233 4.68 14.39 31.22
N LYS A 234 3.97 13.42 30.62
CA LYS A 234 2.52 13.48 30.62
C LYS A 234 1.93 13.30 32.01
N THR A 235 2.33 12.21 32.68
CA THR A 235 1.80 11.95 34.02
C THR A 235 2.21 13.04 35.00
N THR A 236 3.44 13.53 34.88
CA THR A 236 3.89 14.60 35.77
C THR A 236 3.04 15.86 35.59
N PHE A 237 2.79 16.24 34.34
CA PHE A 237 1.98 17.43 34.07
C PHE A 237 0.55 17.26 34.58
N ALA A 238 -0.04 16.09 34.30
CA ALA A 238 -1.40 15.84 34.76
C ALA A 238 -1.49 15.85 36.27
N MET A 239 -0.51 15.23 36.95
CA MET A 239 -0.52 15.24 38.40
C MET A 239 -0.31 16.63 38.98
N ASN A 240 0.53 17.45 38.35
CA ASN A 240 0.69 18.83 38.82
C ASN A 240 -0.61 19.60 38.68
N LEU A 241 -1.30 19.45 37.55
CA LEU A 241 -2.59 20.12 37.38
C LEU A 241 -3.60 19.64 38.42
N CYS A 242 -3.65 18.34 38.66
CA CYS A 242 -4.59 17.81 39.64
C CYS A 242 -4.28 18.30 41.05
N GLU A 243 -2.99 18.35 41.41
CA GLU A 243 -2.60 18.85 42.72
C GLU A 243 -2.97 20.32 42.88
N ASN A 244 -2.73 21.13 41.86
CA ASN A 244 -3.10 22.54 41.95
C ASN A 244 -4.61 22.70 42.07
N ALA A 245 -5.38 21.93 41.29
CA ALA A 245 -6.84 22.00 41.39
C ALA A 245 -7.32 21.60 42.78
N ALA A 246 -6.75 20.53 43.34
CA ALA A 246 -7.15 20.09 44.67
C ALA A 246 -6.80 21.12 45.73
N MET A 247 -5.61 21.72 45.63
CA MET A 247 -5.20 22.72 46.61
C MET A 247 -6.08 23.96 46.55
N GLU A 248 -6.46 24.38 45.34
CA GLU A 248 -7.22 25.62 45.21
C GLU A 248 -8.72 25.43 45.36
N GLN A 249 -9.29 24.45 44.67
CA GLN A 249 -10.73 24.28 44.66
C GLN A 249 -11.22 23.67 45.97
N ASP A 250 -12.55 23.58 46.09
CA ASP A 250 -13.19 22.97 47.25
C ASP A 250 -13.71 21.57 46.92
N LYS A 251 -14.37 21.42 45.78
CA LYS A 251 -14.85 20.12 45.36
C LYS A 251 -13.67 19.22 45.00
N PRO A 252 -13.78 17.91 45.26
CA PRO A 252 -12.62 17.03 45.10
C PRO A 252 -12.24 16.82 43.65
N VAL A 253 -11.11 16.14 43.46
CA VAL A 253 -10.57 15.82 42.15
C VAL A 253 -10.44 14.30 42.06
N LEU A 254 -10.97 13.73 40.99
CA LEU A 254 -10.98 12.28 40.80
C LEU A 254 -9.94 11.90 39.75
N ILE A 255 -9.08 10.95 40.11
CA ILE A 255 -7.99 10.51 39.25
C ILE A 255 -8.18 9.04 38.93
N PHE A 256 -8.14 8.70 37.65
CA PHE A 256 -8.25 7.31 37.18
C PHE A 256 -6.88 6.86 36.72
N SER A 257 -6.16 6.16 37.59
CA SER A 257 -4.83 5.65 37.29
C SER A 257 -4.96 4.22 36.78
N LEU A 258 -4.88 4.04 35.46
CA LEU A 258 -5.03 2.73 34.83
C LEU A 258 -3.70 2.06 34.53
N GLU A 259 -2.58 2.68 34.90
CA GLU A 259 -1.27 2.11 34.58
C GLU A 259 -0.36 2.03 35.79
N MET A 260 -0.53 2.95 36.74
CA MET A 260 0.40 2.99 37.86
C MET A 260 -0.29 2.58 39.16
N PRO A 261 0.47 2.03 40.11
CA PRO A 261 -0.09 1.80 41.45
C PRO A 261 -0.32 3.12 42.19
N ALA A 262 -1.16 3.07 43.23
CA ALA A 262 -1.52 4.29 43.94
C ALA A 262 -0.38 4.78 44.84
N GLU A 263 0.40 3.86 45.40
CA GLU A 263 1.50 4.25 46.28
C GLU A 263 2.55 5.06 45.52
N GLN A 264 2.84 4.69 44.27
CA GLN A 264 3.77 5.45 43.47
C GLN A 264 3.24 6.86 43.21
N ILE A 265 1.94 7.00 42.99
CA ILE A 265 1.34 8.32 42.79
C ILE A 265 1.48 9.16 44.05
N MET A 266 1.25 8.56 45.22
CA MET A 266 1.41 9.31 46.46
C MET A 266 2.87 9.72 46.68
N MET A 267 3.81 8.84 46.34
CA MET A 267 5.22 9.19 46.47
C MET A 267 5.58 10.35 45.54
N ARG A 268 5.09 10.32 44.31
CA ARG A 268 5.33 11.44 43.39
C ARG A 268 4.72 12.72 43.92
N MET A 269 3.51 12.65 44.49
CA MET A 269 2.88 13.84 45.03
C MET A 269 3.66 14.42 46.20
N LEU A 270 4.12 13.55 47.10
CA LEU A 270 4.93 14.01 48.22
C LEU A 270 6.23 14.66 47.74
N ALA A 271 6.89 14.03 46.76
CA ALA A 271 8.12 14.60 46.23
C ALA A 271 7.86 15.96 45.58
N SER A 272 6.76 16.09 44.85
CA SER A 272 6.47 17.34 44.15
C SER A 272 6.09 18.45 45.12
N LEU A 273 5.34 18.12 46.18
CA LEU A 273 4.86 19.14 47.10
C LEU A 273 5.87 19.51 48.18
N SER A 274 6.78 18.61 48.53
CA SER A 274 7.75 18.86 49.58
C SER A 274 9.14 19.23 49.04
N ARG A 275 9.31 19.23 47.73
CA ARG A 275 10.60 19.52 47.10
C ARG A 275 11.69 18.62 47.67
N VAL A 276 11.39 17.33 47.76
CA VAL A 276 12.33 16.30 48.22
C VAL A 276 12.57 15.34 47.06
N ASP A 277 13.81 14.92 46.90
CA ASP A 277 14.17 14.05 45.79
C ASP A 277 13.36 12.76 45.83
N GLN A 278 12.83 12.38 44.66
CA GLN A 278 11.99 11.19 44.57
C GLN A 278 12.79 9.93 44.90
N THR A 279 14.05 9.87 44.46
CA THR A 279 14.88 8.70 44.73
C THR A 279 15.11 8.52 46.23
N LYS A 280 15.26 9.63 46.97
CA LYS A 280 15.44 9.52 48.42
C LYS A 280 14.23 8.87 49.08
N ILE A 281 13.02 9.27 48.66
CA ILE A 281 11.82 8.65 49.21
C ILE A 281 11.72 7.19 48.79
N ARG A 282 12.04 6.90 47.53
CA ARG A 282 11.93 5.52 47.05
C ARG A 282 12.89 4.58 47.77
N THR A 283 14.12 5.03 48.01
CA THR A 283 15.13 4.19 48.64
C THR A 283 15.09 4.23 50.16
N GLY A 284 14.80 5.37 50.76
CA GLY A 284 14.72 5.45 52.21
C GLY A 284 15.84 6.20 52.88
N GLN A 285 16.70 6.89 52.13
CA GLN A 285 17.78 7.68 52.70
C GLN A 285 17.28 9.12 52.82
N LEU A 286 17.06 9.56 54.06
CA LEU A 286 16.47 10.86 54.34
C LEU A 286 17.21 11.56 55.47
N ASP A 287 17.12 12.89 55.49
CA ASP A 287 17.66 13.71 56.55
C ASP A 287 16.53 14.38 57.33
N ASP A 288 16.89 15.24 58.28
CA ASP A 288 15.88 15.85 59.14
C ASP A 288 15.01 16.84 58.37
N GLU A 289 15.62 17.64 57.49
CA GLU A 289 14.86 18.63 56.74
C GLU A 289 13.84 17.98 55.83
N ASP A 290 14.23 16.88 55.18
CA ASP A 290 13.29 16.16 54.32
C ASP A 290 12.12 15.60 55.12
N TRP A 291 12.41 15.07 56.32
CA TRP A 291 11.33 14.56 57.17
C TRP A 291 10.40 15.67 57.61
N ALA A 292 10.94 16.84 57.94
CA ALA A 292 10.10 17.97 58.32
C ALA A 292 9.21 18.41 57.17
N ARG A 293 9.78 18.48 55.97
CA ARG A 293 8.99 18.86 54.80
C ARG A 293 7.90 17.83 54.52
N ILE A 294 8.21 16.55 54.65
CA ILE A 294 7.22 15.50 54.42
C ILE A 294 6.11 15.59 55.46
N SER A 295 6.47 15.84 56.72
CA SER A 295 5.46 15.99 57.76
C SER A 295 4.55 17.17 57.49
N SER A 296 5.11 18.31 57.08
CA SER A 296 4.27 19.47 56.76
C SER A 296 3.36 19.19 55.57
N THR A 297 3.89 18.54 54.53
CA THR A 297 3.07 18.23 53.36
C THR A 297 1.95 17.27 53.72
N MET A 298 2.24 16.25 54.54
CA MET A 298 1.21 15.31 54.96
C MET A 298 0.15 16.01 55.81
N GLY A 299 0.58 16.92 56.68
CA GLY A 299 -0.39 17.68 57.46
C GLY A 299 -1.33 18.48 56.58
N ILE A 300 -0.77 19.16 55.57
CA ILE A 300 -1.60 19.94 54.66
C ILE A 300 -2.56 19.03 53.90
N LEU A 301 -2.05 17.90 53.40
CA LEU A 301 -2.88 16.99 52.61
C LEU A 301 -4.01 16.41 53.44
N MET A 302 -3.74 16.02 54.69
CA MET A 302 -4.81 15.53 55.55
C MET A 302 -5.73 16.64 56.03
N GLU A 303 -5.28 17.89 55.97
CA GLU A 303 -6.19 18.99 56.25
C GLU A 303 -7.15 19.21 55.08
N LYS A 304 -6.69 19.03 53.85
CA LYS A 304 -7.54 19.26 52.68
C LYS A 304 -8.52 18.12 52.48
N LYS A 305 -8.01 16.91 52.20
CA LYS A 305 -8.83 15.72 51.99
C LYS A 305 -9.84 15.91 50.86
N ASN A 306 -9.32 16.22 49.67
CA ASN A 306 -10.18 16.47 48.52
C ASN A 306 -9.58 15.84 47.25
N MET A 307 -9.06 14.62 47.38
CA MET A 307 -8.59 13.86 46.24
C MET A 307 -9.04 12.42 46.34
N TYR A 308 -9.30 11.80 45.19
CA TYR A 308 -9.68 10.40 45.12
C TYR A 308 -8.95 9.74 43.95
N ILE A 309 -8.31 8.61 44.22
CA ILE A 309 -7.49 7.92 43.25
C ILE A 309 -8.05 6.52 43.02
N ASP A 310 -8.23 6.16 41.75
CA ASP A 310 -8.72 4.84 41.36
C ASP A 310 -7.58 4.12 40.65
N ASP A 311 -7.32 2.87 41.04
CA ASP A 311 -6.20 2.10 40.52
C ASP A 311 -6.66 0.87 39.73
N SER A 312 -7.91 0.83 39.31
CA SER A 312 -8.40 -0.30 38.54
C SER A 312 -7.82 -0.29 37.14
N SER A 313 -7.75 -1.48 36.53
CA SER A 313 -7.15 -1.67 35.22
C SER A 313 -8.23 -2.07 34.21
N GLY A 314 -8.16 -1.49 33.02
CA GLY A 314 -9.09 -1.82 31.95
C GLY A 314 -10.52 -1.43 32.24
N LEU A 315 -10.73 -0.24 32.77
CA LEU A 315 -12.08 0.22 33.08
C LEU A 315 -12.86 0.50 31.80
N THR A 316 -14.12 0.06 31.79
CA THR A 316 -15.04 0.40 30.72
C THR A 316 -15.58 1.81 30.93
N PRO A 317 -16.05 2.46 29.85
CA PRO A 317 -16.64 3.80 30.04
C PRO A 317 -17.81 3.81 31.01
N THR A 318 -18.63 2.75 31.02
CA THR A 318 -19.77 2.69 31.93
C THR A 318 -19.32 2.70 33.38
N GLU A 319 -18.28 1.92 33.70
CA GLU A 319 -17.80 1.89 35.09
C GLU A 319 -17.21 3.23 35.51
N VAL A 320 -16.48 3.89 34.61
CA VAL A 320 -15.94 5.21 34.91
C VAL A 320 -17.08 6.18 35.19
N ARG A 321 -18.11 6.16 34.34
CA ARG A 321 -19.25 7.04 34.53
C ARG A 321 -19.96 6.76 35.85
N SER A 322 -20.15 5.48 36.19
CA SER A 322 -20.84 5.12 37.42
C SER A 322 -20.06 5.58 38.64
N ARG A 323 -18.75 5.34 38.65
CA ARG A 323 -17.95 5.76 39.80
C ARG A 323 -17.90 7.28 39.93
N ALA A 324 -17.78 7.99 38.80
CA ALA A 324 -17.78 9.45 38.86
C ALA A 324 -19.10 9.98 39.40
N ARG A 325 -20.23 9.42 38.93
CA ARG A 325 -21.53 9.87 39.41
C ARG A 325 -21.72 9.56 40.88
N ARG A 326 -21.27 8.39 41.32
CA ARG A 326 -21.38 8.04 42.74
C ARG A 326 -20.59 9.01 43.60
N ILE A 327 -19.34 9.32 43.21
CA ILE A 327 -18.53 10.25 43.97
C ILE A 327 -19.17 11.63 43.99
N ALA A 328 -19.67 12.09 42.84
CA ALA A 328 -20.28 13.41 42.76
C ALA A 328 -21.52 13.49 43.65
N ARG A 329 -22.36 12.46 43.64
CA ARG A 329 -23.53 12.47 44.51
C ARG A 329 -23.13 12.45 45.98
N GLU A 330 -22.11 11.65 46.32
CA GLU A 330 -21.69 11.57 47.72
C GLU A 330 -21.13 12.90 48.22
N HIS A 331 -20.37 13.60 47.39
CA HIS A 331 -19.68 14.81 47.83
C HIS A 331 -20.28 16.09 47.28
N GLY A 332 -21.20 16.02 46.33
CA GLY A 332 -21.90 17.21 45.89
C GLY A 332 -21.26 17.97 44.76
N GLY A 333 -20.29 17.38 44.07
CA GLY A 333 -19.67 18.04 42.94
C GLY A 333 -18.23 17.61 42.75
N LEU A 334 -17.70 17.95 41.58
CA LEU A 334 -16.33 17.63 41.22
C LEU A 334 -15.68 18.84 40.59
N SER A 335 -14.36 18.85 40.54
CA SER A 335 -13.61 19.95 39.97
C SER A 335 -12.77 19.55 38.76
N LEU A 336 -12.16 18.36 38.79
CA LEU A 336 -11.32 17.93 37.67
C LEU A 336 -11.26 16.41 37.65
N ILE A 337 -11.21 15.85 36.45
CA ILE A 337 -11.11 14.40 36.25
C ILE A 337 -9.93 14.13 35.33
N MET A 338 -9.10 13.16 35.72
CA MET A 338 -7.90 12.83 34.96
C MET A 338 -7.95 11.35 34.59
N VAL A 339 -7.60 11.04 33.35
CA VAL A 339 -7.57 9.67 32.84
C VAL A 339 -6.18 9.41 32.30
N ASP A 340 -5.58 8.29 32.72
CA ASP A 340 -4.21 7.94 32.34
C ASP A 340 -4.15 6.45 32.02
N TYR A 341 -4.36 6.08 30.76
CA TYR A 341 -4.78 7.00 29.71
C TYR A 341 -5.90 6.37 28.89
N LEU A 342 -6.39 7.10 27.88
CA LEU A 342 -7.58 6.67 27.15
C LEU A 342 -7.32 5.47 26.24
N GLN A 343 -6.07 5.12 25.97
CA GLN A 343 -5.75 3.97 25.14
C GLN A 343 -5.92 2.64 25.87
N LEU A 344 -6.10 2.66 27.19
CA LEU A 344 -6.26 1.44 27.97
C LEU A 344 -7.70 1.05 28.23
N MET A 345 -8.64 1.98 28.10
CA MET A 345 -10.04 1.66 28.32
C MET A 345 -10.54 0.65 27.29
N ARG A 346 -11.40 -0.25 27.73
CA ARG A 346 -11.89 -1.35 26.91
C ARG A 346 -13.39 -1.23 26.68
N VAL A 347 -13.80 -1.37 25.43
CA VAL A 347 -15.22 -1.44 25.08
C VAL A 347 -15.53 -2.88 24.70
N PRO A 348 -16.31 -3.61 25.52
CA PRO A 348 -16.49 -5.05 25.25
C PRO A 348 -17.12 -5.36 23.91
N ALA A 349 -18.02 -4.50 23.42
CA ALA A 349 -18.72 -4.79 22.17
C ALA A 349 -17.88 -4.52 20.93
N LEU A 350 -16.74 -3.84 21.07
CA LEU A 350 -15.90 -3.46 19.94
C LEU A 350 -14.48 -3.96 20.14
N THR A 351 -14.33 -5.21 20.55
CA THR A 351 -13.00 -5.79 20.72
C THR A 351 -12.36 -6.18 19.40
N ASP A 352 -13.11 -6.18 18.30
CA ASP A 352 -12.60 -6.54 16.99
C ASP A 352 -12.27 -5.33 16.12
N ASN A 353 -12.47 -4.12 16.63
CA ASN A 353 -12.15 -2.91 15.88
C ASN A 353 -11.59 -1.89 16.85
N ARG A 354 -10.54 -1.17 16.43
CA ARG A 354 -9.86 -0.25 17.34
C ARG A 354 -10.29 1.20 17.09
N THR A 355 -10.48 1.61 15.84
CA THR A 355 -10.86 2.98 15.56
C THR A 355 -12.24 3.30 16.13
N LEU A 356 -13.19 2.38 15.96
CA LEU A 356 -14.52 2.58 16.54
C LEU A 356 -14.45 2.62 18.06
N GLU A 357 -13.60 1.79 18.65
CA GLU A 357 -13.44 1.81 20.11
C GLU A 357 -12.89 3.15 20.59
N ILE A 358 -11.90 3.68 19.87
CA ILE A 358 -11.34 4.99 20.23
C ILE A 358 -12.40 6.07 20.10
N ALA A 359 -13.19 6.03 19.02
CA ALA A 359 -14.26 7.01 18.85
C ALA A 359 -15.28 6.91 19.97
N GLU A 360 -15.65 5.69 20.36
CA GLU A 360 -16.60 5.51 21.45
C GLU A 360 -16.04 6.04 22.76
N ILE A 361 -14.77 5.78 23.04
CA ILE A 361 -14.16 6.26 24.28
C ILE A 361 -14.16 7.78 24.31
N SER A 362 -13.76 8.41 23.20
CA SER A 362 -13.72 9.87 23.15
C SER A 362 -15.12 10.46 23.32
N ARG A 363 -16.11 9.88 22.64
CA ARG A 363 -17.47 10.38 22.75
C ARG A 363 -18.01 10.21 24.18
N SER A 364 -17.70 9.09 24.82
CA SER A 364 -18.14 8.88 26.19
C SER A 364 -17.51 9.88 27.14
N LEU A 365 -16.21 10.15 26.96
CA LEU A 365 -15.54 11.14 27.81
C LEU A 365 -16.15 12.53 27.60
N LYS A 366 -16.42 12.90 26.34
CA LYS A 366 -17.04 14.19 26.07
C LYS A 366 -18.43 14.28 26.70
N ALA A 367 -19.21 13.20 26.60
CA ALA A 367 -20.55 13.20 27.19
C ALA A 367 -20.48 13.31 28.71
N LEU A 368 -19.54 12.62 29.34
CA LEU A 368 -19.37 12.74 30.79
C LEU A 368 -18.98 14.16 31.18
N ALA A 369 -18.06 14.77 30.42
CA ALA A 369 -17.65 16.14 30.71
C ALA A 369 -18.82 17.10 30.58
N LYS A 370 -19.65 16.92 29.55
CA LYS A 370 -20.84 17.77 29.40
C LYS A 370 -21.82 17.54 30.54
N GLU A 371 -22.02 16.29 30.95
CA GLU A 371 -23.02 15.99 31.97
C GLU A 371 -22.62 16.54 33.32
N LEU A 372 -21.38 16.27 33.76
CA LEU A 372 -20.96 16.70 35.08
C LEU A 372 -20.42 18.13 35.11
N ASN A 373 -20.29 18.78 33.96
CA ASN A 373 -19.76 20.14 33.88
C ASN A 373 -18.37 20.22 34.52
N VAL A 374 -17.55 19.21 34.25
CA VAL A 374 -16.21 19.10 34.82
C VAL A 374 -15.23 18.79 33.69
N PRO A 375 -14.12 19.51 33.59
CA PRO A 375 -13.13 19.19 32.56
C PRO A 375 -12.51 17.82 32.78
N VAL A 376 -12.19 17.16 31.68
CA VAL A 376 -11.60 15.82 31.69
C VAL A 376 -10.25 15.88 30.98
N VAL A 377 -9.21 15.43 31.65
CA VAL A 377 -7.86 15.40 31.11
C VAL A 377 -7.59 13.96 30.68
N ALA A 378 -7.65 13.71 29.37
CA ALA A 378 -7.45 12.39 28.81
C ALA A 378 -6.11 12.36 28.10
N LEU A 379 -5.15 11.65 28.68
CA LEU A 379 -3.83 11.53 28.08
C LEU A 379 -3.87 10.58 26.89
N SER A 380 -2.91 10.77 25.98
CA SER A 380 -2.84 9.95 24.78
C SER A 380 -1.38 9.74 24.41
N GLN A 381 -1.16 8.87 23.42
CA GLN A 381 0.17 8.56 22.92
C GLN A 381 0.21 8.78 21.41
N LEU A 382 1.39 9.12 20.91
CA LEU A 382 1.57 9.49 19.52
C LEU A 382 2.17 8.34 18.71
N ASN A 383 1.97 8.41 17.40
CA ASN A 383 2.49 7.39 16.50
C ASN A 383 4.01 7.48 16.40
N ARG A 384 4.62 6.34 16.06
CA ARG A 384 6.08 6.26 15.99
C ARG A 384 6.64 6.92 14.74
N SER A 385 5.80 7.19 13.74
CA SER A 385 6.26 7.89 12.54
C SER A 385 6.67 9.32 12.83
N LEU A 386 6.33 9.84 14.01
CA LEU A 386 6.70 11.21 14.37
C LEU A 386 8.21 11.38 14.48
N GLU A 387 8.93 10.34 14.92
CA GLU A 387 10.36 10.41 15.14
C GLU A 387 11.17 10.31 13.86
N GLN A 388 10.54 9.93 12.74
CA GLN A 388 11.27 9.83 11.48
C GLN A 388 11.56 11.20 10.88
N ARG A 389 10.71 12.18 11.12
CA ARG A 389 10.92 13.51 10.56
C ARG A 389 12.10 14.20 11.21
N ALA A 390 12.68 15.16 10.49
CA ALA A 390 13.82 15.91 11.03
C ALA A 390 13.41 16.71 12.27
N ASP A 391 12.22 17.29 12.25
CA ASP A 391 11.69 18.03 13.39
C ASP A 391 10.84 17.08 14.23
N LYS A 392 11.17 16.95 15.50
CA LYS A 392 10.50 16.00 16.38
C LYS A 392 9.26 16.59 17.05
N ARG A 393 8.96 17.86 16.84
CA ARG A 393 7.83 18.47 17.52
C ARG A 393 6.52 17.91 16.97
N PRO A 394 5.58 17.57 17.84
CA PRO A 394 4.32 16.95 17.38
C PRO A 394 3.41 17.93 16.68
N VAL A 395 2.49 17.37 15.90
CA VAL A 395 1.43 18.12 15.23
C VAL A 395 0.11 17.40 15.48
N ASN A 396 -0.98 18.06 15.10
CA ASN A 396 -2.31 17.51 15.34
C ASN A 396 -2.59 16.25 14.54
N SER A 397 -1.81 15.98 13.50
CA SER A 397 -2.03 14.83 12.64
C SER A 397 -1.24 13.60 13.06
N ASP A 398 -0.45 13.69 14.14
CA ASP A 398 0.34 12.58 14.62
C ASP A 398 -0.34 11.75 15.69
N LEU A 399 -1.58 12.09 16.05
CA LEU A 399 -2.29 11.34 17.07
C LEU A 399 -2.62 9.93 16.58
N ARG A 400 -2.60 8.98 17.51
CA ARG A 400 -3.03 7.62 17.20
C ARG A 400 -4.55 7.59 17.11
N GLU A 401 -5.07 7.11 15.99
CA GLU A 401 -6.48 7.26 15.64
C GLU A 401 -6.88 8.72 15.75
N SER A 402 -6.22 9.55 14.95
CA SER A 402 -6.29 11.00 15.11
C SER A 402 -7.67 11.56 14.79
N GLY A 403 -8.46 10.89 13.96
CA GLY A 403 -9.72 11.43 13.49
C GLY A 403 -10.71 11.82 14.57
N SER A 404 -11.23 10.83 15.29
CA SER A 404 -12.26 11.09 16.29
C SER A 404 -11.73 11.95 17.44
N ILE A 405 -10.51 11.68 17.89
CA ILE A 405 -9.93 12.43 19.00
C ILE A 405 -9.77 13.90 18.62
N GLU A 406 -9.28 14.16 17.41
CA GLU A 406 -9.12 15.53 16.94
C GLU A 406 -10.47 16.22 16.78
N GLN A 407 -11.46 15.50 16.25
CA GLN A 407 -12.77 16.12 16.02
C GLN A 407 -13.47 16.46 17.33
N ASP A 408 -13.37 15.57 18.32
CA ASP A 408 -14.14 15.72 19.56
C ASP A 408 -13.42 16.50 20.64
N ALA A 409 -12.15 16.87 20.43
CA ALA A 409 -11.40 17.56 21.46
C ALA A 409 -11.72 19.05 21.47
N ASP A 410 -11.45 19.67 22.62
CA ASP A 410 -11.59 21.12 22.78
C ASP A 410 -10.29 21.84 23.09
N LEU A 411 -9.26 21.13 23.57
CA LEU A 411 -7.97 21.74 23.86
C LEU A 411 -6.92 20.64 23.81
N ILE A 412 -6.04 20.70 22.82
CA ILE A 412 -5.01 19.69 22.63
C ILE A 412 -3.66 20.30 22.98
N MET A 413 -2.95 19.67 23.91
CA MET A 413 -1.65 20.13 24.36
C MET A 413 -0.62 19.03 24.16
N PHE A 414 0.58 19.41 23.74
CA PHE A 414 1.68 18.48 23.55
C PHE A 414 2.85 18.88 24.44
N ILE A 415 3.65 17.89 24.83
CA ILE A 415 4.83 18.10 25.67
C ILE A 415 6.04 17.63 24.89
N TYR A 416 7.04 18.52 24.76
CA TYR A 416 8.25 18.21 24.03
C TYR A 416 9.46 18.63 24.84
N ARG A 417 10.43 17.71 24.95
CA ARG A 417 11.70 17.97 25.64
C ARG A 417 12.82 17.62 24.67
N ASP A 418 13.60 18.63 24.28
CA ASP A 418 14.67 18.40 23.31
C ASP A 418 15.86 17.69 23.93
N GLU A 419 16.00 17.72 25.26
CA GLU A 419 17.10 17.02 25.91
C GLU A 419 16.95 15.50 25.84
N VAL A 420 15.74 15.01 25.59
CA VAL A 420 15.54 13.57 25.47
C VAL A 420 16.18 13.05 24.19
N TYR A 421 16.07 13.80 23.10
CA TYR A 421 16.64 13.36 21.83
C TYR A 421 18.10 13.80 21.69
N HIS A 422 18.38 15.07 21.96
CA HIS A 422 19.74 15.62 21.81
C HIS A 422 20.31 15.91 23.19
N PRO A 423 21.20 15.06 23.71
CA PRO A 423 21.78 15.33 25.04
C PRO A 423 22.59 16.61 25.10
N ASP A 424 23.18 17.05 23.98
CA ASP A 424 24.04 18.23 23.97
C ASP A 424 23.27 19.52 23.70
N SER A 425 21.94 19.47 23.67
CA SER A 425 21.16 20.66 23.40
C SER A 425 21.32 21.68 24.52
N PRO A 426 21.37 22.97 24.18
CA PRO A 426 21.49 24.01 25.22
C PRO A 426 20.21 24.29 25.97
N LEU A 427 19.15 23.52 25.74
CA LEU A 427 17.86 23.71 26.40
C LEU A 427 17.65 22.76 27.56
N LYS A 428 18.72 22.44 28.29
CA LYS A 428 18.60 21.54 29.44
C LYS A 428 17.72 22.16 30.51
N GLY A 429 16.90 21.32 31.13
CA GLY A 429 15.98 21.79 32.16
C GLY A 429 14.90 22.73 31.63
N THR A 430 14.32 22.41 30.47
CA THR A 430 13.28 23.23 29.89
C THR A 430 12.40 22.36 29.01
N ALA A 431 11.09 22.49 29.18
CA ALA A 431 10.11 21.75 28.41
C ALA A 431 9.20 22.71 27.67
N GLU A 432 8.71 22.28 26.52
CA GLU A 432 7.86 23.09 25.65
C GLU A 432 6.45 22.51 25.62
N ILE A 433 5.46 23.35 25.86
CA ILE A 433 4.06 22.97 25.82
C ILE A 433 3.46 23.60 24.56
N ILE A 434 2.89 22.76 23.71
CA ILE A 434 2.36 23.19 22.41
C ILE A 434 0.86 23.05 22.42
N ILE A 435 0.15 24.16 22.23
CA ILE A 435 -1.30 24.16 22.16
C ILE A 435 -1.67 23.94 20.69
N GLY A 436 -1.95 22.69 20.33
CA GLY A 436 -2.22 22.37 18.94
C GLY A 436 -3.62 22.71 18.48
N LYS A 437 -4.55 22.89 19.41
CA LYS A 437 -5.92 23.22 19.03
C LYS A 437 -6.62 23.86 20.22
N GLN A 438 -7.52 24.81 19.93
CA GLN A 438 -8.33 25.46 20.96
C GLN A 438 -9.51 26.13 20.26
N ARG A 439 -10.72 25.81 20.72
CA ARG A 439 -11.92 26.33 20.06
C ARG A 439 -12.12 27.80 20.37
N ASN A 440 -11.92 28.21 21.63
CA ASN A 440 -12.21 29.58 22.02
C ASN A 440 -10.96 30.28 22.56
N GLY A 441 -9.84 30.14 21.86
CA GLY A 441 -8.61 30.78 22.27
C GLY A 441 -7.53 30.67 21.21
N PRO A 442 -6.41 31.36 21.44
CA PRO A 442 -5.32 31.34 20.47
C PRO A 442 -4.38 30.15 20.70
N ILE A 443 -3.74 29.73 19.62
CA ILE A 443 -2.73 28.68 19.68
C ILE A 443 -1.37 29.33 19.89
N GLY A 444 -0.40 28.52 20.32
CA GLY A 444 0.95 29.04 20.56
C GLY A 444 1.81 27.98 21.22
N SER A 445 2.80 28.46 21.98
CA SER A 445 3.73 27.59 22.67
C SER A 445 4.15 28.23 23.98
N VAL A 446 4.41 27.39 24.98
CA VAL A 446 4.83 27.84 26.30
C VAL A 446 6.01 26.98 26.76
N ARG A 447 7.03 27.66 27.28
CA ARG A 447 8.21 26.99 27.82
C ARG A 447 8.13 26.96 29.34
N LEU A 448 8.41 25.79 29.92
CA LEU A 448 8.33 25.58 31.35
C LEU A 448 9.62 24.92 31.84
N THR A 449 9.94 25.16 33.10
CA THR A 449 11.12 24.59 33.74
C THR A 449 10.78 23.22 34.28
N PHE A 450 11.56 22.21 33.90
CA PHE A 450 11.34 20.82 34.30
C PHE A 450 12.41 20.42 35.29
N GLN A 451 11.98 19.95 36.46
CA GLN A 451 12.88 19.48 37.51
C GLN A 451 12.60 18.00 37.75
N GLY A 452 13.41 17.14 37.14
CA GLY A 452 13.08 15.73 37.09
C GLY A 452 13.06 15.04 38.45
N HIS A 453 14.06 15.35 39.29
CA HIS A 453 14.17 14.65 40.57
C HIS A 453 12.98 14.91 41.48
N TYR A 454 12.34 16.07 41.37
CA TYR A 454 11.14 16.37 42.15
C TYR A 454 9.87 16.03 41.39
N SER A 455 9.96 15.64 40.12
CA SER A 455 8.80 15.35 39.28
C SER A 455 7.84 16.55 39.27
N ARG A 456 8.37 17.70 38.88
CA ARG A 456 7.66 18.96 39.01
C ARG A 456 7.91 19.83 37.79
N PHE A 457 6.84 20.47 37.33
CA PHE A 457 6.91 21.51 36.31
C PHE A 457 6.70 22.86 36.96
N ASP A 458 7.62 23.79 36.72
CA ASP A 458 7.55 25.12 37.30
C ASP A 458 7.68 26.17 36.20
N ASN A 459 7.48 27.43 36.59
CA ASN A 459 7.53 28.53 35.66
C ASN A 459 8.95 28.75 35.14
N TYR A 460 9.05 29.32 33.94
CA TYR A 460 10.32 29.61 33.30
C TYR A 460 10.60 31.11 33.37
N ALA A 461 11.79 31.46 33.85
CA ALA A 461 12.18 32.86 33.98
C ALA A 461 12.45 33.48 32.61
N LYS B 22 -43.21 -6.80 -23.83
CA LYS B 22 -42.34 -5.77 -23.29
C LYS B 22 -42.83 -4.37 -23.67
N VAL B 23 -43.14 -3.57 -22.65
CA VAL B 23 -43.66 -2.23 -22.90
C VAL B 23 -42.50 -1.28 -23.23
N PRO B 24 -42.56 -0.55 -24.34
CA PRO B 24 -41.49 0.40 -24.65
C PRO B 24 -41.42 1.49 -23.61
N PRO B 25 -40.22 2.03 -23.35
CA PRO B 25 -40.10 3.08 -22.33
C PRO B 25 -40.87 4.34 -22.72
N HIS B 26 -41.88 4.65 -21.93
CA HIS B 26 -42.71 5.83 -22.16
C HIS B 26 -43.46 6.13 -20.87
N SER B 27 -44.10 7.30 -20.83
CA SER B 27 -44.93 7.68 -19.68
C SER B 27 -46.01 8.63 -20.22
N LEU B 28 -47.21 8.09 -20.45
CA LEU B 28 -48.29 8.88 -21.01
C LEU B 28 -48.65 10.05 -20.10
N GLU B 29 -48.43 9.90 -18.79
CA GLU B 29 -48.71 10.98 -17.86
C GLU B 29 -47.81 12.19 -18.14
N ALA B 30 -46.54 11.93 -18.49
CA ALA B 30 -45.62 13.03 -18.76
C ALA B 30 -46.04 13.82 -19.99
N GLU B 31 -46.35 13.13 -21.09
CA GLU B 31 -46.79 13.83 -22.30
C GLU B 31 -48.12 14.53 -22.09
N GLN B 32 -49.01 13.91 -21.32
CA GLN B 32 -50.29 14.55 -20.99
C GLN B 32 -50.06 15.83 -20.21
N SER B 33 -49.13 15.81 -19.24
CA SER B 33 -48.80 17.02 -18.50
C SER B 33 -48.17 18.07 -19.41
N VAL B 34 -47.34 17.63 -20.37
CA VAL B 34 -46.73 18.57 -21.29
C VAL B 34 -47.79 19.30 -22.10
N ILE B 35 -48.73 18.54 -22.68
CA ILE B 35 -49.75 19.17 -23.52
C ILE B 35 -50.70 20.01 -22.67
N GLY B 36 -50.98 19.58 -21.45
CA GLY B 36 -51.82 20.38 -20.56
C GLY B 36 -51.17 21.70 -20.19
N GLY B 37 -49.86 21.68 -19.90
CA GLY B 37 -49.17 22.92 -19.62
C GLY B 37 -49.08 23.82 -20.84
N LEU B 38 -48.93 23.23 -22.02
CA LEU B 38 -48.94 24.02 -23.25
C LEU B 38 -50.28 24.70 -23.44
N LEU B 39 -51.39 23.98 -23.19
CA LEU B 39 -52.71 24.56 -23.36
C LEU B 39 -52.99 25.63 -22.33
N LEU B 40 -52.64 25.37 -21.06
CA LEU B 40 -53.00 26.30 -19.99
C LEU B 40 -52.22 27.62 -20.09
N ASP B 41 -50.90 27.54 -20.27
CA ASP B 41 -50.05 28.73 -20.30
C ASP B 41 -49.32 28.78 -21.64
N ASN B 42 -49.27 29.98 -22.22
CA ASN B 42 -48.59 30.20 -23.49
C ASN B 42 -47.41 31.14 -23.38
N GLU B 43 -47.07 31.60 -22.18
CA GLU B 43 -45.98 32.54 -21.98
C GLU B 43 -44.64 31.85 -21.81
N ARG B 44 -44.61 30.51 -21.73
CA ARG B 44 -43.37 29.76 -21.60
C ARG B 44 -43.13 28.84 -22.79
N TRP B 45 -43.74 29.14 -23.93
CA TRP B 45 -43.52 28.34 -25.13
C TRP B 45 -42.07 28.40 -25.58
N ASP B 46 -41.45 29.58 -25.49
CA ASP B 46 -40.04 29.71 -25.82
C ASP B 46 -39.14 28.94 -24.87
N THR B 47 -39.63 28.61 -23.67
CA THR B 47 -38.85 27.85 -22.71
C THR B 47 -39.03 26.34 -22.88
N VAL B 48 -39.91 25.91 -23.78
CA VAL B 48 -40.19 24.50 -23.99
C VAL B 48 -40.03 24.06 -25.44
N SER B 49 -40.09 24.99 -26.40
CA SER B 49 -40.02 24.63 -27.81
C SER B 49 -38.63 24.13 -28.21
N GLU B 50 -37.61 24.36 -27.40
CA GLU B 50 -36.25 23.97 -27.73
C GLU B 50 -35.89 22.59 -27.21
N HIS B 51 -36.82 21.87 -26.59
CA HIS B 51 -36.56 20.55 -26.03
C HIS B 51 -37.31 19.43 -26.75
N VAL B 52 -38.63 19.54 -26.84
CA VAL B 52 -39.45 18.49 -27.42
C VAL B 52 -39.56 18.73 -28.93
N MET B 53 -39.95 17.69 -29.65
CA MET B 53 -40.15 17.74 -31.08
C MET B 53 -41.48 17.08 -31.43
N THR B 54 -41.86 17.17 -32.71
CA THR B 54 -43.13 16.61 -33.15
C THR B 54 -43.16 15.10 -33.01
N GLN B 55 -42.05 14.43 -33.34
CA GLN B 55 -42.00 12.98 -33.34
C GLN B 55 -41.50 12.39 -32.03
N ASP B 56 -41.15 13.22 -31.06
CA ASP B 56 -40.64 12.74 -29.77
C ASP B 56 -41.74 12.17 -28.87
N PHE B 57 -43.01 12.43 -29.18
CA PHE B 57 -44.10 11.87 -28.41
C PHE B 57 -44.38 10.44 -28.85
N TYR B 58 -45.22 9.75 -28.08
CA TYR B 58 -45.46 8.33 -28.31
C TYR B 58 -46.89 8.05 -28.78
N SER B 59 -47.89 8.51 -28.03
CA SER B 59 -49.27 8.23 -28.37
C SER B 59 -49.68 8.98 -29.63
N ARG B 60 -50.35 8.29 -30.54
CA ARG B 60 -50.75 8.91 -31.81
C ARG B 60 -51.72 10.07 -31.60
N PRO B 61 -52.82 9.94 -30.84
CA PRO B 61 -53.64 11.14 -30.58
C PRO B 61 -52.86 12.24 -29.90
N HIS B 62 -51.95 11.89 -28.98
CA HIS B 62 -51.13 12.90 -28.33
C HIS B 62 -50.23 13.60 -29.34
N ARG B 63 -49.65 12.83 -30.28
CA ARG B 63 -48.84 13.46 -31.33
C ARG B 63 -49.67 14.39 -32.19
N LEU B 64 -50.89 13.98 -32.54
CA LEU B 64 -51.75 14.81 -33.37
C LEU B 64 -52.11 16.11 -32.67
N ILE B 65 -52.49 16.03 -31.38
CA ILE B 65 -52.87 17.23 -30.67
C ILE B 65 -51.67 18.13 -30.44
N PHE B 66 -50.48 17.54 -30.21
CA PHE B 66 -49.28 18.36 -30.08
C PHE B 66 -48.94 19.06 -31.38
N ASP B 67 -49.11 18.37 -32.51
CA ASP B 67 -48.89 19.01 -33.81
C ASP B 67 -49.86 20.15 -34.03
N GLY B 68 -51.13 19.95 -33.67
CA GLY B 68 -52.11 21.02 -33.78
C GLY B 68 -51.77 22.21 -32.91
N VAL B 69 -51.34 21.95 -31.68
CA VAL B 69 -50.95 23.03 -30.77
C VAL B 69 -49.75 23.78 -31.32
N LYS B 70 -48.77 23.07 -31.85
CA LYS B 70 -47.61 23.71 -32.43
C LYS B 70 -47.99 24.56 -33.64
N SER B 71 -48.90 24.05 -34.48
CA SER B 71 -49.36 24.81 -35.63
C SER B 71 -50.09 26.08 -35.20
N ILE B 72 -50.92 25.98 -34.16
CA ILE B 72 -51.62 27.16 -33.65
C ILE B 72 -50.63 28.18 -33.11
N LEU B 73 -49.67 27.73 -32.30
CA LEU B 73 -48.74 28.65 -31.67
C LEU B 73 -47.83 29.32 -32.68
N GLU B 74 -47.35 28.57 -33.68
CA GLU B 74 -46.49 29.16 -34.70
C GLU B 74 -47.23 30.20 -35.53
N ALA B 75 -48.54 30.05 -35.69
CA ALA B 75 -49.34 31.03 -36.41
C ALA B 75 -49.54 32.33 -35.64
N GLY B 76 -49.20 32.35 -34.35
CA GLY B 76 -49.37 33.54 -33.55
C GLY B 76 -50.75 33.72 -32.94
N LYS B 77 -51.68 32.81 -33.24
CA LYS B 77 -53.02 32.88 -32.69
C LYS B 77 -53.03 32.46 -31.22
N PRO B 78 -53.92 33.03 -30.40
CA PRO B 78 -54.02 32.60 -29.00
C PRO B 78 -54.49 31.15 -28.92
N LEU B 79 -54.04 30.47 -27.87
CA LEU B 79 -54.33 29.05 -27.67
C LEU B 79 -55.26 28.88 -26.48
N ASP B 80 -56.40 28.26 -26.73
CA ASP B 80 -57.37 27.94 -25.67
C ASP B 80 -58.23 26.78 -26.16
N LEU B 81 -59.25 26.46 -25.36
CA LEU B 81 -60.13 25.35 -25.71
C LEU B 81 -60.89 25.62 -27.00
N ILE B 82 -61.35 26.86 -27.18
CA ILE B 82 -62.14 27.20 -28.36
C ILE B 82 -61.31 27.04 -29.64
N THR B 83 -60.09 27.56 -29.62
CA THR B 83 -59.23 27.45 -30.80
C THR B 83 -58.87 26.00 -31.10
N LEU B 84 -58.57 25.22 -30.05
CA LEU B 84 -58.26 23.82 -30.25
C LEU B 84 -59.44 23.06 -30.83
N SER B 85 -60.64 23.32 -30.32
CA SER B 85 -61.84 22.68 -30.86
C SER B 85 -62.07 23.09 -32.30
N GLU B 86 -61.86 24.36 -32.62
CA GLU B 86 -62.03 24.82 -34.00
C GLU B 86 -61.03 24.13 -34.94
N TYR B 87 -59.77 24.02 -34.51
CA TYR B 87 -58.78 23.35 -35.33
C TYR B 87 -59.12 21.87 -35.53
N LEU B 88 -59.56 21.21 -34.46
CA LEU B 88 -59.93 19.80 -34.57
C LEU B 88 -61.12 19.61 -35.51
N GLU B 89 -62.09 20.53 -35.46
CA GLU B 89 -63.19 20.48 -36.42
C GLU B 89 -62.68 20.71 -37.83
N GLN B 90 -61.69 21.59 -37.99
CA GLN B 90 -61.12 21.83 -39.31
C GLN B 90 -60.48 20.56 -39.87
N ARG B 91 -59.74 19.82 -39.03
CA ARG B 91 -59.13 18.57 -39.47
C ARG B 91 -59.98 17.35 -39.14
N GLU B 92 -61.17 17.54 -38.58
CA GLU B 92 -62.12 16.45 -38.32
C GLU B 92 -61.50 15.36 -37.45
N GLN B 93 -60.65 15.76 -36.51
CA GLN B 93 -59.97 14.84 -35.61
C GLN B 93 -60.56 14.85 -34.20
N LEU B 94 -61.76 15.41 -34.03
CA LEU B 94 -62.36 15.46 -32.70
C LEU B 94 -62.61 14.06 -32.15
N GLU B 95 -63.11 13.15 -32.98
CA GLU B 95 -63.29 11.77 -32.55
C GLU B 95 -61.95 11.06 -32.33
N ASP B 96 -60.90 11.48 -33.02
CA ASP B 96 -59.60 10.84 -32.94
C ASP B 96 -58.79 11.29 -31.72
N VAL B 97 -59.27 12.29 -30.98
CA VAL B 97 -58.55 12.81 -29.82
C VAL B 97 -59.33 12.62 -28.54
N GLY B 98 -60.34 11.73 -28.53
CA GLY B 98 -61.09 11.44 -27.33
C GLY B 98 -62.24 12.39 -27.04
N GLY B 99 -62.46 13.39 -27.88
CA GLY B 99 -63.56 14.33 -27.68
C GLY B 99 -63.15 15.54 -26.86
N PHE B 100 -64.09 16.50 -26.81
CA PHE B 100 -63.81 17.74 -26.09
C PHE B 100 -63.66 17.49 -24.59
N ALA B 101 -64.36 16.48 -24.07
CA ALA B 101 -64.19 16.13 -22.66
C ALA B 101 -62.75 15.70 -22.37
N TYR B 102 -62.16 14.89 -23.26
CA TYR B 102 -60.76 14.53 -23.11
C TYR B 102 -59.86 15.76 -23.17
N LEU B 103 -60.19 16.71 -24.05
CA LEU B 103 -59.42 17.95 -24.13
C LEU B 103 -59.47 18.71 -22.82
N ALA B 104 -60.65 18.82 -22.22
CA ALA B 104 -60.77 19.48 -20.92
C ALA B 104 -59.99 18.74 -19.86
N ASP B 105 -60.06 17.41 -19.86
CA ASP B 105 -59.33 16.62 -18.87
C ASP B 105 -57.82 16.80 -19.03
N LEU B 106 -57.35 17.04 -20.26
CA LEU B 106 -55.93 17.25 -20.46
C LEU B 106 -55.43 18.49 -19.72
N ALA B 107 -56.21 19.57 -19.76
CA ALA B 107 -55.85 20.81 -19.09
C ALA B 107 -56.35 20.86 -17.65
N LYS B 108 -57.08 19.85 -17.19
CA LYS B 108 -57.61 19.81 -15.84
C LYS B 108 -56.65 19.16 -14.85
N ASN B 109 -55.91 18.15 -15.29
CA ASN B 109 -55.02 17.39 -14.42
C ASN B 109 -53.60 17.93 -14.39
N THR B 110 -53.42 19.23 -14.62
CA THR B 110 -52.09 19.84 -14.55
C THR B 110 -51.97 20.62 -13.24
N PRO B 111 -51.11 20.18 -12.31
CA PRO B 111 -50.95 20.91 -11.04
C PRO B 111 -50.43 22.33 -11.25
N SER B 112 -49.28 22.45 -11.90
CA SER B 112 -48.69 23.76 -12.16
C SER B 112 -47.85 23.68 -13.42
N ALA B 113 -47.64 24.84 -14.05
CA ALA B 113 -46.84 24.96 -15.25
C ALA B 113 -45.40 25.38 -14.95
N ALA B 114 -45.04 25.52 -13.67
CA ALA B 114 -43.70 25.97 -13.31
C ALA B 114 -42.63 24.94 -13.64
N ASN B 115 -43.01 23.67 -13.86
CA ASN B 115 -42.06 22.60 -14.11
C ASN B 115 -42.31 21.97 -15.46
N ILE B 116 -42.69 22.78 -16.45
CA ILE B 116 -42.93 22.27 -17.80
C ILE B 116 -41.63 21.78 -18.43
N ASN B 117 -40.51 22.44 -18.13
CA ASN B 117 -39.22 22.04 -18.69
C ASN B 117 -38.82 20.64 -18.22
N ALA B 118 -39.11 20.32 -16.95
CA ALA B 118 -38.81 18.98 -16.46
C ALA B 118 -39.61 17.92 -17.21
N TYR B 119 -40.89 18.18 -17.44
CA TYR B 119 -41.71 17.24 -18.20
C TYR B 119 -41.18 17.09 -19.62
N ALA B 120 -40.79 18.22 -20.23
CA ALA B 120 -40.26 18.18 -21.60
C ALA B 120 -38.98 17.35 -21.67
N GLU B 121 -38.08 17.53 -20.72
CA GLU B 121 -36.84 16.76 -20.75
C GLU B 121 -37.08 15.30 -20.42
N ILE B 122 -38.08 14.99 -19.59
CA ILE B 122 -38.45 13.59 -19.36
C ILE B 122 -38.94 12.96 -20.66
N VAL B 123 -39.79 13.68 -21.40
CA VAL B 123 -40.29 13.17 -22.67
C VAL B 123 -39.15 12.97 -23.65
N ALA B 124 -38.21 13.92 -23.70
CA ALA B 124 -37.06 13.80 -24.60
C ALA B 124 -36.20 12.60 -24.24
N GLU B 125 -35.98 12.37 -22.94
CA GLU B 125 -35.20 11.21 -22.52
C GLU B 125 -35.91 9.91 -22.88
N ARG B 126 -37.23 9.87 -22.72
CA ARG B 126 -37.99 8.68 -23.11
C ARG B 126 -37.85 8.41 -24.61
N ALA B 127 -37.95 9.47 -25.42
CA ALA B 127 -37.77 9.31 -26.86
C ALA B 127 -36.38 8.81 -27.19
N LEU B 128 -35.36 9.36 -26.51
CA LEU B 128 -33.98 8.94 -26.78
C LEU B 128 -33.76 7.48 -26.43
N VAL B 129 -34.26 7.03 -25.27
CA VAL B 129 -34.05 5.63 -24.90
C VAL B 129 -34.85 4.71 -25.82
N ARG B 130 -36.04 5.14 -26.25
CA ARG B 130 -36.79 4.32 -27.21
C ARG B 130 -36.04 4.18 -28.53
N ASN B 131 -35.46 5.28 -29.01
CA ASN B 131 -34.68 5.22 -30.25
C ASN B 131 -33.45 4.33 -30.09
N LEU B 132 -32.79 4.41 -28.92
CA LEU B 132 -31.64 3.55 -28.67
C LEU B 132 -32.03 2.08 -28.68
N ILE B 133 -33.16 1.75 -28.04
CA ILE B 133 -33.65 0.37 -28.06
C ILE B 133 -33.96 -0.08 -29.48
N GLY B 134 -34.58 0.80 -30.27
CA GLY B 134 -34.86 0.45 -31.66
C GLY B 134 -33.59 0.19 -32.45
N VAL B 135 -32.56 1.02 -32.26
CA VAL B 135 -31.30 0.82 -32.97
C VAL B 135 -30.64 -0.48 -32.56
N ALA B 136 -30.66 -0.79 -31.26
CA ALA B 136 -30.08 -2.04 -30.78
C ALA B 136 -30.81 -3.24 -31.36
N ASN B 137 -32.15 -3.17 -31.41
CA ASN B 137 -32.92 -4.27 -31.99
C ASN B 137 -32.64 -4.42 -33.47
N GLU B 138 -32.48 -3.31 -34.18
CA GLU B 138 -32.13 -3.38 -35.61
C GLU B 138 -30.77 -4.03 -35.80
N ILE B 139 -29.79 -3.68 -34.97
CA ILE B 139 -28.47 -4.30 -35.08
C ILE B 139 -28.56 -5.79 -34.80
N ALA B 140 -29.32 -6.18 -33.77
CA ALA B 140 -29.46 -7.58 -33.44
C ALA B 140 -30.11 -8.35 -34.60
N ASP B 141 -31.15 -7.77 -35.21
CA ASP B 141 -31.79 -8.42 -36.34
C ASP B 141 -30.84 -8.54 -37.53
N ALA B 142 -30.07 -7.48 -37.81
CA ALA B 142 -29.15 -7.53 -38.94
C ALA B 142 -28.01 -8.52 -38.71
N GLY B 143 -27.66 -8.77 -37.45
CA GLY B 143 -26.57 -9.70 -37.17
C GLY B 143 -26.87 -11.12 -37.63
N TYR B 144 -28.09 -11.59 -37.41
CA TYR B 144 -28.44 -12.96 -37.78
C TYR B 144 -28.62 -13.14 -39.27
N ASP B 145 -28.73 -12.06 -40.04
CA ASP B 145 -28.92 -12.12 -41.49
C ASP B 145 -27.87 -11.24 -42.15
N PRO B 146 -26.64 -11.76 -42.28
CA PRO B 146 -25.57 -10.95 -42.90
C PRO B 146 -25.87 -10.49 -44.31
N GLN B 147 -26.58 -11.31 -45.10
CA GLN B 147 -26.88 -11.00 -46.49
C GLN B 147 -25.59 -10.72 -47.27
N GLY B 148 -24.63 -11.62 -47.13
CA GLY B 148 -23.36 -11.49 -47.83
C GLY B 148 -22.50 -10.32 -47.36
N ARG B 149 -22.39 -10.12 -46.05
CA ARG B 149 -21.53 -9.09 -45.50
C ARG B 149 -20.56 -9.72 -44.50
N ASN B 150 -19.43 -9.06 -44.30
CA ASN B 150 -18.39 -9.59 -43.44
C ASN B 150 -18.52 -9.01 -42.03
N ALA B 151 -17.67 -9.50 -41.12
CA ALA B 151 -17.69 -9.01 -39.74
C ALA B 151 -17.29 -7.54 -39.67
N GLU B 152 -16.32 -7.13 -40.47
CA GLU B 152 -15.91 -5.72 -40.48
C GLU B 152 -17.05 -4.83 -40.93
N ASP B 153 -17.81 -5.25 -41.94
CA ASP B 153 -18.96 -4.47 -42.38
C ASP B 153 -20.01 -4.37 -41.28
N LEU B 154 -20.26 -5.47 -40.56
CA LEU B 154 -21.22 -5.43 -39.46
C LEU B 154 -20.75 -4.49 -38.36
N LEU B 155 -19.46 -4.52 -38.02
CA LEU B 155 -18.92 -3.63 -37.01
C LEU B 155 -19.04 -2.17 -37.44
N ASP B 156 -18.74 -1.89 -38.71
CA ASP B 156 -18.87 -0.53 -39.21
C ASP B 156 -20.32 -0.06 -39.17
N LEU B 157 -21.25 -0.95 -39.55
CA LEU B 157 -22.67 -0.59 -39.49
C LEU B 157 -23.10 -0.31 -38.06
N ALA B 158 -22.65 -1.13 -37.10
CA ALA B 158 -22.98 -0.88 -35.71
C ALA B 158 -22.40 0.45 -35.23
N GLU B 159 -21.16 0.74 -35.60
CA GLU B 159 -20.56 2.01 -35.23
C GLU B 159 -21.34 3.19 -35.80
N SER B 160 -21.73 3.10 -37.07
CA SER B 160 -22.50 4.18 -37.69
C SER B 160 -23.85 4.36 -37.00
N LYS B 161 -24.54 3.24 -36.71
CA LYS B 161 -25.85 3.34 -36.07
C LYS B 161 -25.74 3.94 -34.67
N VAL B 162 -24.74 3.53 -33.89
CA VAL B 162 -24.61 4.07 -32.54
C VAL B 162 -24.14 5.52 -32.57
N PHE B 163 -23.35 5.90 -33.58
CA PHE B 163 -22.88 7.27 -33.68
C PHE B 163 -23.97 8.21 -34.17
N ALA B 164 -24.94 7.70 -34.94
CA ALA B 164 -26.03 8.54 -35.40
C ALA B 164 -26.86 9.07 -34.24
N ILE B 165 -27.08 8.23 -33.22
CA ILE B 165 -27.84 8.66 -32.05
C ILE B 165 -27.14 9.82 -31.35
N ALA B 166 -25.82 9.71 -31.17
CA ALA B 166 -25.06 10.78 -30.54
C ALA B 166 -25.08 12.03 -31.41
N GLU B 167 -24.97 11.87 -32.73
CA GLU B 167 -24.97 13.01 -33.63
C GLU B 167 -26.30 13.76 -33.58
N ALA B 168 -27.40 13.02 -33.48
CA ALA B 168 -28.74 13.62 -33.43
C ALA B 168 -29.16 14.01 -32.02
N ARG B 169 -28.23 14.05 -31.07
CA ARG B 169 -28.58 14.44 -29.70
C ARG B 169 -29.09 15.87 -29.64
N THR B 170 -28.36 16.79 -30.25
CA THR B 170 -28.63 18.23 -30.32
C THR B 170 -28.59 18.90 -28.94
N SER B 171 -28.33 18.15 -27.87
CA SER B 171 -28.26 18.73 -26.53
C SER B 171 -27.37 17.82 -25.68
N GLU B 172 -26.13 18.27 -25.44
CA GLU B 172 -25.17 17.50 -24.66
C GLU B 172 -24.45 18.44 -23.71
N ASN B 173 -24.31 18.03 -22.45
CA ASN B 173 -23.57 18.81 -21.48
C ASN B 173 -22.07 18.71 -21.75
N GLU B 174 -21.36 19.80 -21.44
CA GLU B 174 -19.92 19.88 -21.65
C GLU B 174 -19.56 19.62 -23.11
N GLY B 175 -18.33 19.18 -23.37
CA GLY B 175 -17.90 18.85 -24.70
C GLY B 175 -17.46 20.06 -25.50
N PRO B 176 -16.92 19.82 -26.70
CA PRO B 176 -16.50 20.92 -27.55
C PRO B 176 -17.67 21.75 -28.04
N LYS B 177 -17.41 23.02 -28.30
CA LYS B 177 -18.42 23.93 -28.82
C LYS B 177 -17.84 24.70 -30.01
N ASN B 178 -18.72 25.06 -30.94
CA ASN B 178 -18.31 25.82 -32.11
C ASN B 178 -17.98 27.26 -31.71
N VAL B 179 -17.40 28.00 -32.66
CA VAL B 179 -16.97 29.36 -32.39
C VAL B 179 -18.12 30.37 -32.42
N ASP B 180 -19.24 30.04 -33.07
CA ASP B 180 -20.33 31.00 -33.21
C ASP B 180 -20.97 31.32 -31.86
N SER B 181 -21.29 30.30 -31.07
CA SER B 181 -21.92 30.53 -29.77
C SER B 181 -21.00 31.32 -28.84
N ILE B 182 -19.72 30.95 -28.80
CA ILE B 182 -18.77 31.65 -27.95
C ILE B 182 -18.63 33.10 -28.38
N LEU B 183 -18.57 33.34 -29.70
CA LEU B 183 -18.47 34.71 -30.20
C LEU B 183 -19.70 35.52 -29.83
N GLU B 184 -20.90 34.93 -29.95
CA GLU B 184 -22.11 35.65 -29.61
C GLU B 184 -22.15 36.00 -28.12
N ARG B 185 -21.78 35.04 -27.26
CA ARG B 185 -21.77 35.31 -25.83
C ARG B 185 -20.76 36.39 -25.47
N THR B 186 -19.56 36.34 -26.08
CA THR B 186 -18.55 37.35 -25.81
C THR B 186 -19.00 38.73 -26.27
N LEU B 187 -19.63 38.81 -27.44
CA LEU B 187 -20.13 40.09 -27.93
C LEU B 187 -21.23 40.63 -27.04
N GLU B 188 -22.12 39.76 -26.55
CA GLU B 188 -23.15 40.20 -25.62
C GLU B 188 -22.53 40.74 -24.34
N ARG B 189 -21.51 40.06 -23.82
CA ARG B 189 -20.83 40.53 -22.61
C ARG B 189 -20.18 41.90 -22.84
N ILE B 190 -19.51 42.07 -23.97
CA ILE B 190 -18.84 43.33 -24.26
C ILE B 190 -19.86 44.46 -24.41
N GLU B 191 -20.97 44.20 -25.10
CA GLU B 191 -22.00 45.22 -25.25
C GLU B 191 -22.62 45.59 -23.91
N LEU B 192 -22.87 44.59 -23.06
CA LEU B 192 -23.43 44.86 -21.74
C LEU B 192 -22.47 45.71 -20.90
N LEU B 193 -21.18 45.41 -20.96
CA LEU B 193 -20.19 46.22 -20.26
C LEU B 193 -20.14 47.64 -20.83
N TYR B 194 -20.26 47.78 -22.15
CA TYR B 194 -20.19 49.10 -22.78
C TYR B 194 -21.40 49.95 -22.43
N LYS B 195 -22.57 49.34 -22.31
CA LYS B 195 -23.79 50.10 -22.02
C LYS B 195 -23.84 50.64 -20.59
N THR B 196 -23.00 50.13 -19.69
CA THR B 196 -23.00 50.54 -18.29
C THR B 196 -21.72 51.29 -17.97
N PRO B 197 -21.78 52.61 -17.77
CA PRO B 197 -20.56 53.35 -17.38
C PRO B 197 -20.20 53.06 -15.93
N GLN B 198 -18.94 52.70 -15.71
CA GLN B 198 -18.46 52.34 -14.37
C GLN B 198 -17.09 52.95 -14.06
N ASP B 199 -16.62 53.88 -14.90
CA ASP B 199 -15.36 54.58 -14.66
C ASP B 199 -14.18 53.62 -14.55
N GLY B 200 -14.15 52.62 -15.42
CA GLY B 200 -13.02 51.72 -15.50
C GLY B 200 -12.95 50.62 -14.46
N VAL B 201 -14.00 50.43 -13.67
CA VAL B 201 -14.04 49.38 -12.65
C VAL B 201 -15.13 48.40 -13.04
N THR B 202 -14.74 47.14 -13.25
CA THR B 202 -15.69 46.11 -13.67
C THR B 202 -15.68 44.89 -12.74
N GLY B 203 -15.17 45.04 -11.51
CA GLY B 203 -15.18 43.95 -10.56
C GLY B 203 -15.63 44.39 -9.19
N VAL B 204 -14.80 44.12 -8.17
CA VAL B 204 -15.06 44.53 -6.79
C VAL B 204 -14.07 45.63 -6.44
N ASN B 205 -14.60 46.75 -5.95
CA ASN B 205 -13.75 47.90 -5.64
C ASN B 205 -12.75 47.53 -4.55
N THR B 206 -11.48 47.90 -4.77
CA THR B 206 -10.42 47.57 -3.85
C THR B 206 -10.11 48.68 -2.85
N GLY B 207 -10.54 49.91 -3.12
CA GLY B 207 -10.35 51.02 -2.23
C GLY B 207 -9.20 51.94 -2.60
N PHE B 208 -8.30 51.50 -3.47
CA PHE B 208 -7.14 52.27 -3.86
C PHE B 208 -7.26 52.65 -5.34
N THR B 209 -6.95 53.91 -5.65
CA THR B 209 -7.13 54.40 -7.01
C THR B 209 -6.14 53.75 -7.97
N ASP B 210 -4.86 53.71 -7.59
CA ASP B 210 -3.85 53.14 -8.48
C ASP B 210 -4.07 51.65 -8.71
N LEU B 211 -4.40 50.92 -7.64
CA LEU B 211 -4.66 49.49 -7.76
C LEU B 211 -5.86 49.23 -8.65
N ASN B 212 -6.91 50.04 -8.51
CA ASN B 212 -8.07 49.89 -9.39
C ASN B 212 -7.71 50.20 -10.84
N LYS B 213 -6.90 51.23 -11.06
CA LYS B 213 -6.52 51.60 -12.41
C LYS B 213 -5.71 50.49 -13.07
N LYS B 214 -4.79 49.87 -12.33
CA LYS B 214 -3.98 48.80 -12.90
C LYS B 214 -4.59 47.42 -12.76
N THR B 215 -5.79 47.30 -12.17
CA THR B 215 -6.40 46.00 -11.95
C THR B 215 -7.88 45.94 -12.36
N ALA B 216 -8.56 47.08 -12.46
CA ALA B 216 -10.00 47.13 -12.75
C ALA B 216 -10.78 46.32 -11.70
N GLY B 217 -10.36 46.42 -10.44
CA GLY B 217 -11.01 45.72 -9.36
C GLY B 217 -10.60 44.26 -9.30
N LEU B 218 -11.18 43.56 -8.33
CA LEU B 218 -10.94 42.14 -8.14
C LEU B 218 -11.94 41.37 -9.00
N GLN B 219 -11.47 40.85 -10.13
CA GLN B 219 -12.34 40.15 -11.05
C GLN B 219 -12.72 38.78 -10.49
N GLY B 220 -13.87 38.27 -10.96
CA GLY B 220 -14.34 36.98 -10.51
C GLY B 220 -13.59 35.83 -11.17
N SER B 221 -13.78 34.64 -10.59
CA SER B 221 -13.17 33.40 -11.08
C SER B 221 -11.64 33.51 -11.13
N ASP B 222 -11.07 34.23 -10.18
CA ASP B 222 -9.63 34.44 -10.12
C ASP B 222 -9.12 34.13 -8.73
N LEU B 223 -7.89 33.64 -8.66
CA LEU B 223 -7.17 33.42 -7.42
C LEU B 223 -6.10 34.49 -7.27
N ILE B 224 -6.21 35.28 -6.21
CA ILE B 224 -5.32 36.41 -5.95
C ILE B 224 -4.46 36.07 -4.75
N ILE B 225 -3.15 36.22 -4.88
CA ILE B 225 -2.19 35.92 -3.84
C ILE B 225 -1.55 37.21 -3.37
N VAL B 226 -1.65 37.48 -2.07
CA VAL B 226 -0.96 38.60 -1.42
C VAL B 226 0.06 38.01 -0.47
N ALA B 227 1.34 38.26 -0.74
CA ALA B 227 2.42 37.64 0.03
C ALA B 227 3.50 38.67 0.34
N ALA B 228 4.16 38.49 1.47
CA ALA B 228 5.25 39.36 1.89
C ALA B 228 6.01 38.67 3.01
N ARG B 229 7.15 39.26 3.37
CA ARG B 229 7.93 38.76 4.49
C ARG B 229 7.15 38.94 5.78
N PRO B 230 7.49 38.16 6.82
CA PRO B 230 6.77 38.31 8.10
C PRO B 230 6.88 39.72 8.63
N SER B 231 5.78 40.22 9.21
CA SER B 231 5.67 41.57 9.73
C SER B 231 5.94 42.61 8.64
N MET B 232 5.08 42.60 7.63
CA MET B 232 5.16 43.57 6.54
C MET B 232 3.84 44.21 6.16
N GLY B 233 2.73 43.84 6.78
CA GLY B 233 1.45 44.45 6.47
C GLY B 233 0.56 43.61 5.58
N LYS B 234 0.78 42.29 5.59
CA LYS B 234 0.00 41.35 4.80
C LYS B 234 -1.43 41.25 5.30
N THR B 235 -1.61 40.86 6.56
CA THR B 235 -2.95 40.74 7.12
C THR B 235 -3.64 42.09 7.17
N THR B 236 -2.88 43.16 7.41
CA THR B 236 -3.47 44.49 7.41
C THR B 236 -4.04 44.85 6.04
N PHE B 237 -3.28 44.58 4.98
CA PHE B 237 -3.76 44.86 3.63
C PHE B 237 -4.99 44.00 3.30
N ALA B 238 -4.94 42.72 3.66
CA ALA B 238 -6.08 41.84 3.39
C ALA B 238 -7.33 42.33 4.12
N MET B 239 -7.20 42.71 5.39
CA MET B 239 -8.36 43.18 6.13
C MET B 239 -8.84 44.54 5.63
N ASN B 240 -7.93 45.39 5.16
CA ASN B 240 -8.37 46.64 4.54
C ASN B 240 -9.22 46.38 3.32
N LEU B 241 -8.79 45.45 2.46
CA LEU B 241 -9.59 45.09 1.30
C LEU B 241 -10.94 44.53 1.72
N CYS B 242 -10.94 43.65 2.73
CA CYS B 242 -12.20 43.04 3.16
C CYS B 242 -13.16 44.09 3.72
N GLU B 243 -12.65 45.03 4.52
CA GLU B 243 -13.50 46.07 5.08
C GLU B 243 -14.08 46.96 3.99
N ASN B 244 -13.26 47.36 3.01
CA ASN B 244 -13.76 48.18 1.92
C ASN B 244 -14.82 47.44 1.12
N ALA B 245 -14.58 46.15 0.82
CA ALA B 245 -15.56 45.37 0.08
C ALA B 245 -16.85 45.22 0.84
N ALA B 246 -16.77 44.97 2.15
CA ALA B 246 -17.97 44.80 2.96
C ALA B 246 -18.77 46.09 3.03
N MET B 247 -18.10 47.22 3.19
CA MET B 247 -18.81 48.50 3.24
C MET B 247 -19.44 48.84 1.89
N GLU B 248 -18.75 48.53 0.79
CA GLU B 248 -19.24 48.96 -0.52
C GLU B 248 -20.26 47.98 -1.11
N GLN B 249 -19.93 46.69 -1.12
CA GLN B 249 -20.76 45.71 -1.82
C GLN B 249 -22.05 45.44 -1.05
N ASP B 250 -22.84 44.51 -1.58
CA ASP B 250 -24.11 44.12 -0.99
C ASP B 250 -24.09 42.70 -0.43
N LYS B 251 -23.71 41.72 -1.24
CA LYS B 251 -23.67 40.34 -0.78
C LYS B 251 -22.56 40.15 0.25
N PRO B 252 -22.73 39.21 1.18
CA PRO B 252 -21.80 39.12 2.32
C PRO B 252 -20.41 38.66 1.91
N VAL B 253 -19.45 39.05 2.75
CA VAL B 253 -18.05 38.68 2.60
C VAL B 253 -17.75 37.54 3.57
N LEU B 254 -16.88 36.62 3.14
CA LEU B 254 -16.52 35.45 3.94
C LEU B 254 -15.02 35.46 4.17
N ILE B 255 -14.61 35.26 5.43
CA ILE B 255 -13.21 35.27 5.82
C ILE B 255 -12.91 34.00 6.58
N PHE B 256 -11.80 33.35 6.23
CA PHE B 256 -11.31 32.16 6.94
C PHE B 256 -9.98 32.53 7.61
N SER B 257 -10.00 32.70 8.93
CA SER B 257 -8.82 33.05 9.70
C SER B 257 -8.29 31.79 10.37
N LEU B 258 -7.18 31.27 9.85
CA LEU B 258 -6.56 30.07 10.38
C LEU B 258 -5.50 30.37 11.43
N GLU B 259 -5.20 31.63 11.70
CA GLU B 259 -4.20 32.02 12.67
C GLU B 259 -4.78 32.75 13.87
N MET B 260 -5.52 33.83 13.65
CA MET B 260 -6.06 34.61 14.75
C MET B 260 -7.54 34.30 14.97
N PRO B 261 -8.00 34.38 16.21
CA PRO B 261 -9.44 34.22 16.47
C PRO B 261 -10.23 35.39 15.94
N ALA B 262 -11.56 35.32 16.03
CA ALA B 262 -12.39 36.42 15.56
C ALA B 262 -12.22 37.67 16.40
N GLU B 263 -11.78 37.52 17.65
CA GLU B 263 -11.65 38.67 18.54
C GLU B 263 -10.57 39.63 18.05
N GLN B 264 -9.39 39.11 17.70
CA GLN B 264 -8.31 39.98 17.24
C GLN B 264 -8.67 40.67 15.93
N ILE B 265 -9.29 39.93 15.00
CA ILE B 265 -9.70 40.52 13.73
C ILE B 265 -10.73 41.62 13.96
N MET B 266 -11.70 41.37 14.84
CA MET B 266 -12.71 42.38 15.14
C MET B 266 -12.08 43.62 15.77
N MET B 267 -11.12 43.43 16.68
CA MET B 267 -10.45 44.57 17.30
C MET B 267 -9.69 45.38 16.27
N ARG B 268 -8.97 44.70 15.37
CA ARG B 268 -8.24 45.42 14.33
C ARG B 268 -9.18 46.17 13.41
N MET B 269 -10.31 45.55 13.04
CA MET B 269 -11.28 46.21 12.17
C MET B 269 -11.88 47.43 12.85
N LEU B 270 -12.24 47.32 14.14
CA LEU B 270 -12.76 48.47 14.87
C LEU B 270 -11.73 49.59 14.94
N ALA B 271 -10.47 49.25 15.22
CA ALA B 271 -9.43 50.26 15.30
C ALA B 271 -9.24 50.96 13.95
N SER B 272 -9.28 50.19 12.86
CA SER B 272 -9.06 50.78 11.54
C SER B 272 -10.23 51.66 11.13
N LEU B 273 -11.46 51.18 11.29
CA LEU B 273 -12.61 51.94 10.79
C LEU B 273 -12.94 53.12 11.69
N SER B 274 -12.66 53.02 12.98
CA SER B 274 -12.97 54.08 13.93
C SER B 274 -11.79 54.99 14.21
N ARG B 275 -10.65 54.78 13.54
CA ARG B 275 -9.46 55.61 13.70
C ARG B 275 -9.03 55.69 15.16
N VAL B 276 -8.86 54.53 15.77
CA VAL B 276 -8.43 54.40 17.15
C VAL B 276 -7.16 53.56 17.20
N ASP B 277 -6.24 53.95 18.07
CA ASP B 277 -4.97 53.24 18.18
C ASP B 277 -5.20 51.80 18.62
N GLN B 278 -4.45 50.89 18.01
CA GLN B 278 -4.55 49.47 18.37
C GLN B 278 -4.10 49.23 19.81
N THR B 279 -3.01 49.89 20.22
CA THR B 279 -2.51 49.71 21.58
C THR B 279 -3.52 50.18 22.61
N LYS B 280 -4.19 51.31 22.35
CA LYS B 280 -5.21 51.80 23.27
C LYS B 280 -6.36 50.82 23.40
N ILE B 281 -6.79 50.23 22.28
CA ILE B 281 -7.87 49.24 22.32
C ILE B 281 -7.43 48.01 23.10
N ARG B 282 -6.21 47.53 22.87
CA ARG B 282 -5.73 46.35 23.56
C ARG B 282 -5.60 46.58 25.05
N THR B 283 -5.10 47.74 25.46
CA THR B 283 -4.90 48.04 26.87
C THR B 283 -6.17 48.49 27.58
N GLY B 284 -7.24 48.78 26.85
CA GLY B 284 -8.48 49.20 27.46
C GLY B 284 -8.57 50.66 27.82
N GLN B 285 -7.59 51.48 27.43
CA GLN B 285 -7.60 52.91 27.69
C GLN B 285 -8.16 53.64 26.48
N LEU B 286 -9.23 54.39 26.68
CA LEU B 286 -9.90 55.10 25.59
C LEU B 286 -10.24 56.51 26.06
N ASP B 287 -11.03 57.22 25.26
CA ASP B 287 -11.50 58.55 25.59
C ASP B 287 -12.90 58.73 25.02
N ASP B 288 -13.49 59.90 25.27
CA ASP B 288 -14.86 60.15 24.83
C ASP B 288 -14.97 60.13 23.31
N GLU B 289 -14.04 60.77 22.61
CA GLU B 289 -14.09 60.80 21.15
C GLU B 289 -13.93 59.39 20.58
N ASP B 290 -13.00 58.62 21.13
CA ASP B 290 -12.81 57.25 20.67
C ASP B 290 -14.05 56.40 20.92
N TRP B 291 -14.68 56.57 22.08
CA TRP B 291 -15.89 55.83 22.36
C TRP B 291 -17.01 56.20 21.42
N ALA B 292 -17.17 57.49 21.11
CA ALA B 292 -18.20 57.92 20.17
C ALA B 292 -17.94 57.33 18.78
N ARG B 293 -16.70 57.38 18.32
CA ARG B 293 -16.38 56.81 17.00
C ARG B 293 -16.62 55.31 16.98
N ILE B 294 -16.26 54.61 18.06
CA ILE B 294 -16.49 53.16 18.12
C ILE B 294 -17.98 52.86 18.11
N SER B 295 -18.79 53.65 18.83
CA SER B 295 -20.23 53.44 18.83
C SER B 295 -20.81 53.67 17.43
N SER B 296 -20.36 54.71 16.74
CA SER B 296 -20.83 54.96 15.38
C SER B 296 -20.46 53.82 14.44
N THR B 297 -19.21 53.35 14.53
CA THR B 297 -18.77 52.24 13.68
C THR B 297 -19.56 50.98 13.98
N MET B 298 -19.82 50.70 15.25
CA MET B 298 -20.61 49.54 15.63
C MET B 298 -22.03 49.64 15.08
N GLY B 299 -22.64 50.83 15.17
CA GLY B 299 -23.97 51.01 14.62
C GLY B 299 -24.01 50.78 13.12
N ILE B 300 -23.03 51.33 12.40
CA ILE B 300 -22.97 51.15 10.95
C ILE B 300 -22.80 49.68 10.61
N LEU B 301 -21.88 49.00 11.31
CA LEU B 301 -21.60 47.59 11.02
C LEU B 301 -22.82 46.72 11.31
N MET B 302 -23.51 46.98 12.42
CA MET B 302 -24.74 46.24 12.71
C MET B 302 -25.83 46.55 11.70
N GLU B 303 -25.84 47.76 11.15
CA GLU B 303 -26.78 48.06 10.06
C GLU B 303 -26.47 47.25 8.82
N LYS B 304 -25.19 47.10 8.48
CA LYS B 304 -24.83 46.38 7.26
C LYS B 304 -24.99 44.87 7.44
N LYS B 305 -24.23 44.27 8.36
CA LYS B 305 -24.30 42.84 8.65
C LYS B 305 -24.11 42.00 7.39
N ASN B 306 -22.94 42.13 6.78
CA ASN B 306 -22.61 41.41 5.55
C ASN B 306 -21.20 40.84 5.63
N MET B 307 -20.87 40.21 6.75
CA MET B 307 -19.54 39.63 6.94
C MET B 307 -19.66 38.36 7.76
N TYR B 308 -18.67 37.48 7.60
CA TYR B 308 -18.59 36.24 8.35
C TYR B 308 -17.12 35.90 8.58
N ILE B 309 -16.79 35.46 9.79
CA ILE B 309 -15.44 35.10 10.17
C ILE B 309 -15.45 33.68 10.71
N ASP B 310 -14.52 32.86 10.25
CA ASP B 310 -14.36 31.49 10.72
C ASP B 310 -12.95 31.30 11.26
N ASP B 311 -12.84 30.59 12.39
CA ASP B 311 -11.56 30.45 13.07
C ASP B 311 -11.10 29.00 13.21
N SER B 312 -11.81 28.04 12.61
CA SER B 312 -11.38 26.65 12.72
C SER B 312 -10.03 26.46 12.04
N SER B 313 -9.13 25.77 12.73
CA SER B 313 -7.76 25.58 12.29
C SER B 313 -7.62 24.27 11.50
N GLY B 314 -6.72 24.29 10.52
CA GLY B 314 -6.43 23.11 9.73
C GLY B 314 -7.60 22.62 8.91
N LEU B 315 -8.30 23.54 8.25
CA LEU B 315 -9.48 23.20 7.47
C LEU B 315 -9.07 22.46 6.20
N THR B 316 -9.75 21.34 5.93
CA THR B 316 -9.60 20.68 4.65
C THR B 316 -10.40 21.42 3.58
N PRO B 317 -10.00 21.32 2.32
CA PRO B 317 -10.70 22.08 1.26
C PRO B 317 -12.19 21.78 1.18
N THR B 318 -12.60 20.53 1.43
CA THR B 318 -14.01 20.20 1.35
C THR B 318 -14.82 20.93 2.41
N GLU B 319 -14.26 21.09 3.61
CA GLU B 319 -15.00 21.76 4.68
C GLU B 319 -15.24 23.23 4.36
N VAL B 320 -14.21 23.93 3.88
CA VAL B 320 -14.38 25.33 3.52
C VAL B 320 -15.32 25.46 2.32
N ARG B 321 -15.23 24.53 1.37
CA ARG B 321 -16.16 24.54 0.25
C ARG B 321 -17.60 24.41 0.73
N SER B 322 -17.85 23.46 1.64
CA SER B 322 -19.21 23.25 2.14
C SER B 322 -19.71 24.46 2.92
N ARG B 323 -18.85 25.06 3.75
CA ARG B 323 -19.27 26.22 4.53
C ARG B 323 -19.57 27.41 3.62
N ALA B 324 -18.72 27.64 2.61
CA ALA B 324 -18.98 28.72 1.66
C ALA B 324 -20.26 28.48 0.88
N ARG B 325 -20.51 27.23 0.48
CA ARG B 325 -21.75 26.91 -0.20
C ARG B 325 -22.96 27.18 0.68
N ARG B 326 -22.87 26.81 1.97
CA ARG B 326 -23.98 27.05 2.88
C ARG B 326 -24.24 28.54 3.05
N ILE B 327 -23.19 29.33 3.23
CA ILE B 327 -23.38 30.77 3.41
C ILE B 327 -23.97 31.39 2.15
N ALA B 328 -23.45 30.99 0.98
CA ALA B 328 -23.96 31.54 -0.28
C ALA B 328 -25.42 31.17 -0.48
N ARG B 329 -25.79 29.93 -0.15
CA ARG B 329 -27.19 29.53 -0.27
C ARG B 329 -28.07 30.32 0.69
N GLU B 330 -27.59 30.56 1.91
CA GLU B 330 -28.38 31.32 2.88
C GLU B 330 -28.60 32.75 2.41
N HIS B 331 -27.55 33.40 1.89
CA HIS B 331 -27.65 34.80 1.49
C HIS B 331 -27.79 35.00 -0.01
N GLY B 332 -27.93 33.92 -0.79
CA GLY B 332 -28.12 34.06 -2.22
C GLY B 332 -26.92 34.64 -2.95
N GLY B 333 -25.71 34.26 -2.58
CA GLY B 333 -24.51 34.73 -3.27
C GLY B 333 -23.47 35.27 -2.31
N LEU B 334 -22.25 35.42 -2.82
CA LEU B 334 -21.14 35.97 -2.06
C LEU B 334 -20.48 37.09 -2.87
N SER B 335 -19.48 37.73 -2.26
CA SER B 335 -18.77 38.82 -2.92
C SER B 335 -17.27 38.61 -2.89
N LEU B 336 -16.77 37.94 -1.85
CA LEU B 336 -15.33 37.78 -1.68
C LEU B 336 -15.07 36.69 -0.65
N ILE B 337 -14.12 35.81 -0.96
CA ILE B 337 -13.68 34.76 -0.05
C ILE B 337 -12.20 34.97 0.24
N MET B 338 -11.84 34.97 1.52
CA MET B 338 -10.47 35.22 1.93
C MET B 338 -10.00 34.12 2.88
N VAL B 339 -8.77 33.68 2.68
CA VAL B 339 -8.14 32.64 3.50
C VAL B 339 -6.81 33.20 4.00
N ASP B 340 -6.50 32.95 5.28
CA ASP B 340 -5.29 33.47 5.91
C ASP B 340 -4.78 32.41 6.90
N TYR B 341 -3.86 31.56 6.45
CA TYR B 341 -3.41 31.55 5.07
C TYR B 341 -3.41 30.12 4.53
N LEU B 342 -3.18 29.97 3.23
CA LEU B 342 -3.31 28.67 2.57
C LEU B 342 -2.28 27.66 3.04
N GLN B 343 -1.19 28.10 3.68
CA GLN B 343 -0.14 27.19 4.12
C GLN B 343 -0.49 26.46 5.41
N LEU B 344 -1.60 26.80 6.06
CA LEU B 344 -2.03 26.10 7.27
C LEU B 344 -3.08 25.03 7.01
N MET B 345 -3.72 25.04 5.84
CA MET B 345 -4.70 24.00 5.53
C MET B 345 -4.00 22.66 5.36
N ARG B 346 -4.71 21.60 5.73
CA ARG B 346 -4.17 20.25 5.72
C ARG B 346 -5.03 19.34 4.88
N VAL B 347 -4.37 18.52 4.07
CA VAL B 347 -5.00 17.46 3.29
C VAL B 347 -4.54 16.12 3.86
N PRO B 348 -5.41 15.38 4.55
CA PRO B 348 -4.95 14.14 5.21
C PRO B 348 -4.40 13.10 4.25
N ALA B 349 -4.94 13.01 3.03
CA ALA B 349 -4.53 11.94 2.11
C ALA B 349 -3.13 12.15 1.55
N LEU B 350 -2.59 13.37 1.59
CA LEU B 350 -1.29 13.68 1.00
C LEU B 350 -0.39 14.35 2.02
N THR B 351 -0.31 13.76 3.21
CA THR B 351 0.55 14.31 4.26
C THR B 351 2.01 13.90 4.08
N ASP B 352 2.30 12.95 3.20
CA ASP B 352 3.67 12.49 3.00
C ASP B 352 4.48 13.41 2.12
N ASN B 353 3.85 14.32 1.38
CA ASN B 353 4.56 15.26 0.51
C ASN B 353 3.90 16.62 0.63
N ARG B 354 4.71 17.64 0.95
CA ARG B 354 4.16 18.97 1.16
C ARG B 354 3.82 19.65 -0.17
N THR B 355 4.63 19.41 -1.21
CA THR B 355 4.42 20.09 -2.49
C THR B 355 3.09 19.70 -3.10
N LEU B 356 2.76 18.40 -3.10
CA LEU B 356 1.49 17.96 -3.64
C LEU B 356 0.32 18.49 -2.81
N GLU B 357 0.50 18.58 -1.48
CA GLU B 357 -0.53 19.14 -0.63
C GLU B 357 -0.80 20.60 -0.96
N ILE B 358 0.25 21.39 -1.16
CA ILE B 358 0.06 22.80 -1.50
C ILE B 358 -0.56 22.93 -2.90
N ALA B 359 -0.16 22.06 -3.83
CA ALA B 359 -0.76 22.08 -5.16
C ALA B 359 -2.25 21.78 -5.09
N GLU B 360 -2.63 20.79 -4.29
CA GLU B 360 -4.05 20.46 -4.13
C GLU B 360 -4.80 21.61 -3.48
N ILE B 361 -4.19 22.28 -2.49
CA ILE B 361 -4.84 23.41 -1.84
C ILE B 361 -5.11 24.52 -2.85
N SER B 362 -4.09 24.86 -3.66
CA SER B 362 -4.26 25.92 -4.65
C SER B 362 -5.31 25.55 -5.69
N ARG B 363 -5.29 24.29 -6.15
CA ARG B 363 -6.27 23.86 -7.13
C ARG B 363 -7.69 23.91 -6.55
N SER B 364 -7.85 23.52 -5.29
CA SER B 364 -9.17 23.57 -4.66
C SER B 364 -9.65 25.02 -4.51
N LEU B 365 -8.75 25.93 -4.14
CA LEU B 365 -9.14 27.34 -4.05
C LEU B 365 -9.56 27.89 -5.41
N LYS B 366 -8.80 27.56 -6.46
CA LYS B 366 -9.17 28.01 -7.80
C LYS B 366 -10.51 27.43 -8.24
N ALA B 367 -10.75 26.15 -7.94
CA ALA B 367 -12.01 25.52 -8.30
C ALA B 367 -13.18 26.16 -7.57
N LEU B 368 -13.00 26.48 -6.28
CA LEU B 368 -14.05 27.15 -5.53
C LEU B 368 -14.33 28.53 -6.10
N ALA B 369 -13.28 29.27 -6.46
CA ALA B 369 -13.46 30.59 -7.05
C ALA B 369 -14.23 30.49 -8.36
N LYS B 370 -13.89 29.51 -9.20
CA LYS B 370 -14.60 29.33 -10.46
C LYS B 370 -16.06 28.95 -10.23
N GLU B 371 -16.32 28.08 -9.25
CA GLU B 371 -17.67 27.58 -9.03
C GLU B 371 -18.58 28.66 -8.46
N LEU B 372 -18.12 29.39 -7.45
CA LEU B 372 -18.95 30.40 -6.82
C LEU B 372 -18.94 31.73 -7.58
N ASN B 373 -18.11 31.87 -8.60
CA ASN B 373 -18.04 33.09 -9.40
C ASN B 373 -17.76 34.32 -8.54
N VAL B 374 -16.88 34.16 -7.56
CA VAL B 374 -16.45 35.26 -6.71
C VAL B 374 -14.93 35.23 -6.60
N PRO B 375 -14.26 36.37 -6.47
CA PRO B 375 -12.81 36.35 -6.29
C PRO B 375 -12.43 35.73 -4.96
N VAL B 376 -11.30 35.02 -4.97
CA VAL B 376 -10.74 34.43 -3.76
C VAL B 376 -9.37 35.03 -3.53
N VAL B 377 -9.08 35.40 -2.28
CA VAL B 377 -7.80 35.97 -1.89
C VAL B 377 -7.17 35.04 -0.88
N ALA B 378 -5.98 34.53 -1.19
CA ALA B 378 -5.25 33.63 -0.31
C ALA B 378 -3.88 34.20 -0.03
N LEU B 379 -3.51 34.26 1.24
CA LEU B 379 -2.22 34.79 1.65
C LEU B 379 -1.16 33.68 1.64
N SER B 380 0.09 34.10 1.48
CA SER B 380 1.21 33.16 1.44
C SER B 380 2.45 33.86 1.97
N GLN B 381 3.48 33.06 2.25
CA GLN B 381 4.72 33.55 2.80
C GLN B 381 5.80 33.62 1.72
N LEU B 382 7.03 33.93 2.14
CA LEU B 382 8.16 34.01 1.23
C LEU B 382 9.35 33.28 1.83
N ASN B 383 10.22 32.78 0.96
CA ASN B 383 11.41 32.07 1.40
C ASN B 383 12.41 33.04 2.02
N ARG B 384 13.35 32.48 2.78
CA ARG B 384 14.42 33.26 3.38
C ARG B 384 15.53 33.58 2.40
N SER B 385 15.50 33.01 1.19
CA SER B 385 16.53 33.29 0.19
C SER B 385 16.49 34.73 -0.29
N LEU B 386 15.42 35.46 0.02
CA LEU B 386 15.34 36.87 -0.38
C LEU B 386 16.43 37.69 0.29
N GLU B 387 16.72 37.40 1.57
CA GLU B 387 17.71 38.17 2.31
C GLU B 387 19.11 38.01 1.74
N GLN B 388 19.45 36.80 1.26
CA GLN B 388 20.80 36.55 0.77
C GLN B 388 21.13 37.40 -0.44
N ARG B 389 20.16 37.59 -1.35
CA ARG B 389 20.42 38.35 -2.56
C ARG B 389 20.59 39.83 -2.25
N ALA B 390 21.30 40.52 -3.16
CA ALA B 390 21.57 41.94 -2.96
C ALA B 390 20.28 42.76 -2.96
N ASP B 391 19.36 42.45 -3.87
CA ASP B 391 18.09 43.16 -3.95
C ASP B 391 17.05 42.46 -3.08
N LYS B 392 16.37 43.23 -2.24
CA LYS B 392 15.36 42.71 -1.33
C LYS B 392 13.97 42.69 -1.93
N ARG B 393 13.83 43.10 -3.19
CA ARG B 393 12.53 43.14 -3.84
C ARG B 393 12.09 41.72 -4.20
N PRO B 394 10.96 41.24 -3.71
CA PRO B 394 10.57 39.85 -3.96
C PRO B 394 10.20 39.60 -5.41
N VAL B 395 10.31 38.34 -5.83
CA VAL B 395 9.92 37.90 -7.16
C VAL B 395 8.98 36.72 -7.02
N ASN B 396 8.56 36.16 -8.16
CA ASN B 396 7.58 35.09 -8.16
C ASN B 396 8.13 33.82 -7.50
N SER B 397 9.40 33.50 -7.73
CA SER B 397 9.98 32.25 -7.26
C SER B 397 10.17 32.20 -5.75
N ASP B 398 9.99 33.32 -5.04
CA ASP B 398 10.27 33.36 -3.61
C ASP B 398 9.19 32.71 -2.76
N LEU B 399 8.03 32.41 -3.32
CA LEU B 399 6.96 31.80 -2.54
C LEU B 399 7.32 30.39 -2.12
N ARG B 400 6.78 29.95 -0.99
CA ARG B 400 7.19 28.70 -0.37
C ARG B 400 6.45 27.51 -0.97
N GLU B 401 7.21 26.49 -1.37
CA GLU B 401 6.71 25.25 -1.98
C GLU B 401 5.52 25.52 -2.89
N SER B 402 5.75 26.38 -3.88
CA SER B 402 4.69 27.16 -4.50
C SER B 402 4.75 27.04 -6.01
N GLY B 403 4.93 25.83 -6.52
CA GLY B 403 4.82 25.64 -7.96
C GLY B 403 3.43 25.94 -8.46
N SER B 404 2.42 25.32 -7.85
CA SER B 404 1.04 25.55 -8.28
C SER B 404 0.52 26.89 -7.79
N ILE B 405 1.15 27.48 -6.76
CA ILE B 405 0.72 28.78 -6.28
C ILE B 405 0.91 29.83 -7.37
N GLU B 406 2.06 29.81 -8.04
CA GLU B 406 2.32 30.75 -9.11
C GLU B 406 1.92 30.22 -10.48
N GLN B 407 1.66 28.91 -10.60
CA GLN B 407 1.16 28.36 -11.85
C GLN B 407 -0.36 28.30 -11.92
N ASP B 408 -1.07 28.71 -10.87
CA ASP B 408 -2.52 28.69 -10.85
C ASP B 408 -3.15 30.01 -10.49
N ALA B 409 -2.40 30.96 -9.93
CA ALA B 409 -2.97 32.25 -9.56
C ALA B 409 -3.19 33.11 -10.80
N ASP B 410 -4.03 34.14 -10.65
CA ASP B 410 -4.29 35.08 -11.73
C ASP B 410 -3.70 36.45 -11.45
N LEU B 411 -3.54 36.81 -10.18
CA LEU B 411 -2.93 38.07 -9.79
C LEU B 411 -2.10 37.84 -8.54
N ILE B 412 -0.83 38.25 -8.58
CA ILE B 412 0.08 38.12 -7.45
C ILE B 412 0.58 39.51 -7.10
N MET B 413 0.43 39.88 -5.82
CA MET B 413 0.87 41.17 -5.32
C MET B 413 1.79 40.95 -4.12
N PHE B 414 2.91 41.65 -4.09
CA PHE B 414 3.86 41.58 -2.99
C PHE B 414 3.92 42.93 -2.29
N ILE B 415 3.97 42.89 -0.95
CA ILE B 415 4.08 44.10 -0.14
C ILE B 415 5.54 44.28 0.25
N TYR B 416 6.10 45.44 -0.10
CA TYR B 416 7.50 45.73 0.15
C TYR B 416 7.63 47.05 0.91
N ARG B 417 8.35 47.02 2.02
CA ARG B 417 8.57 48.19 2.85
C ARG B 417 10.08 48.44 2.93
N ASP B 418 10.54 49.54 2.35
CA ASP B 418 11.97 49.83 2.33
C ASP B 418 12.48 50.20 3.72
N GLU B 419 11.64 50.79 4.57
CA GLU B 419 12.09 51.23 5.88
C GLU B 419 12.50 50.06 6.78
N VAL B 420 11.92 48.87 6.58
CA VAL B 420 12.25 47.73 7.44
C VAL B 420 13.71 47.33 7.27
N TYR B 421 14.18 47.24 6.02
CA TYR B 421 15.55 46.84 5.76
C TYR B 421 16.53 48.00 5.77
N HIS B 422 16.09 49.19 5.38
CA HIS B 422 16.94 50.38 5.34
C HIS B 422 16.32 51.48 6.20
N PRO B 423 16.74 51.63 7.46
CA PRO B 423 16.19 52.71 8.28
C PRO B 423 16.49 54.10 7.76
N ASP B 424 17.52 54.26 6.92
CA ASP B 424 17.88 55.56 6.39
C ASP B 424 17.18 55.88 5.07
N SER B 425 16.29 55.01 4.60
CA SER B 425 15.61 55.24 3.34
C SER B 425 14.68 56.46 3.46
N PRO B 426 14.65 57.32 2.44
CA PRO B 426 13.76 58.49 2.48
C PRO B 426 12.30 58.19 2.20
N LEU B 427 11.90 56.92 2.22
CA LEU B 427 10.52 56.51 1.96
C LEU B 427 9.89 55.87 3.18
N LYS B 428 10.16 56.45 4.36
CA LYS B 428 9.62 55.91 5.60
C LYS B 428 8.10 56.03 5.62
N GLY B 429 7.45 54.98 6.12
CA GLY B 429 6.00 54.97 6.22
C GLY B 429 5.27 54.72 4.92
N THR B 430 5.97 54.29 3.87
CA THR B 430 5.35 54.01 2.58
C THR B 430 5.63 52.57 2.18
N ALA B 431 4.56 51.83 1.93
CA ALA B 431 4.65 50.45 1.49
C ALA B 431 4.34 50.37 -0.01
N GLU B 432 5.26 49.77 -0.75
CA GLU B 432 5.15 49.65 -2.20
C GLU B 432 4.59 48.28 -2.55
N ILE B 433 3.54 48.28 -3.37
CA ILE B 433 2.89 47.06 -3.82
C ILE B 433 3.38 46.77 -5.24
N ILE B 434 4.05 45.64 -5.41
CA ILE B 434 4.59 45.23 -6.71
C ILE B 434 3.72 44.10 -7.25
N ILE B 435 3.07 44.35 -8.38
CA ILE B 435 2.23 43.36 -9.04
C ILE B 435 3.16 42.43 -9.80
N GLY B 436 3.41 41.25 -9.23
CA GLY B 436 4.37 40.32 -9.83
C GLY B 436 3.84 39.52 -10.99
N LYS B 437 2.52 39.47 -11.18
CA LYS B 437 1.93 38.68 -12.24
C LYS B 437 0.48 39.09 -12.45
N GLN B 438 0.08 39.23 -13.71
CA GLN B 438 -1.31 39.43 -14.07
C GLN B 438 -1.54 38.80 -15.43
N ARG B 439 -2.40 37.78 -15.48
CA ARG B 439 -2.56 37.00 -16.69
C ARG B 439 -3.22 37.79 -17.81
N ASN B 440 -4.12 38.72 -17.48
CA ASN B 440 -4.87 39.49 -18.46
C ASN B 440 -4.76 40.98 -18.18
N GLY B 441 -3.54 41.46 -17.94
CA GLY B 441 -3.32 42.86 -17.70
C GLY B 441 -1.86 43.21 -17.55
N PRO B 442 -1.54 44.51 -17.56
CA PRO B 442 -0.15 44.94 -17.42
C PRO B 442 0.39 44.72 -16.01
N ILE B 443 1.71 44.58 -15.93
CA ILE B 443 2.37 44.43 -14.64
C ILE B 443 3.05 45.74 -14.27
N GLY B 444 3.31 45.91 -12.98
CA GLY B 444 3.92 47.14 -12.50
C GLY B 444 3.89 47.23 -10.99
N SER B 445 4.05 48.45 -10.49
CA SER B 445 4.09 48.69 -9.06
C SER B 445 3.37 49.98 -8.73
N VAL B 446 2.82 50.06 -7.52
CA VAL B 446 2.16 51.24 -7.01
C VAL B 446 2.72 51.56 -5.63
N ARG B 447 2.57 52.81 -5.20
CA ARG B 447 3.09 53.27 -3.93
C ARG B 447 1.93 53.71 -3.03
N LEU B 448 1.92 53.19 -1.80
CA LEU B 448 0.90 53.52 -0.82
C LEU B 448 1.55 53.83 0.51
N THR B 449 0.93 54.72 1.26
CA THR B 449 1.42 55.14 2.57
C THR B 449 0.97 54.14 3.63
N PHE B 450 1.74 54.05 4.71
CA PHE B 450 1.48 53.11 5.80
C PHE B 450 1.31 53.87 7.11
N GLN B 451 0.33 53.46 7.90
CA GLN B 451 0.01 54.08 9.18
C GLN B 451 0.04 52.99 10.25
N GLY B 452 1.18 52.85 10.92
CA GLY B 452 1.30 51.84 11.96
C GLY B 452 0.44 52.13 13.17
N HIS B 453 0.33 53.40 13.55
CA HIS B 453 -0.42 53.75 14.75
C HIS B 453 -1.92 53.54 14.59
N TYR B 454 -2.41 53.30 13.38
CA TYR B 454 -3.81 53.03 13.15
C TYR B 454 -4.06 51.75 12.34
N SER B 455 -3.01 51.14 11.78
CA SER B 455 -3.10 49.89 11.03
C SER B 455 -4.09 50.03 9.86
N ARG B 456 -3.74 50.93 8.95
CA ARG B 456 -4.59 51.21 7.79
C ARG B 456 -3.74 51.74 6.66
N PHE B 457 -3.93 51.18 5.48
CA PHE B 457 -3.30 51.65 4.25
C PHE B 457 -4.14 52.77 3.66
N ASP B 458 -3.47 53.70 2.97
CA ASP B 458 -4.13 54.85 2.36
C ASP B 458 -3.42 55.22 1.08
N ASN B 459 -4.07 56.08 0.29
CA ASN B 459 -3.49 56.53 -0.97
C ASN B 459 -2.31 57.46 -0.70
N TYR B 460 -1.37 57.48 -1.65
CA TYR B 460 -0.19 58.32 -1.54
C TYR B 460 -0.37 59.61 -2.33
N ALA B 461 0.10 60.71 -1.74
CA ALA B 461 0.01 62.02 -2.36
C ALA B 461 1.36 62.71 -2.31
N GLY B 462 1.65 63.51 -3.34
CA GLY B 462 2.92 64.22 -3.42
C GLY B 462 4.06 63.35 -3.86
N LYS C 22 -34.08 -18.82 -33.93
CA LYS C 22 -32.86 -18.07 -34.19
C LYS C 22 -31.64 -18.76 -33.59
N VAL C 23 -30.68 -19.10 -34.45
CA VAL C 23 -29.46 -19.78 -34.02
C VAL C 23 -28.29 -18.81 -34.11
N PRO C 24 -27.45 -18.72 -33.08
CA PRO C 24 -26.30 -17.83 -33.15
C PRO C 24 -25.33 -18.28 -34.23
N PRO C 25 -24.59 -17.35 -34.84
CA PRO C 25 -23.65 -17.74 -35.89
C PRO C 25 -22.55 -18.64 -35.34
N HIS C 26 -22.38 -19.81 -35.97
CA HIS C 26 -21.36 -20.76 -35.56
C HIS C 26 -21.00 -21.62 -36.76
N SER C 27 -19.84 -22.27 -36.68
CA SER C 27 -19.36 -23.16 -37.74
C SER C 27 -18.62 -24.32 -37.08
N LEU C 28 -19.33 -25.42 -36.87
CA LEU C 28 -18.69 -26.60 -36.27
C LEU C 28 -17.70 -27.25 -37.24
N GLU C 29 -18.01 -27.22 -38.53
CA GLU C 29 -17.13 -27.83 -39.52
C GLU C 29 -15.76 -27.15 -39.53
N ALA C 30 -15.74 -25.82 -39.45
CA ALA C 30 -14.47 -25.09 -39.45
C ALA C 30 -13.65 -25.44 -38.21
N GLU C 31 -14.29 -25.52 -37.05
CA GLU C 31 -13.58 -25.87 -35.83
C GLU C 31 -13.01 -27.28 -35.92
N GLN C 32 -13.80 -28.23 -36.43
CA GLN C 32 -13.31 -29.60 -36.59
C GLN C 32 -12.13 -29.64 -37.55
N SER C 33 -12.21 -28.90 -38.66
CA SER C 33 -11.12 -28.88 -39.63
C SER C 33 -9.86 -28.29 -39.00
N VAL C 34 -10.00 -27.21 -38.22
CA VAL C 34 -8.84 -26.59 -37.59
C VAL C 34 -8.18 -27.56 -36.62
N ILE C 35 -8.98 -28.21 -35.77
CA ILE C 35 -8.40 -29.07 -34.75
C ILE C 35 -7.78 -30.31 -35.41
N GLY C 36 -8.42 -30.85 -36.44
CA GLY C 36 -7.84 -31.99 -37.13
C GLY C 36 -6.55 -31.65 -37.85
N GLY C 37 -6.52 -30.49 -38.53
CA GLY C 37 -5.30 -30.07 -39.19
C GLY C 37 -4.17 -29.84 -38.22
N LEU C 38 -4.47 -29.27 -37.06
CA LEU C 38 -3.43 -29.09 -36.04
C LEU C 38 -2.99 -30.43 -35.47
N LEU C 39 -3.89 -31.41 -35.39
CA LEU C 39 -3.50 -32.76 -34.98
C LEU C 39 -2.56 -33.40 -36.01
N LEU C 40 -2.85 -33.24 -37.29
CA LEU C 40 -2.04 -33.88 -38.33
C LEU C 40 -0.67 -33.23 -38.43
N ASP C 41 -0.62 -31.94 -38.75
CA ASP C 41 0.63 -31.21 -38.87
C ASP C 41 0.89 -30.42 -37.59
N ASN C 42 2.00 -30.72 -36.93
CA ASN C 42 2.36 -30.08 -35.67
C ASN C 42 3.27 -28.87 -35.87
N GLU C 43 3.65 -28.55 -37.10
CA GLU C 43 4.49 -27.39 -37.38
C GLU C 43 3.69 -26.17 -37.84
N ARG C 44 2.36 -26.27 -37.88
CA ARG C 44 1.51 -25.17 -38.31
C ARG C 44 0.92 -24.41 -37.13
N TRP C 45 1.59 -24.42 -35.97
CA TRP C 45 1.05 -23.73 -34.80
C TRP C 45 1.25 -22.22 -34.91
N ASP C 46 2.35 -21.79 -35.54
CA ASP C 46 2.62 -20.36 -35.64
C ASP C 46 1.57 -19.65 -36.49
N THR C 47 1.14 -20.28 -37.58
CA THR C 47 0.17 -19.66 -38.47
C THR C 47 -1.26 -19.70 -37.94
N VAL C 48 -1.51 -20.40 -36.82
CA VAL C 48 -2.84 -20.47 -36.25
C VAL C 48 -2.93 -19.80 -34.89
N SER C 49 -1.84 -19.75 -34.11
CA SER C 49 -1.87 -19.18 -32.77
C SER C 49 -2.12 -17.68 -32.77
N GLU C 50 -2.00 -17.01 -33.91
CA GLU C 50 -2.21 -15.57 -34.00
C GLU C 50 -3.62 -15.19 -34.45
N HIS C 51 -4.52 -16.17 -34.61
CA HIS C 51 -5.86 -15.90 -35.10
C HIS C 51 -6.95 -16.32 -34.13
N VAL C 52 -6.81 -17.48 -33.49
CA VAL C 52 -7.89 -18.08 -32.72
C VAL C 52 -7.45 -18.21 -31.26
N MET C 53 -8.31 -17.75 -30.34
CA MET C 53 -8.11 -17.93 -28.92
C MET C 53 -8.93 -19.11 -28.43
N THR C 54 -8.81 -19.41 -27.13
CA THR C 54 -9.51 -20.55 -26.55
C THR C 54 -11.02 -20.32 -26.53
N GLN C 55 -11.46 -19.16 -26.06
CA GLN C 55 -12.87 -18.86 -25.94
C GLN C 55 -13.55 -18.63 -27.28
N ASP C 56 -12.80 -18.69 -28.39
CA ASP C 56 -13.36 -18.51 -29.71
C ASP C 56 -14.34 -19.62 -30.07
N PHE C 57 -14.03 -20.86 -29.71
CA PHE C 57 -14.85 -22.00 -30.13
C PHE C 57 -16.20 -22.01 -29.42
N TYR C 58 -17.21 -22.52 -30.13
CA TYR C 58 -18.56 -22.58 -29.59
C TYR C 58 -18.74 -23.81 -28.71
N SER C 59 -18.57 -24.99 -29.27
CA SER C 59 -18.82 -26.22 -28.54
C SER C 59 -17.82 -26.39 -27.39
N ARG C 60 -18.34 -26.72 -26.22
CA ARG C 60 -17.49 -26.90 -25.05
C ARG C 60 -16.48 -28.04 -25.20
N PRO C 61 -16.84 -29.24 -25.68
CA PRO C 61 -15.79 -30.26 -25.91
C PRO C 61 -14.69 -29.80 -26.83
N HIS C 62 -15.03 -29.07 -27.90
CA HIS C 62 -14.01 -28.52 -28.77
C HIS C 62 -13.14 -27.51 -28.04
N ARG C 63 -13.73 -26.71 -27.14
CA ARG C 63 -12.95 -25.77 -26.35
C ARG C 63 -11.96 -26.50 -25.45
N LEU C 64 -12.40 -27.58 -24.81
CA LEU C 64 -11.50 -28.35 -23.95
C LEU C 64 -10.38 -28.99 -24.76
N ILE C 65 -10.72 -29.56 -25.92
CA ILE C 65 -9.71 -30.18 -26.77
C ILE C 65 -8.68 -29.15 -27.22
N PHE C 66 -9.14 -27.97 -27.64
CA PHE C 66 -8.22 -26.95 -28.11
C PHE C 66 -7.38 -26.40 -26.96
N ASP C 67 -7.94 -26.29 -25.76
CA ASP C 67 -7.15 -25.87 -24.62
C ASP C 67 -6.04 -26.87 -24.33
N GLY C 68 -6.37 -28.17 -24.37
CA GLY C 68 -5.34 -29.17 -24.19
C GLY C 68 -4.27 -29.12 -25.27
N VAL C 69 -4.68 -28.94 -26.52
CA VAL C 69 -3.72 -28.87 -27.62
C VAL C 69 -2.81 -27.66 -27.46
N LYS C 70 -3.37 -26.51 -27.09
CA LYS C 70 -2.56 -25.33 -26.87
C LYS C 70 -1.59 -25.53 -25.72
N SER C 71 -2.04 -26.15 -24.63
CA SER C 71 -1.15 -26.40 -23.50
C SER C 71 -0.01 -27.34 -23.90
N ILE C 72 -0.31 -28.34 -24.73
CA ILE C 72 0.72 -29.28 -25.16
C ILE C 72 1.73 -28.59 -26.08
N LEU C 73 1.23 -27.82 -27.05
CA LEU C 73 2.12 -27.22 -28.04
C LEU C 73 2.92 -26.05 -27.50
N GLU C 74 2.38 -25.31 -26.54
CA GLU C 74 3.13 -24.19 -25.97
C GLU C 74 4.39 -24.66 -25.26
N ALA C 75 4.31 -25.79 -24.56
CA ALA C 75 5.49 -26.36 -23.91
C ALA C 75 6.49 -26.92 -24.91
N GLY C 76 6.10 -27.10 -26.17
CA GLY C 76 6.99 -27.62 -27.19
C GLY C 76 6.97 -29.13 -27.35
N LYS C 77 6.28 -29.85 -26.47
CA LYS C 77 6.23 -31.30 -26.56
C LYS C 77 5.44 -31.72 -27.81
N PRO C 78 5.80 -32.86 -28.40
CA PRO C 78 5.07 -33.33 -29.57
C PRO C 78 3.63 -33.69 -29.20
N LEU C 79 2.73 -33.49 -30.16
CA LEU C 79 1.30 -33.69 -29.97
C LEU C 79 0.81 -34.78 -30.90
N ASP C 80 0.08 -35.74 -30.36
CA ASP C 80 -0.48 -36.84 -31.14
C ASP C 80 -1.76 -37.30 -30.44
N LEU C 81 -2.41 -38.32 -31.01
CA LEU C 81 -3.64 -38.84 -30.42
C LEU C 81 -3.37 -39.40 -29.03
N ILE C 82 -2.28 -40.15 -28.86
CA ILE C 82 -2.00 -40.76 -27.56
C ILE C 82 -1.69 -39.70 -26.51
N THR C 83 -0.82 -38.74 -26.86
CA THR C 83 -0.46 -37.70 -25.89
C THR C 83 -1.66 -36.84 -25.52
N LEU C 84 -2.47 -36.45 -26.53
CA LEU C 84 -3.65 -35.64 -26.24
C LEU C 84 -4.66 -36.40 -25.39
N SER C 85 -4.87 -37.69 -25.71
CA SER C 85 -5.83 -38.48 -24.95
C SER C 85 -5.36 -38.68 -23.51
N GLU C 86 -4.05 -38.83 -23.31
CA GLU C 86 -3.54 -38.96 -21.94
C GLU C 86 -3.60 -37.64 -21.20
N TYR C 87 -3.39 -36.53 -21.89
CA TYR C 87 -3.53 -35.22 -21.25
C TYR C 87 -4.96 -34.98 -20.81
N LEU C 88 -5.93 -35.32 -21.66
CA LEU C 88 -7.33 -35.14 -21.30
C LEU C 88 -7.76 -36.10 -20.19
N GLU C 89 -7.25 -37.33 -20.23
CA GLU C 89 -7.70 -38.34 -19.27
C GLU C 89 -7.22 -38.03 -17.86
N GLN C 90 -6.02 -37.45 -17.71
CA GLN C 90 -5.47 -37.17 -16.39
C GLN C 90 -6.27 -36.11 -15.62
N ARG C 91 -7.16 -35.38 -16.29
CA ARG C 91 -8.01 -34.40 -15.62
C ARG C 91 -9.48 -34.77 -15.67
N GLU C 92 -9.80 -36.05 -15.91
CA GLU C 92 -11.17 -36.55 -15.93
C GLU C 92 -12.02 -35.76 -16.93
N GLN C 93 -11.48 -35.58 -18.13
CA GLN C 93 -12.16 -34.84 -19.18
C GLN C 93 -12.39 -35.64 -20.45
N LEU C 94 -11.94 -36.89 -20.53
CA LEU C 94 -12.04 -37.63 -21.78
C LEU C 94 -13.48 -38.07 -22.05
N GLU C 95 -14.19 -38.52 -21.02
CA GLU C 95 -15.57 -38.95 -21.23
C GLU C 95 -16.49 -37.78 -21.55
N ASP C 96 -16.15 -36.58 -21.07
CA ASP C 96 -16.98 -35.41 -21.34
C ASP C 96 -16.85 -34.94 -22.78
N VAL C 97 -15.68 -35.13 -23.38
CA VAL C 97 -15.42 -34.63 -24.73
C VAL C 97 -15.74 -35.70 -25.77
N GLY C 98 -16.37 -36.79 -25.33
CA GLY C 98 -16.80 -37.85 -26.22
C GLY C 98 -15.91 -39.07 -26.26
N GLY C 99 -14.77 -39.04 -25.58
CA GLY C 99 -13.90 -40.19 -25.51
C GLY C 99 -12.85 -40.23 -26.60
N PHE C 100 -12.11 -41.34 -26.63
CA PHE C 100 -11.04 -41.51 -27.60
C PHE C 100 -11.59 -41.65 -29.03
N ALA C 101 -12.81 -42.17 -29.16
CA ALA C 101 -13.39 -42.36 -30.49
C ALA C 101 -13.60 -41.03 -31.20
N TYR C 102 -14.04 -40.00 -30.46
CA TYR C 102 -14.24 -38.70 -31.08
C TYR C 102 -12.93 -38.09 -31.55
N LEU C 103 -11.87 -38.22 -30.75
CA LEU C 103 -10.56 -37.74 -31.17
C LEU C 103 -10.05 -38.49 -32.40
N ALA C 104 -10.26 -39.81 -32.43
CA ALA C 104 -9.86 -40.58 -33.60
C ALA C 104 -10.65 -40.14 -34.84
N ASP C 105 -11.94 -39.86 -34.67
CA ASP C 105 -12.75 -39.37 -35.78
C ASP C 105 -12.24 -38.02 -36.29
N LEU C 106 -11.92 -37.11 -35.37
CA LEU C 106 -11.38 -35.82 -35.77
C LEU C 106 -10.06 -35.98 -36.52
N ALA C 107 -9.19 -36.87 -36.03
CA ALA C 107 -7.91 -37.07 -36.70
C ALA C 107 -8.08 -37.67 -38.09
N LYS C 108 -8.98 -38.64 -38.22
CA LYS C 108 -9.13 -39.35 -39.49
C LYS C 108 -9.85 -38.52 -40.54
N ASN C 109 -10.90 -37.80 -40.14
CA ASN C 109 -11.76 -37.12 -41.12
C ASN C 109 -11.07 -35.96 -41.82
N THR C 110 -9.99 -35.42 -41.27
CA THR C 110 -9.35 -34.25 -41.86
C THR C 110 -8.60 -34.64 -43.13
N PRO C 111 -8.94 -34.07 -44.29
CA PRO C 111 -8.21 -34.41 -45.52
C PRO C 111 -6.78 -33.91 -45.52
N SER C 112 -6.59 -32.62 -45.25
CA SER C 112 -5.28 -32.01 -45.29
C SER C 112 -5.29 -30.75 -44.45
N ALA C 113 -4.09 -30.24 -44.15
CA ALA C 113 -3.91 -29.05 -43.34
C ALA C 113 -3.16 -27.96 -44.09
N ALA C 114 -3.29 -27.95 -45.42
CA ALA C 114 -2.55 -26.98 -46.22
C ALA C 114 -3.15 -25.58 -46.14
N ASN C 115 -4.46 -25.49 -45.87
CA ASN C 115 -5.14 -24.20 -45.87
C ASN C 115 -5.91 -23.98 -44.57
N ILE C 116 -5.27 -24.25 -43.44
CA ILE C 116 -5.93 -24.07 -42.15
C ILE C 116 -6.09 -22.59 -41.80
N ASN C 117 -5.32 -21.71 -42.45
CA ASN C 117 -5.39 -20.28 -42.15
C ASN C 117 -6.77 -19.71 -42.48
N ALA C 118 -7.33 -20.10 -43.62
CA ALA C 118 -8.67 -19.62 -43.99
C ALA C 118 -9.71 -20.10 -43.00
N TYR C 119 -9.60 -21.35 -42.54
CA TYR C 119 -10.53 -21.86 -41.54
C TYR C 119 -10.41 -21.09 -40.23
N ALA C 120 -9.19 -20.78 -39.81
CA ALA C 120 -9.00 -20.00 -38.59
C ALA C 120 -9.60 -18.60 -38.74
N GLU C 121 -9.42 -17.97 -39.90
CA GLU C 121 -10.01 -16.67 -40.15
C GLU C 121 -11.53 -16.74 -40.09
N ILE C 122 -12.12 -17.79 -40.68
CA ILE C 122 -13.57 -17.95 -40.64
C ILE C 122 -14.05 -18.11 -39.21
N VAL C 123 -13.35 -18.92 -38.41
CA VAL C 123 -13.76 -19.13 -37.02
C VAL C 123 -13.70 -17.82 -36.25
N ALA C 124 -12.63 -17.04 -36.44
CA ALA C 124 -12.51 -15.76 -35.75
C ALA C 124 -13.61 -14.80 -36.19
N GLU C 125 -13.94 -14.77 -37.48
CA GLU C 125 -14.98 -13.88 -37.97
C GLU C 125 -16.34 -14.25 -37.38
N ARG C 126 -16.67 -15.55 -37.34
CA ARG C 126 -17.93 -15.97 -36.75
C ARG C 126 -17.98 -15.64 -35.26
N ALA C 127 -16.85 -15.80 -34.56
CA ALA C 127 -16.80 -15.43 -33.16
C ALA C 127 -17.05 -13.95 -32.98
N LEU C 128 -16.47 -13.11 -33.83
CA LEU C 128 -16.69 -11.67 -33.73
C LEU C 128 -18.17 -11.33 -33.97
N VAL C 129 -18.78 -11.96 -34.97
CA VAL C 129 -20.19 -11.70 -35.25
C VAL C 129 -21.05 -12.10 -34.06
N ARG C 130 -20.80 -13.28 -33.49
CA ARG C 130 -21.59 -13.74 -32.36
C ARG C 130 -21.40 -12.85 -31.14
N ASN C 131 -20.17 -12.38 -30.92
CA ASN C 131 -19.92 -11.48 -29.79
C ASN C 131 -20.63 -10.15 -29.99
N LEU C 132 -20.65 -9.64 -31.22
CA LEU C 132 -21.38 -8.41 -31.50
C LEU C 132 -22.88 -8.59 -31.26
N ILE C 133 -23.43 -9.75 -31.67
CA ILE C 133 -24.83 -10.04 -31.41
C ILE C 133 -25.10 -10.06 -29.91
N GLY C 134 -24.23 -10.72 -29.15
CA GLY C 134 -24.40 -10.77 -27.71
C GLY C 134 -24.35 -9.40 -27.06
N VAL C 135 -23.42 -8.55 -27.50
CA VAL C 135 -23.31 -7.21 -26.94
C VAL C 135 -24.54 -6.38 -27.30
N ALA C 136 -25.05 -6.53 -28.52
CA ALA C 136 -26.26 -5.81 -28.90
C ALA C 136 -27.45 -6.24 -28.05
N ASN C 137 -27.60 -7.55 -27.82
CA ASN C 137 -28.67 -8.02 -26.95
C ASN C 137 -28.50 -7.50 -25.53
N GLU C 138 -27.26 -7.45 -25.04
CA GLU C 138 -27.01 -6.92 -23.71
C GLU C 138 -27.39 -5.45 -23.62
N ILE C 139 -27.07 -4.66 -24.65
CA ILE C 139 -27.41 -3.24 -24.66
C ILE C 139 -28.93 -3.08 -24.68
N ALA C 140 -29.62 -3.88 -25.49
CA ALA C 140 -31.08 -3.79 -25.53
C ALA C 140 -31.69 -4.14 -24.18
N ASP C 141 -31.18 -5.20 -23.53
CA ASP C 141 -31.71 -5.58 -22.22
C ASP C 141 -31.45 -4.50 -21.17
N ALA C 142 -30.25 -3.90 -21.20
CA ALA C 142 -29.95 -2.83 -20.27
C ALA C 142 -30.84 -1.61 -20.51
N GLY C 143 -31.15 -1.33 -21.79
CA GLY C 143 -32.05 -0.23 -22.08
C GLY C 143 -33.47 -0.49 -21.59
N TYR C 144 -33.96 -1.72 -21.77
CA TYR C 144 -35.33 -2.02 -21.38
C TYR C 144 -35.54 -1.87 -19.87
N ASP C 145 -34.60 -2.37 -19.07
CA ASP C 145 -34.70 -2.24 -17.63
C ASP C 145 -33.85 -1.07 -17.17
N PRO C 146 -34.43 0.03 -16.72
CA PRO C 146 -33.62 1.22 -16.39
C PRO C 146 -32.60 0.98 -15.30
N GLN C 147 -33.02 0.35 -14.21
CA GLN C 147 -32.14 0.11 -13.05
C GLN C 147 -31.50 1.40 -12.56
N GLY C 148 -32.29 2.47 -12.52
CA GLY C 148 -31.81 3.75 -12.01
C GLY C 148 -30.70 4.38 -12.81
N ARG C 149 -30.84 4.40 -14.13
CA ARG C 149 -29.86 5.00 -15.02
C ARG C 149 -30.51 6.02 -15.93
N ASN C 150 -29.78 7.08 -16.25
CA ASN C 150 -30.25 8.13 -17.13
C ASN C 150 -29.82 7.86 -18.57
N ALA C 151 -30.26 8.73 -19.48
CA ALA C 151 -29.97 8.55 -20.90
C ALA C 151 -28.47 8.66 -21.16
N GLU C 152 -27.79 9.61 -20.52
CA GLU C 152 -26.36 9.78 -20.75
C GLU C 152 -25.59 8.55 -20.31
N ASP C 153 -25.96 7.95 -19.18
CA ASP C 153 -25.29 6.74 -18.72
C ASP C 153 -25.47 5.59 -19.70
N LEU C 154 -26.69 5.43 -20.22
CA LEU C 154 -26.96 4.36 -21.18
C LEU C 154 -26.16 4.57 -22.46
N LEU C 155 -26.12 5.82 -22.95
CA LEU C 155 -25.35 6.11 -24.16
C LEU C 155 -23.87 5.86 -23.94
N ASP C 156 -23.34 6.26 -22.79
CA ASP C 156 -21.93 6.04 -22.50
C ASP C 156 -21.62 4.55 -22.42
N LEU C 157 -22.51 3.78 -21.77
CA LEU C 157 -22.31 2.33 -21.69
C LEU C 157 -22.32 1.70 -23.07
N ALA C 158 -23.27 2.10 -23.92
CA ALA C 158 -23.34 1.53 -25.26
C ALA C 158 -22.09 1.88 -26.07
N GLU C 159 -21.65 3.13 -26.00
CA GLU C 159 -20.46 3.54 -26.72
C GLU C 159 -19.23 2.79 -26.22
N SER C 160 -19.11 2.62 -24.90
CA SER C 160 -17.96 1.91 -24.35
C SER C 160 -17.96 0.45 -24.81
N LYS C 161 -19.12 -0.21 -24.78
CA LYS C 161 -19.18 -1.60 -25.22
C LYS C 161 -18.83 -1.72 -26.71
N VAL C 162 -19.39 -0.85 -27.55
CA VAL C 162 -19.11 -0.93 -28.98
C VAL C 162 -17.64 -0.65 -29.26
N PHE C 163 -17.05 0.32 -28.57
CA PHE C 163 -15.63 0.59 -28.74
C PHE C 163 -14.78 -0.58 -28.27
N ALA C 164 -15.17 -1.23 -27.18
CA ALA C 164 -14.43 -2.39 -26.70
C ALA C 164 -14.52 -3.55 -27.67
N ILE C 165 -15.62 -3.62 -28.42
CA ILE C 165 -15.75 -4.67 -29.45
C ILE C 165 -14.66 -4.50 -30.50
N ALA C 166 -14.45 -3.27 -30.97
CA ALA C 166 -13.51 -3.04 -32.06
C ALA C 166 -12.06 -3.13 -31.63
N GLU C 167 -11.78 -3.16 -30.32
CA GLU C 167 -10.40 -3.19 -29.85
C GLU C 167 -9.68 -4.44 -30.33
N ALA C 168 -10.35 -5.59 -30.27
CA ALA C 168 -9.74 -6.85 -30.70
C ALA C 168 -9.46 -6.87 -32.20
N ARG C 169 -10.14 -6.02 -32.99
CA ARG C 169 -9.99 -6.00 -34.44
C ARG C 169 -9.43 -4.67 -34.93
N THR C 170 -8.54 -4.05 -34.15
CA THR C 170 -7.84 -2.85 -34.59
C THR C 170 -6.64 -3.23 -35.48
N SER C 171 -6.97 -3.87 -36.60
CA SER C 171 -5.99 -4.41 -37.53
C SER C 171 -5.03 -5.36 -36.84
N GLU C 172 -5.61 -6.43 -36.27
CA GLU C 172 -4.83 -7.46 -35.57
C GLU C 172 -4.29 -8.50 -36.53
N ASN C 173 -3.58 -8.03 -37.57
CA ASN C 173 -2.92 -8.91 -38.53
C ASN C 173 -1.53 -8.40 -38.86
N GLU C 174 -0.94 -7.59 -37.99
CA GLU C 174 0.36 -6.98 -38.22
C GLU C 174 1.45 -7.78 -37.51
N GLY C 175 2.70 -7.43 -37.80
CA GLY C 175 3.84 -8.08 -37.22
C GLY C 175 5.11 -7.73 -37.95
N PRO C 176 6.11 -8.61 -37.87
CA PRO C 176 7.37 -8.36 -38.58
C PRO C 176 7.16 -8.43 -40.08
N LYS C 177 7.52 -7.35 -40.77
CA LYS C 177 7.37 -7.24 -42.21
C LYS C 177 8.73 -6.94 -42.84
N ASN C 178 8.93 -7.48 -44.04
CA ASN C 178 10.20 -7.32 -44.73
C ASN C 178 10.36 -5.88 -45.22
N VAL C 179 11.59 -5.53 -45.60
CA VAL C 179 11.88 -4.19 -46.07
C VAL C 179 11.28 -3.89 -47.43
N ASP C 180 10.74 -4.91 -48.12
CA ASP C 180 10.18 -4.68 -49.45
C ASP C 180 8.97 -3.76 -49.40
N SER C 181 7.93 -4.15 -48.65
CA SER C 181 6.72 -3.35 -48.57
C SER C 181 6.99 -1.99 -47.94
N ILE C 182 7.85 -1.96 -46.91
CA ILE C 182 8.18 -0.69 -46.26
C ILE C 182 8.85 0.24 -47.25
N LEU C 183 9.80 -0.27 -48.03
CA LEU C 183 10.49 0.55 -49.02
C LEU C 183 9.51 1.04 -50.08
N GLU C 184 8.60 0.17 -50.52
CA GLU C 184 7.64 0.58 -51.54
C GLU C 184 6.74 1.71 -51.03
N ARG C 185 6.22 1.56 -49.81
CA ARG C 185 5.37 2.62 -49.25
C ARG C 185 6.14 3.91 -49.05
N THR C 186 7.37 3.82 -48.55
CA THR C 186 8.19 5.02 -48.34
C THR C 186 8.48 5.72 -49.66
N LEU C 187 8.80 4.96 -50.71
CA LEU C 187 9.09 5.56 -52.00
C LEU C 187 7.84 6.19 -52.60
N GLU C 188 6.68 5.56 -52.42
CA GLU C 188 5.43 6.18 -52.88
C GLU C 188 5.18 7.49 -52.17
N ARG C 189 5.38 7.52 -50.84
CA ARG C 189 5.19 8.76 -50.10
C ARG C 189 6.17 9.84 -50.55
N ILE C 190 7.43 9.47 -50.78
CA ILE C 190 8.43 10.43 -51.23
C ILE C 190 8.06 10.99 -52.60
N GLU C 191 7.63 10.13 -53.52
CA GLU C 191 7.22 10.59 -54.84
C GLU C 191 6.01 11.53 -54.74
N LEU C 192 5.04 11.18 -53.89
CA LEU C 192 3.87 12.04 -53.73
C LEU C 192 4.26 13.41 -53.19
N LEU C 193 5.17 13.45 -52.21
CA LEU C 193 5.59 14.73 -51.66
C LEU C 193 6.41 15.52 -52.66
N TYR C 194 7.19 14.84 -53.50
CA TYR C 194 8.06 15.53 -54.45
C TYR C 194 7.30 16.06 -55.65
N LYS C 195 6.24 15.37 -56.09
CA LYS C 195 5.51 15.81 -57.28
C LYS C 195 4.85 17.17 -57.05
N THR C 196 4.24 17.37 -55.89
CA THR C 196 3.54 18.61 -55.60
C THR C 196 4.45 19.57 -54.85
N PRO C 197 4.79 20.73 -55.42
CA PRO C 197 5.64 21.68 -54.69
C PRO C 197 4.86 22.54 -53.71
N GLN C 198 5.40 22.76 -52.51
CA GLN C 198 4.77 23.61 -51.51
C GLN C 198 5.71 24.67 -50.97
N ASP C 199 6.87 24.88 -51.59
CA ASP C 199 7.82 25.93 -51.20
C ASP C 199 8.33 25.73 -49.78
N GLY C 200 8.66 24.50 -49.41
CA GLY C 200 9.38 24.19 -48.21
C GLY C 200 8.53 23.77 -47.03
N VAL C 201 7.24 24.04 -47.03
CA VAL C 201 6.35 23.71 -45.92
C VAL C 201 5.54 22.48 -46.32
N THR C 202 5.67 21.40 -45.53
CA THR C 202 4.97 20.15 -45.80
C THR C 202 4.01 19.81 -44.66
N GLY C 203 3.63 20.80 -43.87
CA GLY C 203 2.71 20.58 -42.77
C GLY C 203 1.76 21.74 -42.57
N VAL C 204 1.61 22.20 -41.33
CA VAL C 204 0.75 23.32 -41.02
C VAL C 204 1.58 24.59 -41.00
N ASN C 205 1.16 25.58 -41.79
CA ASN C 205 1.87 26.85 -41.86
C ASN C 205 1.71 27.60 -40.53
N THR C 206 2.79 27.65 -39.75
CA THR C 206 2.74 28.31 -38.45
C THR C 206 2.56 29.82 -38.58
N GLY C 207 2.82 30.39 -39.76
CA GLY C 207 2.71 31.81 -39.99
C GLY C 207 3.99 32.58 -39.77
N PHE C 208 5.01 31.95 -39.22
CA PHE C 208 6.32 32.58 -39.00
C PHE C 208 7.30 32.02 -40.02
N THR C 209 7.74 32.88 -40.94
CA THR C 209 8.65 32.43 -42.00
C THR C 209 9.98 31.95 -41.44
N ASP C 210 10.50 32.65 -40.43
CA ASP C 210 11.78 32.28 -39.84
C ASP C 210 11.72 30.98 -39.04
N LEU C 211 10.51 30.47 -38.77
CA LEU C 211 10.35 29.22 -38.03
C LEU C 211 10.05 28.03 -38.94
N ASN C 212 9.38 28.25 -40.07
CA ASN C 212 9.11 27.17 -41.00
C ASN C 212 10.38 26.68 -41.69
N LYS C 213 11.38 27.55 -41.83
CA LYS C 213 12.64 27.15 -42.43
C LYS C 213 13.37 26.09 -41.61
N LYS C 214 13.03 25.95 -40.33
CA LYS C 214 13.58 24.89 -39.49
C LYS C 214 12.58 23.79 -39.16
N THR C 215 11.35 24.14 -38.80
CA THR C 215 10.35 23.15 -38.44
C THR C 215 9.68 22.50 -39.64
N ALA C 216 9.66 23.16 -40.80
CA ALA C 216 8.97 22.67 -41.99
C ALA C 216 7.50 22.38 -41.69
N GLY C 217 6.89 23.24 -40.87
CA GLY C 217 5.51 23.05 -40.46
C GLY C 217 5.38 22.07 -39.32
N LEU C 218 4.16 21.99 -38.78
CA LEU C 218 3.85 21.06 -37.71
C LEU C 218 3.43 19.74 -38.35
N GLN C 219 4.39 18.82 -38.47
CA GLN C 219 4.13 17.55 -39.14
C GLN C 219 3.16 16.69 -38.36
N GLY C 220 2.44 15.84 -39.07
CA GLY C 220 1.49 14.96 -38.43
C GLY C 220 2.16 13.85 -37.64
N SER C 221 1.36 13.20 -36.80
CA SER C 221 1.82 12.11 -35.93
C SER C 221 2.97 12.57 -35.03
N ASP C 222 2.89 13.82 -34.56
CA ASP C 222 3.92 14.41 -33.73
C ASP C 222 3.31 14.99 -32.46
N LEU C 223 4.12 15.06 -31.42
CA LEU C 223 3.76 15.72 -30.17
C LEU C 223 4.70 16.90 -29.95
N ILE C 224 4.14 18.11 -29.91
CA ILE C 224 4.90 19.34 -29.81
C ILE C 224 4.70 19.90 -28.41
N ILE C 225 5.80 20.16 -27.72
CA ILE C 225 5.77 20.70 -26.36
C ILE C 225 6.25 22.15 -26.43
N VAL C 226 5.40 23.06 -25.98
CA VAL C 226 5.76 24.47 -25.85
C VAL C 226 5.81 24.79 -24.36
N ALA C 227 7.01 25.02 -23.84
CA ALA C 227 7.21 25.20 -22.41
C ALA C 227 7.98 26.48 -22.15
N ALA C 228 7.61 27.16 -21.07
CA ALA C 228 8.27 28.39 -20.64
C ALA C 228 7.86 28.66 -19.21
N ARG C 229 8.56 29.61 -18.59
CA ARG C 229 8.24 30.02 -17.22
C ARG C 229 6.89 30.74 -17.19
N PRO C 230 6.26 30.84 -16.03
CA PRO C 230 4.97 31.53 -15.94
C PRO C 230 5.08 32.97 -16.44
N SER C 231 4.03 33.41 -17.15
CA SER C 231 3.96 34.74 -17.75
C SER C 231 5.10 34.95 -18.75
N MET C 232 5.12 34.10 -19.77
CA MET C 232 6.10 34.21 -20.85
C MET C 232 5.42 34.27 -22.21
N GLY C 233 4.29 33.57 -22.34
CA GLY C 233 3.55 33.60 -23.59
C GLY C 233 3.29 32.24 -24.22
N LYS C 234 3.22 31.19 -23.40
CA LYS C 234 2.91 29.86 -23.92
C LYS C 234 1.52 29.82 -24.54
N THR C 235 0.51 30.29 -23.79
CA THR C 235 -0.86 30.29 -24.30
C THR C 235 -0.98 31.22 -25.51
N THR C 236 -0.31 32.37 -25.47
CA THR C 236 -0.35 33.28 -26.61
C THR C 236 0.25 32.63 -27.85
N PHE C 237 1.39 31.96 -27.70
CA PHE C 237 2.04 31.31 -28.84
C PHE C 237 1.16 30.20 -29.40
N ALA C 238 0.60 29.37 -28.52
CA ALA C 238 -0.28 28.29 -28.97
C ALA C 238 -1.51 28.83 -29.68
N MET C 239 -2.12 29.89 -29.14
CA MET C 239 -3.30 30.46 -29.77
C MET C 239 -2.96 31.10 -31.11
N ASN C 240 -1.78 31.71 -31.24
CA ASN C 240 -1.38 32.24 -32.54
C ASN C 240 -1.23 31.13 -33.56
N LEU C 241 -0.60 30.02 -33.16
CA LEU C 241 -0.48 28.88 -34.08
C LEU C 241 -1.86 28.35 -34.48
N CYS C 242 -2.77 28.23 -33.51
CA CYS C 242 -4.10 27.71 -33.81
C CYS C 242 -4.89 28.66 -34.71
N GLU C 243 -4.77 29.97 -34.48
CA GLU C 243 -5.44 30.94 -35.34
C GLU C 243 -4.92 30.86 -36.77
N ASN C 244 -3.59 30.78 -36.94
CA ASN C 244 -3.04 30.68 -38.28
C ASN C 244 -3.49 29.40 -38.97
N ALA C 245 -3.50 28.28 -38.24
CA ALA C 245 -3.95 27.02 -38.81
C ALA C 245 -5.42 27.09 -39.23
N ALA C 246 -6.27 27.66 -38.38
CA ALA C 246 -7.69 27.76 -38.71
C ALA C 246 -7.91 28.67 -39.91
N MET C 247 -7.19 29.78 -39.98
CA MET C 247 -7.35 30.68 -41.12
C MET C 247 -6.85 30.07 -42.41
N GLU C 248 -5.83 29.20 -42.34
CA GLU C 248 -5.29 28.60 -43.56
C GLU C 248 -5.95 27.26 -43.90
N GLN C 249 -5.97 26.33 -42.96
CA GLN C 249 -6.39 24.97 -43.24
C GLN C 249 -7.90 24.91 -43.54
N ASP C 250 -8.30 23.82 -44.19
CA ASP C 250 -9.69 23.55 -44.55
C ASP C 250 -10.34 22.55 -43.61
N LYS C 251 -9.70 22.25 -42.48
CA LYS C 251 -10.22 21.31 -41.50
C LYS C 251 -10.27 21.99 -40.13
N PRO C 252 -11.18 21.57 -39.26
CA PRO C 252 -11.34 22.26 -37.98
C PRO C 252 -10.15 22.10 -37.07
N VAL C 253 -10.02 23.05 -36.15
CA VAL C 253 -8.97 23.07 -35.15
C VAL C 253 -9.62 22.94 -33.78
N LEU C 254 -9.14 21.99 -32.97
CA LEU C 254 -9.70 21.70 -31.67
C LEU C 254 -8.77 22.20 -30.57
N ILE C 255 -9.34 22.88 -29.59
CA ILE C 255 -8.58 23.46 -28.49
C ILE C 255 -9.15 22.96 -27.17
N PHE C 256 -8.27 22.52 -26.28
CA PHE C 256 -8.64 22.11 -24.93
C PHE C 256 -8.05 23.10 -23.94
N SER C 257 -8.90 23.91 -23.32
CA SER C 257 -8.49 24.92 -22.35
C SER C 257 -8.86 24.40 -20.96
N LEU C 258 -7.86 23.88 -20.25
CA LEU C 258 -8.07 23.34 -18.91
C LEU C 258 -7.83 24.35 -17.81
N GLU C 259 -7.43 25.58 -18.13
CA GLU C 259 -7.17 26.59 -17.14
C GLU C 259 -7.86 27.92 -17.39
N MET C 260 -8.42 28.14 -18.58
CA MET C 260 -9.05 29.41 -18.90
C MET C 260 -10.41 29.16 -19.53
N PRO C 261 -11.39 30.05 -19.31
CA PRO C 261 -12.69 29.90 -19.96
C PRO C 261 -12.64 30.28 -21.43
N ALA C 262 -13.75 30.06 -22.13
CA ALA C 262 -13.80 30.36 -23.56
C ALA C 262 -13.91 31.86 -23.83
N GLU C 263 -14.54 32.62 -22.92
CA GLU C 263 -14.71 34.05 -23.15
C GLU C 263 -13.37 34.77 -23.20
N GLN C 264 -12.45 34.43 -22.28
CA GLN C 264 -11.15 35.07 -22.26
C GLN C 264 -10.35 34.75 -23.52
N ILE C 265 -10.42 33.48 -23.97
CA ILE C 265 -9.73 33.10 -25.20
C ILE C 265 -10.30 33.84 -26.40
N MET C 266 -11.62 34.00 -26.44
CA MET C 266 -12.25 34.73 -27.54
C MET C 266 -11.83 36.20 -27.53
N MET C 267 -11.75 36.80 -26.33
CA MET C 267 -11.26 38.18 -26.24
C MET C 267 -9.82 38.28 -26.71
N ARG C 268 -8.99 37.31 -26.34
CA ARG C 268 -7.61 37.30 -26.82
C ARG C 268 -7.53 37.20 -28.33
N MET C 269 -8.36 36.33 -28.93
CA MET C 269 -8.36 36.20 -30.39
C MET C 269 -8.80 37.49 -31.06
N LEU C 270 -9.85 38.12 -30.54
CA LEU C 270 -10.31 39.38 -31.11
C LEU C 270 -9.25 40.46 -31.00
N ALA C 271 -8.59 40.55 -29.84
CA ALA C 271 -7.54 41.55 -29.65
C ALA C 271 -6.37 41.29 -30.58
N SER C 272 -6.01 40.03 -30.78
CA SER C 272 -4.87 39.70 -31.64
C SER C 272 -5.17 40.02 -33.10
N LEU C 273 -6.33 39.59 -33.59
CA LEU C 273 -6.64 39.77 -35.00
C LEU C 273 -7.06 41.19 -35.34
N SER C 274 -7.64 41.92 -34.40
CA SER C 274 -8.21 43.23 -34.66
C SER C 274 -7.25 44.37 -34.37
N ARG C 275 -6.06 44.10 -33.83
CA ARG C 275 -5.12 45.13 -33.40
C ARG C 275 -5.78 46.11 -32.43
N VAL C 276 -6.52 45.56 -31.47
CA VAL C 276 -7.21 46.34 -30.45
C VAL C 276 -6.69 45.91 -29.09
N ASP C 277 -6.46 46.88 -28.20
CA ASP C 277 -5.91 46.60 -26.89
C ASP C 277 -6.80 45.63 -26.12
N GLN C 278 -6.17 44.64 -25.49
CA GLN C 278 -6.92 43.61 -24.76
C GLN C 278 -7.64 44.20 -23.56
N THR C 279 -7.00 45.13 -22.85
CA THR C 279 -7.63 45.73 -21.67
C THR C 279 -8.88 46.52 -22.06
N LYS C 280 -8.83 47.24 -23.18
CA LYS C 280 -10.00 47.98 -23.64
C LYS C 280 -11.16 47.04 -23.94
N ILE C 281 -10.88 45.91 -24.60
CA ILE C 281 -11.92 44.93 -24.89
C ILE C 281 -12.49 44.36 -23.60
N ARG C 282 -11.61 43.99 -22.68
CA ARG C 282 -12.06 43.35 -21.43
C ARG C 282 -12.91 44.29 -20.59
N THR C 283 -12.47 45.54 -20.42
CA THR C 283 -13.24 46.49 -19.62
C THR C 283 -14.48 46.95 -20.38
N GLY C 284 -14.33 47.28 -21.66
CA GLY C 284 -15.43 47.72 -22.49
C GLY C 284 -15.22 49.08 -23.14
N GLN C 285 -14.21 49.83 -22.72
CA GLN C 285 -13.97 51.15 -23.27
C GLN C 285 -13.42 51.03 -24.69
N LEU C 286 -14.16 51.55 -25.66
CA LEU C 286 -13.78 51.44 -27.07
C LEU C 286 -14.26 52.66 -27.82
N ASP C 287 -13.67 52.87 -28.99
CA ASP C 287 -14.05 53.95 -29.89
C ASP C 287 -14.55 53.37 -31.22
N ASP C 288 -14.81 54.25 -32.18
CA ASP C 288 -15.41 53.81 -33.44
C ASP C 288 -14.46 52.91 -34.23
N GLU C 289 -13.17 53.26 -34.30
CA GLU C 289 -12.23 52.48 -35.09
C GLU C 289 -12.06 51.08 -34.51
N ASP C 290 -12.01 50.97 -33.18
CA ASP C 290 -11.91 49.67 -32.55
C ASP C 290 -13.13 48.82 -32.86
N TRP C 291 -14.32 49.42 -32.84
CA TRP C 291 -15.53 48.70 -33.18
C TRP C 291 -15.51 48.24 -34.63
N ALA C 292 -15.01 49.08 -35.54
CA ALA C 292 -14.91 48.67 -36.94
C ALA C 292 -13.97 47.48 -37.11
N ARG C 293 -12.81 47.54 -36.46
CA ARG C 293 -11.85 46.44 -36.54
C ARG C 293 -12.44 45.15 -35.98
N ILE C 294 -13.08 45.24 -34.81
CA ILE C 294 -13.64 44.04 -34.20
C ILE C 294 -14.80 43.50 -35.03
N SER C 295 -15.58 44.38 -35.66
CA SER C 295 -16.67 43.91 -36.52
C SER C 295 -16.13 43.19 -37.75
N SER C 296 -15.06 43.70 -38.35
CA SER C 296 -14.45 43.00 -39.47
C SER C 296 -13.93 41.63 -39.05
N THR C 297 -13.26 41.57 -37.89
CA THR C 297 -12.76 40.29 -37.40
C THR C 297 -13.89 39.31 -37.13
N MET C 298 -14.98 39.80 -36.53
CA MET C 298 -16.13 38.94 -36.26
C MET C 298 -16.75 38.43 -37.56
N GLY C 299 -16.84 39.29 -38.57
CA GLY C 299 -17.34 38.84 -39.86
C GLY C 299 -16.48 37.75 -40.47
N ILE C 300 -15.16 37.92 -40.40
CA ILE C 300 -14.26 36.90 -40.93
C ILE C 300 -14.43 35.58 -40.18
N LEU C 301 -14.50 35.65 -38.85
CA LEU C 301 -14.65 34.43 -38.05
C LEU C 301 -15.98 33.75 -38.33
N MET C 302 -17.06 34.52 -38.44
CA MET C 302 -18.37 33.93 -38.75
C MET C 302 -18.38 33.30 -40.14
N GLU C 303 -17.69 33.91 -41.11
CA GLU C 303 -17.57 33.28 -42.42
C GLU C 303 -16.79 31.97 -42.33
N LYS C 304 -15.72 31.94 -41.54
CA LYS C 304 -14.90 30.74 -41.47
C LYS C 304 -15.63 29.60 -40.75
N LYS C 305 -15.95 29.80 -39.47
CA LYS C 305 -16.57 28.78 -38.62
C LYS C 305 -15.79 27.45 -38.71
N ASN C 306 -14.54 27.52 -38.26
CA ASN C 306 -13.64 26.38 -38.38
C ASN C 306 -12.83 26.11 -37.11
N MET C 307 -13.36 26.48 -35.94
CA MET C 307 -12.64 26.29 -34.69
C MET C 307 -13.57 25.73 -33.63
N TYR C 308 -13.03 24.88 -32.76
CA TYR C 308 -13.76 24.30 -31.65
C TYR C 308 -12.96 24.48 -30.37
N ILE C 309 -13.64 24.81 -29.28
CA ILE C 309 -13.00 25.05 -27.99
C ILE C 309 -13.72 24.21 -26.94
N ASP C 310 -12.95 23.48 -26.14
CA ASP C 310 -13.46 22.72 -25.00
C ASP C 310 -12.83 23.27 -23.74
N ASP C 311 -13.65 23.70 -22.78
CA ASP C 311 -13.19 24.37 -21.58
C ASP C 311 -13.44 23.55 -20.31
N SER C 312 -13.73 22.27 -20.46
CA SER C 312 -13.94 21.42 -19.29
C SER C 312 -12.62 21.19 -18.55
N SER C 313 -12.72 21.06 -17.24
CA SER C 313 -11.54 20.93 -16.39
C SER C 313 -11.39 19.52 -15.86
N GLY C 314 -10.14 19.16 -15.53
CA GLY C 314 -9.83 17.87 -14.96
C GLY C 314 -10.12 16.72 -15.90
N LEU C 315 -9.69 16.85 -17.16
CA LEU C 315 -10.00 15.85 -18.17
C LEU C 315 -9.01 14.69 -18.09
N THR C 316 -9.54 13.49 -18.20
CA THR C 316 -8.71 12.29 -18.35
C THR C 316 -8.38 12.08 -19.82
N PRO C 317 -7.31 11.31 -20.11
CA PRO C 317 -6.99 11.03 -21.51
C PRO C 317 -8.12 10.36 -22.29
N THR C 318 -8.91 9.50 -21.62
CA THR C 318 -10.00 8.81 -22.31
C THR C 318 -11.05 9.80 -22.81
N GLU C 319 -11.41 10.78 -21.97
CA GLU C 319 -12.41 11.76 -22.39
C GLU C 319 -11.91 12.59 -23.57
N VAL C 320 -10.64 13.01 -23.52
CA VAL C 320 -10.08 13.80 -24.62
C VAL C 320 -10.08 12.99 -25.90
N ARG C 321 -9.66 11.71 -25.81
CA ARG C 321 -9.63 10.85 -26.98
C ARG C 321 -11.03 10.66 -27.56
N SER C 322 -12.02 10.44 -26.69
CA SER C 322 -13.39 10.23 -27.16
C SER C 322 -13.94 11.47 -27.85
N ARG C 323 -13.72 12.65 -27.25
CA ARG C 323 -14.22 13.88 -27.85
C ARG C 323 -13.53 14.18 -29.18
N ALA C 324 -12.21 13.96 -29.23
CA ALA C 324 -11.49 14.16 -30.49
C ALA C 324 -11.99 13.21 -31.57
N ARG C 325 -12.23 11.94 -31.21
CA ARG C 325 -12.77 10.98 -32.18
C ARG C 325 -14.14 11.40 -32.66
N ARG C 326 -15.00 11.87 -31.75
CA ARG C 326 -16.34 12.31 -32.13
C ARG C 326 -16.27 13.47 -33.11
N ILE C 327 -15.44 14.47 -32.80
CA ILE C 327 -15.33 15.63 -33.69
C ILE C 327 -14.75 15.22 -35.04
N ALA C 328 -13.73 14.36 -35.04
CA ALA C 328 -13.11 13.93 -36.28
C ALA C 328 -14.09 13.17 -37.15
N ARG C 329 -14.87 12.28 -36.56
CA ARG C 329 -15.85 11.52 -37.34
C ARG C 329 -16.99 12.40 -37.81
N GLU C 330 -17.35 13.42 -37.04
CA GLU C 330 -18.43 14.31 -37.46
C GLU C 330 -17.99 15.18 -38.64
N HIS C 331 -16.80 15.78 -38.55
CA HIS C 331 -16.33 16.70 -39.58
C HIS C 331 -15.43 16.03 -40.61
N GLY C 332 -15.10 14.76 -40.44
CA GLY C 332 -14.27 14.05 -41.41
C GLY C 332 -12.79 14.19 -41.22
N GLY C 333 -12.33 14.98 -40.27
CA GLY C 333 -10.91 15.14 -40.04
C GLY C 333 -10.64 16.31 -39.11
N LEU C 334 -9.36 16.44 -38.74
CA LEU C 334 -8.89 17.50 -37.88
C LEU C 334 -7.58 18.05 -38.42
N SER C 335 -7.19 19.21 -37.90
CA SER C 335 -5.91 19.83 -38.24
C SER C 335 -4.95 19.88 -37.06
N LEU C 336 -5.39 20.40 -35.92
CA LEU C 336 -4.56 20.51 -34.73
C LEU C 336 -5.36 20.15 -33.50
N ILE C 337 -4.64 19.80 -32.42
CA ILE C 337 -5.22 19.55 -31.10
C ILE C 337 -4.31 20.24 -30.09
N MET C 338 -4.81 21.32 -29.48
CA MET C 338 -4.04 22.10 -28.53
C MET C 338 -4.48 21.77 -27.12
N VAL C 339 -3.52 21.52 -26.24
CA VAL C 339 -3.77 21.14 -24.85
C VAL C 339 -3.08 22.16 -23.94
N ASP C 340 -3.81 22.70 -22.98
CA ASP C 340 -3.30 23.72 -22.06
C ASP C 340 -3.87 23.44 -20.67
N TYR C 341 -3.12 22.69 -19.86
CA TYR C 341 -1.85 22.11 -20.28
C TYR C 341 -1.73 20.66 -19.80
N LEU C 342 -0.52 20.10 -19.94
CA LEU C 342 -0.32 18.67 -19.70
C LEU C 342 -0.53 18.32 -18.23
N GLN C 343 0.00 19.12 -17.32
CA GLN C 343 -0.03 18.76 -15.90
C GLN C 343 -1.43 18.80 -15.30
N LEU C 344 -2.37 19.53 -15.91
CA LEU C 344 -3.70 19.65 -15.37
C LEU C 344 -4.54 18.39 -15.53
N MET C 345 -4.23 17.55 -16.52
CA MET C 345 -4.96 16.30 -16.69
C MET C 345 -4.67 15.36 -15.51
N ARG C 346 -5.68 14.55 -15.17
CA ARG C 346 -5.60 13.65 -14.03
C ARG C 346 -5.92 12.23 -14.47
N VAL C 347 -5.23 11.28 -13.85
CA VAL C 347 -5.49 9.85 -14.06
C VAL C 347 -5.82 9.22 -12.72
N PRO C 348 -7.07 8.81 -12.49
CA PRO C 348 -7.45 8.30 -11.17
C PRO C 348 -6.70 7.04 -10.76
N ALA C 349 -6.35 6.17 -11.71
CA ALA C 349 -5.75 4.89 -11.36
C ALA C 349 -4.39 5.07 -10.69
N LEU C 350 -3.57 5.98 -11.21
CA LEU C 350 -2.20 6.16 -10.73
C LEU C 350 -2.06 7.43 -9.89
N THR C 351 -3.06 7.76 -9.09
CA THR C 351 -3.02 8.98 -8.30
C THR C 351 -1.92 8.95 -7.23
N ASP C 352 -1.48 7.76 -6.82
CA ASP C 352 -0.46 7.64 -5.79
C ASP C 352 0.91 8.12 -6.24
N ASN C 353 1.29 7.89 -7.50
CA ASN C 353 2.60 8.29 -8.01
C ASN C 353 2.39 9.31 -9.12
N ARG C 354 3.00 10.48 -8.97
CA ARG C 354 2.80 11.56 -9.94
C ARG C 354 3.59 11.32 -11.22
N THR C 355 4.80 10.78 -11.10
CA THR C 355 5.65 10.56 -12.28
C THR C 355 5.00 9.58 -13.23
N LEU C 356 4.46 8.48 -12.69
CA LEU C 356 3.77 7.50 -13.53
C LEU C 356 2.53 8.11 -14.19
N GLU C 357 1.81 8.97 -13.47
CA GLU C 357 0.64 9.62 -14.04
C GLU C 357 1.04 10.52 -15.20
N ILE C 358 2.12 11.29 -15.04
CA ILE C 358 2.60 12.15 -16.13
C ILE C 358 3.06 11.32 -17.31
N ALA C 359 3.75 10.20 -17.06
CA ALA C 359 4.18 9.32 -18.14
C ALA C 359 2.98 8.76 -18.89
N GLU C 360 1.94 8.36 -18.16
CA GLU C 360 0.73 7.85 -18.82
C GLU C 360 0.06 8.93 -19.65
N ILE C 361 0.01 10.16 -19.13
CA ILE C 361 -0.60 11.26 -19.89
C ILE C 361 0.17 11.50 -21.19
N SER C 362 1.49 11.53 -21.10
CA SER C 362 2.31 11.76 -22.29
C SER C 362 2.13 10.63 -23.31
N ARG C 363 2.12 9.38 -22.83
CA ARG C 363 1.94 8.26 -23.74
C ARG C 363 0.57 8.30 -24.40
N SER C 364 -0.47 8.66 -23.64
CA SER C 364 -1.81 8.75 -24.22
C SER C 364 -1.88 9.85 -25.27
N LEU C 365 -1.26 11.00 -25.00
CA LEU C 365 -1.24 12.07 -25.99
C LEU C 365 -0.51 11.64 -27.26
N LYS C 366 0.63 10.96 -27.11
CA LYS C 366 1.35 10.46 -28.28
C LYS C 366 0.52 9.45 -29.07
N ALA C 367 -0.17 8.55 -28.37
CA ALA C 367 -1.01 7.56 -29.03
C ALA C 367 -2.16 8.23 -29.78
N LEU C 368 -2.77 9.24 -29.17
CA LEU C 368 -3.84 9.98 -29.85
C LEU C 368 -3.32 10.68 -31.10
N ALA C 369 -2.14 11.30 -31.00
CA ALA C 369 -1.56 11.96 -32.17
C ALA C 369 -1.28 10.96 -33.28
N LYS C 370 -0.77 9.78 -32.93
CA LYS C 370 -0.52 8.75 -33.93
C LYS C 370 -1.82 8.23 -34.55
N GLU C 371 -2.86 8.11 -33.73
CA GLU C 371 -4.13 7.56 -34.22
C GLU C 371 -4.83 8.52 -35.16
N LEU C 372 -4.94 9.80 -34.77
CA LEU C 372 -5.68 10.76 -35.59
C LEU C 372 -4.84 11.36 -36.71
N ASN C 373 -3.54 11.08 -36.76
CA ASN C 373 -2.65 11.61 -37.79
C ASN C 373 -2.69 13.14 -37.83
N VAL C 374 -2.70 13.76 -36.65
CA VAL C 374 -2.70 15.22 -36.55
C VAL C 374 -1.71 15.65 -35.48
N PRO C 375 -1.07 16.80 -35.69
CA PRO C 375 -0.15 17.33 -34.67
C PRO C 375 -0.90 17.70 -33.41
N VAL C 376 -0.27 17.40 -32.27
CA VAL C 376 -0.81 17.72 -30.95
C VAL C 376 0.17 18.66 -30.28
N VAL C 377 -0.30 19.84 -29.89
CA VAL C 377 0.52 20.84 -29.22
C VAL C 377 0.12 20.84 -27.75
N ALA C 378 1.02 20.36 -26.90
CA ALA C 378 0.76 20.27 -25.46
C ALA C 378 1.72 21.20 -24.72
N LEU C 379 1.16 22.08 -23.90
CA LEU C 379 1.96 23.01 -23.11
C LEU C 379 2.45 22.33 -21.84
N SER C 380 3.57 22.83 -21.31
CA SER C 380 4.16 22.24 -20.12
C SER C 380 4.89 23.33 -19.34
N GLN C 381 5.12 23.06 -18.06
CA GLN C 381 5.75 24.01 -17.16
C GLN C 381 7.25 23.73 -17.06
N LEU C 382 7.93 24.55 -16.27
CA LEU C 382 9.37 24.41 -16.03
C LEU C 382 9.64 24.41 -14.53
N ASN C 383 10.75 23.79 -14.15
CA ASN C 383 11.15 23.75 -12.76
C ASN C 383 11.54 25.13 -12.26
N ARG C 384 11.71 25.24 -10.94
CA ARG C 384 12.24 26.43 -10.32
C ARG C 384 13.77 26.40 -10.21
N SER C 385 14.40 25.30 -10.62
CA SER C 385 15.85 25.23 -10.60
C SER C 385 16.47 26.14 -11.65
N LEU C 386 15.67 26.61 -12.61
CA LEU C 386 16.18 27.56 -13.59
C LEU C 386 16.55 28.89 -12.95
N GLU C 387 15.89 29.24 -11.84
CA GLU C 387 16.15 30.51 -11.17
C GLU C 387 17.37 30.48 -10.26
N GLN C 388 17.96 29.30 -10.04
CA GLN C 388 19.14 29.16 -9.18
C GLN C 388 20.41 29.04 -10.02
N ARG C 389 20.43 29.70 -11.17
CA ARG C 389 21.57 29.62 -12.08
C ARG C 389 21.88 31.01 -12.61
N ALA C 390 23.14 31.20 -13.02
CA ALA C 390 23.57 32.47 -13.57
C ALA C 390 22.86 32.78 -14.88
N ASP C 391 22.68 31.78 -15.72
CA ASP C 391 22.00 31.93 -17.00
C ASP C 391 20.60 31.35 -16.89
N LYS C 392 19.60 32.12 -17.33
CA LYS C 392 18.19 31.77 -17.17
C LYS C 392 17.63 31.04 -18.38
N ARG C 393 18.44 30.71 -19.37
CA ARG C 393 17.95 30.06 -20.57
C ARG C 393 17.43 28.66 -20.24
N PRO C 394 16.25 28.27 -20.69
CA PRO C 394 15.73 26.94 -20.38
C PRO C 394 16.52 25.85 -21.09
N VAL C 395 16.49 24.65 -20.49
CA VAL C 395 17.08 23.46 -21.07
C VAL C 395 16.03 22.36 -21.11
N ASN C 396 16.37 21.26 -21.76
CA ASN C 396 15.42 20.15 -21.91
C ASN C 396 15.04 19.53 -20.58
N SER C 397 16.00 19.40 -19.66
CA SER C 397 15.77 18.75 -18.38
C SER C 397 15.18 19.70 -17.32
N ASP C 398 14.49 20.75 -17.74
CA ASP C 398 13.89 21.70 -16.82
C ASP C 398 12.37 21.57 -16.72
N LEU C 399 11.74 20.82 -17.62
CA LEU C 399 10.29 20.66 -17.54
C LEU C 399 9.93 19.83 -16.32
N ARG C 400 8.75 20.11 -15.76
CA ARG C 400 8.36 19.54 -14.47
C ARG C 400 7.94 18.09 -14.60
N GLU C 401 8.53 17.22 -13.78
CA GLU C 401 8.17 15.81 -13.70
C GLU C 401 8.18 15.15 -15.07
N SER C 402 9.22 15.46 -15.86
CA SER C 402 9.15 15.37 -17.30
C SER C 402 10.25 14.48 -17.86
N GLY C 403 10.45 13.31 -17.25
CA GLY C 403 11.28 12.31 -17.91
C GLY C 403 10.63 11.82 -19.19
N SER C 404 9.38 11.38 -19.11
CA SER C 404 8.69 10.89 -20.29
C SER C 404 8.31 12.03 -21.22
N ILE C 405 8.09 13.23 -20.67
CA ILE C 405 7.73 14.37 -21.51
C ILE C 405 8.86 14.67 -22.48
N GLU C 406 10.11 14.67 -22.00
CA GLU C 406 11.25 14.92 -22.87
C GLU C 406 11.74 13.67 -23.58
N GLN C 407 11.31 12.48 -23.15
CA GLN C 407 11.75 11.25 -23.82
C GLN C 407 10.93 10.93 -25.07
N ASP C 408 9.63 11.22 -25.07
CA ASP C 408 8.77 10.91 -26.20
C ASP C 408 8.10 12.16 -26.78
N ALA C 409 8.88 13.22 -26.97
CA ALA C 409 8.41 14.44 -27.63
C ALA C 409 9.19 14.61 -28.94
N ASP C 410 8.45 14.80 -30.04
CA ASP C 410 9.11 14.95 -31.33
C ASP C 410 9.71 16.34 -31.49
N LEU C 411 9.16 17.34 -30.81
CA LEU C 411 9.62 18.72 -30.93
C LEU C 411 9.33 19.47 -29.65
N ILE C 412 10.36 20.09 -29.08
CA ILE C 412 10.23 20.89 -27.86
C ILE C 412 10.71 22.29 -28.17
N MET C 413 9.88 23.29 -27.86
CA MET C 413 10.21 24.69 -28.09
C MET C 413 10.09 25.45 -26.78
N PHE C 414 11.11 26.26 -26.47
CA PHE C 414 11.15 27.07 -25.26
C PHE C 414 11.03 28.54 -25.63
N ILE C 415 10.27 29.28 -24.85
CA ILE C 415 10.08 30.72 -25.05
C ILE C 415 10.89 31.46 -24.00
N TYR C 416 11.80 32.31 -24.44
CA TYR C 416 12.65 33.07 -23.54
C TYR C 416 12.62 34.54 -23.89
N ARG C 417 12.33 35.37 -22.89
CA ARG C 417 12.35 36.82 -23.03
C ARG C 417 13.40 37.37 -22.08
N ASP C 418 14.30 38.20 -22.61
CA ASP C 418 15.43 38.71 -21.84
C ASP C 418 15.09 40.02 -21.12
N GLU C 419 13.92 40.59 -21.35
CA GLU C 419 13.55 41.85 -20.72
C GLU C 419 12.83 41.66 -19.39
N VAL C 420 12.62 40.41 -18.96
CA VAL C 420 11.94 40.15 -17.69
C VAL C 420 12.98 39.87 -16.62
N TYR C 421 14.19 39.50 -17.04
CA TYR C 421 15.29 39.27 -16.11
C TYR C 421 16.27 40.45 -16.10
N HIS C 422 16.60 40.97 -17.27
CA HIS C 422 17.46 42.14 -17.39
C HIS C 422 16.66 43.28 -18.00
N PRO C 423 16.13 44.20 -17.19
CA PRO C 423 15.23 45.24 -17.73
C PRO C 423 15.89 46.20 -18.70
N ASP C 424 17.22 46.30 -18.71
CA ASP C 424 17.93 47.24 -19.57
C ASP C 424 18.59 46.54 -20.75
N SER C 425 18.07 45.39 -21.15
CA SER C 425 18.64 44.65 -22.26
C SER C 425 18.27 45.32 -23.58
N PRO C 426 19.11 45.17 -24.61
CA PRO C 426 18.77 45.70 -25.94
C PRO C 426 17.68 44.92 -26.67
N LEU C 427 17.10 43.91 -26.05
CA LEU C 427 16.10 43.06 -26.67
C LEU C 427 14.70 43.40 -26.17
N LYS C 428 14.45 44.68 -25.91
CA LYS C 428 13.14 45.11 -25.47
C LYS C 428 12.11 44.91 -26.58
N GLY C 429 10.95 44.37 -26.23
CA GLY C 429 9.93 44.07 -27.22
C GLY C 429 10.35 43.01 -28.21
N THR C 430 11.05 41.98 -27.73
CA THR C 430 11.53 40.90 -28.60
C THR C 430 11.49 39.60 -27.80
N ALA C 431 11.39 38.49 -28.51
CA ALA C 431 11.34 37.18 -27.90
C ALA C 431 12.21 36.21 -28.67
N GLU C 432 12.64 35.14 -27.98
CA GLU C 432 13.47 34.11 -28.58
C GLU C 432 12.81 32.76 -28.39
N ILE C 433 12.68 32.02 -29.50
CA ILE C 433 12.12 30.68 -29.51
C ILE C 433 13.27 29.70 -29.64
N ILE C 434 13.49 28.88 -28.60
CA ILE C 434 14.60 27.94 -28.55
C ILE C 434 14.05 26.55 -28.86
N ILE C 435 14.64 25.90 -29.86
CA ILE C 435 14.25 24.54 -30.24
C ILE C 435 15.19 23.57 -29.54
N GLY C 436 14.77 23.06 -28.38
CA GLY C 436 15.62 22.21 -27.58
C GLY C 436 15.74 20.78 -28.07
N LYS C 437 14.81 20.33 -28.92
CA LYS C 437 14.86 18.96 -29.40
C LYS C 437 14.09 18.85 -30.71
N GLN C 438 14.62 18.08 -31.64
CA GLN C 438 13.95 17.78 -32.90
C GLN C 438 14.58 16.53 -33.49
N ARG C 439 13.79 15.46 -33.62
CA ARG C 439 14.34 14.18 -34.07
C ARG C 439 14.87 14.27 -35.49
N ASN C 440 14.12 14.89 -36.39
CA ASN C 440 14.48 14.87 -37.81
C ASN C 440 14.76 16.29 -38.32
N GLY C 441 15.47 17.09 -37.53
CA GLY C 441 15.81 18.43 -37.94
C GLY C 441 16.86 19.06 -37.05
N PRO C 442 17.44 20.16 -37.49
CA PRO C 442 18.45 20.85 -36.69
C PRO C 442 17.82 21.59 -35.52
N ILE C 443 18.68 21.97 -34.58
CA ILE C 443 18.27 22.70 -33.38
C ILE C 443 18.93 24.06 -33.40
N GLY C 444 18.15 25.10 -33.08
CA GLY C 444 18.65 26.45 -33.07
C GLY C 444 17.77 27.42 -32.33
N SER C 445 17.62 28.64 -32.85
CA SER C 445 16.80 29.65 -32.21
C SER C 445 16.21 30.57 -33.27
N VAL C 446 15.04 31.11 -32.96
CA VAL C 446 14.31 32.01 -33.86
C VAL C 446 13.87 33.22 -33.05
N ARG C 447 14.06 34.41 -33.61
CA ARG C 447 13.74 35.66 -32.93
C ARG C 447 12.40 36.19 -33.44
N LEU C 448 11.53 36.59 -32.51
CA LEU C 448 10.21 37.09 -32.83
C LEU C 448 9.94 38.36 -32.05
N THR C 449 8.91 39.09 -32.46
CA THR C 449 8.50 40.34 -31.83
C THR C 449 7.25 40.09 -31.00
N PHE C 450 7.29 40.53 -29.74
CA PHE C 450 6.21 40.30 -28.80
C PHE C 450 5.46 41.60 -28.54
N GLN C 451 4.18 41.64 -28.90
CA GLN C 451 3.30 42.77 -28.62
C GLN C 451 2.34 42.32 -27.53
N GLY C 452 2.60 42.72 -26.29
CA GLY C 452 1.86 42.19 -25.16
C GLY C 452 0.39 42.58 -25.15
N HIS C 453 0.09 43.84 -25.42
CA HIS C 453 -1.28 44.32 -25.31
C HIS C 453 -2.20 43.76 -26.39
N TYR C 454 -1.65 43.13 -27.43
CA TYR C 454 -2.45 42.46 -28.44
C TYR C 454 -2.42 40.95 -28.33
N SER C 455 -1.61 40.40 -27.43
CA SER C 455 -1.42 38.96 -27.30
C SER C 455 -1.02 38.35 -28.63
N ARG C 456 0.07 38.87 -29.21
CA ARG C 456 0.47 38.51 -30.57
C ARG C 456 1.97 38.34 -30.66
N PHE C 457 2.40 37.25 -31.31
CA PHE C 457 3.77 37.12 -31.78
C PHE C 457 3.82 37.40 -33.27
N ASP C 458 4.86 38.11 -33.70
CA ASP C 458 4.99 38.49 -35.09
C ASP C 458 6.44 38.34 -35.53
N ASN C 459 6.65 38.40 -36.85
CA ASN C 459 7.99 38.27 -37.41
C ASN C 459 8.85 39.47 -37.04
N TYR C 460 10.16 39.23 -36.97
CA TYR C 460 11.12 40.26 -36.62
C TYR C 460 11.76 40.79 -37.89
N ALA C 461 11.29 41.95 -38.36
CA ALA C 461 11.79 42.55 -39.59
C ALA C 461 13.15 43.19 -39.43
N GLY C 462 13.45 43.74 -38.25
CA GLY C 462 14.70 44.40 -38.01
C GLY C 462 15.86 43.42 -37.91
N PRO C 463 17.09 43.96 -37.85
CA PRO C 463 18.30 43.14 -37.72
C PRO C 463 18.34 42.30 -36.45
N VAL D 23 -9.14 -48.36 -10.00
CA VAL D 23 -8.26 -48.98 -10.97
C VAL D 23 -6.89 -48.30 -10.94
N PRO D 24 -5.83 -49.09 -10.84
CA PRO D 24 -4.47 -48.51 -10.81
C PRO D 24 -4.18 -47.76 -12.09
N PRO D 25 -3.43 -46.67 -12.01
CA PRO D 25 -3.10 -45.90 -13.22
C PRO D 25 -2.29 -46.73 -14.20
N HIS D 26 -2.65 -46.60 -15.48
CA HIS D 26 -1.98 -47.33 -16.55
C HIS D 26 -2.44 -46.70 -17.88
N SER D 27 -1.76 -47.08 -18.95
CA SER D 27 -2.12 -46.62 -20.29
C SER D 27 -1.78 -47.74 -21.27
N LEU D 28 -2.77 -48.58 -21.60
CA LEU D 28 -2.52 -49.69 -22.51
C LEU D 28 -2.15 -49.19 -23.90
N GLU D 29 -2.79 -48.11 -24.34
CA GLU D 29 -2.48 -47.55 -25.66
C GLU D 29 -1.04 -47.10 -25.73
N ALA D 30 -0.51 -46.52 -24.64
CA ALA D 30 0.88 -46.10 -24.63
C ALA D 30 1.82 -47.29 -24.76
N GLU D 31 1.53 -48.40 -24.06
CA GLU D 31 2.37 -49.58 -24.16
C GLU D 31 2.31 -50.16 -25.58
N GLN D 32 1.12 -50.21 -26.17
CA GLN D 32 1.01 -50.70 -27.54
C GLN D 32 1.79 -49.82 -28.52
N SER D 33 1.73 -48.50 -28.32
CA SER D 33 2.49 -47.59 -29.17
C SER D 33 3.99 -47.80 -29.00
N VAL D 34 4.44 -48.02 -27.77
CA VAL D 34 5.86 -48.27 -27.54
C VAL D 34 6.30 -49.55 -28.23
N ILE D 35 5.50 -50.61 -28.10
CA ILE D 35 5.85 -51.89 -28.73
C ILE D 35 5.88 -51.74 -30.25
N GLY D 36 4.89 -51.04 -30.82
CA GLY D 36 4.88 -50.84 -32.25
C GLY D 36 6.08 -50.03 -32.73
N GLY D 37 6.42 -48.96 -31.99
CA GLY D 37 7.58 -48.17 -32.37
C GLY D 37 8.87 -48.96 -32.31
N LEU D 38 9.02 -49.81 -31.29
CA LEU D 38 10.18 -50.67 -31.22
C LEU D 38 10.22 -51.66 -32.38
N LEU D 39 9.06 -52.21 -32.75
CA LEU D 39 9.01 -53.17 -33.85
C LEU D 39 9.20 -52.51 -35.21
N LEU D 40 8.99 -51.20 -35.32
CA LEU D 40 9.07 -50.51 -36.60
C LEU D 40 10.31 -49.64 -36.74
N ASP D 41 11.00 -49.34 -35.64
CA ASP D 41 12.19 -48.48 -35.71
C ASP D 41 13.17 -48.95 -34.62
N ASN D 42 14.12 -49.80 -35.02
CA ASN D 42 15.09 -50.31 -34.07
C ASN D 42 16.22 -49.33 -33.81
N GLU D 43 16.38 -48.31 -34.66
CA GLU D 43 17.45 -47.33 -34.45
C GLU D 43 17.22 -46.52 -33.18
N ARG D 44 15.96 -46.36 -32.77
CA ARG D 44 15.64 -45.61 -31.58
C ARG D 44 15.60 -46.48 -30.33
N TRP D 45 15.93 -47.77 -30.45
CA TRP D 45 15.88 -48.66 -29.29
C TRP D 45 16.83 -48.21 -28.20
N ASP D 46 18.00 -47.70 -28.59
CA ASP D 46 18.95 -47.17 -27.60
C ASP D 46 18.35 -45.99 -26.84
N THR D 47 17.63 -45.12 -27.55
CA THR D 47 16.98 -43.99 -26.89
C THR D 47 15.89 -44.46 -25.94
N VAL D 48 15.09 -45.44 -26.36
CA VAL D 48 13.99 -45.92 -25.53
C VAL D 48 14.52 -46.62 -24.28
N SER D 49 15.57 -47.43 -24.43
CA SER D 49 16.08 -48.26 -23.35
C SER D 49 16.67 -47.45 -22.19
N GLU D 50 16.74 -46.13 -22.31
CA GLU D 50 17.27 -45.29 -21.25
C GLU D 50 16.26 -44.99 -20.15
N HIS D 51 14.98 -45.24 -20.39
CA HIS D 51 13.95 -44.84 -19.42
C HIS D 51 13.04 -46.00 -19.01
N VAL D 52 12.69 -46.88 -19.93
CA VAL D 52 11.73 -47.95 -19.66
C VAL D 52 12.48 -49.21 -19.23
N MET D 53 12.09 -49.75 -18.08
CA MET D 53 12.63 -51.02 -17.60
C MET D 53 11.62 -52.12 -17.82
N THR D 54 11.93 -53.31 -17.30
CA THR D 54 11.06 -54.46 -17.51
C THR D 54 9.76 -54.33 -16.73
N GLN D 55 9.84 -53.82 -15.50
CA GLN D 55 8.68 -53.80 -14.60
C GLN D 55 7.78 -52.60 -14.79
N ASP D 56 8.12 -51.67 -15.69
CA ASP D 56 7.29 -50.50 -15.91
C ASP D 56 5.95 -50.85 -16.56
N PHE D 57 5.94 -51.85 -17.44
CA PHE D 57 4.70 -52.26 -18.09
C PHE D 57 3.72 -52.82 -17.07
N TYR D 58 2.43 -52.57 -17.30
CA TYR D 58 1.38 -53.04 -16.40
C TYR D 58 0.81 -54.39 -16.85
N SER D 59 0.29 -54.45 -18.07
CA SER D 59 -0.34 -55.68 -18.55
C SER D 59 0.70 -56.78 -18.73
N ARG D 60 0.34 -57.99 -18.28
CA ARG D 60 1.25 -59.13 -18.37
C ARG D 60 1.63 -59.48 -19.80
N PRO D 61 0.69 -59.58 -20.77
CA PRO D 61 1.12 -59.83 -22.15
C PRO D 61 2.09 -58.77 -22.67
N HIS D 62 1.87 -57.50 -22.29
CA HIS D 62 2.81 -56.45 -22.67
C HIS D 62 4.18 -56.71 -22.06
N ARG D 63 4.21 -57.16 -20.80
CA ARG D 63 5.48 -57.48 -20.15
C ARG D 63 6.21 -58.58 -20.89
N LEU D 64 5.48 -59.64 -21.27
CA LEU D 64 6.11 -60.77 -21.94
C LEU D 64 6.62 -60.37 -23.33
N ILE D 65 5.82 -59.58 -24.06
CA ILE D 65 6.24 -59.13 -25.39
C ILE D 65 7.47 -58.24 -25.27
N PHE D 66 7.50 -57.35 -24.27
CA PHE D 66 8.66 -56.50 -24.07
C PHE D 66 9.89 -57.32 -23.71
N ASP D 67 9.72 -58.36 -22.89
CA ASP D 67 10.85 -59.22 -22.54
C ASP D 67 11.39 -59.94 -23.77
N GLY D 68 10.49 -60.44 -24.63
CA GLY D 68 10.94 -61.08 -25.86
C GLY D 68 11.66 -60.11 -26.79
N VAL D 69 11.12 -58.90 -26.92
CA VAL D 69 11.75 -57.90 -27.76
C VAL D 69 13.13 -57.54 -27.24
N LYS D 70 13.26 -57.37 -25.91
CA LYS D 70 14.56 -57.06 -25.32
C LYS D 70 15.54 -58.20 -25.54
N SER D 71 15.09 -59.44 -25.38
CA SER D 71 15.97 -60.59 -25.60
C SER D 71 16.44 -60.65 -27.05
N ILE D 72 15.54 -60.37 -27.99
CA ILE D 72 15.92 -60.39 -29.40
C ILE D 72 16.90 -59.27 -29.72
N LEU D 73 16.63 -58.06 -29.22
CA LEU D 73 17.44 -56.90 -29.57
C LEU D 73 18.78 -56.85 -28.84
N GLU D 74 18.91 -57.55 -27.71
CA GLU D 74 20.19 -57.55 -27.00
C GLU D 74 21.28 -58.20 -27.84
N ALA D 75 20.96 -59.29 -28.54
CA ALA D 75 21.92 -59.99 -29.37
C ALA D 75 22.30 -59.20 -30.62
N GLY D 76 21.57 -58.14 -30.95
CA GLY D 76 21.84 -57.37 -32.15
C GLY D 76 21.18 -57.89 -33.41
N LYS D 77 20.48 -59.01 -33.34
CA LYS D 77 19.82 -59.55 -34.51
C LYS D 77 18.65 -58.66 -34.92
N PRO D 78 18.34 -58.60 -36.21
CA PRO D 78 17.19 -57.80 -36.65
C PRO D 78 15.89 -58.30 -36.04
N LEU D 79 14.99 -57.37 -35.76
CA LEU D 79 13.73 -57.66 -35.10
C LEU D 79 12.57 -57.42 -36.07
N ASP D 80 11.76 -58.46 -36.28
CA ASP D 80 10.59 -58.36 -37.11
C ASP D 80 9.48 -59.21 -36.50
N LEU D 81 8.29 -59.14 -37.11
CA LEU D 81 7.15 -59.88 -36.59
C LEU D 81 7.37 -61.38 -36.67
N ILE D 82 7.94 -61.87 -37.78
CA ILE D 82 8.17 -63.29 -37.95
C ILE D 82 9.17 -63.81 -36.91
N THR D 83 10.26 -63.06 -36.70
CA THR D 83 11.24 -63.47 -35.70
C THR D 83 10.64 -63.48 -34.31
N LEU D 84 9.82 -62.47 -33.98
CA LEU D 84 9.18 -62.45 -32.67
C LEU D 84 8.24 -63.63 -32.48
N SER D 85 7.46 -63.96 -33.52
CA SER D 85 6.57 -65.11 -33.43
C SER D 85 7.35 -66.40 -33.26
N GLU D 86 8.47 -66.55 -33.99
CA GLU D 86 9.29 -67.73 -33.86
C GLU D 86 9.89 -67.84 -32.45
N TYR D 87 10.35 -66.71 -31.90
CA TYR D 87 10.90 -66.72 -30.55
C TYR D 87 9.84 -67.08 -29.53
N LEU D 88 8.62 -66.55 -29.68
CA LEU D 88 7.53 -66.92 -28.78
C LEU D 88 7.19 -68.40 -28.90
N GLU D 89 7.21 -68.94 -30.11
CA GLU D 89 6.98 -70.37 -30.28
C GLU D 89 8.07 -71.20 -29.62
N GLN D 90 9.32 -70.70 -29.65
CA GLN D 90 10.42 -71.42 -29.01
C GLN D 90 10.22 -71.53 -27.51
N ARG D 91 9.70 -70.48 -26.86
CA ARG D 91 9.42 -70.50 -25.44
C ARG D 91 8.00 -70.96 -25.14
N GLU D 92 7.25 -71.39 -26.15
CA GLU D 92 5.88 -71.89 -25.99
C GLU D 92 4.97 -70.86 -25.32
N GLN D 93 5.09 -69.60 -25.76
CA GLN D 93 4.30 -68.51 -25.21
C GLN D 93 3.61 -67.70 -26.31
N LEU D 94 3.57 -68.23 -27.54
CA LEU D 94 2.97 -67.48 -28.65
C LEU D 94 1.48 -67.29 -28.44
N GLU D 95 0.76 -68.33 -28.00
CA GLU D 95 -0.67 -68.22 -27.78
C GLU D 95 -1.00 -67.49 -26.50
N ASP D 96 -0.11 -67.53 -25.51
CA ASP D 96 -0.39 -66.92 -24.21
C ASP D 96 -0.59 -65.41 -24.32
N VAL D 97 0.26 -64.73 -25.08
CA VAL D 97 0.18 -63.28 -25.16
C VAL D 97 -1.06 -62.82 -25.90
N GLY D 98 -1.63 -63.65 -26.76
CA GLY D 98 -2.80 -63.27 -27.52
C GLY D 98 -2.79 -63.82 -28.94
N GLY D 99 -1.62 -64.20 -29.41
CA GLY D 99 -1.47 -64.79 -30.73
C GLY D 99 -0.81 -63.84 -31.71
N PHE D 100 -0.61 -64.36 -32.93
CA PHE D 100 0.00 -63.57 -33.99
C PHE D 100 -0.88 -62.39 -34.40
N ALA D 101 -2.20 -62.57 -34.33
CA ALA D 101 -3.11 -61.49 -34.74
C ALA D 101 -2.95 -60.27 -33.85
N TYR D 102 -2.77 -60.48 -32.54
CA TYR D 102 -2.60 -59.35 -31.63
C TYR D 102 -1.34 -58.56 -31.97
N LEU D 103 -0.23 -59.26 -32.22
CA LEU D 103 1.01 -58.57 -32.57
C LEU D 103 0.87 -57.86 -33.91
N ALA D 104 0.17 -58.48 -34.87
CA ALA D 104 -0.05 -57.83 -36.16
C ALA D 104 -0.88 -56.56 -35.99
N ASP D 105 -1.90 -56.59 -35.13
CA ASP D 105 -2.68 -55.39 -34.87
C ASP D 105 -1.85 -54.32 -34.19
N LEU D 106 -0.98 -54.73 -33.25
CA LEU D 106 -0.09 -53.76 -32.62
C LEU D 106 0.82 -53.09 -33.63
N ALA D 107 1.37 -53.86 -34.56
CA ALA D 107 2.23 -53.30 -35.59
C ALA D 107 1.45 -52.38 -36.52
N LYS D 108 0.23 -52.76 -36.89
CA LYS D 108 -0.55 -52.01 -37.86
C LYS D 108 -1.08 -50.70 -37.29
N ASN D 109 -1.50 -50.71 -36.03
CA ASN D 109 -2.14 -49.55 -35.42
C ASN D 109 -1.15 -48.50 -34.94
N THR D 110 0.10 -48.55 -35.37
CA THR D 110 1.08 -47.55 -34.94
C THR D 110 1.04 -46.34 -35.87
N PRO D 111 0.65 -45.16 -35.38
CA PRO D 111 0.63 -43.98 -36.24
C PRO D 111 2.02 -43.54 -36.68
N SER D 112 2.91 -43.35 -35.71
CA SER D 112 4.28 -42.92 -35.99
C SER D 112 5.14 -43.22 -34.78
N ALA D 113 6.40 -43.60 -35.03
CA ALA D 113 7.34 -43.94 -33.97
C ALA D 113 8.26 -42.79 -33.60
N ALA D 114 8.09 -41.61 -34.21
CA ALA D 114 9.02 -40.51 -33.97
C ALA D 114 8.79 -39.84 -32.62
N ASN D 115 7.71 -40.19 -31.92
CA ASN D 115 7.36 -39.59 -30.65
C ASN D 115 7.31 -40.62 -29.52
N ILE D 116 8.31 -41.51 -29.48
CA ILE D 116 8.25 -42.64 -28.56
C ILE D 116 8.79 -42.24 -27.19
N ASN D 117 9.58 -41.17 -27.12
CA ASN D 117 10.12 -40.72 -25.84
C ASN D 117 9.01 -40.28 -24.89
N ALA D 118 8.00 -39.59 -25.42
CA ALA D 118 6.87 -39.16 -24.60
C ALA D 118 6.10 -40.36 -24.06
N TYR D 119 5.91 -41.38 -24.90
CA TYR D 119 5.23 -42.59 -24.44
C TYR D 119 6.03 -43.27 -23.35
N ALA D 120 7.35 -43.34 -23.52
CA ALA D 120 8.21 -43.97 -22.51
C ALA D 120 8.13 -43.22 -21.19
N GLU D 121 8.17 -41.89 -21.24
CA GLU D 121 8.10 -41.12 -20.00
C GLU D 121 6.72 -41.23 -19.36
N ILE D 122 5.66 -41.37 -20.17
CA ILE D 122 4.33 -41.60 -19.61
C ILE D 122 4.30 -42.93 -18.86
N VAL D 123 4.89 -43.97 -19.46
CA VAL D 123 4.92 -45.27 -18.80
C VAL D 123 5.69 -45.19 -17.49
N ALA D 124 6.82 -44.49 -17.51
CA ALA D 124 7.63 -44.33 -16.29
C ALA D 124 6.85 -43.57 -15.22
N GLU D 125 6.10 -42.54 -15.62
CA GLU D 125 5.30 -41.77 -14.68
C GLU D 125 4.22 -42.65 -14.05
N ARG D 126 3.56 -43.48 -14.87
CA ARG D 126 2.55 -44.39 -14.35
C ARG D 126 3.16 -45.36 -13.34
N ALA D 127 4.35 -45.90 -13.66
CA ALA D 127 5.00 -46.83 -12.75
C ALA D 127 5.36 -46.15 -11.44
N LEU D 128 5.84 -44.91 -11.50
CA LEU D 128 6.19 -44.17 -10.28
C LEU D 128 4.96 -43.92 -9.43
N VAL D 129 3.85 -43.54 -10.06
CA VAL D 129 2.60 -43.31 -9.33
C VAL D 129 2.14 -44.58 -8.65
N ARG D 130 2.21 -45.72 -9.37
CA ARG D 130 1.82 -46.99 -8.79
C ARG D 130 2.69 -47.35 -7.59
N ASN D 131 4.00 -47.11 -7.70
CA ASN D 131 4.89 -47.40 -6.57
C ASN D 131 4.55 -46.53 -5.36
N LEU D 132 4.26 -45.25 -5.61
CA LEU D 132 3.88 -44.36 -4.51
C LEU D 132 2.59 -44.83 -3.84
N ILE D 133 1.61 -45.26 -4.65
CA ILE D 133 0.36 -45.76 -4.11
C ILE D 133 0.61 -47.00 -3.26
N GLY D 134 1.45 -47.91 -3.75
CA GLY D 134 1.77 -49.10 -2.98
C GLY D 134 2.44 -48.78 -1.66
N VAL D 135 3.36 -47.81 -1.67
CA VAL D 135 4.03 -47.42 -0.43
C VAL D 135 3.04 -46.82 0.55
N ALA D 136 2.13 -45.98 0.05
CA ALA D 136 1.11 -45.39 0.93
C ALA D 136 0.23 -46.47 1.54
N ASN D 137 -0.18 -47.46 0.74
CA ASN D 137 -0.99 -48.55 1.25
C ASN D 137 -0.22 -49.36 2.29
N GLU D 138 1.06 -49.62 2.04
CA GLU D 138 1.88 -50.33 3.02
C GLU D 138 1.98 -49.58 4.34
N ILE D 139 2.15 -48.26 4.30
CA ILE D 139 2.17 -47.45 5.51
C ILE D 139 0.84 -47.51 6.24
N ALA D 140 -0.26 -47.38 5.50
CA ALA D 140 -1.59 -47.38 6.12
C ALA D 140 -1.89 -48.72 6.78
N ASP D 141 -1.57 -49.82 6.10
CA ASP D 141 -1.83 -51.15 6.66
C ASP D 141 -1.02 -51.38 7.93
N ALA D 142 0.25 -50.96 7.92
CA ALA D 142 1.06 -51.07 9.13
C ALA D 142 0.51 -50.20 10.25
N GLY D 143 0.00 -49.02 9.92
CA GLY D 143 -0.60 -48.19 10.96
C GLY D 143 -1.84 -48.81 11.57
N TYR D 144 -2.70 -49.41 10.75
CA TYR D 144 -3.93 -50.01 11.25
C TYR D 144 -3.69 -51.18 12.18
N ASP D 145 -2.72 -52.04 11.86
CA ASP D 145 -2.46 -53.22 12.68
C ASP D 145 -1.48 -52.84 13.78
N PRO D 146 -1.86 -52.92 15.05
CA PRO D 146 -0.99 -52.41 16.13
C PRO D 146 0.06 -53.41 16.59
N GLN D 147 0.26 -54.50 15.85
CA GLN D 147 1.27 -55.47 16.23
C GLN D 147 2.66 -54.85 16.08
N GLY D 148 3.49 -55.02 17.11
CA GLY D 148 4.78 -54.34 17.12
C GLY D 148 4.59 -52.85 16.95
N ARG D 149 5.42 -52.25 16.09
CA ARG D 149 5.22 -50.91 15.56
C ARG D 149 5.10 -49.87 16.69
N ASN D 150 6.23 -49.67 17.37
CA ASN D 150 6.33 -48.67 18.42
C ASN D 150 5.92 -47.29 17.91
N ALA D 151 5.63 -46.36 18.82
CA ALA D 151 5.08 -45.06 18.45
C ALA D 151 5.97 -44.34 17.45
N GLU D 152 7.21 -44.05 17.85
CA GLU D 152 8.15 -43.40 16.94
C GLU D 152 8.61 -44.34 15.83
N ASP D 153 8.47 -45.65 16.03
CA ASP D 153 8.90 -46.61 15.02
C ASP D 153 8.10 -46.46 13.74
N LEU D 154 6.79 -46.23 13.85
CA LEU D 154 5.96 -46.05 12.67
C LEU D 154 6.39 -44.83 11.87
N LEU D 155 6.64 -43.72 12.56
CA LEU D 155 7.09 -42.50 11.87
C LEU D 155 8.45 -42.72 11.22
N ASP D 156 9.36 -43.41 11.92
CA ASP D 156 10.67 -43.69 11.35
C ASP D 156 10.56 -44.57 10.11
N LEU D 157 9.68 -45.58 10.16
CA LEU D 157 9.48 -46.45 9.01
C LEU D 157 8.90 -45.68 7.83
N ALA D 158 7.92 -44.81 8.09
CA ALA D 158 7.35 -44.00 7.02
C ALA D 158 8.40 -43.08 6.40
N GLU D 159 9.21 -42.44 7.23
CA GLU D 159 10.28 -41.57 6.73
C GLU D 159 11.27 -42.36 5.89
N SER D 160 11.67 -43.55 6.36
CA SER D 160 12.61 -44.37 5.62
C SER D 160 12.04 -44.82 4.28
N LYS D 161 10.76 -45.21 4.27
CA LYS D 161 10.15 -45.63 3.02
C LYS D 161 10.04 -44.48 2.03
N VAL D 162 9.67 -43.30 2.51
CA VAL D 162 9.59 -42.12 1.63
C VAL D 162 10.97 -41.78 1.08
N PHE D 163 12.00 -41.83 1.94
CA PHE D 163 13.35 -41.55 1.47
C PHE D 163 13.81 -42.59 0.44
N ALA D 164 13.47 -43.85 0.65
CA ALA D 164 13.82 -44.89 -0.32
C ALA D 164 13.14 -44.65 -1.66
N ILE D 165 11.87 -44.26 -1.63
CA ILE D 165 11.17 -43.95 -2.87
C ILE D 165 11.80 -42.75 -3.56
N ALA D 166 12.17 -41.73 -2.78
CA ALA D 166 12.79 -40.55 -3.36
C ALA D 166 14.11 -40.87 -4.03
N GLU D 167 14.94 -41.70 -3.37
CA GLU D 167 16.23 -42.07 -3.94
C GLU D 167 16.12 -43.13 -5.02
N ALA D 168 14.97 -43.80 -5.15
CA ALA D 168 14.79 -44.74 -6.24
C ALA D 168 14.86 -44.05 -7.59
N ARG D 169 14.24 -42.87 -7.71
CA ARG D 169 14.33 -42.05 -8.91
C ARG D 169 15.54 -41.14 -8.78
N THR D 170 16.60 -41.47 -9.50
CA THR D 170 17.85 -40.72 -9.40
C THR D 170 18.53 -40.78 -10.77
N SER D 171 19.82 -40.43 -10.80
CA SER D 171 20.61 -40.40 -12.04
C SER D 171 20.01 -39.46 -13.08
N GLU D 172 19.44 -38.35 -12.62
CA GLU D 172 18.87 -37.37 -13.53
C GLU D 172 19.98 -36.67 -14.32
N ASN D 173 19.73 -36.46 -15.61
CA ASN D 173 20.71 -35.78 -16.46
C ASN D 173 20.95 -34.35 -15.99
N GLU D 174 19.89 -33.66 -15.59
CA GLU D 174 20.01 -32.28 -15.12
C GLU D 174 20.41 -32.27 -13.66
N GLY D 175 21.46 -31.52 -13.34
CA GLY D 175 21.96 -31.43 -11.98
C GLY D 175 23.44 -31.12 -11.95
N PRO D 176 24.05 -31.26 -10.78
CA PRO D 176 25.50 -31.05 -10.68
C PRO D 176 26.26 -32.05 -11.55
N LYS D 177 27.34 -31.57 -12.16
CA LYS D 177 28.17 -32.39 -13.02
C LYS D 177 29.63 -32.19 -12.67
N ASN D 178 30.43 -33.22 -12.95
CA ASN D 178 31.85 -33.18 -12.65
C ASN D 178 32.57 -32.23 -13.62
N VAL D 179 33.82 -31.90 -13.27
CA VAL D 179 34.58 -30.93 -14.05
C VAL D 179 35.09 -31.51 -15.37
N ASP D 180 35.15 -32.84 -15.49
CA ASP D 180 35.78 -33.45 -16.66
C ASP D 180 35.02 -33.15 -17.94
N SER D 181 33.70 -33.36 -17.93
CA SER D 181 32.91 -33.15 -19.15
C SER D 181 32.91 -31.68 -19.55
N ILE D 182 32.76 -30.78 -18.58
CA ILE D 182 32.76 -29.36 -18.88
C ILE D 182 34.11 -28.94 -19.45
N LEU D 183 35.20 -29.45 -18.88
CA LEU D 183 36.52 -29.12 -19.38
C LEU D 183 36.71 -29.64 -20.80
N GLU D 184 36.23 -30.85 -21.08
CA GLU D 184 36.34 -31.39 -22.44
C GLU D 184 35.56 -30.53 -23.43
N ARG D 185 34.34 -30.13 -23.07
CA ARG D 185 33.57 -29.26 -23.96
C ARG D 185 34.26 -27.92 -24.18
N THR D 186 34.81 -27.34 -23.12
CA THR D 186 35.52 -26.07 -23.25
C THR D 186 36.73 -26.21 -24.15
N LEU D 187 37.48 -27.30 -24.00
CA LEU D 187 38.63 -27.53 -24.87
C LEU D 187 38.21 -27.71 -26.32
N GLU D 188 37.10 -28.41 -26.55
CA GLU D 188 36.60 -28.55 -27.92
C GLU D 188 36.24 -27.20 -28.51
N ARG D 189 35.57 -26.35 -27.73
CA ARG D 189 35.21 -25.01 -28.21
C ARG D 189 36.46 -24.19 -28.52
N ILE D 190 37.45 -24.23 -27.64
CA ILE D 190 38.67 -23.45 -27.84
C ILE D 190 39.39 -23.93 -29.11
N GLU D 191 39.51 -25.25 -29.28
CA GLU D 191 40.17 -25.78 -30.46
C GLU D 191 39.40 -25.44 -31.73
N LEU D 192 38.06 -25.49 -31.68
CA LEU D 192 37.26 -25.12 -32.85
C LEU D 192 37.49 -23.67 -33.23
N LEU D 193 37.54 -22.76 -32.24
CA LEU D 193 37.80 -21.36 -32.56
C LEU D 193 39.24 -21.15 -33.01
N TYR D 194 40.17 -21.99 -32.55
CA TYR D 194 41.58 -21.82 -32.90
C TYR D 194 41.86 -22.31 -34.31
N LYS D 195 41.18 -23.37 -34.75
CA LYS D 195 41.49 -23.98 -36.04
C LYS D 195 41.22 -23.02 -37.20
N THR D 196 40.09 -22.30 -37.14
CA THR D 196 39.72 -21.41 -38.23
C THR D 196 39.84 -19.97 -37.78
N PRO D 197 40.88 -19.25 -38.15
CA PRO D 197 40.99 -17.84 -37.77
C PRO D 197 39.94 -16.98 -38.48
N GLN D 198 39.56 -15.90 -37.81
CA GLN D 198 38.59 -14.97 -38.38
C GLN D 198 39.06 -13.52 -38.29
N ASP D 199 40.38 -13.28 -38.32
CA ASP D 199 40.95 -11.94 -38.33
C ASP D 199 40.56 -11.14 -37.08
N GLY D 200 40.49 -11.82 -35.93
CA GLY D 200 40.29 -11.16 -34.66
C GLY D 200 38.85 -10.86 -34.29
N VAL D 201 37.90 -11.16 -35.17
CA VAL D 201 36.48 -10.93 -34.89
C VAL D 201 35.80 -12.30 -34.85
N THR D 202 35.23 -12.64 -33.70
CA THR D 202 34.60 -13.93 -33.51
C THR D 202 33.11 -13.81 -33.20
N GLY D 203 32.46 -12.75 -33.66
CA GLY D 203 31.04 -12.56 -33.45
C GLY D 203 30.36 -11.90 -34.63
N VAL D 204 29.57 -10.87 -34.36
CA VAL D 204 28.92 -10.09 -35.41
C VAL D 204 29.67 -8.78 -35.55
N ASN D 205 30.19 -8.52 -36.75
CA ASN D 205 30.98 -7.31 -36.98
C ASN D 205 30.08 -6.08 -36.88
N THR D 206 30.62 -5.02 -36.29
CA THR D 206 29.88 -3.78 -36.13
C THR D 206 30.15 -2.76 -37.23
N GLY D 207 31.30 -2.82 -37.86
CA GLY D 207 31.70 -1.87 -38.87
C GLY D 207 32.69 -0.82 -38.39
N PHE D 208 32.92 -0.74 -37.09
CA PHE D 208 33.86 0.21 -36.50
C PHE D 208 35.08 -0.55 -36.00
N THR D 209 36.27 -0.11 -36.42
CA THR D 209 37.48 -0.88 -36.17
C THR D 209 37.83 -0.89 -34.68
N ASP D 210 37.83 0.27 -34.03
CA ASP D 210 38.25 0.34 -32.63
C ASP D 210 37.26 -0.41 -31.73
N LEU D 211 35.96 -0.26 -31.98
CA LEU D 211 34.97 -0.98 -31.19
C LEU D 211 35.09 -2.49 -31.42
N ASN D 212 35.41 -2.90 -32.65
CA ASN D 212 35.65 -4.31 -32.92
C ASN D 212 36.85 -4.82 -32.14
N LYS D 213 37.91 -4.03 -32.07
CA LYS D 213 39.08 -4.44 -31.29
C LYS D 213 38.74 -4.57 -29.81
N LYS D 214 37.98 -3.62 -29.28
CA LYS D 214 37.71 -3.60 -27.85
C LYS D 214 36.66 -4.63 -27.44
N THR D 215 35.74 -5.00 -28.34
CA THR D 215 34.65 -5.91 -28.00
C THR D 215 34.74 -7.26 -28.71
N ALA D 216 35.61 -7.40 -29.71
CA ALA D 216 35.72 -8.64 -30.51
C ALA D 216 34.38 -9.03 -31.12
N GLY D 217 33.62 -8.06 -31.61
CA GLY D 217 32.32 -8.30 -32.18
C GLY D 217 31.26 -8.57 -31.13
N LEU D 218 30.01 -8.38 -31.52
CA LEU D 218 28.87 -8.62 -30.63
C LEU D 218 28.70 -10.13 -30.47
N GLN D 219 29.12 -10.65 -29.32
CA GLN D 219 29.10 -12.09 -29.09
C GLN D 219 27.66 -12.60 -28.98
N GLY D 220 27.46 -13.83 -29.46
CA GLY D 220 26.16 -14.46 -29.33
C GLY D 220 25.84 -14.82 -27.90
N SER D 221 24.55 -14.98 -27.63
CA SER D 221 24.04 -15.25 -26.28
C SER D 221 24.54 -14.19 -25.30
N ASP D 222 24.17 -12.94 -25.56
CA ASP D 222 24.68 -11.81 -24.82
C ASP D 222 23.63 -10.70 -24.82
N LEU D 223 23.63 -9.90 -23.76
CA LEU D 223 22.73 -8.75 -23.65
C LEU D 223 23.56 -7.48 -23.73
N ILE D 224 23.25 -6.64 -24.72
CA ILE D 224 23.97 -5.41 -24.98
C ILE D 224 23.01 -4.24 -24.84
N ILE D 225 23.43 -3.23 -24.09
CA ILE D 225 22.58 -2.08 -23.78
C ILE D 225 23.25 -0.81 -24.24
N VAL D 226 22.50 0.01 -24.98
CA VAL D 226 22.95 1.33 -25.42
C VAL D 226 22.08 2.37 -24.76
N ALA D 227 22.70 3.26 -23.98
CA ALA D 227 21.98 4.27 -23.22
C ALA D 227 22.66 5.62 -23.37
N ALA D 228 21.84 6.67 -23.36
CA ALA D 228 22.30 8.05 -23.44
C ALA D 228 21.13 8.96 -23.11
N ARG D 229 21.43 10.24 -22.92
CA ARG D 229 20.40 11.24 -22.70
C ARG D 229 19.61 11.45 -24.00
N PRO D 230 18.40 12.00 -23.91
CA PRO D 230 17.60 12.21 -25.13
C PRO D 230 18.34 13.07 -26.15
N SER D 231 18.19 12.69 -27.42
CA SER D 231 18.84 13.36 -28.54
C SER D 231 20.37 13.29 -28.41
N MET D 232 20.89 12.07 -28.41
CA MET D 232 22.34 11.84 -28.42
C MET D 232 22.80 10.91 -29.51
N GLY D 233 21.92 10.05 -30.04
CA GLY D 233 22.28 9.18 -31.13
C GLY D 233 22.15 7.70 -30.83
N LYS D 234 21.27 7.35 -29.89
CA LYS D 234 21.05 5.95 -29.55
C LYS D 234 20.46 5.18 -30.73
N THR D 235 19.36 5.69 -31.29
CA THR D 235 18.71 5.01 -32.40
C THR D 235 19.59 5.01 -33.65
N THR D 236 20.32 6.10 -33.90
CA THR D 236 21.22 6.14 -35.05
C THR D 236 22.31 5.09 -34.93
N PHE D 237 22.92 4.97 -33.75
CA PHE D 237 23.96 3.98 -33.54
C PHE D 237 23.42 2.56 -33.67
N ALA D 238 22.25 2.31 -33.07
CA ALA D 238 21.66 0.97 -33.16
C ALA D 238 21.32 0.62 -34.60
N MET D 239 20.78 1.58 -35.36
CA MET D 239 20.44 1.32 -36.75
C MET D 239 21.68 1.13 -37.60
N ASN D 240 22.77 1.84 -37.30
CA ASN D 240 24.02 1.59 -38.02
C ASN D 240 24.52 0.17 -37.77
N LEU D 241 24.47 -0.28 -36.52
CA LEU D 241 24.86 -1.65 -36.22
C LEU D 241 23.98 -2.64 -36.96
N CYS D 242 22.67 -2.40 -36.97
CA CYS D 242 21.74 -3.32 -37.63
C CYS D 242 21.98 -3.35 -39.14
N GLU D 243 22.22 -2.19 -39.75
CA GLU D 243 22.50 -2.13 -41.18
C GLU D 243 23.77 -2.91 -41.51
N ASN D 244 24.84 -2.71 -40.73
CA ASN D 244 26.08 -3.43 -40.99
C ASN D 244 25.89 -4.93 -40.83
N ALA D 245 25.18 -5.35 -39.78
CA ALA D 245 24.96 -6.77 -39.56
C ALA D 245 24.14 -7.38 -40.69
N ALA D 246 23.08 -6.69 -41.12
CA ALA D 246 22.26 -7.21 -42.19
C ALA D 246 23.04 -7.29 -43.51
N MET D 247 23.88 -6.29 -43.78
CA MET D 247 24.63 -6.28 -45.02
C MET D 247 25.70 -7.37 -45.05
N GLU D 248 26.34 -7.64 -43.90
CA GLU D 248 27.46 -8.57 -43.90
C GLU D 248 27.04 -10.01 -43.62
N GLN D 249 26.07 -10.24 -42.74
CA GLN D 249 25.71 -11.59 -42.33
C GLN D 249 24.82 -12.24 -43.38
N ASP D 250 24.26 -13.39 -43.04
CA ASP D 250 23.35 -14.13 -43.92
C ASP D 250 21.96 -14.29 -43.33
N LYS D 251 21.84 -14.60 -42.05
CA LYS D 251 20.56 -14.75 -41.40
C LYS D 251 19.90 -13.39 -41.19
N PRO D 252 18.57 -13.34 -41.13
CA PRO D 252 17.88 -12.04 -41.04
C PRO D 252 18.11 -11.36 -39.71
N VAL D 253 17.93 -10.04 -39.71
CA VAL D 253 18.08 -9.20 -38.53
C VAL D 253 16.72 -8.64 -38.16
N LEU D 254 16.36 -8.78 -36.89
CA LEU D 254 15.05 -8.35 -36.39
C LEU D 254 15.20 -7.03 -35.65
N ILE D 255 14.32 -6.08 -35.97
CA ILE D 255 14.30 -4.77 -35.32
C ILE D 255 12.93 -4.57 -34.71
N PHE D 256 12.89 -4.28 -33.41
CA PHE D 256 11.66 -3.98 -32.69
C PHE D 256 11.60 -2.47 -32.47
N SER D 257 10.90 -1.78 -33.36
CA SER D 257 10.77 -0.33 -33.29
C SER D 257 9.47 0.01 -32.57
N LEU D 258 9.55 0.18 -31.25
CA LEU D 258 8.38 0.49 -30.44
C LEU D 258 8.15 1.99 -30.27
N GLU D 259 9.01 2.83 -30.83
CA GLU D 259 8.85 4.28 -30.69
C GLU D 259 8.73 5.03 -32.01
N MET D 260 9.15 4.47 -33.13
CA MET D 260 9.05 5.14 -34.41
C MET D 260 8.43 4.22 -35.45
N PRO D 261 7.72 4.76 -36.42
CA PRO D 261 7.14 3.94 -37.49
C PRO D 261 8.23 3.39 -38.41
N ALA D 262 7.82 2.41 -39.21
CA ALA D 262 8.75 1.77 -40.14
C ALA D 262 9.21 2.73 -41.23
N GLU D 263 8.33 3.62 -41.68
CA GLU D 263 8.67 4.53 -42.77
C GLU D 263 9.80 5.49 -42.38
N GLN D 264 9.74 6.02 -41.16
CA GLN D 264 10.79 6.95 -40.72
C GLN D 264 12.13 6.24 -40.60
N ILE D 265 12.14 5.01 -40.08
CA ILE D 265 13.38 4.26 -40.00
C ILE D 265 13.92 3.94 -41.38
N MET D 266 13.03 3.63 -42.33
CA MET D 266 13.46 3.39 -43.70
C MET D 266 14.05 4.65 -44.32
N MET D 267 13.45 5.82 -44.04
CA MET D 267 14.01 7.07 -44.53
C MET D 267 15.39 7.32 -43.94
N ARG D 268 15.56 7.04 -42.65
CA ARG D 268 16.88 7.18 -42.03
C ARG D 268 17.90 6.25 -42.68
N MET D 269 17.49 5.00 -42.96
CA MET D 269 18.39 4.06 -43.61
C MET D 269 18.77 4.53 -45.00
N LEU D 270 17.82 5.06 -45.77
CA LEU D 270 18.11 5.59 -47.09
C LEU D 270 19.06 6.77 -47.00
N ALA D 271 18.85 7.65 -46.03
CA ALA D 271 19.75 8.79 -45.84
C ALA D 271 21.15 8.33 -45.49
N SER D 272 21.26 7.32 -44.63
CA SER D 272 22.58 6.84 -44.20
C SER D 272 23.32 6.17 -45.35
N LEU D 273 22.66 5.24 -46.06
CA LEU D 273 23.34 4.48 -47.09
C LEU D 273 23.56 5.28 -48.38
N SER D 274 22.64 6.18 -48.72
CA SER D 274 22.75 6.97 -49.93
C SER D 274 23.53 8.26 -49.73
N ARG D 275 23.91 8.58 -48.49
CA ARG D 275 24.62 9.82 -48.17
C ARG D 275 23.82 11.04 -48.63
N VAL D 276 22.50 10.98 -48.43
CA VAL D 276 21.60 12.08 -48.76
C VAL D 276 21.04 12.64 -47.46
N ASP D 277 20.79 13.95 -47.45
CA ASP D 277 20.29 14.61 -46.26
C ASP D 277 18.91 14.07 -45.89
N GLN D 278 18.68 13.93 -44.58
CA GLN D 278 17.43 13.39 -44.08
C GLN D 278 16.27 14.35 -44.29
N THR D 279 16.49 15.65 -44.08
CA THR D 279 15.41 16.62 -44.21
C THR D 279 14.95 16.74 -45.67
N LYS D 280 15.89 16.68 -46.61
CA LYS D 280 15.50 16.72 -48.03
C LYS D 280 14.65 15.52 -48.39
N ILE D 281 14.98 14.34 -47.87
CA ILE D 281 14.16 13.16 -48.12
C ILE D 281 12.78 13.33 -47.49
N ARG D 282 12.73 13.85 -46.26
CA ARG D 282 11.46 13.96 -45.56
C ARG D 282 10.53 14.98 -46.22
N THR D 283 11.09 16.08 -46.73
CA THR D 283 10.29 17.16 -47.31
C THR D 283 10.18 17.06 -48.83
N GLY D 284 10.76 16.03 -49.45
CA GLY D 284 10.66 15.85 -50.88
C GLY D 284 11.31 16.95 -51.70
N GLN D 285 12.54 17.32 -51.33
CA GLN D 285 13.32 18.33 -52.04
C GLN D 285 14.62 17.68 -52.47
N LEU D 286 14.62 17.05 -53.64
CA LEU D 286 15.76 16.28 -54.11
C LEU D 286 16.12 16.65 -55.53
N ASP D 287 17.38 16.44 -55.88
CA ASP D 287 17.89 16.64 -57.23
C ASP D 287 18.06 15.28 -57.91
N ASP D 288 18.65 15.29 -59.11
CA ASP D 288 18.82 14.05 -59.87
C ASP D 288 19.86 13.13 -59.23
N GLU D 289 20.96 13.70 -58.72
CA GLU D 289 21.99 12.88 -58.09
C GLU D 289 21.47 12.17 -56.85
N ASP D 290 20.67 12.87 -56.05
CA ASP D 290 20.07 12.24 -54.87
C ASP D 290 19.16 11.10 -55.27
N TRP D 291 18.37 11.28 -56.33
CA TRP D 291 17.51 10.21 -56.80
C TRP D 291 18.31 9.02 -57.30
N ALA D 292 19.43 9.28 -57.99
CA ALA D 292 20.28 8.18 -58.45
C ALA D 292 20.85 7.40 -57.28
N ARG D 293 21.33 8.11 -56.25
CA ARG D 293 21.89 7.43 -55.09
C ARG D 293 20.81 6.63 -54.34
N ILE D 294 19.61 7.20 -54.23
CA ILE D 294 18.51 6.48 -53.59
C ILE D 294 18.14 5.23 -54.39
N SER D 295 18.15 5.34 -55.71
CA SER D 295 17.86 4.18 -56.54
C SER D 295 18.91 3.08 -56.35
N SER D 296 20.19 3.47 -56.27
CA SER D 296 21.24 2.49 -56.02
C SER D 296 21.06 1.82 -54.66
N THR D 297 20.72 2.61 -53.64
CA THR D 297 20.49 2.04 -52.31
C THR D 297 19.31 1.08 -52.32
N MET D 298 18.23 1.45 -53.01
CA MET D 298 17.09 0.56 -53.11
C MET D 298 17.44 -0.73 -53.83
N GLY D 299 18.24 -0.63 -54.89
CA GLY D 299 18.69 -1.83 -55.58
C GLY D 299 19.47 -2.76 -54.65
N ILE D 300 20.40 -2.20 -53.88
CA ILE D 300 21.20 -3.02 -52.97
C ILE D 300 20.30 -3.65 -51.90
N LEU D 301 19.40 -2.87 -51.33
CA LEU D 301 18.52 -3.38 -50.27
C LEU D 301 17.61 -4.49 -50.80
N MET D 302 17.05 -4.31 -51.99
CA MET D 302 16.22 -5.36 -52.58
C MET D 302 17.06 -6.57 -52.96
N GLU D 303 18.35 -6.36 -53.27
CA GLU D 303 19.24 -7.49 -53.51
C GLU D 303 19.43 -8.32 -52.25
N LYS D 304 19.61 -7.66 -51.10
CA LYS D 304 19.86 -8.41 -49.86
C LYS D 304 18.56 -8.92 -49.24
N LYS D 305 17.70 -8.01 -48.80
CA LYS D 305 16.41 -8.33 -48.19
C LYS D 305 16.55 -9.33 -47.04
N ASN D 306 17.29 -8.92 -46.01
CA ASN D 306 17.49 -9.76 -44.83
C ASN D 306 17.31 -8.93 -43.55
N MET D 307 16.24 -8.15 -43.50
CA MET D 307 15.97 -7.31 -42.34
C MET D 307 14.46 -7.17 -42.14
N TYR D 308 14.01 -7.37 -40.91
CA TYR D 308 12.60 -7.29 -40.55
C TYR D 308 12.39 -6.23 -39.49
N ILE D 309 11.32 -5.46 -39.63
CA ILE D 309 10.99 -4.37 -38.72
C ILE D 309 9.58 -4.58 -38.19
N ASP D 310 9.42 -4.60 -36.88
CA ASP D 310 8.13 -4.69 -36.22
C ASP D 310 7.87 -3.39 -35.47
N ASP D 311 6.76 -2.73 -35.78
CA ASP D 311 6.44 -1.42 -35.22
C ASP D 311 5.21 -1.47 -34.31
N SER D 312 5.05 -2.54 -33.55
CA SER D 312 3.95 -2.59 -32.59
C SER D 312 4.28 -1.75 -31.36
N SER D 313 3.24 -1.48 -30.56
CA SER D 313 3.38 -0.63 -29.39
C SER D 313 3.07 -1.41 -28.12
N GLY D 314 3.95 -1.28 -27.14
CA GLY D 314 3.75 -1.89 -25.84
C GLY D 314 3.71 -3.40 -25.85
N LEU D 315 4.66 -4.02 -26.55
CA LEU D 315 4.70 -5.47 -26.66
C LEU D 315 5.15 -6.10 -25.35
N THR D 316 4.49 -7.20 -24.97
CA THR D 316 4.89 -7.97 -23.81
C THR D 316 6.06 -8.89 -24.18
N PRO D 317 6.84 -9.33 -23.19
CA PRO D 317 7.97 -10.23 -23.50
C PRO D 317 7.55 -11.52 -24.18
N THR D 318 6.39 -12.07 -23.83
CA THR D 318 5.93 -13.31 -24.46
C THR D 318 5.73 -13.12 -25.96
N GLU D 319 5.13 -11.99 -26.35
CA GLU D 319 4.92 -11.72 -27.78
C GLU D 319 6.25 -11.59 -28.51
N VAL D 320 7.21 -10.89 -27.91
CA VAL D 320 8.52 -10.72 -28.53
C VAL D 320 9.20 -12.07 -28.73
N ARG D 321 9.17 -12.91 -27.68
CA ARG D 321 9.81 -14.22 -27.79
C ARG D 321 9.13 -15.09 -28.84
N SER D 322 7.79 -15.08 -28.86
CA SER D 322 7.06 -15.89 -29.84
C SER D 322 7.37 -15.45 -31.27
N ARG D 323 7.38 -14.14 -31.51
CA ARG D 323 7.66 -13.65 -32.86
C ARG D 323 9.10 -13.95 -33.27
N ALA D 324 10.05 -13.78 -32.34
CA ALA D 324 11.44 -14.10 -32.65
C ALA D 324 11.60 -15.58 -32.99
N ARG D 325 10.96 -16.46 -32.21
CA ARG D 325 11.05 -17.89 -32.49
C ARG D 325 10.40 -18.22 -33.84
N ARG D 326 9.28 -17.59 -34.16
CA ARG D 326 8.63 -17.84 -35.44
C ARG D 326 9.54 -17.44 -36.60
N ILE D 327 10.17 -16.27 -36.51
CA ILE D 327 11.06 -15.84 -37.58
C ILE D 327 12.26 -16.77 -37.68
N ALA D 328 12.83 -17.16 -36.54
CA ALA D 328 13.99 -18.05 -36.56
C ALA D 328 13.65 -19.39 -37.17
N ARG D 329 12.47 -19.93 -36.86
CA ARG D 329 12.05 -21.18 -37.45
C ARG D 329 11.82 -21.04 -38.96
N GLU D 330 11.20 -19.94 -39.38
CA GLU D 330 10.92 -19.77 -40.80
C GLU D 330 12.19 -19.60 -41.62
N HIS D 331 13.17 -18.86 -41.11
CA HIS D 331 14.37 -18.55 -41.86
C HIS D 331 15.60 -19.33 -41.41
N GLY D 332 15.45 -20.22 -40.44
CA GLY D 332 16.54 -21.07 -40.02
C GLY D 332 17.50 -20.45 -39.01
N GLY D 333 17.30 -19.19 -38.63
CA GLY D 333 18.17 -18.57 -37.67
C GLY D 333 18.04 -17.06 -37.70
N LEU D 334 18.66 -16.43 -36.70
CA LEU D 334 18.65 -14.98 -36.55
C LEU D 334 20.06 -14.49 -36.31
N SER D 335 20.31 -13.23 -36.65
CA SER D 335 21.62 -12.62 -36.46
C SER D 335 21.65 -11.57 -35.36
N LEU D 336 20.60 -10.78 -35.19
CA LEU D 336 20.60 -9.70 -34.22
C LEU D 336 19.16 -9.33 -33.87
N ILE D 337 18.93 -8.99 -32.61
CA ILE D 337 17.63 -8.52 -32.15
C ILE D 337 17.83 -7.16 -31.49
N MET D 338 17.09 -6.16 -31.94
CA MET D 338 17.19 -4.81 -31.44
C MET D 338 15.84 -4.36 -30.89
N VAL D 339 15.84 -3.85 -29.66
CA VAL D 339 14.62 -3.39 -29.00
C VAL D 339 14.78 -1.90 -28.73
N ASP D 340 13.74 -1.12 -29.09
CA ASP D 340 13.77 0.34 -28.97
C ASP D 340 12.41 0.79 -28.43
N TYR D 341 12.30 0.85 -27.10
CA TYR D 341 13.37 0.46 -26.20
C TYR D 341 12.84 -0.36 -25.03
N LEU D 342 13.70 -0.56 -24.03
CA LEU D 342 13.40 -1.48 -22.94
C LEU D 342 12.21 -1.01 -22.11
N GLN D 343 12.14 0.28 -21.79
CA GLN D 343 11.11 0.76 -20.88
C GLN D 343 9.73 0.83 -21.52
N LEU D 344 9.63 0.65 -22.84
CA LEU D 344 8.34 0.71 -23.51
C LEU D 344 7.55 -0.59 -23.42
N MET D 345 8.17 -1.68 -22.95
CA MET D 345 7.46 -2.93 -22.83
C MET D 345 6.62 -2.96 -21.56
N ARG D 346 5.65 -3.86 -21.52
CA ARG D 346 4.69 -3.94 -20.43
C ARG D 346 4.58 -5.37 -19.93
N VAL D 347 4.53 -5.50 -18.61
CA VAL D 347 4.20 -6.77 -17.96
C VAL D 347 2.94 -6.56 -17.14
N PRO D 348 1.78 -7.00 -17.62
CA PRO D 348 0.51 -6.68 -16.93
C PRO D 348 0.43 -7.21 -15.51
N ALA D 349 1.13 -8.28 -15.18
CA ALA D 349 1.02 -8.87 -13.85
C ALA D 349 1.62 -7.95 -12.77
N LEU D 350 2.70 -7.25 -13.09
CA LEU D 350 3.44 -6.46 -12.12
C LEU D 350 3.29 -4.96 -12.36
N THR D 351 2.08 -4.52 -12.73
CA THR D 351 1.86 -3.10 -12.96
C THR D 351 1.92 -2.27 -11.69
N ASP D 352 1.85 -2.90 -10.52
CA ASP D 352 1.89 -2.14 -9.27
C ASP D 352 3.29 -1.65 -8.95
N ASN D 353 4.32 -2.43 -9.29
CA ASN D 353 5.70 -2.10 -8.99
C ASN D 353 6.49 -2.04 -10.28
N ARG D 354 7.10 -0.89 -10.57
CA ARG D 354 7.81 -0.70 -11.82
C ARG D 354 9.17 -1.41 -11.80
N THR D 355 9.84 -1.43 -10.64
CA THR D 355 11.17 -2.03 -10.56
C THR D 355 11.13 -3.51 -10.88
N LEU D 356 10.15 -4.23 -10.32
CA LEU D 356 10.03 -5.66 -10.62
C LEU D 356 9.65 -5.90 -12.08
N GLU D 357 8.86 -4.98 -12.66
CA GLU D 357 8.53 -5.11 -14.08
C GLU D 357 9.77 -4.97 -14.95
N ILE D 358 10.63 -3.99 -14.64
CA ILE D 358 11.86 -3.82 -15.39
C ILE D 358 12.78 -5.02 -15.19
N ALA D 359 12.82 -5.55 -13.97
CA ALA D 359 13.62 -6.75 -13.71
C ALA D 359 13.14 -7.93 -14.55
N GLU D 360 11.82 -8.12 -14.62
CA GLU D 360 11.27 -9.20 -15.42
C GLU D 360 11.58 -9.00 -16.90
N ILE D 361 11.50 -7.76 -17.38
CA ILE D 361 11.82 -7.47 -18.77
C ILE D 361 13.27 -7.84 -19.07
N SER D 362 14.19 -7.42 -18.19
CA SER D 362 15.61 -7.72 -18.39
C SER D 362 15.87 -9.22 -18.35
N ARG D 363 15.25 -9.93 -17.41
CA ARG D 363 15.44 -11.37 -17.32
C ARG D 363 14.91 -12.07 -18.57
N SER D 364 13.74 -11.65 -19.06
CA SER D 364 13.18 -12.25 -20.26
C SER D 364 14.06 -12.00 -21.47
N LEU D 365 14.61 -10.78 -21.60
CA LEU D 365 15.51 -10.50 -22.72
C LEU D 365 16.76 -11.35 -22.65
N LYS D 366 17.34 -11.49 -21.46
CA LYS D 366 18.53 -12.33 -21.31
C LYS D 366 18.22 -13.79 -21.62
N ALA D 367 17.07 -14.28 -21.15
CA ALA D 367 16.69 -15.67 -21.42
C ALA D 367 16.47 -15.91 -22.91
N LEU D 368 15.83 -14.96 -23.60
CA LEU D 368 15.65 -15.09 -25.04
C LEU D 368 16.99 -15.10 -25.76
N ALA D 369 17.91 -14.22 -25.35
CA ALA D 369 19.23 -14.18 -25.97
C ALA D 369 19.97 -15.50 -25.78
N LYS D 370 19.89 -16.07 -24.58
CA LYS D 370 20.54 -17.35 -24.33
C LYS D 370 19.88 -18.48 -25.11
N GLU D 371 18.55 -18.44 -25.23
CA GLU D 371 17.84 -19.53 -25.91
C GLU D 371 18.11 -19.53 -27.41
N LEU D 372 18.06 -18.35 -28.04
CA LEU D 372 18.29 -18.27 -29.48
C LEU D 372 19.76 -18.16 -29.84
N ASN D 373 20.65 -17.97 -28.86
CA ASN D 373 22.08 -17.79 -29.11
C ASN D 373 22.32 -16.63 -30.07
N VAL D 374 21.62 -15.53 -29.85
CA VAL D 374 21.67 -14.36 -30.72
C VAL D 374 21.93 -13.12 -29.86
N PRO D 375 22.87 -12.25 -30.23
CA PRO D 375 23.08 -11.02 -29.45
C PRO D 375 21.84 -10.14 -29.49
N VAL D 376 21.57 -9.48 -28.35
CA VAL D 376 20.42 -8.61 -28.20
C VAL D 376 20.93 -7.21 -27.84
N VAL D 377 20.52 -6.22 -28.62
CA VAL D 377 20.83 -4.82 -28.34
C VAL D 377 19.56 -4.17 -27.84
N ALA D 378 19.56 -3.77 -26.57
CA ALA D 378 18.39 -3.18 -25.92
C ALA D 378 18.70 -1.75 -25.51
N LEU D 379 18.06 -0.80 -26.19
CA LEU D 379 18.23 0.62 -25.91
C LEU D 379 17.58 0.97 -24.59
N SER D 380 18.15 1.94 -23.89
CA SER D 380 17.68 2.33 -22.57
C SER D 380 17.89 3.82 -22.36
N GLN D 381 17.14 4.38 -21.41
CA GLN D 381 17.23 5.79 -21.10
C GLN D 381 18.16 5.99 -19.89
N LEU D 382 18.40 7.24 -19.54
CA LEU D 382 19.24 7.59 -18.40
C LEU D 382 18.47 8.48 -17.43
N ASN D 383 18.84 8.37 -16.16
CA ASN D 383 18.25 9.20 -15.12
C ASN D 383 18.66 10.65 -15.31
N ARG D 384 17.91 11.55 -14.68
CA ARG D 384 18.16 12.98 -14.78
C ARG D 384 19.22 13.45 -13.78
N SER D 385 19.76 12.55 -12.95
CA SER D 385 20.77 12.96 -11.99
C SER D 385 22.08 13.33 -12.66
N LEU D 386 22.21 13.02 -13.95
CA LEU D 386 23.42 13.39 -14.69
C LEU D 386 23.52 14.89 -14.89
N GLU D 387 22.39 15.59 -14.93
CA GLU D 387 22.34 17.02 -15.20
C GLU D 387 22.68 17.85 -13.98
N GLN D 388 22.85 17.25 -12.81
CA GLN D 388 23.12 17.98 -11.58
C GLN D 388 24.57 17.84 -11.14
N ARG D 389 25.47 17.43 -12.03
CA ARG D 389 26.88 17.27 -11.73
C ARG D 389 27.71 18.14 -12.67
N ALA D 390 28.91 18.48 -12.22
CA ALA D 390 29.82 19.25 -13.07
C ALA D 390 30.34 18.39 -14.22
N ASP D 391 30.37 17.08 -14.03
CA ASP D 391 30.79 16.14 -15.06
C ASP D 391 29.56 15.45 -15.64
N LYS D 392 29.42 15.50 -16.96
CA LYS D 392 28.23 15.00 -17.64
C LYS D 392 28.41 13.60 -18.20
N ARG D 393 29.54 12.95 -17.94
CA ARG D 393 29.78 11.63 -18.49
C ARG D 393 28.94 10.59 -17.76
N PRO D 394 28.16 9.79 -18.47
CA PRO D 394 27.30 8.82 -17.80
C PRO D 394 28.09 7.70 -17.14
N VAL D 395 27.47 7.10 -16.12
CA VAL D 395 28.00 5.94 -15.42
C VAL D 395 26.93 4.87 -15.39
N ASN D 396 27.25 3.73 -14.76
CA ASN D 396 26.31 2.62 -14.71
C ASN D 396 25.05 2.98 -13.92
N SER D 397 25.20 3.72 -12.83
CA SER D 397 24.09 4.03 -11.95
C SER D 397 23.08 4.99 -12.55
N ASP D 398 23.40 5.61 -13.70
CA ASP D 398 22.51 6.59 -14.31
C ASP D 398 21.34 5.96 -15.07
N LEU D 399 21.33 4.64 -15.23
CA LEU D 399 20.23 3.99 -15.91
C LEU D 399 18.96 4.02 -15.05
N ARG D 400 17.82 3.94 -15.72
CA ARG D 400 16.53 4.14 -15.06
C ARG D 400 16.01 2.84 -14.47
N GLU D 401 15.71 2.86 -13.16
CA GLU D 401 15.15 1.71 -12.44
C GLU D 401 15.96 0.45 -12.73
N SER D 402 17.27 0.55 -12.54
CA SER D 402 18.19 -0.35 -13.21
C SER D 402 19.05 -1.19 -12.28
N GLY D 403 18.45 -1.78 -11.26
CA GLY D 403 19.17 -2.81 -10.55
C GLY D 403 19.47 -3.96 -11.49
N SER D 404 18.41 -4.53 -12.05
CA SER D 404 18.56 -5.64 -12.98
C SER D 404 19.30 -5.21 -14.25
N ILE D 405 19.00 -4.02 -14.76
CA ILE D 405 19.59 -3.58 -16.02
C ILE D 405 21.11 -3.59 -15.94
N GLU D 406 21.66 -3.11 -14.83
CA GLU D 406 23.11 -3.16 -14.62
C GLU D 406 23.58 -4.57 -14.24
N GLN D 407 22.80 -5.30 -13.45
CA GLN D 407 23.28 -6.55 -12.90
C GLN D 407 23.33 -7.67 -13.94
N ASP D 408 22.36 -7.74 -14.84
CA ASP D 408 22.30 -8.81 -15.83
C ASP D 408 22.59 -8.33 -17.24
N ALA D 409 23.52 -7.39 -17.41
CA ALA D 409 23.95 -6.96 -18.73
C ALA D 409 25.42 -7.33 -18.93
N ASP D 410 25.72 -7.97 -20.05
CA ASP D 410 27.09 -8.39 -20.34
C ASP D 410 27.89 -7.33 -21.08
N LEU D 411 27.25 -6.24 -21.51
CA LEU D 411 27.95 -5.16 -22.20
C LEU D 411 27.08 -3.91 -22.20
N ILE D 412 27.62 -2.81 -21.69
CA ILE D 412 26.92 -1.53 -21.65
C ILE D 412 27.76 -0.50 -22.40
N MET D 413 27.13 0.19 -23.35
CA MET D 413 27.80 1.22 -24.12
C MET D 413 27.01 2.52 -24.01
N PHE D 414 27.71 3.60 -23.68
CA PHE D 414 27.11 4.93 -23.58
C PHE D 414 27.58 5.80 -24.74
N ILE D 415 26.75 6.78 -25.09
CA ILE D 415 27.06 7.74 -26.15
C ILE D 415 27.15 9.12 -25.52
N TYR D 416 28.28 9.80 -25.75
CA TYR D 416 28.53 11.11 -25.14
C TYR D 416 29.04 12.05 -26.21
N ARG D 417 28.32 13.14 -26.44
CA ARG D 417 28.71 14.19 -27.37
C ARG D 417 28.99 15.47 -26.58
N ASP D 418 30.20 16.00 -26.72
CA ASP D 418 30.61 17.15 -25.92
C ASP D 418 30.00 18.45 -26.41
N GLU D 419 29.73 18.57 -27.72
CA GLU D 419 29.27 19.83 -28.29
C GLU D 419 27.91 20.25 -27.75
N VAL D 420 27.11 19.31 -27.26
CA VAL D 420 25.77 19.66 -26.77
C VAL D 420 25.87 20.52 -25.51
N TYR D 421 26.77 20.16 -24.59
CA TYR D 421 26.88 20.90 -23.34
C TYR D 421 27.84 22.07 -23.45
N HIS D 422 28.93 21.90 -24.19
CA HIS D 422 29.91 22.96 -24.41
C HIS D 422 29.97 23.29 -25.89
N PRO D 423 29.25 24.34 -26.34
CA PRO D 423 29.26 24.65 -27.78
C PRO D 423 30.60 25.11 -28.32
N ASP D 424 31.51 25.57 -27.46
CA ASP D 424 32.82 26.04 -27.88
C ASP D 424 33.87 24.94 -27.83
N SER D 425 33.48 23.71 -27.52
CA SER D 425 34.45 22.62 -27.43
C SER D 425 35.04 22.33 -28.80
N PRO D 426 36.34 22.01 -28.87
CA PRO D 426 36.96 21.66 -30.15
C PRO D 426 36.63 20.28 -30.66
N LEU D 427 35.64 19.60 -30.08
CA LEU D 427 35.27 18.24 -30.47
C LEU D 427 33.97 18.24 -31.27
N LYS D 428 33.77 19.27 -32.08
CA LYS D 428 32.56 19.36 -32.90
C LYS D 428 32.58 18.29 -34.00
N GLY D 429 31.41 17.72 -34.27
CA GLY D 429 31.30 16.65 -35.23
C GLY D 429 32.05 15.41 -34.82
N THR D 430 31.91 15.04 -33.54
CA THR D 430 32.64 13.90 -32.99
C THR D 430 31.90 13.40 -31.77
N ALA D 431 31.79 12.07 -31.65
CA ALA D 431 31.11 11.43 -30.55
C ALA D 431 32.03 10.40 -29.89
N GLU D 432 31.79 10.16 -28.61
CA GLU D 432 32.58 9.22 -27.82
C GLU D 432 31.68 8.12 -27.30
N ILE D 433 32.08 6.86 -27.51
CA ILE D 433 31.35 5.70 -27.04
C ILE D 433 32.06 5.17 -25.81
N ILE D 434 31.36 5.15 -24.67
CA ILE D 434 31.92 4.74 -23.39
C ILE D 434 31.44 3.33 -23.08
N ILE D 435 32.38 2.41 -22.90
CA ILE D 435 32.08 1.03 -22.53
C ILE D 435 32.16 0.98 -21.00
N GLY D 436 31.00 1.11 -20.36
CA GLY D 436 30.95 1.14 -18.90
C GLY D 436 31.01 -0.21 -18.23
N LYS D 437 30.79 -1.30 -18.97
CA LYS D 437 30.82 -2.63 -18.37
C LYS D 437 31.09 -3.70 -19.41
N GLN D 438 31.94 -4.67 -19.07
CA GLN D 438 32.19 -5.83 -19.91
C GLN D 438 32.78 -6.93 -19.05
N ARG D 439 32.04 -8.03 -18.90
CA ARG D 439 32.49 -9.11 -18.02
C ARG D 439 33.77 -9.74 -18.54
N ASN D 440 33.85 -9.98 -19.85
CA ASN D 440 34.95 -10.74 -20.44
C ASN D 440 35.86 -9.87 -21.30
N GLY D 441 35.92 -8.57 -21.02
CA GLY D 441 36.74 -7.68 -21.79
C GLY D 441 37.06 -6.39 -21.05
N PRO D 442 38.02 -5.64 -21.56
CA PRO D 442 38.41 -4.38 -20.93
C PRO D 442 37.37 -3.30 -21.17
N ILE D 443 37.41 -2.26 -20.33
CA ILE D 443 36.56 -1.10 -20.48
C ILE D 443 37.40 0.05 -21.01
N GLY D 444 36.72 1.01 -21.64
CA GLY D 444 37.41 2.14 -22.23
C GLY D 444 36.46 2.97 -23.07
N SER D 445 37.05 3.69 -24.01
CA SER D 445 36.30 4.59 -24.87
C SER D 445 36.80 4.49 -26.31
N VAL D 446 35.89 4.72 -27.25
CA VAL D 446 36.20 4.77 -28.68
C VAL D 446 35.55 6.01 -29.27
N ARG D 447 36.32 6.78 -30.02
CA ARG D 447 35.88 8.06 -30.57
C ARG D 447 35.52 7.88 -32.04
N LEU D 448 34.35 8.38 -32.43
CA LEU D 448 33.83 8.26 -33.79
C LEU D 448 33.45 9.64 -34.30
N THR D 449 32.81 9.66 -35.47
CA THR D 449 32.35 10.89 -36.10
C THR D 449 30.85 10.82 -36.30
N PHE D 450 30.14 11.87 -35.87
CA PHE D 450 28.70 11.94 -35.95
C PHE D 450 28.30 12.95 -37.01
N GLN D 451 27.53 12.51 -38.00
CA GLN D 451 27.00 13.37 -39.05
C GLN D 451 25.47 13.31 -38.95
N GLY D 452 24.89 14.32 -38.29
CA GLY D 452 23.46 14.27 -38.02
C GLY D 452 22.60 14.35 -39.26
N HIS D 453 23.04 15.13 -40.25
CA HIS D 453 22.25 15.30 -41.47
C HIS D 453 22.15 14.03 -42.30
N TYR D 454 23.00 13.04 -42.05
CA TYR D 454 22.92 11.75 -42.72
C TYR D 454 22.48 10.64 -41.79
N SER D 455 22.36 10.90 -40.49
CA SER D 455 22.01 9.89 -39.49
C SER D 455 22.96 8.69 -39.58
N ARG D 456 24.24 8.97 -39.35
CA ARG D 456 25.28 7.97 -39.54
C ARG D 456 26.46 8.25 -38.61
N PHE D 457 27.09 7.18 -38.15
CA PHE D 457 28.33 7.24 -37.38
C PHE D 457 29.45 6.68 -38.24
N ASP D 458 30.60 7.35 -38.24
CA ASP D 458 31.75 6.91 -38.99
C ASP D 458 32.97 6.80 -38.09
N ASN D 459 33.87 5.87 -38.44
CA ASN D 459 35.09 5.69 -37.68
C ASN D 459 36.00 6.91 -37.86
N TYR D 460 36.62 7.34 -36.77
CA TYR D 460 37.41 8.55 -36.79
C TYR D 460 38.82 8.28 -37.30
N ALA D 461 39.36 9.23 -38.06
CA ALA D 461 40.73 9.12 -38.58
C ALA D 461 41.35 10.52 -38.51
N GLY D 462 42.09 10.78 -37.44
CA GLY D 462 42.72 12.06 -37.24
C GLY D 462 43.45 12.15 -35.92
N PRO D 463 43.81 13.36 -35.50
CA PRO D 463 44.52 13.59 -34.24
C PRO D 463 43.65 13.31 -33.02
N LYS E 22 -12.03 -51.56 10.14
CA LYS E 22 -10.86 -50.72 10.28
C LYS E 22 -11.16 -49.49 11.13
N VAL E 23 -11.22 -49.68 12.44
CA VAL E 23 -11.53 -48.59 13.36
C VAL E 23 -10.27 -47.76 13.58
N PRO E 24 -10.34 -46.43 13.46
CA PRO E 24 -9.18 -45.61 13.75
C PRO E 24 -8.77 -45.77 15.21
N PRO E 25 -7.47 -45.69 15.50
CA PRO E 25 -7.00 -45.94 16.87
C PRO E 25 -7.58 -44.93 17.85
N HIS E 26 -7.94 -45.42 19.04
CA HIS E 26 -8.44 -44.58 20.11
C HIS E 26 -8.48 -45.42 21.38
N SER E 27 -8.54 -44.72 22.52
CA SER E 27 -8.61 -45.36 23.82
C SER E 27 -9.47 -44.48 24.73
N LEU E 28 -10.74 -44.84 24.87
CA LEU E 28 -11.64 -44.07 25.73
C LEU E 28 -11.28 -44.21 27.19
N GLU E 29 -10.71 -45.34 27.58
CA GLU E 29 -10.34 -45.55 28.98
C GLU E 29 -9.28 -44.55 29.42
N ALA E 30 -8.29 -44.27 28.57
CA ALA E 30 -7.25 -43.31 28.92
C ALA E 30 -7.83 -41.92 29.11
N GLU E 31 -8.73 -41.50 28.21
CA GLU E 31 -9.33 -40.17 28.31
C GLU E 31 -10.18 -40.07 29.58
N GLN E 32 -10.97 -41.10 29.87
CA GLN E 32 -11.78 -41.08 31.09
C GLN E 32 -10.89 -41.04 32.33
N SER E 33 -9.80 -41.80 32.33
CA SER E 33 -8.89 -41.78 33.46
C SER E 33 -8.26 -40.40 33.65
N VAL E 34 -7.87 -39.75 32.56
CA VAL E 34 -7.28 -38.42 32.66
C VAL E 34 -8.28 -37.43 33.23
N ILE E 35 -9.52 -37.45 32.70
CA ILE E 35 -10.54 -36.51 33.17
C ILE E 35 -10.87 -36.76 34.64
N GLY E 36 -11.02 -38.03 35.03
CA GLY E 36 -11.31 -38.34 36.41
C GLY E 36 -10.18 -37.94 37.35
N GLY E 37 -8.93 -38.18 36.94
CA GLY E 37 -7.80 -37.78 37.76
C GLY E 37 -7.73 -36.27 37.94
N LEU E 38 -7.99 -35.52 36.87
CA LEU E 38 -8.05 -34.07 37.00
C LEU E 38 -9.19 -33.61 37.89
N LEU E 39 -10.36 -34.25 37.81
CA LEU E 39 -11.48 -33.85 38.66
C LEU E 39 -11.20 -34.15 40.13
N LEU E 40 -10.61 -35.31 40.42
CA LEU E 40 -10.33 -35.67 41.80
C LEU E 40 -9.29 -34.74 42.42
N ASP E 41 -8.17 -34.54 41.75
CA ASP E 41 -7.11 -33.66 42.22
C ASP E 41 -6.74 -32.69 41.10
N ASN E 42 -6.81 -31.40 41.39
CA ASN E 42 -6.50 -30.35 40.43
C ASN E 42 -5.06 -29.88 40.51
N GLU E 43 -4.28 -30.39 41.46
CA GLU E 43 -2.92 -29.91 41.69
C GLU E 43 -1.91 -30.50 40.71
N ARG E 44 -2.30 -31.47 39.89
CA ARG E 44 -1.42 -32.09 38.91
C ARG E 44 -1.72 -31.63 37.49
N TRP E 45 -2.45 -30.52 37.33
CA TRP E 45 -2.72 -30.00 36.00
C TRP E 45 -1.44 -29.49 35.35
N ASP E 46 -0.46 -29.08 36.15
CA ASP E 46 0.78 -28.56 35.60
C ASP E 46 1.52 -29.61 34.78
N THR E 47 1.56 -30.85 35.28
CA THR E 47 2.24 -31.91 34.54
C THR E 47 1.42 -32.37 33.34
N VAL E 48 0.10 -32.48 33.51
CA VAL E 48 -0.74 -33.01 32.46
C VAL E 48 -0.80 -32.06 31.27
N SER E 49 -0.81 -30.76 31.52
CA SER E 49 -0.96 -29.79 30.44
C SER E 49 0.22 -29.80 29.49
N GLU E 50 1.35 -30.38 29.89
CA GLU E 50 2.54 -30.44 29.05
C GLU E 50 2.57 -31.64 28.14
N HIS E 51 1.62 -32.56 28.26
CA HIS E 51 1.61 -33.79 27.47
C HIS E 51 0.45 -33.88 26.49
N VAL E 52 -0.78 -33.74 26.98
CA VAL E 52 -1.97 -33.94 26.16
C VAL E 52 -2.68 -32.62 25.95
N MET E 53 -3.02 -32.33 24.70
CA MET E 53 -3.76 -31.14 24.33
C MET E 53 -5.19 -31.50 23.99
N THR E 54 -5.97 -30.49 23.60
CA THR E 54 -7.40 -30.70 23.36
C THR E 54 -7.64 -31.56 22.12
N GLN E 55 -6.94 -31.25 21.02
CA GLN E 55 -7.21 -31.93 19.76
C GLN E 55 -6.73 -33.38 19.74
N ASP E 56 -5.93 -33.81 20.73
CA ASP E 56 -5.48 -35.20 20.75
C ASP E 56 -6.63 -36.17 21.01
N PHE E 57 -7.71 -35.71 21.63
CA PHE E 57 -8.83 -36.59 21.92
C PHE E 57 -9.60 -36.92 20.64
N TYR E 58 -10.33 -38.03 20.67
CA TYR E 58 -11.06 -38.52 19.51
C TYR E 58 -12.54 -38.14 19.55
N SER E 59 -13.22 -38.51 20.65
CA SER E 59 -14.65 -38.22 20.76
C SER E 59 -14.89 -36.74 20.98
N ARG E 60 -15.87 -36.19 20.26
CA ARG E 60 -16.19 -34.78 20.38
C ARG E 60 -16.67 -34.37 21.77
N PRO E 61 -17.57 -35.10 22.44
CA PRO E 61 -17.91 -34.72 23.83
C PRO E 61 -16.71 -34.69 24.76
N HIS E 62 -15.77 -35.62 24.60
CA HIS E 62 -14.55 -35.57 25.38
C HIS E 62 -13.72 -34.34 25.05
N ARG E 63 -13.70 -33.94 23.78
CA ARG E 63 -13.00 -32.72 23.39
C ARG E 63 -13.61 -31.51 24.08
N LEU E 64 -14.94 -31.44 24.12
CA LEU E 64 -15.61 -30.30 24.75
C LEU E 64 -15.37 -30.29 26.26
N ILE E 65 -15.46 -31.46 26.91
CA ILE E 65 -15.25 -31.49 28.35
C ILE E 65 -13.80 -31.16 28.69
N PHE E 66 -12.85 -31.57 27.86
CA PHE E 66 -11.46 -31.20 28.08
C PHE E 66 -11.23 -29.72 27.85
N ASP E 67 -11.91 -29.12 26.87
CA ASP E 67 -11.84 -27.68 26.70
C ASP E 67 -12.36 -26.96 27.94
N GLY E 68 -13.48 -27.43 28.49
CA GLY E 68 -14.01 -26.83 29.70
C GLY E 68 -13.05 -26.97 30.89
N VAL E 69 -12.45 -28.15 31.04
CA VAL E 69 -11.50 -28.37 32.13
C VAL E 69 -10.29 -27.47 31.97
N LYS E 70 -9.78 -27.34 30.75
CA LYS E 70 -8.64 -26.46 30.51
C LYS E 70 -8.99 -25.01 30.82
N SER E 71 -10.17 -24.56 30.40
CA SER E 71 -10.59 -23.19 30.69
C SER E 71 -10.70 -22.95 32.19
N ILE E 72 -11.26 -23.92 32.92
CA ILE E 72 -11.44 -23.75 34.35
C ILE E 72 -10.09 -23.74 35.07
N LEU E 73 -9.22 -24.70 34.75
CA LEU E 73 -7.97 -24.85 35.48
C LEU E 73 -6.88 -23.86 35.05
N GLU E 74 -7.01 -23.24 33.87
CA GLU E 74 -5.98 -22.30 33.44
C GLU E 74 -6.03 -21.01 34.25
N ALA E 75 -7.20 -20.65 34.78
CA ALA E 75 -7.35 -19.44 35.59
C ALA E 75 -7.11 -19.70 37.07
N GLY E 76 -6.92 -20.96 37.47
CA GLY E 76 -6.67 -21.29 38.86
C GLY E 76 -7.91 -21.50 39.69
N LYS E 77 -9.10 -21.28 39.13
CA LYS E 77 -10.33 -21.49 39.87
C LYS E 77 -10.52 -22.97 40.18
N PRO E 78 -11.17 -23.30 41.30
CA PRO E 78 -11.40 -24.72 41.62
C PRO E 78 -12.31 -25.39 40.60
N LEU E 79 -12.02 -26.66 40.36
CA LEU E 79 -12.77 -27.48 39.41
C LEU E 79 -13.44 -28.63 40.15
N ASP E 80 -14.73 -28.80 39.90
CA ASP E 80 -15.49 -29.91 40.48
C ASP E 80 -16.66 -30.20 39.54
N LEU E 81 -17.56 -31.07 39.97
CA LEU E 81 -18.72 -31.40 39.14
C LEU E 81 -19.60 -30.19 38.92
N ILE E 82 -19.86 -29.42 39.98
CA ILE E 82 -20.77 -28.28 39.87
C ILE E 82 -20.20 -27.22 38.94
N THR E 83 -18.92 -26.89 39.11
CA THR E 83 -18.31 -25.82 38.31
C THR E 83 -18.29 -26.19 36.84
N LEU E 84 -17.82 -27.41 36.52
CA LEU E 84 -17.75 -27.83 35.12
C LEU E 84 -19.14 -27.95 34.52
N SER E 85 -20.11 -28.47 35.28
CA SER E 85 -21.46 -28.61 34.77
C SER E 85 -22.09 -27.25 34.48
N GLU E 86 -21.85 -26.26 35.36
CA GLU E 86 -22.42 -24.94 35.14
C GLU E 86 -21.69 -24.20 34.02
N TYR E 87 -20.41 -24.53 33.79
CA TYR E 87 -19.71 -23.92 32.68
C TYR E 87 -20.16 -24.48 31.35
N LEU E 88 -20.39 -25.79 31.28
CA LEU E 88 -20.87 -26.39 30.04
C LEU E 88 -22.30 -25.99 29.74
N GLU E 89 -23.14 -25.82 30.77
CA GLU E 89 -24.54 -25.48 30.54
C GLU E 89 -24.70 -24.04 30.07
N GLN E 90 -23.75 -23.17 30.40
CA GLN E 90 -23.85 -21.76 30.01
C GLN E 90 -23.79 -21.54 28.51
N ARG E 91 -23.27 -22.50 27.74
CA ARG E 91 -23.14 -22.34 26.30
C ARG E 91 -23.96 -23.37 25.54
N GLU E 92 -24.97 -23.96 26.18
CA GLU E 92 -25.85 -24.96 25.56
C GLU E 92 -25.05 -26.13 25.00
N GLN E 93 -24.04 -26.57 25.76
CA GLN E 93 -23.19 -27.68 25.37
C GLN E 93 -23.30 -28.87 26.32
N LEU E 94 -24.12 -28.77 27.36
CA LEU E 94 -24.27 -29.88 28.30
C LEU E 94 -25.12 -31.00 27.72
N GLU E 95 -25.96 -30.71 26.72
CA GLU E 95 -26.78 -31.75 26.12
C GLU E 95 -25.94 -32.62 25.18
N ASP E 96 -24.96 -32.03 24.49
CA ASP E 96 -24.13 -32.79 23.57
C ASP E 96 -23.28 -33.83 24.32
N VAL E 97 -22.70 -33.44 25.46
CA VAL E 97 -21.82 -34.35 26.19
C VAL E 97 -22.57 -35.46 26.91
N GLY E 98 -23.89 -35.37 27.00
CA GLY E 98 -24.69 -36.40 27.66
C GLY E 98 -25.31 -35.97 28.96
N GLY E 99 -25.24 -34.70 29.35
CA GLY E 99 -25.87 -34.25 30.58
C GLY E 99 -25.01 -34.48 31.81
N PHE E 100 -25.61 -34.17 32.96
CA PHE E 100 -24.92 -34.30 34.24
C PHE E 100 -24.63 -35.76 34.57
N ALA E 101 -25.45 -36.69 34.07
CA ALA E 101 -25.28 -38.09 34.39
C ALA E 101 -23.94 -38.63 33.90
N TYR E 102 -23.54 -38.25 32.67
CA TYR E 102 -22.27 -38.72 32.15
C TYR E 102 -21.11 -38.15 32.94
N LEU E 103 -21.19 -36.88 33.34
CA LEU E 103 -20.13 -36.28 34.16
C LEU E 103 -20.04 -36.98 35.52
N ALA E 104 -21.18 -37.29 36.13
CA ALA E 104 -21.18 -37.98 37.40
C ALA E 104 -20.57 -39.38 37.26
N ASP E 105 -20.92 -40.09 36.19
CA ASP E 105 -20.33 -41.41 35.96
C ASP E 105 -18.83 -41.32 35.76
N LEU E 106 -18.38 -40.31 35.01
CA LEU E 106 -16.95 -40.13 34.78
C LEU E 106 -16.23 -39.84 36.09
N ALA E 107 -16.82 -39.01 36.94
CA ALA E 107 -16.20 -38.71 38.23
C ALA E 107 -16.16 -39.95 39.13
N LYS E 108 -17.22 -40.76 39.10
CA LYS E 108 -17.29 -41.91 40.00
C LYS E 108 -16.36 -43.04 39.54
N ASN E 109 -16.23 -43.24 38.23
CA ASN E 109 -15.52 -44.42 37.72
C ASN E 109 -14.01 -44.35 37.91
N THR E 110 -13.47 -43.21 38.34
CA THR E 110 -12.02 -43.09 38.51
C THR E 110 -11.65 -43.37 39.95
N PRO E 111 -10.95 -44.47 40.24
CA PRO E 111 -10.57 -44.77 41.63
C PRO E 111 -9.54 -43.79 42.18
N SER E 112 -8.45 -43.59 41.45
CA SER E 112 -7.37 -42.72 41.90
C SER E 112 -6.56 -42.28 40.69
N ALA E 113 -5.73 -41.27 40.90
CA ALA E 113 -4.89 -40.70 39.86
C ALA E 113 -3.41 -41.01 40.08
N ALA E 114 -3.12 -42.24 40.51
CA ALA E 114 -1.75 -42.67 40.75
C ALA E 114 -0.90 -42.68 39.49
N ASN E 115 -1.44 -43.14 38.37
CA ASN E 115 -0.70 -43.15 37.11
C ASN E 115 -1.36 -42.27 36.07
N ILE E 116 -1.79 -41.06 36.45
CA ILE E 116 -2.48 -40.17 35.53
C ILE E 116 -1.54 -39.74 34.40
N ASN E 117 -0.25 -39.64 34.69
CA ASN E 117 0.71 -39.26 33.66
C ASN E 117 0.96 -40.39 32.66
N ALA E 118 0.47 -41.59 32.96
CA ALA E 118 0.67 -42.73 32.08
C ALA E 118 -0.42 -42.86 31.02
N TYR E 119 -1.51 -42.08 31.11
CA TYR E 119 -2.55 -42.12 30.11
C TYR E 119 -2.41 -41.01 29.07
N ALA E 120 -1.82 -39.88 29.46
CA ALA E 120 -1.63 -38.78 28.52
C ALA E 120 -0.71 -39.21 27.38
N GLU E 121 0.35 -39.96 27.69
CA GLU E 121 1.22 -40.47 26.64
C GLU E 121 0.48 -41.43 25.71
N ILE E 122 -0.40 -42.26 26.27
CA ILE E 122 -1.19 -43.17 25.45
C ILE E 122 -2.08 -42.39 24.48
N VAL E 123 -2.74 -41.36 25.00
CA VAL E 123 -3.61 -40.53 24.15
C VAL E 123 -2.78 -39.85 23.06
N ALA E 124 -1.61 -39.32 23.43
CA ALA E 124 -0.76 -38.64 22.46
C ALA E 124 -0.30 -39.58 21.36
N GLU E 125 0.13 -40.79 21.73
CA GLU E 125 0.63 -41.73 20.72
C GLU E 125 -0.51 -42.22 19.83
N ARG E 126 -1.70 -42.44 20.40
CA ARG E 126 -2.84 -42.82 19.58
C ARG E 126 -3.20 -41.71 18.60
N ALA E 127 -3.17 -40.46 19.05
CA ALA E 127 -3.46 -39.33 18.16
C ALA E 127 -2.42 -39.24 17.05
N LEU E 128 -1.15 -39.44 17.39
CA LEU E 128 -0.09 -39.41 16.38
C LEU E 128 -0.28 -40.51 15.35
N VAL E 129 -0.62 -41.71 15.80
CA VAL E 129 -0.87 -42.81 14.86
C VAL E 129 -2.05 -42.49 13.95
N ARG E 130 -3.11 -41.91 14.52
CA ARG E 130 -4.27 -41.56 13.71
C ARG E 130 -3.92 -40.50 12.67
N ASN E 131 -3.14 -39.49 13.06
CA ASN E 131 -2.71 -38.48 12.10
C ASN E 131 -1.86 -39.09 11.00
N LEU E 132 -0.94 -39.99 11.36
CA LEU E 132 -0.08 -40.63 10.36
C LEU E 132 -0.91 -41.45 9.38
N ILE E 133 -1.87 -42.22 9.88
CA ILE E 133 -2.67 -43.03 8.97
C ILE E 133 -3.59 -42.16 8.13
N GLY E 134 -4.07 -41.04 8.67
CA GLY E 134 -4.86 -40.13 7.86
C GLY E 134 -4.05 -39.55 6.71
N VAL E 135 -2.81 -39.15 7.00
CA VAL E 135 -1.93 -38.65 5.94
C VAL E 135 -1.64 -39.75 4.92
N ALA E 136 -1.46 -40.98 5.40
CA ALA E 136 -1.19 -42.09 4.48
C ALA E 136 -2.37 -42.35 3.56
N ASN E 137 -3.60 -42.23 4.07
CA ASN E 137 -4.76 -42.35 3.21
C ASN E 137 -4.86 -41.17 2.24
N GLU E 138 -4.53 -39.96 2.72
CA GLU E 138 -4.63 -38.78 1.88
C GLU E 138 -3.68 -38.85 0.70
N ILE E 139 -2.45 -39.29 0.91
CA ILE E 139 -1.49 -39.35 -0.18
C ILE E 139 -1.93 -40.37 -1.22
N ALA E 140 -2.44 -41.52 -0.78
CA ALA E 140 -2.94 -42.52 -1.71
C ALA E 140 -4.13 -41.99 -2.51
N ASP E 141 -5.05 -41.30 -1.84
CA ASP E 141 -6.21 -40.75 -2.53
C ASP E 141 -5.78 -39.71 -3.56
N ALA E 142 -4.80 -38.87 -3.20
CA ALA E 142 -4.29 -37.88 -4.15
C ALA E 142 -3.61 -38.56 -5.33
N GLY E 143 -2.90 -39.67 -5.08
CA GLY E 143 -2.27 -40.40 -6.17
C GLY E 143 -3.29 -41.01 -7.12
N TYR E 144 -4.40 -41.52 -6.58
CA TYR E 144 -5.46 -42.08 -7.42
C TYR E 144 -6.15 -41.02 -8.26
N ASP E 145 -6.07 -39.74 -7.89
CA ASP E 145 -6.68 -38.65 -8.64
C ASP E 145 -5.61 -37.58 -8.86
N PRO E 146 -4.77 -37.74 -9.88
CA PRO E 146 -3.69 -36.77 -10.12
C PRO E 146 -4.18 -35.36 -10.37
N GLN E 147 -5.35 -35.20 -11.00
CA GLN E 147 -5.90 -33.89 -11.33
C GLN E 147 -4.95 -33.06 -12.19
N GLY E 148 -4.19 -33.73 -13.06
CA GLY E 148 -3.24 -33.06 -13.93
C GLY E 148 -1.86 -32.88 -13.37
N ARG E 149 -1.65 -33.17 -12.09
CA ARG E 149 -0.32 -33.05 -11.49
C ARG E 149 0.56 -34.22 -11.90
N ASN E 150 1.83 -33.95 -12.10
CA ASN E 150 2.79 -34.98 -12.47
C ASN E 150 3.25 -35.75 -11.23
N ALA E 151 3.98 -36.84 -11.47
CA ALA E 151 4.47 -37.65 -10.36
C ALA E 151 5.50 -36.91 -9.52
N GLU E 152 6.27 -36.01 -10.13
CA GLU E 152 7.24 -35.23 -9.36
C GLU E 152 6.54 -34.35 -8.32
N ASP E 153 5.43 -33.73 -8.70
CA ASP E 153 4.68 -32.92 -7.75
C ASP E 153 4.12 -33.77 -6.62
N LEU E 154 3.61 -34.97 -6.93
CA LEU E 154 3.10 -35.85 -5.91
C LEU E 154 4.20 -36.28 -4.94
N LEU E 155 5.38 -36.61 -5.48
CA LEU E 155 6.50 -36.99 -4.62
C LEU E 155 6.93 -35.82 -3.74
N ASP E 156 6.98 -34.62 -4.30
CA ASP E 156 7.36 -33.45 -3.51
C ASP E 156 6.36 -33.19 -2.39
N LEU E 157 5.06 -33.31 -2.71
CA LEU E 157 4.03 -33.11 -1.68
C LEU E 157 4.16 -34.17 -0.58
N ALA E 158 4.39 -35.42 -0.97
CA ALA E 158 4.54 -36.48 0.02
C ALA E 158 5.74 -36.23 0.91
N GLU E 159 6.87 -35.85 0.32
CA GLU E 159 8.07 -35.57 1.11
C GLU E 159 7.84 -34.39 2.06
N SER E 160 7.18 -33.34 1.57
CA SER E 160 6.91 -32.19 2.42
C SER E 160 6.01 -32.55 3.60
N LYS E 161 4.96 -33.34 3.33
CA LYS E 161 4.05 -33.73 4.41
C LYS E 161 4.76 -34.61 5.43
N VAL E 162 5.57 -35.57 4.96
CA VAL E 162 6.27 -36.45 5.89
C VAL E 162 7.27 -35.66 6.71
N PHE E 163 7.99 -34.71 6.10
CA PHE E 163 8.93 -33.88 6.83
C PHE E 163 8.21 -33.02 7.87
N ALA E 164 7.04 -32.47 7.51
CA ALA E 164 6.27 -31.68 8.45
C ALA E 164 5.82 -32.53 9.63
N ILE E 165 5.39 -33.76 9.37
CA ILE E 165 5.00 -34.66 10.46
C ILE E 165 6.18 -34.97 11.35
N ALA E 166 7.33 -35.27 10.76
CA ALA E 166 8.51 -35.63 11.55
C ALA E 166 9.01 -34.47 12.39
N GLU E 167 8.97 -33.26 11.84
CA GLU E 167 9.53 -32.10 12.54
C GLU E 167 8.78 -31.80 13.84
N ALA E 168 7.49 -32.15 13.90
CA ALA E 168 6.70 -31.86 15.09
C ALA E 168 7.21 -32.64 16.30
N ARG E 169 7.54 -33.91 16.13
CA ARG E 169 7.97 -34.77 17.22
C ARG E 169 9.19 -35.60 16.80
N THR E 170 10.20 -34.92 16.25
CA THR E 170 11.42 -35.61 15.87
C THR E 170 12.13 -36.22 17.08
N SER E 171 12.17 -35.48 18.18
CA SER E 171 12.85 -35.96 19.39
C SER E 171 12.27 -35.24 20.60
N GLU E 172 12.54 -35.78 21.78
CA GLU E 172 12.09 -35.19 23.03
C GLU E 172 13.22 -34.93 24.01
N ASN E 173 14.45 -35.34 23.69
CA ASN E 173 15.57 -35.13 24.60
C ASN E 173 16.04 -33.67 24.64
N GLU E 174 15.59 -32.84 23.70
CA GLU E 174 16.00 -31.45 23.68
C GLU E 174 15.44 -30.70 24.89
N GLY E 175 16.17 -29.68 25.33
CA GLY E 175 15.77 -28.88 26.45
C GLY E 175 16.94 -28.15 27.09
N PRO E 176 16.66 -27.38 28.14
CA PRO E 176 17.74 -26.64 28.82
C PRO E 176 18.75 -27.56 29.49
N LYS E 177 19.97 -27.58 28.95
CA LYS E 177 21.05 -28.37 29.52
C LYS E 177 21.84 -27.52 30.52
N ASN E 178 22.55 -28.21 31.41
CA ASN E 178 23.32 -27.54 32.43
C ASN E 178 24.67 -27.08 31.87
N VAL E 179 25.54 -26.61 32.76
CA VAL E 179 26.84 -26.11 32.32
C VAL E 179 27.91 -27.18 32.30
N ASP E 180 27.69 -28.32 32.97
CA ASP E 180 28.72 -29.35 33.07
C ASP E 180 29.00 -29.98 31.71
N SER E 181 27.95 -30.41 31.00
CA SER E 181 28.15 -31.05 29.70
C SER E 181 28.78 -30.09 28.70
N ILE E 182 28.31 -28.83 28.71
CA ILE E 182 28.86 -27.84 27.79
C ILE E 182 30.33 -27.59 28.08
N LEU E 183 30.67 -27.48 29.37
CA LEU E 183 32.08 -27.27 29.74
C LEU E 183 32.94 -28.45 29.33
N GLU E 184 32.45 -29.67 29.52
CA GLU E 184 33.23 -30.85 29.17
C GLU E 184 33.45 -30.93 27.66
N ARG E 185 32.40 -30.71 26.87
CA ARG E 185 32.56 -30.74 25.42
C ARG E 185 33.49 -29.62 24.95
N THR E 186 33.37 -28.43 25.53
CA THR E 186 34.24 -27.32 25.14
C THR E 186 35.70 -27.62 25.47
N LEU E 187 35.95 -28.20 26.65
CA LEU E 187 37.32 -28.56 27.01
C LEU E 187 37.87 -29.62 26.07
N GLU E 188 37.06 -30.62 25.72
CA GLU E 188 37.52 -31.64 24.78
C GLU E 188 37.88 -31.02 23.43
N ARG E 189 37.02 -30.13 22.93
CA ARG E 189 37.29 -29.50 21.64
C ARG E 189 38.54 -28.63 21.69
N ILE E 190 38.71 -27.87 22.78
CA ILE E 190 39.88 -27.00 22.90
C ILE E 190 41.15 -27.83 22.98
N GLU E 191 41.13 -28.92 23.75
CA GLU E 191 42.30 -29.79 23.84
C GLU E 191 42.62 -30.42 22.49
N LEU E 192 41.59 -30.85 21.76
CA LEU E 192 41.82 -31.44 20.44
C LEU E 192 42.45 -30.43 19.49
N LEU E 193 41.96 -29.18 19.49
CA LEU E 193 42.56 -28.16 18.64
C LEU E 193 43.99 -27.84 19.08
N TYR E 194 44.23 -27.79 20.38
CA TYR E 194 45.54 -27.43 20.90
C TYR E 194 46.59 -28.50 20.56
N LYS E 195 46.21 -29.78 20.65
CA LYS E 195 47.16 -30.86 20.42
C LYS E 195 47.49 -31.08 18.96
N THR E 196 46.78 -30.43 18.04
CA THR E 196 47.05 -30.58 16.61
C THR E 196 47.20 -29.20 15.97
N PRO E 197 48.38 -28.58 16.07
CA PRO E 197 48.58 -27.27 15.41
C PRO E 197 48.45 -27.40 13.90
N GLN E 198 47.87 -26.37 13.29
CA GLN E 198 47.64 -26.34 11.84
C GLN E 198 48.12 -25.02 11.26
N ASP E 199 49.26 -24.53 11.73
CA ASP E 199 49.88 -23.29 11.29
C ASP E 199 48.97 -22.08 11.50
N GLY E 200 48.10 -22.14 12.51
CA GLY E 200 47.25 -21.03 12.85
C GLY E 200 45.92 -20.95 12.14
N VAL E 201 45.69 -21.81 11.14
CA VAL E 201 44.43 -21.83 10.40
C VAL E 201 43.73 -23.15 10.72
N THR E 202 42.55 -23.06 11.32
CA THR E 202 41.77 -24.23 11.71
C THR E 202 40.63 -24.52 10.74
N GLY E 203 40.55 -23.79 9.64
CA GLY E 203 39.50 -24.00 8.67
C GLY E 203 40.01 -24.16 7.26
N VAL E 204 39.16 -23.87 6.28
CA VAL E 204 39.55 -23.98 4.87
C VAL E 204 40.44 -22.79 4.52
N ASN E 205 41.63 -23.08 4.00
CA ASN E 205 42.56 -22.03 3.64
C ASN E 205 42.03 -21.23 2.45
N THR E 206 42.20 -19.92 2.49
CA THR E 206 41.72 -19.06 1.42
C THR E 206 42.79 -18.80 0.35
N GLY E 207 44.05 -19.12 0.63
CA GLY E 207 45.13 -18.86 -0.29
C GLY E 207 45.81 -17.51 -0.13
N PHE E 208 45.30 -16.66 0.75
CA PHE E 208 45.88 -15.34 1.00
C PHE E 208 46.32 -15.28 2.46
N THR E 209 47.57 -14.86 2.67
CA THR E 209 48.16 -14.96 4.01
C THR E 209 47.49 -14.01 4.99
N ASP E 210 47.30 -12.75 4.60
CA ASP E 210 46.69 -11.78 5.50
C ASP E 210 45.24 -12.15 5.83
N LEU E 211 44.49 -12.61 4.82
CA LEU E 211 43.11 -12.99 5.05
C LEU E 211 43.02 -14.19 5.99
N ASN E 212 43.92 -15.17 5.83
CA ASN E 212 43.97 -16.29 6.75
C ASN E 212 44.33 -15.84 8.16
N LYS E 213 45.29 -14.92 8.27
CA LYS E 213 45.70 -14.44 9.59
C LYS E 213 44.55 -13.73 10.30
N LYS E 214 43.79 -12.93 9.58
CA LYS E 214 42.70 -12.17 10.18
C LYS E 214 41.39 -12.95 10.23
N THR E 215 41.33 -14.14 9.65
CA THR E 215 40.11 -14.93 9.61
C THR E 215 40.28 -16.35 10.13
N ALA E 216 41.50 -16.87 10.21
CA ALA E 216 41.75 -18.27 10.59
C ALA E 216 40.99 -19.24 9.69
N GLY E 217 40.93 -18.90 8.40
CA GLY E 217 40.25 -19.75 7.43
C GLY E 217 38.76 -19.55 7.45
N LEU E 218 38.09 -20.30 6.57
CA LEU E 218 36.63 -20.29 6.49
C LEU E 218 36.12 -21.39 7.41
N GLN E 219 35.77 -21.01 8.64
CA GLN E 219 35.36 -21.97 9.65
C GLN E 219 34.04 -22.63 9.25
N GLY E 220 33.89 -23.89 9.64
CA GLY E 220 32.71 -24.65 9.29
C GLY E 220 31.46 -24.16 10.01
N SER E 221 30.31 -24.55 9.45
CA SER E 221 28.99 -24.19 9.97
C SER E 221 28.85 -22.67 10.11
N ASP E 222 29.22 -21.97 9.04
CA ASP E 222 29.15 -20.52 9.01
C ASP E 222 28.60 -20.06 7.66
N LEU E 223 27.99 -18.89 7.66
CA LEU E 223 27.49 -18.25 6.45
C LEU E 223 28.39 -17.06 6.11
N ILE E 224 28.98 -17.10 4.91
CA ILE E 224 29.92 -16.09 4.46
C ILE E 224 29.32 -15.40 3.24
N ILE E 225 29.36 -14.08 3.22
CA ILE E 225 28.75 -13.29 2.15
C ILE E 225 29.81 -12.37 1.55
N VAL E 226 29.93 -12.41 0.23
CA VAL E 226 30.84 -11.56 -0.52
C VAL E 226 29.99 -10.61 -1.36
N ALA E 227 30.24 -9.31 -1.22
CA ALA E 227 29.41 -8.31 -1.87
C ALA E 227 30.28 -7.21 -2.47
N ALA E 228 29.86 -6.73 -3.64
CA ALA E 228 30.53 -5.62 -4.32
C ALA E 228 29.62 -5.11 -5.41
N ARG E 229 29.93 -3.92 -5.92
CA ARG E 229 29.19 -3.32 -7.01
C ARG E 229 29.43 -4.10 -8.29
N PRO E 230 28.59 -3.92 -9.31
CA PRO E 230 28.80 -4.65 -10.57
C PRO E 230 30.17 -4.36 -11.17
N SER E 231 30.76 -5.40 -11.77
CA SER E 231 32.09 -5.34 -12.35
C SER E 231 33.14 -4.91 -11.33
N MET E 232 33.16 -5.61 -10.20
CA MET E 232 34.15 -5.39 -9.17
C MET E 232 34.98 -6.63 -8.83
N GLY E 233 34.43 -7.83 -9.01
CA GLY E 233 35.21 -9.04 -8.82
C GLY E 233 34.65 -10.02 -7.82
N LYS E 234 33.34 -10.03 -7.63
CA LYS E 234 32.73 -11.00 -6.71
C LYS E 234 32.91 -12.42 -7.22
N THR E 235 32.53 -12.67 -8.47
CA THR E 235 32.62 -14.02 -9.02
C THR E 235 34.07 -14.48 -9.13
N THR E 236 34.98 -13.59 -9.53
CA THR E 236 36.38 -13.95 -9.61
C THR E 236 36.94 -14.34 -8.25
N PHE E 237 36.63 -13.54 -7.21
CA PHE E 237 37.11 -13.84 -5.87
C PHE E 237 36.54 -15.15 -5.35
N ALA E 238 35.23 -15.37 -5.56
CA ALA E 238 34.61 -16.61 -5.13
C ALA E 238 35.22 -17.81 -5.83
N MET E 239 35.47 -17.68 -7.14
CA MET E 239 36.09 -18.78 -7.88
C MET E 239 37.52 -19.03 -7.44
N ASN E 240 38.26 -17.97 -7.08
CA ASN E 240 39.60 -18.18 -6.55
C ASN E 240 39.55 -18.95 -5.24
N LEU E 241 38.64 -18.58 -4.35
CA LEU E 241 38.48 -19.32 -3.10
C LEU E 241 38.12 -20.77 -3.37
N CYS E 242 37.19 -21.01 -4.29
CA CYS E 242 36.76 -22.38 -4.57
C CYS E 242 37.89 -23.21 -5.19
N GLU E 243 38.66 -22.61 -6.10
CA GLU E 243 39.78 -23.33 -6.71
C GLU E 243 40.83 -23.69 -5.67
N ASN E 244 41.17 -22.74 -4.78
CA ASN E 244 42.15 -23.04 -3.75
C ASN E 244 41.65 -24.14 -2.82
N ALA E 245 40.37 -24.05 -2.42
CA ALA E 245 39.81 -25.07 -1.53
C ALA E 245 39.83 -26.45 -2.18
N ALA E 246 39.44 -26.52 -3.46
CA ALA E 246 39.43 -27.80 -4.15
C ALA E 246 40.85 -28.32 -4.39
N MET E 247 41.82 -27.40 -4.47
CA MET E 247 43.20 -27.82 -4.69
C MET E 247 43.81 -28.37 -3.41
N GLU E 248 43.45 -27.82 -2.25
CA GLU E 248 44.06 -28.28 -1.02
C GLU E 248 43.25 -29.38 -0.32
N GLN E 249 41.93 -29.27 -0.29
CA GLN E 249 41.11 -30.23 0.44
C GLN E 249 41.00 -31.54 -0.35
N ASP E 250 40.50 -32.57 0.34
CA ASP E 250 40.22 -33.86 -0.26
C ASP E 250 38.76 -34.01 -0.66
N LYS E 251 37.83 -33.56 0.18
CA LYS E 251 36.43 -33.58 -0.17
C LYS E 251 36.14 -32.56 -1.26
N PRO E 252 35.15 -32.81 -2.12
CA PRO E 252 34.92 -31.93 -3.26
C PRO E 252 34.30 -30.59 -2.90
N VAL E 253 34.23 -29.68 -3.87
CA VAL E 253 33.65 -28.36 -3.71
C VAL E 253 32.47 -28.24 -4.65
N LEU E 254 31.35 -27.74 -4.14
CA LEU E 254 30.11 -27.63 -4.90
C LEU E 254 29.87 -26.17 -5.26
N ILE E 255 29.64 -25.91 -6.54
CA ILE E 255 29.45 -24.56 -7.06
C ILE E 255 28.08 -24.48 -7.73
N PHE E 256 27.28 -23.50 -7.33
CA PHE E 256 26.00 -23.19 -7.96
C PHE E 256 26.15 -21.91 -8.75
N SER E 257 26.04 -22.01 -10.08
CA SER E 257 26.20 -20.89 -10.98
C SER E 257 24.83 -20.56 -11.58
N LEU E 258 24.07 -19.72 -10.89
CA LEU E 258 22.75 -19.33 -11.36
C LEU E 258 22.78 -18.21 -12.38
N GLU E 259 23.96 -17.66 -12.68
CA GLU E 259 24.11 -16.52 -13.57
C GLU E 259 24.85 -16.85 -14.86
N MET E 260 26.04 -17.44 -14.75
CA MET E 260 26.88 -17.70 -15.90
C MET E 260 26.89 -19.19 -16.24
N PRO E 261 27.04 -19.54 -17.52
CA PRO E 261 27.17 -20.94 -17.90
C PRO E 261 28.48 -21.53 -17.41
N ALA E 262 28.52 -22.86 -17.38
CA ALA E 262 29.70 -23.56 -16.91
C ALA E 262 30.89 -23.39 -17.85
N GLU E 263 30.63 -23.15 -19.13
CA GLU E 263 31.72 -22.98 -20.09
C GLU E 263 32.53 -21.72 -19.78
N GLN E 264 31.85 -20.62 -19.47
CA GLN E 264 32.55 -19.37 -19.16
C GLN E 264 33.35 -19.50 -17.87
N ILE E 265 32.77 -20.16 -16.86
CA ILE E 265 33.49 -20.39 -15.61
C ILE E 265 34.72 -21.27 -15.85
N MET E 266 34.58 -22.27 -16.72
CA MET E 266 35.73 -23.13 -17.03
C MET E 266 36.83 -22.34 -17.73
N MET E 267 36.46 -21.47 -18.68
CA MET E 267 37.47 -20.64 -19.34
C MET E 267 38.15 -19.70 -18.35
N ARG E 268 37.38 -19.10 -17.45
CA ARG E 268 37.95 -18.21 -16.45
C ARG E 268 38.90 -18.95 -15.52
N MET E 269 38.53 -20.17 -15.11
CA MET E 269 39.39 -20.97 -14.25
C MET E 269 40.66 -21.38 -14.97
N LEU E 270 40.56 -21.76 -16.25
CA LEU E 270 41.76 -22.07 -17.03
C LEU E 270 42.68 -20.86 -17.12
N ALA E 271 42.10 -19.68 -17.37
CA ALA E 271 42.92 -18.47 -17.44
C ALA E 271 43.59 -18.18 -16.11
N SER E 272 42.86 -18.37 -15.00
CA SER E 272 43.42 -18.07 -13.68
C SER E 272 44.56 -19.03 -13.34
N LEU E 273 44.36 -20.32 -13.56
CA LEU E 273 45.37 -21.31 -13.18
C LEU E 273 46.57 -21.29 -14.12
N SER E 274 46.32 -21.17 -15.43
CA SER E 274 47.38 -21.25 -16.42
C SER E 274 48.14 -19.96 -16.61
N ARG E 275 47.68 -18.86 -16.03
CA ARG E 275 48.28 -17.54 -16.21
C ARG E 275 48.31 -17.15 -17.69
N VAL E 276 47.13 -17.24 -18.31
CA VAL E 276 46.96 -16.95 -19.73
C VAL E 276 45.81 -15.96 -19.86
N ASP E 277 45.96 -15.02 -20.80
CA ASP E 277 44.95 -13.97 -20.98
C ASP E 277 43.58 -14.59 -21.26
N GLN E 278 42.56 -14.01 -20.63
CA GLN E 278 41.20 -14.53 -20.79
C GLN E 278 40.66 -14.27 -22.19
N THR E 279 40.95 -13.08 -22.73
CA THR E 279 40.44 -12.71 -24.05
C THR E 279 41.00 -13.63 -25.13
N LYS E 280 42.28 -13.98 -25.04
CA LYS E 280 42.87 -14.89 -26.01
C LYS E 280 42.20 -16.27 -25.95
N ILE E 281 41.94 -16.76 -24.74
CA ILE E 281 41.27 -18.05 -24.60
C ILE E 281 39.86 -17.99 -25.19
N ARG E 282 39.12 -16.93 -24.87
CA ARG E 282 37.74 -16.82 -25.36
C ARG E 282 37.69 -16.70 -26.87
N THR E 283 38.59 -15.91 -27.46
CA THR E 283 38.57 -15.71 -28.91
C THR E 283 39.20 -16.89 -29.63
N GLY E 284 40.48 -17.18 -29.33
CA GLY E 284 41.16 -18.31 -29.93
C GLY E 284 42.56 -18.02 -30.44
N GLN E 285 43.08 -16.80 -30.32
CA GLN E 285 44.44 -16.49 -30.77
C GLN E 285 45.40 -16.83 -29.64
N LEU E 286 46.08 -17.97 -29.76
CA LEU E 286 46.95 -18.47 -28.70
C LEU E 286 48.30 -18.86 -29.27
N ASP E 287 49.34 -18.72 -28.45
CA ASP E 287 50.69 -19.11 -28.81
C ASP E 287 50.95 -20.54 -28.33
N ASP E 288 52.20 -20.97 -28.38
CA ASP E 288 52.58 -22.32 -27.95
C ASP E 288 52.78 -22.41 -26.44
N GLU E 289 53.37 -21.39 -25.83
CA GLU E 289 53.56 -21.39 -24.38
C GLU E 289 52.21 -21.39 -23.66
N ASP E 290 51.24 -20.66 -24.20
CA ASP E 290 49.89 -20.69 -23.64
C ASP E 290 49.32 -22.09 -23.69
N TRP E 291 49.52 -22.80 -24.81
CA TRP E 291 49.02 -24.16 -24.91
C TRP E 291 49.72 -25.09 -23.93
N ALA E 292 51.03 -24.90 -23.72
CA ALA E 292 51.74 -25.72 -22.75
C ALA E 292 51.21 -25.51 -21.34
N ARG E 293 50.99 -24.25 -20.97
CA ARG E 293 50.46 -23.96 -19.64
C ARG E 293 49.04 -24.49 -19.48
N ILE E 294 48.23 -24.38 -20.53
CA ILE E 294 46.87 -24.93 -20.48
C ILE E 294 46.91 -26.45 -20.34
N SER E 295 47.84 -27.11 -21.03
CA SER E 295 47.97 -28.55 -20.90
C SER E 295 48.37 -28.96 -19.49
N SER E 296 49.30 -28.22 -18.89
CA SER E 296 49.67 -28.51 -17.51
C SER E 296 48.48 -28.32 -16.56
N THR E 297 47.71 -27.24 -16.76
CA THR E 297 46.54 -27.02 -15.92
C THR E 297 45.51 -28.12 -16.09
N MET E 298 45.29 -28.57 -17.33
CA MET E 298 44.35 -29.67 -17.57
C MET E 298 44.83 -30.95 -16.90
N GLY E 299 46.13 -31.23 -16.97
CA GLY E 299 46.66 -32.40 -16.28
C GLY E 299 46.41 -32.34 -14.78
N ILE E 300 46.67 -31.17 -14.18
CA ILE E 300 46.46 -31.02 -12.74
C ILE E 300 44.99 -31.20 -12.39
N LEU E 301 44.10 -30.58 -13.17
CA LEU E 301 42.67 -30.66 -12.89
C LEU E 301 42.16 -32.10 -13.01
N MET E 302 42.61 -32.82 -14.05
CA MET E 302 42.18 -34.21 -14.20
C MET E 302 42.80 -35.09 -13.12
N GLU E 303 43.97 -34.71 -12.59
CA GLU E 303 44.56 -35.47 -11.50
C GLU E 303 43.76 -35.30 -10.21
N LYS E 304 43.33 -34.06 -9.92
CA LYS E 304 42.59 -33.81 -8.67
C LYS E 304 41.14 -34.25 -8.79
N LYS E 305 40.36 -33.57 -9.64
CA LYS E 305 38.95 -33.90 -9.90
C LYS E 305 38.14 -33.83 -8.61
N ASN E 306 38.06 -32.62 -8.06
CA ASN E 306 37.30 -32.32 -6.86
C ASN E 306 36.39 -31.12 -7.08
N MET E 307 35.70 -31.09 -8.22
CA MET E 307 34.89 -29.94 -8.59
C MET E 307 33.54 -30.40 -9.11
N TYR E 308 32.49 -29.68 -8.70
CA TYR E 308 31.14 -29.93 -9.20
C TYR E 308 30.48 -28.59 -9.51
N ILE E 309 29.99 -28.44 -10.74
CA ILE E 309 29.42 -27.18 -11.20
C ILE E 309 27.97 -27.42 -11.61
N ASP E 310 27.08 -26.60 -11.08
CA ASP E 310 25.67 -26.60 -11.44
C ASP E 310 25.33 -25.24 -12.05
N ASP E 311 24.74 -25.27 -13.25
CA ASP E 311 24.44 -24.04 -13.98
C ASP E 311 22.96 -23.83 -14.23
N SER E 312 22.09 -24.50 -13.47
CA SER E 312 20.66 -24.30 -13.62
C SER E 312 20.26 -22.95 -13.03
N SER E 313 19.15 -22.42 -13.53
CA SER E 313 18.65 -21.10 -13.12
C SER E 313 17.33 -21.23 -12.40
N GLY E 314 17.05 -20.26 -11.53
CA GLY E 314 15.80 -20.23 -10.80
C GLY E 314 15.60 -21.38 -9.84
N LEU E 315 16.61 -21.69 -9.04
CA LEU E 315 16.52 -22.83 -8.12
C LEU E 315 15.88 -22.41 -6.81
N THR E 316 14.93 -23.20 -6.34
CA THR E 316 14.37 -23.04 -5.01
C THR E 316 15.34 -23.59 -3.97
N PRO E 317 15.26 -23.12 -2.72
CA PRO E 317 16.19 -23.64 -1.70
C PRO E 317 16.13 -25.14 -1.52
N THR E 318 14.96 -25.75 -1.66
CA THR E 318 14.84 -27.19 -1.48
C THR E 318 15.65 -27.94 -2.54
N GLU E 319 15.68 -27.44 -3.78
CA GLU E 319 16.43 -28.10 -4.83
C GLU E 319 17.92 -28.10 -4.54
N VAL E 320 18.47 -26.96 -4.11
CA VAL E 320 19.90 -26.90 -3.79
C VAL E 320 20.22 -27.75 -2.57
N ARG E 321 19.31 -27.77 -1.59
CA ARG E 321 19.53 -28.64 -0.43
C ARG E 321 19.56 -30.10 -0.86
N SER E 322 18.64 -30.51 -1.73
CA SER E 322 18.60 -31.90 -2.19
C SER E 322 19.87 -32.26 -2.97
N ARG E 323 20.31 -31.37 -3.85
CA ARG E 323 21.52 -31.64 -4.63
C ARG E 323 22.74 -31.74 -3.73
N ALA E 324 22.87 -30.81 -2.76
CA ALA E 324 23.99 -30.86 -1.84
C ALA E 324 23.97 -32.14 -1.00
N ARG E 325 22.79 -32.54 -0.53
CA ARG E 325 22.68 -33.78 0.23
C ARG E 325 23.10 -34.98 -0.62
N ARG E 326 22.66 -35.01 -1.89
CA ARG E 326 23.01 -36.14 -2.75
C ARG E 326 24.51 -36.20 -2.99
N ILE E 327 25.13 -35.06 -3.27
CA ILE E 327 26.57 -35.05 -3.51
C ILE E 327 27.34 -35.45 -2.25
N ALA E 328 26.93 -34.91 -1.10
CA ALA E 328 27.61 -35.25 0.15
C ALA E 328 27.47 -36.74 0.48
N ARG E 329 26.29 -37.30 0.26
CA ARG E 329 26.09 -38.71 0.52
C ARG E 329 26.91 -39.57 -0.43
N GLU E 330 26.98 -39.17 -1.71
CA GLU E 330 27.73 -39.97 -2.68
C GLU E 330 29.23 -39.93 -2.41
N HIS E 331 29.74 -38.78 -1.97
CA HIS E 331 31.18 -38.61 -1.77
C HIS E 331 31.57 -38.53 -0.30
N GLY E 332 30.64 -38.72 0.62
CA GLY E 332 30.97 -38.76 2.03
C GLY E 332 31.51 -37.48 2.61
N GLY E 333 30.91 -36.34 2.27
CA GLY E 333 31.30 -35.06 2.83
C GLY E 333 31.57 -34.02 1.75
N LEU E 334 31.49 -32.77 2.18
CA LEU E 334 31.77 -31.63 1.32
C LEU E 334 32.64 -30.63 2.08
N SER E 335 33.32 -29.77 1.33
CA SER E 335 34.22 -28.79 1.91
C SER E 335 33.79 -27.35 1.70
N LEU E 336 33.00 -27.06 0.67
CA LEU E 336 32.62 -25.69 0.39
C LEU E 336 31.42 -25.69 -0.55
N ILE E 337 30.49 -24.76 -0.32
CA ILE E 337 29.31 -24.57 -1.14
C ILE E 337 29.24 -23.10 -1.54
N MET E 338 29.01 -22.84 -2.83
CA MET E 338 29.02 -21.49 -3.37
C MET E 338 27.70 -21.20 -4.06
N VAL E 339 27.13 -20.03 -3.75
CA VAL E 339 25.90 -19.55 -4.37
C VAL E 339 26.19 -18.20 -5.01
N ASP E 340 25.81 -18.05 -6.28
CA ASP E 340 26.08 -16.82 -7.03
C ASP E 340 24.93 -16.59 -8.01
N TYR E 341 24.00 -15.71 -7.65
CA TYR E 341 23.99 -15.05 -6.36
C TYR E 341 22.62 -15.24 -5.70
N LEU E 342 22.53 -14.95 -4.40
CA LEU E 342 21.35 -15.32 -3.63
C LEU E 342 20.10 -14.54 -4.00
N GLN E 343 20.23 -13.47 -4.78
CA GLN E 343 19.05 -12.76 -5.26
C GLN E 343 18.39 -13.44 -6.45
N LEU E 344 19.02 -14.46 -7.03
CA LEU E 344 18.43 -15.18 -8.14
C LEU E 344 17.59 -16.38 -7.71
N MET E 345 17.76 -16.86 -6.47
CA MET E 345 16.92 -17.92 -5.97
C MET E 345 15.51 -17.40 -5.71
N ARG E 346 14.55 -18.32 -5.72
CA ARG E 346 13.14 -17.95 -5.62
C ARG E 346 12.37 -18.99 -4.82
N VAL E 347 11.47 -18.50 -3.98
CA VAL E 347 10.48 -19.34 -3.29
C VAL E 347 9.11 -18.99 -3.88
N PRO E 348 8.45 -19.93 -4.56
CA PRO E 348 7.20 -19.59 -5.25
C PRO E 348 6.07 -19.15 -4.33
N ALA E 349 6.12 -19.50 -3.05
CA ALA E 349 5.03 -19.18 -2.14
C ALA E 349 5.12 -17.76 -1.57
N LEU E 350 6.20 -17.03 -1.83
CA LEU E 350 6.39 -15.69 -1.31
C LEU E 350 6.75 -14.72 -2.42
N THR E 351 6.14 -14.88 -3.60
CA THR E 351 6.43 -13.99 -4.71
C THR E 351 5.89 -12.59 -4.48
N ASP E 352 4.80 -12.47 -3.72
CA ASP E 352 4.16 -11.17 -3.51
C ASP E 352 4.95 -10.25 -2.60
N ASN E 353 5.97 -10.74 -1.91
CA ASN E 353 6.79 -9.92 -1.03
C ASN E 353 8.24 -10.33 -1.20
N ARG E 354 9.06 -9.39 -1.71
CA ARG E 354 10.45 -9.69 -2.02
C ARG E 354 11.32 -9.77 -0.77
N THR E 355 11.05 -8.92 0.22
CA THR E 355 11.86 -8.91 1.44
C THR E 355 11.74 -10.24 2.19
N LEU E 356 10.52 -10.76 2.30
CA LEU E 356 10.33 -12.05 2.96
C LEU E 356 10.98 -13.17 2.16
N GLU E 357 10.95 -13.08 0.83
CA GLU E 357 11.60 -14.10 0.01
C GLU E 357 13.10 -14.10 0.23
N ILE E 358 13.73 -12.93 0.28
CA ILE E 358 15.17 -12.87 0.52
C ILE E 358 15.50 -13.35 1.92
N ALA E 359 14.65 -13.00 2.90
CA ALA E 359 14.87 -13.48 4.27
C ALA E 359 14.80 -14.99 4.33
N GLU E 360 13.83 -15.60 3.65
CA GLU E 360 13.72 -17.05 3.62
C GLU E 360 14.93 -17.69 2.94
N ILE E 361 15.42 -17.07 1.86
CA ILE E 361 16.58 -17.62 1.17
C ILE E 361 17.80 -17.60 2.09
N SER E 362 18.02 -16.48 2.78
CA SER E 362 19.16 -16.38 3.68
C SER E 362 19.03 -17.38 4.84
N ARG E 363 17.84 -17.51 5.40
CA ARG E 363 17.61 -18.46 6.49
C ARG E 363 17.86 -19.89 6.03
N SER E 364 17.40 -20.24 4.82
CA SER E 364 17.63 -21.58 4.29
C SER E 364 19.11 -21.84 4.07
N LEU E 365 19.84 -20.85 3.55
CA LEU E 365 21.27 -21.04 3.36
C LEU E 365 21.99 -21.25 4.69
N LYS E 366 21.63 -20.46 5.70
CA LYS E 366 22.23 -20.63 7.02
C LYS E 366 21.90 -21.99 7.61
N ALA E 367 20.65 -22.44 7.45
CA ALA E 367 20.26 -23.75 7.96
C ALA E 367 21.01 -24.87 7.27
N LEU E 368 21.18 -24.76 5.95
CA LEU E 368 21.95 -25.77 5.22
C LEU E 368 23.40 -25.80 5.67
N ALA E 369 24.00 -24.62 5.87
CA ALA E 369 25.38 -24.56 6.34
C ALA E 369 25.51 -25.20 7.72
N LYS E 370 24.55 -24.93 8.60
CA LYS E 370 24.59 -25.53 9.93
C LYS E 370 24.40 -27.04 9.87
N GLU E 371 23.49 -27.51 9.02
CA GLU E 371 23.19 -28.94 8.94
C GLU E 371 24.38 -29.72 8.38
N LEU E 372 24.92 -29.29 7.25
CA LEU E 372 25.96 -30.05 6.59
C LEU E 372 27.34 -29.85 7.20
N ASN E 373 27.49 -28.86 8.09
CA ASN E 373 28.78 -28.52 8.69
C ASN E 373 29.81 -28.20 7.60
N VAL E 374 29.50 -27.17 6.83
CA VAL E 374 30.32 -26.78 5.69
C VAL E 374 30.21 -25.27 5.50
N PRO E 375 31.32 -24.56 5.24
CA PRO E 375 31.20 -23.13 4.94
C PRO E 375 30.40 -22.91 3.67
N VAL E 376 29.58 -21.87 3.69
CA VAL E 376 28.73 -21.50 2.56
C VAL E 376 29.02 -20.06 2.19
N VAL E 377 29.35 -19.82 0.93
CA VAL E 377 29.64 -18.48 0.43
C VAL E 377 28.43 -18.04 -0.38
N ALA E 378 27.77 -16.98 0.07
CA ALA E 378 26.57 -16.46 -0.58
C ALA E 378 26.88 -15.08 -1.14
N LEU E 379 27.17 -14.99 -2.43
CA LEU E 379 27.46 -13.73 -3.08
C LEU E 379 26.20 -12.86 -3.13
N SER E 380 26.38 -11.57 -2.90
CA SER E 380 25.27 -10.63 -2.84
C SER E 380 25.63 -9.35 -3.58
N GLN E 381 24.59 -8.61 -3.98
CA GLN E 381 24.74 -7.34 -4.64
C GLN E 381 24.69 -6.19 -3.63
N LEU E 382 24.84 -4.97 -4.11
CA LEU E 382 24.79 -3.79 -3.27
C LEU E 382 23.80 -2.79 -3.85
N ASN E 383 23.21 -1.99 -2.97
CA ASN E 383 22.24 -0.98 -3.37
C ASN E 383 22.94 0.17 -4.07
N ARG E 384 22.14 1.05 -4.67
CA ARG E 384 22.65 2.20 -5.42
C ARG E 384 22.75 3.45 -4.57
N SER E 385 22.45 3.36 -3.27
CA SER E 385 22.60 4.51 -2.40
C SER E 385 24.06 4.83 -2.13
N LEU E 386 24.97 3.90 -2.44
CA LEU E 386 26.40 4.16 -2.27
C LEU E 386 26.90 5.23 -3.23
N GLU E 387 26.35 5.29 -4.44
CA GLU E 387 26.83 6.20 -5.47
C GLU E 387 26.55 7.66 -5.15
N GLN E 388 25.66 7.95 -4.21
CA GLN E 388 25.31 9.32 -3.88
C GLN E 388 26.20 9.92 -2.81
N ARG E 389 27.18 9.18 -2.31
CA ARG E 389 28.08 9.62 -1.26
C ARG E 389 29.45 9.96 -1.83
N ALA E 390 30.10 10.95 -1.20
CA ALA E 390 31.47 11.29 -1.55
C ALA E 390 32.45 10.16 -1.25
N ASP E 391 32.15 9.32 -0.26
CA ASP E 391 32.95 8.14 0.06
C ASP E 391 32.28 6.92 -0.56
N LYS E 392 32.99 6.24 -1.46
CA LYS E 392 32.43 5.13 -2.21
C LYS E 392 32.68 3.78 -1.54
N ARG E 393 33.25 3.77 -0.34
CA ARG E 393 33.51 2.52 0.35
C ARG E 393 32.20 1.90 0.82
N PRO E 394 31.94 0.63 0.51
CA PRO E 394 30.66 0.02 0.88
C PRO E 394 30.52 -0.14 2.39
N VAL E 395 29.26 -0.18 2.83
CA VAL E 395 28.91 -0.41 4.23
C VAL E 395 27.97 -1.62 4.28
N ASN E 396 27.76 -2.12 5.49
CA ASN E 396 26.90 -3.29 5.68
C ASN E 396 25.45 -3.00 5.29
N SER E 397 25.01 -1.75 5.36
CA SER E 397 23.63 -1.40 5.08
C SER E 397 23.33 -1.21 3.59
N ASP E 398 24.34 -1.37 2.73
CA ASP E 398 24.17 -1.16 1.30
C ASP E 398 23.76 -2.43 0.56
N LEU E 399 23.63 -3.56 1.25
CA LEU E 399 23.18 -4.78 0.60
C LEU E 399 21.70 -4.68 0.24
N ARG E 400 21.31 -5.40 -0.81
CA ARG E 400 19.97 -5.26 -1.38
C ARG E 400 18.96 -6.15 -0.64
N GLU E 401 17.85 -5.54 -0.22
CA GLU E 401 16.75 -6.25 0.45
C GLU E 401 17.28 -7.11 1.60
N SER E 402 18.11 -6.51 2.44
CA SER E 402 19.06 -7.24 3.26
C SER E 402 18.93 -6.89 4.73
N GLY E 403 17.77 -7.18 5.31
CA GLY E 403 17.71 -7.23 6.76
C GLY E 403 18.38 -8.50 7.24
N SER E 404 17.87 -9.63 6.77
CA SER E 404 18.39 -10.93 7.20
C SER E 404 19.79 -11.19 6.67
N ILE E 405 20.13 -10.59 5.52
CA ILE E 405 21.45 -10.83 4.94
C ILE E 405 22.54 -10.34 5.87
N GLU E 406 22.37 -9.16 6.46
CA GLU E 406 23.33 -8.63 7.41
C GLU E 406 23.06 -9.04 8.85
N GLN E 407 21.86 -9.54 9.16
CA GLN E 407 21.55 -9.99 10.51
C GLN E 407 21.79 -11.49 10.70
N ASP E 408 22.14 -12.22 9.65
CA ASP E 408 22.32 -13.66 9.72
C ASP E 408 23.69 -14.14 9.29
N ALA E 409 24.44 -13.31 8.58
CA ALA E 409 25.77 -13.70 8.13
C ALA E 409 26.75 -13.74 9.29
N ASP E 410 27.78 -14.57 9.16
CA ASP E 410 28.84 -14.65 10.14
C ASP E 410 30.13 -13.98 9.69
N LEU E 411 30.23 -13.61 8.41
CA LEU E 411 31.41 -12.94 7.88
C LEU E 411 31.04 -12.26 6.58
N ILE E 412 31.27 -10.95 6.51
CA ILE E 412 30.94 -10.16 5.33
C ILE E 412 32.23 -9.56 4.79
N MET E 413 32.51 -9.81 3.52
CA MET E 413 33.71 -9.31 2.85
C MET E 413 33.30 -8.46 1.66
N PHE E 414 33.75 -7.20 1.65
CA PHE E 414 33.46 -6.28 0.58
C PHE E 414 34.68 -6.15 -0.33
N ILE E 415 34.42 -5.86 -1.61
CA ILE E 415 35.49 -5.66 -2.59
C ILE E 415 35.39 -4.23 -3.10
N TYR E 416 36.49 -3.50 -3.04
CA TYR E 416 36.53 -2.10 -3.44
C TYR E 416 37.79 -1.82 -4.23
N ARG E 417 37.62 -1.44 -5.49
CA ARG E 417 38.73 -1.03 -6.36
C ARG E 417 38.64 0.47 -6.59
N ASP E 418 39.66 1.20 -6.17
CA ASP E 418 39.62 2.66 -6.24
C ASP E 418 39.83 3.20 -7.65
N GLU E 419 40.47 2.43 -8.53
CA GLU E 419 40.74 2.88 -9.89
C GLU E 419 39.48 3.01 -10.74
N VAL E 420 38.38 2.36 -10.35
CA VAL E 420 37.15 2.47 -11.13
C VAL E 420 36.56 3.87 -11.01
N TYR E 421 36.64 4.48 -9.83
CA TYR E 421 36.07 5.80 -9.59
C TYR E 421 37.06 6.93 -9.86
N HIS E 422 38.31 6.78 -9.43
CA HIS E 422 39.36 7.77 -9.71
C HIS E 422 40.37 7.12 -10.65
N PRO E 423 40.36 7.47 -11.94
CA PRO E 423 41.23 6.76 -12.90
C PRO E 423 42.71 6.88 -12.60
N ASP E 424 43.17 8.01 -12.05
CA ASP E 424 44.59 8.26 -11.83
C ASP E 424 45.00 8.03 -10.38
N SER E 425 44.38 7.05 -9.71
CA SER E 425 44.74 6.77 -8.33
C SER E 425 46.13 6.14 -8.25
N PRO E 426 46.86 6.40 -7.16
CA PRO E 426 48.13 5.68 -6.94
C PRO E 426 47.95 4.20 -6.72
N LEU E 427 46.74 3.74 -6.41
CA LEU E 427 46.44 2.34 -6.17
C LEU E 427 46.03 1.60 -7.43
N LYS E 428 46.51 2.03 -8.59
CA LYS E 428 46.14 1.38 -9.84
C LYS E 428 46.68 -0.05 -9.89
N GLY E 429 45.86 -0.95 -10.40
CA GLY E 429 46.19 -2.36 -10.39
C GLY E 429 46.24 -2.95 -8.99
N THR E 430 45.33 -2.51 -8.12
CA THR E 430 45.28 -3.00 -6.75
C THR E 430 43.82 -3.00 -6.30
N ALA E 431 43.53 -3.83 -5.30
CA ALA E 431 42.18 -3.96 -4.78
C ALA E 431 42.23 -4.05 -3.26
N GLU E 432 41.13 -3.69 -2.63
CA GLU E 432 41.00 -3.71 -1.18
C GLU E 432 39.80 -4.55 -0.78
N ILE E 433 39.97 -5.38 0.25
CA ILE E 433 38.91 -6.21 0.78
C ILE E 433 38.62 -5.75 2.20
N ILE E 434 37.35 -5.40 2.46
CA ILE E 434 36.92 -4.86 3.74
C ILE E 434 36.09 -5.92 4.44
N ILE E 435 36.48 -6.28 5.65
CA ILE E 435 35.73 -7.23 6.48
C ILE E 435 34.75 -6.38 7.29
N GLY E 436 33.53 -6.24 6.76
CA GLY E 436 32.54 -5.38 7.39
C GLY E 436 31.89 -5.96 8.62
N LYS E 437 32.03 -7.26 8.86
CA LYS E 437 31.39 -7.90 10.00
C LYS E 437 32.04 -9.25 10.25
N GLN E 438 32.32 -9.54 11.52
CA GLN E 438 32.80 -10.85 11.93
C GLN E 438 32.36 -11.08 13.36
N ARG E 439 31.52 -12.09 13.57
CA ARG E 439 30.90 -12.28 14.88
C ARG E 439 31.91 -12.72 15.93
N ASN E 440 32.94 -13.46 15.54
CA ASN E 440 33.93 -14.00 16.48
C ASN E 440 35.33 -13.68 16.01
N GLY E 441 35.55 -12.48 15.48
CA GLY E 441 36.86 -12.08 15.02
C GLY E 441 36.97 -10.59 14.78
N PRO E 442 38.20 -10.11 14.59
CA PRO E 442 38.40 -8.68 14.36
C PRO E 442 38.01 -8.27 12.95
N ILE E 443 37.81 -6.98 12.76
CA ILE E 443 37.46 -6.41 11.47
C ILE E 443 38.63 -5.55 10.98
N GLY E 444 38.72 -5.42 9.67
CA GLY E 444 39.81 -4.64 9.09
C GLY E 444 39.77 -4.69 7.59
N SER E 445 40.91 -4.38 6.98
CA SER E 445 41.05 -4.35 5.53
C SER E 445 42.29 -5.10 5.10
N VAL E 446 42.24 -5.68 3.90
CA VAL E 446 43.35 -6.40 3.31
C VAL E 446 43.52 -5.92 1.88
N ARG E 447 44.77 -5.65 1.50
CA ARG E 447 45.10 -5.12 0.18
C ARG E 447 45.68 -6.24 -0.67
N LEU E 448 45.16 -6.39 -1.89
CA LEU E 448 45.55 -7.47 -2.79
C LEU E 448 45.77 -6.92 -4.19
N THR E 449 46.57 -7.65 -4.97
CA THR E 449 46.81 -7.27 -6.36
C THR E 449 45.79 -7.95 -7.26
N PHE E 450 45.16 -7.16 -8.12
CA PHE E 450 44.10 -7.63 -9.01
C PHE E 450 44.62 -7.60 -10.44
N GLN E 451 44.51 -8.74 -11.13
CA GLN E 451 44.94 -8.88 -12.52
C GLN E 451 43.74 -9.32 -13.34
N GLY E 452 43.08 -8.36 -13.98
CA GLY E 452 41.86 -8.63 -14.71
C GLY E 452 42.01 -9.53 -15.91
N HIS E 453 43.09 -9.35 -16.68
CA HIS E 453 43.29 -10.15 -17.88
C HIS E 453 43.47 -11.63 -17.56
N TYR E 454 43.94 -11.96 -16.36
CA TYR E 454 44.03 -13.35 -15.91
C TYR E 454 42.88 -13.75 -15.01
N SER E 455 42.02 -12.80 -14.64
CA SER E 455 40.83 -13.05 -13.82
C SER E 455 41.19 -13.78 -12.53
N ARG E 456 42.09 -13.16 -11.76
CA ARG E 456 42.49 -13.74 -10.48
C ARG E 456 43.05 -12.65 -9.58
N PHE E 457 42.92 -12.87 -8.28
CA PHE E 457 43.56 -12.05 -7.25
C PHE E 457 44.85 -12.72 -6.81
N ASP E 458 45.69 -11.96 -6.11
CA ASP E 458 46.96 -12.49 -5.65
C ASP E 458 47.44 -11.66 -4.47
N ASN E 459 48.45 -12.19 -3.79
CA ASN E 459 49.00 -11.51 -2.61
C ASN E 459 49.74 -10.24 -3.02
N TYR E 460 49.84 -9.32 -2.07
CA TYR E 460 50.54 -8.06 -2.30
C TYR E 460 51.78 -7.98 -1.43
N ALA E 461 52.85 -7.46 -2.02
CA ALA E 461 54.16 -7.40 -1.35
C ALA E 461 54.57 -5.98 -0.98
N GLY E 462 54.08 -4.98 -1.68
CA GLY E 462 54.45 -3.60 -1.39
C GLY E 462 53.70 -3.04 -0.20
N PRO E 463 53.93 -1.76 0.11
CA PRO E 463 53.26 -1.08 1.23
C PRO E 463 51.79 -0.78 0.93
N LYS F 22 -40.15 -19.53 28.89
CA LYS F 22 -38.76 -19.95 28.98
C LYS F 22 -38.33 -20.13 30.43
N VAL F 23 -37.41 -21.06 30.65
CA VAL F 23 -36.96 -21.35 32.02
C VAL F 23 -36.00 -20.25 32.48
N PRO F 24 -36.27 -19.59 33.59
CA PRO F 24 -35.34 -18.59 34.11
C PRO F 24 -34.01 -19.22 34.49
N PRO F 25 -32.90 -18.51 34.30
CA PRO F 25 -31.58 -19.08 34.64
C PRO F 25 -31.43 -19.25 36.14
N HIS F 26 -31.09 -20.46 36.57
CA HIS F 26 -30.91 -20.78 37.97
C HIS F 26 -30.17 -22.10 38.08
N SER F 27 -29.66 -22.39 39.27
CA SER F 27 -28.91 -23.62 39.52
C SER F 27 -29.32 -24.16 40.88
N LEU F 28 -30.28 -25.08 40.90
CA LEU F 28 -30.69 -25.71 42.16
C LEU F 28 -29.55 -26.51 42.77
N GLU F 29 -28.73 -27.17 41.94
CA GLU F 29 -27.60 -27.93 42.46
C GLU F 29 -26.63 -27.03 43.21
N ALA F 30 -26.43 -25.80 42.72
CA ALA F 30 -25.57 -24.86 43.42
C ALA F 30 -26.12 -24.53 44.80
N GLU F 31 -27.44 -24.31 44.90
CA GLU F 31 -28.05 -24.04 46.20
C GLU F 31 -27.91 -25.24 47.14
N GLN F 32 -28.12 -26.45 46.61
CA GLN F 32 -27.95 -27.65 47.43
C GLN F 32 -26.52 -27.77 47.92
N SER F 33 -25.55 -27.48 47.06
CA SER F 33 -24.15 -27.53 47.46
C SER F 33 -23.83 -26.48 48.52
N VAL F 34 -24.42 -25.29 48.38
CA VAL F 34 -24.21 -24.24 49.39
C VAL F 34 -24.74 -24.69 50.74
N ILE F 35 -25.96 -25.25 50.74
CA ILE F 35 -26.55 -25.70 51.99
C ILE F 35 -25.72 -26.83 52.61
N GLY F 36 -25.28 -27.77 51.78
CA GLY F 36 -24.46 -28.86 52.29
C GLY F 36 -23.14 -28.38 52.86
N GLY F 37 -22.49 -27.44 52.17
CA GLY F 37 -21.24 -26.90 52.68
C GLY F 37 -21.42 -26.14 53.98
N LEU F 38 -22.52 -25.39 54.09
CA LEU F 38 -22.81 -24.70 55.35
C LEU F 38 -23.05 -25.70 56.48
N LEU F 39 -23.77 -26.79 56.19
CA LEU F 39 -24.05 -27.78 57.22
C LEU F 39 -22.77 -28.50 57.66
N LEU F 40 -21.96 -28.93 56.70
CA LEU F 40 -20.78 -29.73 57.04
C LEU F 40 -19.67 -28.88 57.64
N ASP F 41 -19.44 -27.69 57.10
CA ASP F 41 -18.35 -26.82 57.55
C ASP F 41 -18.91 -25.54 58.12
N ASN F 42 -18.40 -25.15 59.29
CA ASN F 42 -18.81 -23.94 59.96
C ASN F 42 -17.75 -22.85 59.99
N GLU F 43 -16.48 -23.19 59.73
CA GLU F 43 -15.41 -22.20 59.80
C GLU F 43 -15.39 -21.26 58.61
N ARG F 44 -16.05 -21.62 57.51
CA ARG F 44 -16.06 -20.81 56.31
C ARG F 44 -17.32 -19.97 56.17
N TRP F 45 -18.11 -19.85 57.23
CA TRP F 45 -19.34 -19.06 57.17
C TRP F 45 -19.07 -17.60 56.86
N ASP F 46 -17.91 -17.08 57.29
CA ASP F 46 -17.60 -15.67 57.08
C ASP F 46 -17.56 -15.32 55.60
N THR F 47 -16.91 -16.15 54.80
CA THR F 47 -16.83 -15.90 53.36
C THR F 47 -18.19 -16.06 52.69
N VAL F 48 -18.96 -17.06 53.11
CA VAL F 48 -20.26 -17.32 52.49
C VAL F 48 -21.24 -16.20 52.81
N SER F 49 -21.18 -15.69 54.04
CA SER F 49 -22.12 -14.65 54.48
C SER F 49 -21.98 -13.35 53.71
N GLU F 50 -20.86 -13.13 53.04
CA GLU F 50 -20.61 -11.89 52.32
C GLU F 50 -20.91 -11.99 50.83
N HIS F 51 -21.52 -13.09 50.38
CA HIS F 51 -21.77 -13.30 48.96
C HIS F 51 -23.19 -13.68 48.62
N VAL F 52 -24.00 -14.15 49.57
CA VAL F 52 -25.37 -14.57 49.29
C VAL F 52 -26.29 -13.93 50.33
N MET F 53 -27.55 -13.77 49.93
CA MET F 53 -28.59 -13.21 50.78
C MET F 53 -29.78 -14.17 50.86
N THR F 54 -30.83 -13.74 51.54
CA THR F 54 -31.99 -14.59 51.74
C THR F 54 -32.87 -14.68 50.49
N GLN F 55 -32.93 -13.60 49.69
CA GLN F 55 -33.78 -13.57 48.51
C GLN F 55 -33.08 -14.08 47.26
N ASP F 56 -31.81 -14.49 47.36
CA ASP F 56 -31.08 -14.97 46.20
C ASP F 56 -31.52 -16.37 45.77
N PHE F 57 -31.94 -17.21 46.72
CA PHE F 57 -32.37 -18.56 46.38
C PHE F 57 -33.66 -18.53 45.57
N TYR F 58 -33.83 -19.56 44.73
CA TYR F 58 -34.99 -19.65 43.85
C TYR F 58 -36.10 -20.51 44.47
N SER F 59 -35.76 -21.73 44.88
CA SER F 59 -36.77 -22.65 45.40
C SER F 59 -37.25 -22.19 46.77
N ARG F 60 -38.58 -22.20 46.95
CA ARG F 60 -39.17 -21.78 48.22
C ARG F 60 -38.73 -22.64 49.39
N PRO F 61 -38.78 -23.98 49.32
CA PRO F 61 -38.21 -24.76 50.43
C PRO F 61 -36.73 -24.49 50.64
N HIS F 62 -35.98 -24.26 49.56
CA HIS F 62 -34.59 -23.88 49.71
C HIS F 62 -34.45 -22.54 50.42
N ARG F 63 -35.32 -21.59 50.10
CA ARG F 63 -35.29 -20.30 50.79
C ARG F 63 -35.58 -20.47 52.28
N LEU F 64 -36.57 -21.28 52.62
CA LEU F 64 -36.89 -21.51 54.02
C LEU F 64 -35.73 -22.18 54.75
N ILE F 65 -35.11 -23.19 54.12
CA ILE F 65 -33.98 -23.87 54.75
C ILE F 65 -32.82 -22.92 54.96
N PHE F 66 -32.52 -22.09 53.95
CA PHE F 66 -31.42 -21.13 54.09
C PHE F 66 -31.72 -20.10 55.16
N ASP F 67 -32.97 -19.63 55.25
CA ASP F 67 -33.33 -18.68 56.29
C ASP F 67 -33.15 -19.29 57.68
N GLY F 68 -33.60 -20.54 57.85
CA GLY F 68 -33.43 -21.20 59.12
C GLY F 68 -31.97 -21.41 59.48
N VAL F 69 -31.15 -21.84 58.52
CA VAL F 69 -29.74 -22.05 58.77
C VAL F 69 -29.05 -20.74 59.13
N LYS F 70 -29.38 -19.66 58.41
CA LYS F 70 -28.79 -18.36 58.69
C LYS F 70 -29.19 -17.87 60.08
N SER F 71 -30.45 -18.06 60.45
CA SER F 71 -30.89 -17.65 61.79
C SER F 71 -30.16 -18.44 62.87
N ILE F 72 -30.01 -19.76 62.67
CA ILE F 72 -29.30 -20.57 63.65
C ILE F 72 -27.84 -20.13 63.77
N LEU F 73 -27.19 -19.88 62.63
CA LEU F 73 -25.78 -19.50 62.66
C LEU F 73 -25.59 -18.13 63.29
N GLU F 74 -26.49 -17.19 63.02
CA GLU F 74 -26.40 -15.88 63.64
C GLU F 74 -26.74 -15.91 65.13
N ALA F 75 -27.56 -16.87 65.55
CA ALA F 75 -27.87 -17.01 66.97
C ALA F 75 -26.68 -17.47 67.80
N GLY F 76 -25.62 -17.98 67.16
CA GLY F 76 -24.45 -18.45 67.85
C GLY F 76 -24.48 -19.90 68.26
N LYS F 77 -25.62 -20.57 68.11
CA LYS F 77 -25.71 -21.98 68.45
C LYS F 77 -24.98 -22.83 67.41
N PRO F 78 -24.47 -23.99 67.81
CA PRO F 78 -23.82 -24.87 66.84
C PRO F 78 -24.80 -25.38 65.79
N LEU F 79 -24.29 -25.60 64.59
CA LEU F 79 -25.10 -26.04 63.46
C LEU F 79 -24.89 -27.52 63.21
N ASP F 80 -25.99 -28.26 63.11
CA ASP F 80 -25.94 -29.69 62.83
C ASP F 80 -27.29 -30.11 62.28
N LEU F 81 -27.35 -31.32 61.73
CA LEU F 81 -28.58 -31.81 61.13
C LEU F 81 -29.68 -31.94 62.17
N ILE F 82 -29.35 -32.44 63.36
CA ILE F 82 -30.36 -32.66 64.40
C ILE F 82 -30.97 -31.33 64.84
N THR F 83 -30.13 -30.32 65.11
CA THR F 83 -30.65 -29.04 65.57
C THR F 83 -31.40 -28.32 64.45
N LEU F 84 -30.97 -28.50 63.20
CA LEU F 84 -31.71 -27.91 62.08
C LEU F 84 -33.08 -28.53 61.95
N SER F 85 -33.17 -29.86 62.08
CA SER F 85 -34.48 -30.53 62.04
C SER F 85 -35.35 -30.08 63.19
N GLU F 86 -34.77 -29.93 64.38
CA GLU F 86 -35.54 -29.47 65.54
C GLU F 86 -36.07 -28.06 65.31
N TYR F 87 -35.23 -27.16 64.80
CA TYR F 87 -35.66 -25.80 64.55
C TYR F 87 -36.74 -25.74 63.49
N LEU F 88 -36.62 -26.54 62.42
CA LEU F 88 -37.66 -26.59 61.41
C LEU F 88 -38.97 -27.13 61.99
N GLU F 89 -38.88 -28.13 62.87
CA GLU F 89 -40.07 -28.65 63.53
C GLU F 89 -40.70 -27.60 64.45
N GLN F 90 -39.88 -26.72 65.04
CA GLN F 90 -40.41 -25.66 65.88
C GLN F 90 -41.33 -24.74 65.09
N ARG F 91 -40.96 -24.39 63.86
CA ARG F 91 -41.79 -23.58 62.99
C ARG F 91 -42.74 -24.43 62.15
N GLU F 92 -42.75 -25.75 62.36
CA GLU F 92 -43.62 -26.68 61.64
C GLU F 92 -43.35 -26.66 60.13
N GLN F 93 -42.15 -26.23 59.75
CA GLN F 93 -41.74 -26.19 58.35
C GLN F 93 -40.94 -27.41 57.93
N LEU F 94 -40.74 -28.37 58.83
CA LEU F 94 -39.94 -29.55 58.49
C LEU F 94 -40.60 -30.36 57.38
N GLU F 95 -41.91 -30.58 57.49
CA GLU F 95 -42.62 -31.31 56.44
C GLU F 95 -42.76 -30.48 55.18
N ASP F 96 -42.71 -29.15 55.31
CA ASP F 96 -42.88 -28.29 54.14
C ASP F 96 -41.68 -28.35 53.21
N VAL F 97 -40.47 -28.54 53.76
CA VAL F 97 -39.25 -28.52 52.97
C VAL F 97 -38.83 -29.92 52.55
N GLY F 98 -39.73 -30.90 52.62
CA GLY F 98 -39.44 -32.25 52.20
C GLY F 98 -39.19 -33.24 53.33
N GLY F 99 -38.98 -32.76 54.54
CA GLY F 99 -38.78 -33.63 55.68
C GLY F 99 -37.31 -33.84 56.01
N PHE F 100 -37.09 -34.63 57.07
CA PHE F 100 -35.73 -34.93 57.51
C PHE F 100 -34.96 -35.72 56.47
N ALA F 101 -35.66 -36.57 55.71
CA ALA F 101 -34.99 -37.38 54.69
C ALA F 101 -34.37 -36.49 53.61
N TYR F 102 -35.08 -35.44 53.21
CA TYR F 102 -34.53 -34.53 52.20
C TYR F 102 -33.27 -33.83 52.72
N LEU F 103 -33.29 -33.40 53.98
CA LEU F 103 -32.11 -32.77 54.57
C LEU F 103 -30.94 -33.75 54.63
N ALA F 104 -31.22 -35.00 55.02
CA ALA F 104 -30.16 -36.01 55.06
C ALA F 104 -29.58 -36.26 53.67
N ASP F 105 -30.45 -36.32 52.66
CA ASP F 105 -29.96 -36.51 51.29
C ASP F 105 -29.12 -35.32 50.84
N LEU F 106 -29.53 -34.10 51.18
CA LEU F 106 -28.75 -32.92 50.83
C LEU F 106 -27.38 -32.97 51.50
N ALA F 107 -27.34 -33.36 52.78
CA ALA F 107 -26.06 -33.48 53.49
C ALA F 107 -25.19 -34.55 52.86
N LYS F 108 -25.78 -35.68 52.46
CA LYS F 108 -25.00 -36.78 51.91
C LYS F 108 -24.50 -36.48 50.50
N ASN F 109 -25.25 -35.71 49.73
CA ASN F 109 -24.90 -35.43 48.35
C ASN F 109 -23.90 -34.28 48.20
N THR F 110 -23.38 -33.76 49.30
CA THR F 110 -22.41 -32.67 49.22
C THR F 110 -21.08 -33.17 48.65
N PRO F 111 -20.58 -32.58 47.57
CA PRO F 111 -19.26 -33.01 47.05
C PRO F 111 -18.14 -32.72 48.04
N SER F 112 -18.02 -31.45 48.43
CA SER F 112 -17.01 -31.03 49.39
C SER F 112 -17.33 -29.62 49.85
N ALA F 113 -16.72 -29.21 50.96
CA ALA F 113 -16.91 -27.87 51.51
C ALA F 113 -15.82 -26.91 51.08
N ALA F 114 -14.89 -27.33 50.22
CA ALA F 114 -13.77 -26.48 49.85
C ALA F 114 -14.19 -25.40 48.85
N ASN F 115 -15.17 -25.68 48.00
CA ASN F 115 -15.55 -24.78 46.92
C ASN F 115 -16.92 -24.13 47.15
N ILE F 116 -17.27 -23.83 48.40
CA ILE F 116 -18.55 -23.21 48.67
C ILE F 116 -18.59 -21.77 48.15
N ASN F 117 -17.43 -21.11 48.10
CA ASN F 117 -17.38 -19.75 47.57
C ASN F 117 -17.79 -19.70 46.10
N ALA F 118 -17.31 -20.67 45.31
CA ALA F 118 -17.68 -20.73 43.90
C ALA F 118 -19.19 -20.96 43.74
N TYR F 119 -19.76 -21.83 44.57
CA TYR F 119 -21.20 -22.06 44.52
C TYR F 119 -21.98 -20.80 44.85
N ALA F 120 -21.54 -20.07 45.88
CA ALA F 120 -22.20 -18.82 46.24
C ALA F 120 -22.10 -17.80 45.11
N GLU F 121 -20.93 -17.72 44.46
CA GLU F 121 -20.77 -16.82 43.32
C GLU F 121 -21.70 -17.20 42.18
N ILE F 122 -21.84 -18.50 41.91
CA ILE F 122 -22.75 -18.95 40.86
C ILE F 122 -24.18 -18.55 41.19
N VAL F 123 -24.60 -18.76 42.45
CA VAL F 123 -25.96 -18.41 42.84
C VAL F 123 -26.19 -16.90 42.69
N ALA F 124 -25.21 -16.09 43.10
CA ALA F 124 -25.34 -14.64 42.97
C ALA F 124 -25.44 -14.23 41.52
N GLU F 125 -24.63 -14.84 40.65
CA GLU F 125 -24.67 -14.52 39.23
C GLU F 125 -26.03 -14.86 38.63
N ARG F 126 -26.57 -16.04 38.98
CA ARG F 126 -27.87 -16.43 38.46
C ARG F 126 -28.96 -15.48 38.93
N ALA F 127 -28.92 -15.08 40.21
CA ALA F 127 -29.89 -14.12 40.70
C ALA F 127 -29.78 -12.78 39.97
N LEU F 128 -28.56 -12.33 39.73
CA LEU F 128 -28.35 -11.07 39.02
C LEU F 128 -28.93 -11.13 37.62
N VAL F 129 -28.64 -12.21 36.88
CA VAL F 129 -29.13 -12.28 35.51
C VAL F 129 -30.65 -12.42 35.48
N ARG F 130 -31.23 -13.16 36.43
CA ARG F 130 -32.69 -13.28 36.48
C ARG F 130 -33.33 -11.91 36.77
N ASN F 131 -32.76 -11.15 37.70
CA ASN F 131 -33.31 -9.83 37.99
C ASN F 131 -33.13 -8.88 36.81
N LEU F 132 -32.02 -9.00 36.08
CA LEU F 132 -31.82 -8.19 34.88
C LEU F 132 -32.88 -8.51 33.83
N ILE F 133 -33.17 -9.81 33.65
CA ILE F 133 -34.22 -10.20 32.70
C ILE F 133 -35.57 -9.66 33.14
N GLY F 134 -35.85 -9.70 34.45
CA GLY F 134 -37.09 -9.13 34.95
C GLY F 134 -37.20 -7.65 34.68
N VAL F 135 -36.10 -6.91 34.89
CA VAL F 135 -36.10 -5.48 34.62
C VAL F 135 -36.29 -5.20 33.14
N ALA F 136 -35.66 -6.01 32.29
CA ALA F 136 -35.82 -5.86 30.84
C ALA F 136 -37.27 -6.09 30.43
N ASN F 137 -37.92 -7.11 30.99
CA ASN F 137 -39.33 -7.34 30.69
C ASN F 137 -40.19 -6.20 31.21
N GLU F 138 -39.85 -5.65 32.38
CA GLU F 138 -40.62 -4.55 32.94
C GLU F 138 -40.55 -3.32 32.04
N ILE F 139 -39.34 -2.97 31.56
CA ILE F 139 -39.22 -1.82 30.69
C ILE F 139 -39.86 -2.09 29.34
N ALA F 140 -39.78 -3.34 28.86
CA ALA F 140 -40.40 -3.68 27.58
C ALA F 140 -41.92 -3.58 27.66
N ASP F 141 -42.51 -3.90 28.81
CA ASP F 141 -43.96 -3.79 28.96
C ASP F 141 -44.42 -2.35 28.76
N ALA F 142 -43.70 -1.40 29.34
CA ALA F 142 -43.96 0.00 29.05
C ALA F 142 -43.57 0.31 27.61
N GLY F 143 -44.42 1.08 26.93
CA GLY F 143 -44.27 1.31 25.52
C GLY F 143 -45.39 0.64 24.74
N TYR F 144 -45.78 -0.55 25.18
CA TYR F 144 -46.99 -1.19 24.71
C TYR F 144 -48.23 -0.66 25.41
N ASP F 145 -48.06 0.20 26.41
CA ASP F 145 -49.12 0.89 27.12
C ASP F 145 -48.55 2.17 27.71
N PRO F 146 -48.48 3.25 26.93
CA PRO F 146 -47.81 4.47 27.43
C PRO F 146 -48.40 5.02 28.71
N GLN F 147 -49.73 4.94 28.87
CA GLN F 147 -50.41 5.40 30.08
C GLN F 147 -50.08 6.86 30.38
N GLY F 148 -49.96 7.66 29.32
CA GLY F 148 -49.74 9.09 29.44
C GLY F 148 -48.29 9.52 29.36
N ARG F 149 -47.35 8.60 29.57
CA ARG F 149 -45.93 8.95 29.52
C ARG F 149 -45.49 9.18 28.08
N ASN F 150 -44.58 10.15 27.91
CA ASN F 150 -44.02 10.46 26.61
C ASN F 150 -42.67 9.75 26.45
N ALA F 151 -42.00 10.01 25.33
CA ALA F 151 -40.73 9.34 25.05
C ALA F 151 -39.68 9.67 26.11
N GLU F 152 -39.67 10.93 26.56
CA GLU F 152 -38.68 11.33 27.57
C GLU F 152 -38.85 10.54 28.86
N ASP F 153 -40.11 10.32 29.27
CA ASP F 153 -40.35 9.54 30.48
C ASP F 153 -39.90 8.09 30.32
N LEU F 154 -40.15 7.50 29.14
CA LEU F 154 -39.70 6.13 28.89
C LEU F 154 -38.19 6.04 28.92
N LEU F 155 -37.50 7.02 28.32
CA LEU F 155 -36.05 7.04 28.37
C LEU F 155 -35.54 7.21 29.80
N ASP F 156 -36.20 8.07 30.58
CA ASP F 156 -35.77 8.30 31.96
C ASP F 156 -35.93 7.06 32.81
N LEU F 157 -37.05 6.36 32.66
CA LEU F 157 -37.29 5.16 33.46
C LEU F 157 -36.69 3.92 32.79
N ALA F 158 -35.46 4.06 32.31
CA ALA F 158 -34.65 2.94 31.87
C ALA F 158 -33.33 2.95 32.63
N GLU F 159 -32.69 4.12 32.63
CA GLU F 159 -31.41 4.28 33.31
C GLU F 159 -31.56 4.08 34.82
N SER F 160 -32.66 4.57 35.40
CA SER F 160 -32.88 4.39 36.83
C SER F 160 -33.00 2.91 37.17
N LYS F 161 -33.76 2.16 36.38
CA LYS F 161 -33.93 0.73 36.64
C LYS F 161 -32.62 -0.02 36.49
N VAL F 162 -31.85 0.29 35.43
CA VAL F 162 -30.60 -0.45 35.21
C VAL F 162 -29.58 -0.09 36.28
N PHE F 163 -29.53 1.18 36.69
CA PHE F 163 -28.64 1.59 37.78
C PHE F 163 -29.03 0.93 39.09
N ALA F 164 -30.34 0.80 39.36
CA ALA F 164 -30.78 0.10 40.56
C ALA F 164 -30.37 -1.37 40.52
N ILE F 165 -30.49 -2.00 39.36
CA ILE F 165 -30.13 -3.41 39.26
C ILE F 165 -28.62 -3.63 39.23
N ALA F 166 -27.84 -2.59 38.94
CA ALA F 166 -26.39 -2.72 38.92
C ALA F 166 -25.72 -2.24 40.19
N GLU F 167 -26.40 -1.41 41.00
CA GLU F 167 -25.76 -0.83 42.18
C GLU F 167 -25.60 -1.86 43.30
N ALA F 168 -26.39 -2.93 43.28
CA ALA F 168 -26.29 -3.95 44.32
C ALA F 168 -24.90 -4.58 44.34
N ARG F 169 -24.37 -4.90 43.17
CA ARG F 169 -23.00 -5.39 43.08
C ARG F 169 -22.02 -4.21 43.17
N THR F 170 -20.99 -4.37 43.99
CA THR F 170 -19.97 -3.35 44.17
C THR F 170 -18.59 -3.96 43.99
N SER F 171 -17.70 -3.21 43.33
CA SER F 171 -16.34 -3.68 43.13
C SER F 171 -15.60 -3.71 44.47
N GLU F 172 -14.80 -4.77 44.66
CA GLU F 172 -14.14 -5.00 45.94
C GLU F 172 -12.80 -5.66 45.69
N ASN F 173 -11.71 -4.96 46.00
CA ASN F 173 -11.77 -3.55 46.38
C ASN F 173 -11.36 -2.65 45.21
N GLU F 174 -12.13 -2.71 44.12
CA GLU F 174 -11.84 -1.92 42.92
C GLU F 174 -12.68 -0.65 42.90
N GLY F 175 -12.51 0.16 43.93
CA GLY F 175 -13.24 1.40 44.05
C GLY F 175 -12.34 2.59 44.35
N PRO F 176 -12.81 3.80 44.08
CA PRO F 176 -12.03 4.99 44.42
C PRO F 176 -11.78 5.07 45.92
N LYS F 177 -10.61 5.56 46.29
CA LYS F 177 -10.17 5.61 47.67
C LYS F 177 -9.78 7.03 48.05
N ASN F 178 -10.14 7.42 49.27
CA ASN F 178 -9.77 8.73 49.78
C ASN F 178 -8.27 8.79 50.03
N VAL F 179 -7.74 10.01 50.08
CA VAL F 179 -6.31 10.21 50.27
C VAL F 179 -5.82 9.73 51.63
N ASP F 180 -6.71 9.60 52.62
CA ASP F 180 -6.28 9.23 53.97
C ASP F 180 -5.67 7.84 53.99
N SER F 181 -6.40 6.84 53.46
CA SER F 181 -5.93 5.47 53.52
C SER F 181 -4.66 5.26 52.71
N ILE F 182 -4.62 5.80 51.49
CA ILE F 182 -3.46 5.62 50.63
C ILE F 182 -2.24 6.34 51.20
N LEU F 183 -2.46 7.53 51.77
CA LEU F 183 -1.35 8.26 52.41
C LEU F 183 -0.83 7.51 53.62
N GLU F 184 -1.73 6.94 54.43
CA GLU F 184 -1.29 6.17 55.59
C GLU F 184 -0.50 4.93 55.16
N ARG F 185 -0.96 4.25 54.11
CA ARG F 185 -0.24 3.09 53.61
C ARG F 185 1.14 3.47 53.08
N THR F 186 1.22 4.61 52.37
CA THR F 186 2.51 5.07 51.86
C THR F 186 3.44 5.45 53.00
N LEU F 187 2.91 6.08 54.06
CA LEU F 187 3.72 6.41 55.22
C LEU F 187 4.26 5.15 55.88
N GLU F 188 3.40 4.13 56.02
CA GLU F 188 3.87 2.87 56.58
C GLU F 188 4.96 2.24 55.72
N ARG F 189 4.79 2.31 54.39
CA ARG F 189 5.79 1.75 53.49
C ARG F 189 7.13 2.48 53.62
N ILE F 190 7.10 3.81 53.71
CA ILE F 190 8.35 4.56 53.75
C ILE F 190 8.97 4.52 55.14
N GLU F 191 8.18 4.20 56.17
CA GLU F 191 8.74 4.07 57.51
C GLU F 191 9.56 2.79 57.65
N LEU F 192 9.06 1.68 57.11
CA LEU F 192 9.78 0.42 57.21
C LEU F 192 10.99 0.39 56.29
N LEU F 193 10.96 1.16 55.21
CA LEU F 193 12.08 1.22 54.27
C LEU F 193 13.24 2.07 54.80
N TYR F 194 13.07 2.72 55.95
CA TYR F 194 14.15 3.52 56.52
C TYR F 194 15.36 2.65 56.84
N LYS F 195 15.13 1.45 57.37
CA LYS F 195 16.19 0.52 57.71
C LYS F 195 16.52 -0.38 56.52
N THR F 196 17.72 -0.96 56.56
CA THR F 196 18.23 -1.87 55.54
C THR F 196 18.13 -1.26 54.15
N PRO F 197 18.97 -0.25 53.83
CA PRO F 197 18.90 0.34 52.48
C PRO F 197 19.25 -0.62 51.36
N GLN F 198 19.99 -1.69 51.66
CA GLN F 198 20.43 -2.66 50.66
C GLN F 198 21.22 -1.98 49.55
N ASP F 199 22.08 -1.04 49.95
CA ASP F 199 22.96 -0.26 49.07
C ASP F 199 22.28 0.14 47.76
N GLY F 200 21.03 0.57 47.84
CA GLY F 200 20.32 1.09 46.67
C GLY F 200 19.65 0.04 45.81
N VAL F 201 20.40 -0.97 45.39
CA VAL F 201 19.86 -1.97 44.47
C VAL F 201 18.85 -2.84 45.22
N THR F 202 17.69 -3.04 44.59
CA THR F 202 16.63 -3.86 45.17
C THR F 202 16.34 -5.12 44.37
N GLY F 203 16.78 -5.19 43.11
CA GLY F 203 16.54 -6.36 42.29
C GLY F 203 17.79 -7.17 42.04
N VAL F 204 18.12 -7.38 40.77
CA VAL F 204 19.29 -8.16 40.37
C VAL F 204 20.41 -7.20 40.03
N ASN F 205 21.58 -7.40 40.66
CA ASN F 205 22.72 -6.51 40.45
C ASN F 205 23.29 -6.77 39.06
N THR F 206 23.36 -5.71 38.25
CA THR F 206 23.90 -5.84 36.90
C THR F 206 25.42 -5.96 36.89
N GLY F 207 26.09 -5.43 37.91
CA GLY F 207 27.54 -5.42 37.97
C GLY F 207 28.18 -4.10 37.57
N PHE F 208 27.43 -3.22 36.90
CA PHE F 208 27.92 -1.92 36.49
C PHE F 208 27.30 -0.87 37.39
N THR F 209 28.15 -0.07 38.05
CA THR F 209 27.67 0.86 39.06
C THR F 209 26.78 1.93 38.45
N ASP F 210 27.19 2.51 37.32
CA ASP F 210 26.43 3.61 36.73
C ASP F 210 25.05 3.14 36.29
N LEU F 211 24.96 1.96 35.67
CA LEU F 211 23.66 1.44 35.26
C LEU F 211 22.84 0.98 36.46
N ASN F 212 23.50 0.53 37.54
CA ASN F 212 22.79 0.19 38.76
C ASN F 212 22.15 1.42 39.38
N LYS F 213 22.81 2.58 39.28
CA LYS F 213 22.24 3.82 39.82
C LYS F 213 20.91 4.17 39.15
N LYS F 214 20.82 4.03 37.83
CA LYS F 214 19.60 4.40 37.10
C LYS F 214 18.55 3.31 37.14
N THR F 215 18.91 2.08 36.76
CA THR F 215 17.93 1.00 36.68
C THR F 215 17.54 0.46 38.04
N ALA F 216 18.32 0.73 39.08
CA ALA F 216 18.11 0.16 40.41
C ALA F 216 18.02 -1.37 40.34
N GLY F 217 18.92 -1.95 39.56
CA GLY F 217 18.91 -3.37 39.32
C GLY F 217 17.86 -3.77 38.30
N LEU F 218 17.83 -5.07 38.01
CA LEU F 218 16.84 -5.64 37.09
C LEU F 218 15.65 -6.10 37.91
N GLN F 219 14.60 -5.27 37.93
CA GLN F 219 13.43 -5.57 38.75
C GLN F 219 12.65 -6.75 38.19
N GLY F 220 12.03 -7.51 39.08
CA GLY F 220 11.25 -8.66 38.66
C GLY F 220 9.93 -8.27 38.04
N SER F 221 9.32 -9.24 37.37
CA SER F 221 8.03 -9.05 36.68
C SER F 221 8.10 -7.92 35.67
N ASP F 222 9.26 -7.78 35.02
CA ASP F 222 9.49 -6.72 34.05
C ASP F 222 10.07 -7.32 32.78
N LEU F 223 9.88 -6.62 31.67
CA LEU F 223 10.47 -6.98 30.39
C LEU F 223 11.51 -5.95 30.01
N ILE F 224 12.74 -6.41 29.77
CA ILE F 224 13.86 -5.54 29.42
C ILE F 224 14.30 -5.88 28.02
N ILE F 225 14.50 -4.87 27.19
CA ILE F 225 14.83 -5.05 25.78
C ILE F 225 16.18 -4.40 25.52
N VAL F 226 17.10 -5.17 24.95
CA VAL F 226 18.40 -4.66 24.52
C VAL F 226 18.47 -4.78 23.00
N ALA F 227 18.64 -3.65 22.32
CA ALA F 227 18.62 -3.61 20.87
C ALA F 227 19.74 -2.73 20.35
N ALA F 228 20.27 -3.09 19.18
CA ALA F 228 21.32 -2.33 18.53
C ALA F 228 21.47 -2.82 17.10
N ARG F 229 22.28 -2.10 16.33
CA ARG F 229 22.59 -2.52 14.98
C ARG F 229 23.51 -3.75 15.01
N PRO F 230 23.60 -4.48 13.90
CA PRO F 230 24.48 -5.65 13.86
C PRO F 230 25.92 -5.28 14.20
N SER F 231 26.57 -6.17 14.96
CA SER F 231 27.95 -5.97 15.43
C SER F 231 28.08 -4.68 16.25
N MET F 232 27.38 -4.67 17.39
CA MET F 232 27.46 -3.57 18.34
C MET F 232 27.79 -3.99 19.76
N GLY F 233 27.54 -5.24 20.13
CA GLY F 233 27.81 -5.70 21.48
C GLY F 233 26.57 -6.03 22.28
N LYS F 234 25.55 -6.54 21.60
CA LYS F 234 24.26 -6.84 22.22
C LYS F 234 24.30 -8.17 22.98
N THR F 235 24.68 -9.25 22.29
CA THR F 235 24.77 -10.55 22.94
C THR F 235 25.83 -10.53 24.04
N THR F 236 26.94 -9.82 23.80
CA THR F 236 27.97 -9.70 24.83
C THR F 236 27.42 -9.03 26.09
N PHE F 237 26.67 -7.94 25.92
CA PHE F 237 26.10 -7.24 27.06
C PHE F 237 25.11 -8.12 27.82
N ALA F 238 24.22 -8.79 27.09
CA ALA F 238 23.24 -9.65 27.74
C ALA F 238 23.92 -10.80 28.47
N MET F 239 24.94 -11.40 27.84
CA MET F 239 25.65 -12.50 28.48
C MET F 239 26.42 -12.05 29.70
N ASN F 240 26.98 -10.84 29.67
CA ASN F 240 27.64 -10.30 30.85
C ASN F 240 26.65 -10.11 31.99
N LEU F 241 25.47 -9.56 31.69
CA LEU F 241 24.44 -9.40 32.72
C LEU F 241 24.05 -10.76 33.31
N CYS F 242 23.81 -11.75 32.44
CA CYS F 242 23.40 -13.06 32.91
C CYS F 242 24.50 -13.73 33.73
N GLU F 243 25.75 -13.56 33.30
CA GLU F 243 26.87 -14.16 34.01
C GLU F 243 27.03 -13.56 35.40
N ASN F 244 26.91 -12.23 35.50
CA ASN F 244 26.99 -11.60 36.82
C ASN F 244 25.84 -12.05 37.71
N ALA F 245 24.62 -12.14 37.15
CA ALA F 245 23.49 -12.62 37.93
C ALA F 245 23.71 -14.04 38.43
N ALA F 246 24.22 -14.91 37.57
CA ALA F 246 24.47 -16.29 37.97
C ALA F 246 25.56 -16.37 39.03
N MET F 247 26.60 -15.56 38.91
CA MET F 247 27.67 -15.56 39.90
C MET F 247 27.16 -15.08 41.25
N GLU F 248 26.29 -14.07 41.27
CA GLU F 248 25.85 -13.51 42.54
C GLU F 248 24.64 -14.23 43.13
N GLN F 249 23.59 -14.42 42.33
CA GLN F 249 22.33 -14.94 42.85
C GLN F 249 22.45 -16.42 43.20
N ASP F 250 21.35 -16.99 43.67
CA ASP F 250 21.26 -18.40 44.04
C ASP F 250 20.44 -19.22 43.06
N LYS F 251 19.32 -18.69 42.59
CA LYS F 251 18.48 -19.42 41.64
C LYS F 251 19.16 -19.45 40.26
N PRO F 252 18.85 -20.45 39.45
CA PRO F 252 19.50 -20.56 38.14
C PRO F 252 19.04 -19.48 37.18
N VAL F 253 19.89 -19.20 36.20
CA VAL F 253 19.60 -18.26 35.13
C VAL F 253 19.40 -19.03 33.83
N LEU F 254 18.29 -18.78 33.15
CA LEU F 254 17.93 -19.51 31.94
C LEU F 254 18.23 -18.66 30.71
N ILE F 255 18.89 -19.26 29.73
CA ILE F 255 19.29 -18.58 28.51
C ILE F 255 18.71 -19.36 27.33
N PHE F 256 18.04 -18.64 26.43
CA PHE F 256 17.51 -19.22 25.19
C PHE F 256 18.36 -18.72 24.04
N SER F 257 19.25 -19.55 23.55
CA SER F 257 20.17 -19.20 22.46
C SER F 257 19.58 -19.73 21.16
N LEU F 258 18.73 -18.91 20.54
CA LEU F 258 18.14 -19.24 19.25
C LEU F 258 19.03 -18.85 18.08
N GLU F 259 20.18 -18.25 18.35
CA GLU F 259 21.07 -17.75 17.32
C GLU F 259 22.38 -18.52 17.23
N MET F 260 22.98 -18.89 18.35
CA MET F 260 24.29 -19.52 18.35
C MET F 260 24.27 -20.80 19.19
N PRO F 261 25.15 -21.74 18.90
CA PRO F 261 25.25 -22.95 19.72
C PRO F 261 25.80 -22.63 21.10
N ALA F 262 25.61 -23.58 22.02
CA ALA F 262 26.08 -23.40 23.40
C ALA F 262 27.60 -23.38 23.47
N GLU F 263 28.29 -24.02 22.51
CA GLU F 263 29.74 -24.07 22.54
C GLU F 263 30.35 -22.67 22.40
N GLN F 264 29.83 -21.88 21.47
CA GLN F 264 30.36 -20.54 21.26
C GLN F 264 30.09 -19.64 22.47
N ILE F 265 28.90 -19.76 23.06
CA ILE F 265 28.59 -18.98 24.27
C ILE F 265 29.52 -19.38 25.40
N MET F 266 29.80 -20.67 25.54
CA MET F 266 30.71 -21.12 26.59
C MET F 266 32.12 -20.60 26.36
N MET F 267 32.58 -20.62 25.12
CA MET F 267 33.90 -20.07 24.81
C MET F 267 33.95 -18.58 25.14
N ARG F 268 32.89 -17.84 24.80
CA ARG F 268 32.84 -16.41 25.10
C ARG F 268 32.86 -16.18 26.61
N MET F 269 32.12 -16.98 27.38
CA MET F 269 32.10 -16.80 28.82
C MET F 269 33.47 -17.11 29.43
N LEU F 270 34.13 -18.16 28.95
CA LEU F 270 35.47 -18.47 29.44
C LEU F 270 36.44 -17.34 29.11
N ALA F 271 36.36 -16.80 27.90
CA ALA F 271 37.24 -15.70 27.51
C ALA F 271 36.97 -14.46 28.37
N SER F 272 35.70 -14.19 28.67
CA SER F 272 35.35 -13.00 29.45
C SER F 272 35.82 -13.14 30.90
N LEU F 273 35.56 -14.29 31.52
CA LEU F 273 35.90 -14.45 32.94
C LEU F 273 37.40 -14.62 33.14
N SER F 274 38.05 -15.38 32.28
CA SER F 274 39.45 -15.75 32.50
C SER F 274 40.44 -14.73 31.94
N ARG F 275 39.96 -13.63 31.37
CA ARG F 275 40.82 -12.59 30.77
C ARG F 275 41.77 -13.20 29.74
N VAL F 276 41.22 -14.07 28.91
CA VAL F 276 41.96 -14.76 27.86
C VAL F 276 41.36 -14.35 26.51
N ASP F 277 42.24 -14.12 25.54
CA ASP F 277 41.80 -13.70 24.21
C ASP F 277 40.86 -14.75 23.60
N GLN F 278 39.74 -14.28 23.05
CA GLN F 278 38.76 -15.18 22.47
C GLN F 278 39.31 -15.90 21.25
N THR F 279 40.08 -15.17 20.40
CA THR F 279 40.60 -15.78 19.18
C THR F 279 41.57 -16.90 19.50
N LYS F 280 42.43 -16.73 20.50
CA LYS F 280 43.35 -17.80 20.89
C LYS F 280 42.59 -19.01 21.42
N ILE F 281 41.50 -18.78 22.14
CA ILE F 281 40.68 -19.89 22.62
C ILE F 281 40.08 -20.65 21.44
N ARG F 282 39.52 -19.92 20.49
CA ARG F 282 38.88 -20.56 19.34
C ARG F 282 39.88 -21.33 18.48
N THR F 283 41.07 -20.77 18.28
CA THR F 283 42.08 -21.40 17.44
C THR F 283 43.00 -22.34 18.21
N GLY F 284 42.85 -22.44 19.52
CA GLY F 284 43.67 -23.36 20.30
C GLY F 284 45.15 -23.04 20.30
N GLN F 285 45.51 -21.78 20.52
CA GLN F 285 46.91 -21.35 20.63
C GLN F 285 47.05 -20.64 21.97
N LEU F 286 47.38 -21.40 23.01
CA LEU F 286 47.40 -20.90 24.38
C LEU F 286 48.71 -21.26 25.06
N ASP F 287 49.15 -20.37 25.95
CA ASP F 287 50.34 -20.60 26.76
C ASP F 287 49.92 -21.20 28.10
N ASP F 288 50.86 -21.25 29.06
CA ASP F 288 50.58 -21.87 30.34
C ASP F 288 49.68 -20.99 31.21
N GLU F 289 49.90 -19.67 31.20
CA GLU F 289 49.12 -18.77 32.04
C GLU F 289 47.65 -18.77 31.62
N ASP F 290 47.40 -18.80 30.31
CA ASP F 290 46.02 -18.87 29.83
C ASP F 290 45.34 -20.14 30.31
N TRP F 291 46.06 -21.27 30.27
CA TRP F 291 45.51 -22.51 30.77
C TRP F 291 45.24 -22.46 32.28
N ALA F 292 46.12 -21.79 33.04
CA ALA F 292 45.87 -21.65 34.47
C ALA F 292 44.61 -20.84 34.74
N ARG F 293 44.43 -19.73 34.00
CA ARG F 293 43.23 -18.93 34.16
C ARG F 293 41.98 -19.72 33.78
N ILE F 294 42.06 -20.48 32.68
CA ILE F 294 40.93 -21.28 32.24
C ILE F 294 40.61 -22.35 33.28
N SER F 295 41.63 -22.95 33.88
CA SER F 295 41.40 -23.95 34.92
C SER F 295 40.72 -23.33 36.14
N SER F 296 41.15 -22.12 36.53
CA SER F 296 40.53 -21.46 37.68
C SER F 296 39.06 -21.15 37.41
N THR F 297 38.76 -20.58 36.24
CA THR F 297 37.37 -20.27 35.95
C THR F 297 36.54 -21.53 35.74
N MET F 298 37.15 -22.61 35.22
CA MET F 298 36.46 -23.90 35.15
C MET F 298 36.10 -24.40 36.53
N GLY F 299 37.03 -24.31 37.48
CA GLY F 299 36.73 -24.72 38.84
C GLY F 299 35.60 -23.91 39.44
N ILE F 300 35.63 -22.59 39.24
CA ILE F 300 34.57 -21.74 39.79
C ILE F 300 33.22 -22.11 39.18
N LEU F 301 33.17 -22.27 37.86
CA LEU F 301 31.90 -22.57 37.18
C LEU F 301 31.37 -23.94 37.62
N MET F 302 32.24 -24.94 37.72
CA MET F 302 31.80 -26.25 38.17
C MET F 302 31.41 -26.27 39.63
N GLU F 303 31.95 -25.35 40.44
CA GLU F 303 31.50 -25.24 41.82
C GLU F 303 30.14 -24.58 41.92
N LYS F 304 29.85 -23.60 41.05
CA LYS F 304 28.60 -22.86 41.15
C LYS F 304 27.41 -23.69 40.70
N LYS F 305 27.40 -24.12 39.45
CA LYS F 305 26.30 -24.91 38.86
C LYS F 305 24.99 -24.12 38.89
N ASN F 306 25.00 -22.96 38.23
CA ASN F 306 23.86 -22.06 38.27
C ASN F 306 23.62 -21.43 36.89
N MET F 307 23.68 -22.26 35.85
CA MET F 307 23.53 -21.75 34.49
C MET F 307 22.84 -22.81 33.65
N TYR F 308 21.96 -22.36 32.74
CA TYR F 308 21.27 -23.25 31.82
C TYR F 308 21.23 -22.59 30.44
N ILE F 309 21.50 -23.40 29.41
CA ILE F 309 21.57 -22.92 28.04
C ILE F 309 20.66 -23.77 27.17
N ASP F 310 19.81 -23.12 26.38
CA ASP F 310 18.93 -23.80 25.43
C ASP F 310 19.31 -23.34 24.03
N ASP F 311 19.80 -24.26 23.20
CA ASP F 311 20.26 -23.95 21.86
C ASP F 311 19.27 -24.36 20.77
N SER F 312 18.04 -24.69 21.14
CA SER F 312 17.04 -25.08 20.16
C SER F 312 16.65 -23.89 19.29
N SER F 313 16.18 -24.19 18.08
CA SER F 313 15.84 -23.18 17.10
C SER F 313 14.34 -23.17 16.82
N GLY F 314 13.81 -21.98 16.57
CA GLY F 314 12.41 -21.81 16.20
C GLY F 314 11.44 -22.19 17.29
N LEU F 315 11.70 -21.76 18.52
CA LEU F 315 10.83 -22.09 19.64
C LEU F 315 9.57 -21.24 19.60
N THR F 316 8.44 -21.88 19.87
CA THR F 316 7.18 -21.17 20.03
C THR F 316 7.07 -20.66 21.47
N PRO F 317 6.25 -19.62 21.69
CA PRO F 317 6.10 -19.11 23.07
C PRO F 317 5.61 -20.15 24.05
N THR F 318 4.74 -21.07 23.62
CA THR F 318 4.27 -22.12 24.52
C THR F 318 5.41 -23.02 24.97
N GLU F 319 6.32 -23.37 24.06
CA GLU F 319 7.46 -24.20 24.43
C GLU F 319 8.37 -23.48 25.42
N VAL F 320 8.62 -22.19 25.19
CA VAL F 320 9.44 -21.41 26.11
C VAL F 320 8.81 -21.37 27.49
N ARG F 321 7.49 -21.13 27.54
CA ARG F 321 6.80 -21.09 28.81
C ARG F 321 6.86 -22.43 29.53
N SER F 322 6.66 -23.53 28.79
CA SER F 322 6.69 -24.85 29.40
C SER F 322 8.06 -25.18 29.97
N ARG F 323 9.12 -24.88 29.21
CA ARG F 323 10.47 -25.18 29.67
C ARG F 323 10.84 -24.32 30.87
N ALA F 324 10.48 -23.03 30.84
CA ALA F 324 10.74 -22.17 31.98
C ALA F 324 10.01 -22.66 33.22
N ARG F 325 8.74 -23.05 33.08
CA ARG F 325 8.01 -23.57 34.23
C ARG F 325 8.61 -24.86 34.76
N ARG F 326 9.04 -25.75 33.87
CA ARG F 326 9.66 -26.99 34.31
C ARG F 326 10.92 -26.71 35.13
N ILE F 327 11.79 -25.83 34.63
CA ILE F 327 13.01 -25.51 35.35
C ILE F 327 12.70 -24.84 36.67
N ALA F 328 11.75 -23.90 36.68
CA ALA F 328 11.40 -23.19 37.91
C ALA F 328 10.85 -24.13 38.96
N ARG F 329 9.97 -25.05 38.57
CA ARG F 329 9.45 -26.01 39.52
C ARG F 329 10.55 -26.95 40.02
N GLU F 330 11.45 -27.37 39.13
CA GLU F 330 12.52 -28.28 39.53
C GLU F 330 13.43 -27.64 40.56
N HIS F 331 13.80 -26.38 40.36
CA HIS F 331 14.74 -25.71 41.25
C HIS F 331 14.10 -24.72 42.21
N GLY F 332 12.77 -24.58 42.19
CA GLY F 332 12.07 -23.72 43.11
C GLY F 332 12.02 -22.26 42.72
N GLY F 333 12.67 -21.86 41.64
CA GLY F 333 12.64 -20.48 41.22
C GLY F 333 13.73 -20.19 40.21
N LEU F 334 13.63 -19.02 39.60
CA LEU F 334 14.57 -18.56 38.61
C LEU F 334 15.06 -17.15 38.97
N SER F 335 16.20 -16.78 38.39
CA SER F 335 16.77 -15.45 38.59
C SER F 335 16.63 -14.54 37.39
N LEU F 336 16.84 -15.05 36.18
CA LEU F 336 16.80 -14.22 34.98
C LEU F 336 16.56 -15.10 33.77
N ILE F 337 15.86 -14.55 32.78
CA ILE F 337 15.57 -15.25 31.53
C ILE F 337 16.05 -14.38 30.38
N MET F 338 16.73 -15.00 29.41
CA MET F 338 17.28 -14.30 28.26
C MET F 338 16.77 -14.96 26.99
N VAL F 339 16.36 -14.15 26.02
CA VAL F 339 15.93 -14.61 24.71
C VAL F 339 16.75 -13.90 23.65
N ASP F 340 17.26 -14.65 22.67
CA ASP F 340 18.17 -14.11 21.65
C ASP F 340 17.83 -14.75 20.31
N TYR F 341 16.94 -14.11 19.55
CA TYR F 341 16.19 -12.95 20.01
C TYR F 341 14.70 -13.16 19.74
N LEU F 342 13.89 -12.14 20.01
CA LEU F 342 12.45 -12.30 19.95
C LEU F 342 11.91 -12.35 18.52
N GLN F 343 12.68 -11.92 17.52
CA GLN F 343 12.23 -11.99 16.14
C GLN F 343 12.38 -13.37 15.53
N LEU F 344 13.14 -14.27 16.16
CA LEU F 344 13.35 -15.62 15.66
C LEU F 344 12.30 -16.60 16.15
N MET F 345 11.43 -16.20 17.07
CA MET F 345 10.36 -17.07 17.54
C MET F 345 9.27 -17.16 16.49
N ARG F 346 8.53 -18.27 16.53
CA ARG F 346 7.54 -18.57 15.52
C ARG F 346 6.17 -18.78 16.15
N VAL F 347 5.15 -18.21 15.54
CA VAL F 347 3.76 -18.45 15.90
C VAL F 347 3.06 -19.03 14.68
N PRO F 348 2.88 -20.36 14.63
CA PRO F 348 2.37 -21.00 13.41
C PRO F 348 0.96 -20.58 13.03
N ALA F 349 0.18 -20.04 13.96
CA ALA F 349 -1.20 -19.70 13.64
C ALA F 349 -1.29 -18.42 12.82
N LEU F 350 -0.21 -17.65 12.74
CA LEU F 350 -0.19 -16.36 12.06
C LEU F 350 1.01 -16.25 11.15
N THR F 351 1.25 -17.29 10.34
CA THR F 351 2.40 -17.28 9.45
C THR F 351 2.21 -16.34 8.27
N ASP F 352 0.98 -15.87 8.05
CA ASP F 352 0.71 -14.98 6.93
C ASP F 352 0.79 -13.50 7.32
N ASN F 353 1.00 -13.19 8.59
CA ASN F 353 1.12 -11.82 9.05
C ASN F 353 2.28 -11.73 10.04
N ARG F 354 3.13 -10.71 9.87
CA ARG F 354 4.33 -10.62 10.68
C ARG F 354 4.14 -9.70 11.89
N THR F 355 3.43 -8.58 11.71
CA THR F 355 3.23 -7.63 12.81
C THR F 355 2.44 -8.26 13.94
N LEU F 356 1.37 -8.99 13.60
CA LEU F 356 0.58 -9.66 14.63
C LEU F 356 1.39 -10.75 15.33
N GLU F 357 2.25 -11.44 14.57
CA GLU F 357 3.12 -12.45 15.17
C GLU F 357 4.07 -11.82 16.18
N ILE F 358 4.67 -10.69 15.83
CA ILE F 358 5.56 -10.00 16.75
C ILE F 358 4.79 -9.52 17.98
N ALA F 359 3.56 -9.03 17.78
CA ALA F 359 2.74 -8.60 18.90
C ALA F 359 2.45 -9.76 19.84
N GLU F 360 2.10 -10.92 19.30
CA GLU F 360 1.83 -12.09 20.13
C GLU F 360 3.08 -12.51 20.89
N ILE F 361 4.25 -12.49 20.22
CA ILE F 361 5.49 -12.88 20.87
C ILE F 361 5.79 -11.94 22.05
N SER F 362 5.66 -10.63 21.82
CA SER F 362 5.95 -9.67 22.89
C SER F 362 4.98 -9.81 24.05
N ARG F 363 3.68 -9.97 23.75
CA ARG F 363 2.70 -10.14 24.81
C ARG F 363 2.95 -11.41 25.61
N SER F 364 3.31 -12.50 24.91
CA SER F 364 3.61 -13.75 25.62
C SER F 364 4.84 -13.60 26.51
N LEU F 365 5.87 -12.91 26.03
CA LEU F 365 7.05 -12.69 26.86
C LEU F 365 6.71 -11.88 28.10
N LYS F 366 5.92 -10.82 27.94
CA LYS F 366 5.53 -10.01 29.08
C LYS F 366 4.69 -10.82 30.07
N ALA F 367 3.76 -11.63 29.56
CA ALA F 367 2.93 -12.46 30.43
C ALA F 367 3.77 -13.48 31.19
N LEU F 368 4.74 -14.10 30.52
CA LEU F 368 5.63 -15.04 31.20
C LEU F 368 6.45 -14.35 32.27
N ALA F 369 6.97 -13.15 31.98
CA ALA F 369 7.73 -12.42 32.97
C ALA F 369 6.87 -12.09 34.19
N LYS F 370 5.62 -11.68 33.96
CA LYS F 370 4.72 -11.38 35.08
C LYS F 370 4.37 -12.64 35.86
N GLU F 371 4.20 -13.76 35.17
CA GLU F 371 3.80 -15.00 35.84
C GLU F 371 4.91 -15.55 36.70
N LEU F 372 6.13 -15.64 36.16
CA LEU F 372 7.24 -16.20 36.93
C LEU F 372 7.84 -15.19 37.91
N ASN F 373 7.43 -13.92 37.84
CA ASN F 373 7.95 -12.87 38.71
C ASN F 373 9.47 -12.77 38.62
N VAL F 374 9.99 -12.90 37.40
CA VAL F 374 11.42 -12.78 37.15
C VAL F 374 11.65 -11.86 35.96
N PRO F 375 12.75 -11.12 35.90
CA PRO F 375 13.02 -10.29 34.73
C PRO F 375 13.31 -11.13 33.50
N VAL F 376 12.93 -10.59 32.35
CA VAL F 376 13.19 -11.23 31.06
C VAL F 376 13.91 -10.24 30.17
N VAL F 377 15.12 -10.59 29.74
CA VAL F 377 15.94 -9.76 28.88
C VAL F 377 15.81 -10.32 27.47
N ALA F 378 15.00 -9.66 26.64
CA ALA F 378 14.75 -10.09 25.27
C ALA F 378 15.47 -9.14 24.33
N LEU F 379 16.25 -9.70 23.40
CA LEU F 379 16.99 -8.87 22.45
C LEU F 379 16.12 -8.57 21.22
N SER F 380 16.50 -7.52 20.51
CA SER F 380 15.77 -7.10 19.32
C SER F 380 16.72 -6.40 18.36
N GLN F 381 16.30 -6.29 17.11
CA GLN F 381 17.08 -5.65 16.07
C GLN F 381 16.55 -4.25 15.79
N LEU F 382 17.22 -3.53 14.89
CA LEU F 382 16.85 -2.16 14.55
C LEU F 382 16.66 -2.05 13.04
N ASN F 383 15.82 -1.10 12.65
CA ASN F 383 15.55 -0.82 11.26
C ASN F 383 16.76 -0.20 10.58
N ARG F 384 16.76 -0.24 9.24
CA ARG F 384 17.88 0.28 8.48
C ARG F 384 17.82 1.79 8.28
N SER F 385 16.75 2.44 8.75
CA SER F 385 16.62 3.89 8.62
C SER F 385 17.58 4.65 9.52
N LEU F 386 18.25 3.96 10.46
CA LEU F 386 19.17 4.64 11.37
C LEU F 386 20.36 5.23 10.62
N GLU F 387 20.90 4.50 9.65
CA GLU F 387 22.13 4.90 8.97
C GLU F 387 21.87 5.80 7.77
N GLN F 388 20.62 6.11 7.47
CA GLN F 388 20.28 7.04 6.40
C GLN F 388 20.02 8.45 6.94
N ARG F 389 20.61 8.80 8.07
CA ARG F 389 20.47 10.10 8.70
C ARG F 389 21.83 10.62 9.14
N ALA F 390 21.90 11.94 9.34
CA ALA F 390 23.15 12.54 9.80
C ALA F 390 23.54 12.05 11.19
N ASP F 391 22.56 11.92 12.09
CA ASP F 391 22.80 11.43 13.44
C ASP F 391 22.45 9.95 13.49
N LYS F 392 23.39 9.14 13.99
CA LYS F 392 23.23 7.70 14.03
C LYS F 392 22.71 7.18 15.35
N ARG F 393 22.39 8.05 16.30
CA ARG F 393 21.93 7.60 17.60
C ARG F 393 20.54 6.97 17.49
N PRO F 394 20.34 5.78 18.07
CA PRO F 394 19.04 5.11 17.93
C PRO F 394 17.93 5.83 18.68
N VAL F 395 16.70 5.59 18.23
CA VAL F 395 15.50 6.11 18.85
C VAL F 395 14.51 4.96 19.02
N ASN F 396 13.34 5.27 19.55
CA ASN F 396 12.35 4.24 19.83
C ASN F 396 11.65 3.74 18.56
N SER F 397 11.72 4.49 17.47
CA SER F 397 11.06 4.08 16.23
C SER F 397 11.92 3.18 15.36
N ASP F 398 13.17 2.95 15.74
CA ASP F 398 14.07 2.12 14.93
C ASP F 398 13.84 0.63 15.12
N LEU F 399 13.13 0.22 16.17
CA LEU F 399 12.84 -1.18 16.37
C LEU F 399 11.86 -1.68 15.31
N ARG F 400 12.11 -2.89 14.82
CA ARG F 400 11.40 -3.44 13.68
C ARG F 400 10.02 -3.96 14.08
N GLU F 401 8.99 -3.48 13.39
CA GLU F 401 7.60 -3.90 13.62
C GLU F 401 7.25 -3.82 15.09
N SER F 402 7.42 -2.63 15.67
CA SER F 402 7.59 -2.49 17.11
C SER F 402 6.55 -1.54 17.70
N GLY F 403 5.29 -1.71 17.32
CA GLY F 403 4.24 -1.14 18.13
C GLY F 403 4.14 -1.83 19.47
N SER F 404 3.99 -3.16 19.45
CA SER F 404 3.90 -3.93 20.68
C SER F 404 5.24 -4.03 21.39
N ILE F 405 6.34 -4.04 20.64
CA ILE F 405 7.66 -4.19 21.26
C ILE F 405 7.92 -3.06 22.25
N GLU F 406 7.48 -1.85 21.92
CA GLU F 406 7.63 -0.71 22.82
C GLU F 406 6.42 -0.49 23.71
N GLN F 407 5.23 -0.91 23.28
CA GLN F 407 4.03 -0.68 24.09
C GLN F 407 4.09 -1.43 25.42
N ASP F 408 4.60 -2.67 25.40
CA ASP F 408 4.63 -3.51 26.58
C ASP F 408 6.05 -3.83 27.03
N ALA F 409 6.92 -2.82 27.01
CA ALA F 409 8.30 -2.95 27.47
C ALA F 409 8.53 -2.02 28.66
N ASP F 410 9.09 -2.57 29.72
CA ASP F 410 9.35 -1.80 30.93
C ASP F 410 10.71 -1.11 30.94
N LEU F 411 11.58 -1.42 29.98
CA LEU F 411 12.91 -0.83 29.91
C LEU F 411 13.51 -1.15 28.55
N ILE F 412 13.99 -0.12 27.86
CA ILE F 412 14.64 -0.28 26.56
C ILE F 412 16.04 0.31 26.66
N MET F 413 17.05 -0.50 26.35
CA MET F 413 18.44 -0.08 26.40
C MET F 413 19.08 -0.31 25.05
N PHE F 414 19.60 0.76 24.45
CA PHE F 414 20.30 0.69 23.18
C PHE F 414 21.80 0.71 23.43
N ILE F 415 22.56 0.25 22.44
CA ILE F 415 24.02 0.23 22.48
C ILE F 415 24.52 1.02 21.27
N TYR F 416 25.40 1.99 21.53
CA TYR F 416 25.93 2.84 20.46
C TYR F 416 27.44 3.00 20.66
N ARG F 417 28.21 2.60 19.67
CA ARG F 417 29.66 2.81 19.65
C ARG F 417 29.99 3.82 18.57
N ASP F 418 30.63 4.91 18.97
CA ASP F 418 30.96 5.98 18.03
C ASP F 418 32.11 5.62 17.10
N GLU F 419 33.02 4.74 17.54
CA GLU F 419 34.16 4.37 16.71
C GLU F 419 33.76 3.57 15.48
N VAL F 420 32.56 2.98 15.48
CA VAL F 420 32.11 2.22 14.32
C VAL F 420 31.82 3.15 13.14
N TYR F 421 31.14 4.26 13.40
CA TYR F 421 30.80 5.21 12.35
C TYR F 421 31.89 6.24 12.12
N HIS F 422 32.54 6.70 13.19
CA HIS F 422 33.62 7.68 13.09
C HIS F 422 34.92 7.05 13.59
N PRO F 423 35.80 6.60 12.70
CA PRO F 423 37.04 5.96 13.15
C PRO F 423 37.96 6.87 13.95
N ASP F 424 37.84 8.19 13.79
CA ASP F 424 38.70 9.14 14.47
C ASP F 424 38.05 9.77 15.68
N SER F 425 36.96 9.19 16.18
CA SER F 425 36.27 9.76 17.32
C SER F 425 37.15 9.68 18.58
N PRO F 426 37.07 10.68 19.46
CA PRO F 426 37.85 10.64 20.70
C PRO F 426 37.34 9.62 21.71
N LEU F 427 36.22 8.96 21.44
CA LEU F 427 35.63 7.98 22.35
C LEU F 427 36.00 6.55 21.96
N LYS F 428 37.22 6.34 21.47
CA LYS F 428 37.66 5.01 21.10
C LYS F 428 37.75 4.12 22.34
N GLY F 429 37.38 2.85 22.17
CA GLY F 429 37.36 1.92 23.29
C GLY F 429 36.34 2.26 24.35
N THR F 430 35.16 2.74 23.94
CA THR F 430 34.09 3.08 24.88
C THR F 430 32.76 2.90 24.17
N ALA F 431 31.74 2.56 24.95
CA ALA F 431 30.39 2.35 24.44
C ALA F 431 29.39 3.07 25.33
N GLU F 432 28.25 3.42 24.74
CA GLU F 432 27.19 4.16 25.41
C GLU F 432 25.92 3.30 25.45
N ILE F 433 25.31 3.21 26.62
CA ILE F 433 24.05 2.50 26.81
C ILE F 433 22.95 3.54 26.97
N ILE F 434 22.03 3.59 26.02
CA ILE F 434 20.97 4.59 25.97
C ILE F 434 19.70 3.99 26.55
N ILE F 435 19.22 4.54 27.65
CA ILE F 435 17.97 4.13 28.28
C ILE F 435 16.87 4.95 27.63
N GLY F 436 16.19 4.36 26.64
CA GLY F 436 15.17 5.09 25.92
C GLY F 436 13.81 5.10 26.56
N LYS F 437 13.60 4.32 27.61
CA LYS F 437 12.30 4.25 28.28
C LYS F 437 12.40 3.55 29.61
N GLN F 438 11.77 4.12 30.64
CA GLN F 438 11.71 3.50 31.95
C GLN F 438 10.52 4.06 32.69
N ARG F 439 9.59 3.18 33.10
CA ARG F 439 8.33 3.64 33.66
C ARG F 439 8.53 4.35 35.00
N ASN F 440 9.36 3.78 35.88
CA ASN F 440 9.55 4.32 37.23
C ASN F 440 11.04 4.56 37.49
N GLY F 441 11.71 5.20 36.55
CA GLY F 441 13.11 5.51 36.70
C GLY F 441 13.58 6.56 35.72
N PRO F 442 14.76 7.12 35.96
CA PRO F 442 15.31 8.14 35.06
C PRO F 442 15.81 7.53 33.76
N ILE F 443 16.06 8.41 32.79
CA ILE F 443 16.60 8.01 31.50
C ILE F 443 17.84 8.84 31.23
N GLY F 444 18.69 8.32 30.35
CA GLY F 444 19.94 8.99 30.03
C GLY F 444 20.88 8.04 29.30
N SER F 445 22.17 8.28 29.50
CA SER F 445 23.21 7.48 28.86
C SER F 445 24.26 7.08 29.89
N VAL F 446 24.89 5.94 29.66
CA VAL F 446 25.94 5.41 30.51
C VAL F 446 27.12 5.02 29.64
N ARG F 447 28.32 5.46 30.02
CA ARG F 447 29.54 5.15 29.27
C ARG F 447 30.24 3.96 29.92
N LEU F 448 30.58 2.97 29.09
CA LEU F 448 31.23 1.76 29.55
C LEU F 448 32.42 1.44 28.65
N THR F 449 33.45 0.86 29.25
CA THR F 449 34.61 0.43 28.49
C THR F 449 34.31 -0.87 27.76
N PHE F 450 34.61 -0.92 26.48
CA PHE F 450 34.35 -2.09 25.64
C PHE F 450 35.68 -2.72 25.23
N GLN F 451 35.85 -4.00 25.59
CA GLN F 451 37.04 -4.77 25.23
C GLN F 451 36.58 -5.95 24.40
N GLY F 452 36.65 -5.81 23.07
CA GLY F 452 36.08 -6.81 22.19
C GLY F 452 36.78 -8.15 22.25
N HIS F 453 38.11 -8.14 22.37
CA HIS F 453 38.87 -9.38 22.33
C HIS F 453 38.60 -10.28 23.53
N TYR F 454 38.02 -9.74 24.59
CA TYR F 454 37.57 -10.53 25.72
C TYR F 454 36.06 -10.70 25.74
N SER F 455 35.34 -10.10 24.79
CA SER F 455 33.88 -10.10 24.76
C SER F 455 33.32 -9.68 26.13
N ARG F 456 33.68 -8.46 26.53
CA ARG F 456 33.41 -8.00 27.88
C ARG F 456 33.18 -6.50 27.90
N PHE F 457 32.22 -6.07 28.72
CA PHE F 457 32.05 -4.68 29.08
C PHE F 457 32.60 -4.47 30.48
N ASP F 458 32.88 -3.22 30.84
CA ASP F 458 33.47 -2.93 32.13
C ASP F 458 33.13 -1.49 32.51
N ASN F 459 33.32 -1.19 33.80
CA ASN F 459 33.10 0.16 34.30
C ASN F 459 34.17 1.10 33.74
N TYR F 460 33.80 2.38 33.63
CA TYR F 460 34.70 3.39 33.09
C TYR F 460 35.50 3.96 34.26
N ALA F 461 36.66 3.35 34.52
CA ALA F 461 37.54 3.84 35.58
C ALA F 461 38.08 5.22 35.25
N GLY F 462 38.47 5.44 33.99
CA GLY F 462 39.00 6.72 33.58
C GLY F 462 37.92 7.72 33.24
N PRO F 463 38.31 8.89 32.71
CA PRO F 463 37.38 9.95 32.34
C PRO F 463 36.53 9.58 31.12
#